data_6PF9
#
_entry.id   6PF9
#
_cell.length_a   214.201
_cell.length_b   116.510
_cell.length_c   221.439
_cell.angle_alpha   90.00
_cell.angle_beta   94.87
_cell.angle_gamma   90.00
#
_symmetry.space_group_name_H-M   'C 1 2 1'
#
loop_
_entity.id
_entity.type
_entity.pdbx_description
1 polymer 'Bifunctional dihydrofolate reductase-thymidylate synthase'
2 non-polymer 'NADPH DIHYDRO-NICOTINAMIDE-ADENINE-DINUCLEOTIDE PHOSPHATE'
3 non-polymer "5-FLUORO-2'-DEOXYURIDINE-5'-MONOPHOSPHATE"
4 non-polymer '[2-({4-[(2-amino-4-oxo-4,7-dihydro-3H-pyrrolo[2,3-d]pyrimidin-5-yl)methyl]benzene-1-carbonyl}amino)phenyl]acetic acid'
5 non-polymer METHOTREXATE
6 non-polymer 'SULFATE ION'
7 water water
#
_entity_poly.entity_id   1
_entity_poly.type   'polypeptide(L)'
_entity_poly.pdbx_seq_one_letter_code
;MSEKNVSIVVAASVLSSGIGINGQLPWSISEDLKFFSKITNNKCDSNKKNALIMGRKTWDSIGRRPLKNRIIVVISSSLP
QDEADPNVVVFRNLEDSIENLMNDDSIENIFVCGGESIYRDALKDNFVDRIYLTRVALEDIEFDTYFPEIPETFLPVYMS
QTFCTKNISYDFMIFEKQEKKTLQNCDPARGQLKSIDDTVDLLGEIFGIRKMGNRHKFPKEEIYNTPSIRFGREHYEFQY
LDLLSRVLENGAYRENRTGISTYSIFGQMMRFDMRESFPLLTTKKVAIRSIFEELIWFIKGDTNGNHLIEKKVYIWSGNG
SKEYLERIGLGHREENDLGPIYGFQWRHYNGEYKTMHDDYTGVGVDQLAKLIETLKNNPKDRRHILTAWNPSALSQMALP
PCHVLSQYYVTNDNCLSCNLYQRSCDLGLGSPFNIASYAILTMMLAQVCGYEPGELAIFIGDAHIYENHLTQLKEQLSRT
PRPFPQLKFKRKVENIEDFKWEDIELIGYYPYPTIKMDMAV
;
_entity_poly.pdbx_strand_id   A,B,C,D,E
#
loop_
_chem_comp.id
_chem_comp.type
_chem_comp.name
_chem_comp.formula
MTX non-polymer METHOTREXATE 'C20 H22 N8 O5'
NDP non-polymer 'NADPH DIHYDRO-NICOTINAMIDE-ADENINE-DINUCLEOTIDE PHOSPHATE' 'C21 H30 N7 O17 P3'
OF7 non-polymer '[2-({4-[(2-amino-4-oxo-4,7-dihydro-3H-pyrrolo[2,3-d]pyrimidin-5-yl)methyl]benzene-1-carbonyl}amino)phenyl]acetic acid' 'C22 H19 N5 O4'
SO4 non-polymer 'SULFATE ION' 'O4 S -2'
UFP DNA linking 5-FLUORO-2'-DEOXYURIDINE-5'-MONOPHOSPHATE 'C9 H12 F N2 O8 P'
#
# COMPACT_ATOMS: atom_id res chain seq x y z
N GLU A 3 -34.94 -9.20 -46.72
CA GLU A 3 -34.18 -10.42 -46.92
C GLU A 3 -32.72 -10.13 -47.23
N LYS A 4 -31.88 -10.17 -46.20
CA LYS A 4 -30.45 -9.94 -46.31
C LYS A 4 -29.70 -11.19 -45.87
N ASN A 5 -28.39 -11.05 -45.68
CA ASN A 5 -27.52 -12.19 -45.42
C ASN A 5 -27.30 -12.36 -43.92
N VAL A 6 -27.28 -13.63 -43.48
CA VAL A 6 -27.06 -14.00 -42.09
C VAL A 6 -25.91 -14.99 -42.03
N SER A 7 -24.82 -14.61 -41.37
CA SER A 7 -23.61 -15.42 -41.31
C SER A 7 -23.22 -15.70 -39.86
N ILE A 8 -22.68 -16.89 -39.62
CA ILE A 8 -22.14 -17.27 -38.32
C ILE A 8 -20.64 -17.03 -38.33
N VAL A 9 -20.14 -16.38 -37.29
CA VAL A 9 -18.71 -16.22 -37.06
C VAL A 9 -18.36 -16.93 -35.77
N VAL A 10 -17.35 -17.79 -35.81
CA VAL A 10 -17.01 -18.62 -34.67
C VAL A 10 -15.56 -19.06 -34.80
N ALA A 11 -14.91 -19.29 -33.65
CA ALA A 11 -13.57 -19.88 -33.59
C ALA A 11 -13.64 -21.09 -32.68
N ALA A 12 -13.54 -22.28 -33.28
CA ALA A 12 -13.65 -23.54 -32.53
C ALA A 12 -12.36 -24.35 -32.70
N SER A 13 -12.16 -25.28 -31.77
CA SER A 13 -11.02 -26.17 -31.86
C SER A 13 -11.19 -27.14 -33.03
N VAL A 14 -10.07 -27.72 -33.46
CA VAL A 14 -10.04 -28.45 -34.72
C VAL A 14 -10.85 -29.75 -34.62
N LEU A 15 -10.75 -30.47 -33.51
CA LEU A 15 -11.38 -31.77 -33.37
C LEU A 15 -12.69 -31.70 -32.58
N SER A 16 -12.63 -31.29 -31.31
CA SER A 16 -13.80 -31.29 -30.44
C SER A 16 -14.66 -30.05 -30.60
N SER A 17 -14.21 -29.04 -31.34
CA SER A 17 -14.98 -27.83 -31.63
C SER A 17 -15.33 -27.06 -30.35
N GLY A 18 -14.37 -26.98 -29.42
CA GLY A 18 -14.56 -26.19 -28.22
C GLY A 18 -14.34 -24.71 -28.49
N ILE A 19 -15.15 -23.86 -27.86
CA ILE A 19 -15.11 -22.43 -28.15
C ILE A 19 -14.94 -21.60 -26.88
N GLY A 20 -15.11 -22.21 -25.71
CA GLY A 20 -15.04 -21.44 -24.48
C GLY A 20 -14.75 -22.30 -23.27
N ILE A 21 -14.33 -21.62 -22.20
CA ILE A 21 -14.03 -22.27 -20.91
C ILE A 21 -14.11 -21.25 -19.79
N ASN A 22 -14.95 -21.53 -18.79
CA ASN A 22 -15.10 -20.67 -17.60
C ASN A 22 -15.41 -19.23 -17.99
N GLY A 23 -16.31 -19.04 -18.95
CA GLY A 23 -16.73 -17.71 -19.33
C GLY A 23 -15.73 -16.92 -20.12
N GLN A 24 -14.73 -17.57 -20.72
CA GLN A 24 -13.75 -16.88 -21.53
C GLN A 24 -13.23 -17.84 -22.60
N LEU A 25 -12.45 -17.29 -23.53
CA LEU A 25 -11.89 -18.08 -24.61
C LEU A 25 -10.74 -18.94 -24.10
N PRO A 26 -10.58 -20.15 -24.64
CA PRO A 26 -9.46 -21.00 -24.27
C PRO A 26 -8.14 -20.65 -24.96
N TRP A 27 -8.05 -19.50 -25.61
CA TRP A 27 -6.83 -19.09 -26.30
C TRP A 27 -6.86 -17.57 -26.46
N SER A 28 -5.69 -17.02 -26.78
CA SER A 28 -5.53 -15.58 -27.04
C SER A 28 -4.80 -15.43 -28.37
N ILE A 29 -5.57 -15.30 -29.45
CA ILE A 29 -5.02 -15.15 -30.79
C ILE A 29 -5.41 -13.76 -31.28
N SER A 30 -4.42 -12.88 -31.41
CA SER A 30 -4.70 -11.50 -31.78
C SER A 30 -5.24 -11.39 -33.21
N GLU A 31 -4.65 -12.12 -34.15
CA GLU A 31 -5.08 -12.04 -35.54
C GLU A 31 -6.51 -12.53 -35.73
N ASP A 32 -6.97 -13.45 -34.88
CA ASP A 32 -8.35 -13.92 -34.98
C ASP A 32 -9.34 -12.82 -34.59
N LEU A 33 -9.03 -12.05 -33.54
CA LEU A 33 -9.91 -10.95 -33.16
C LEU A 33 -9.95 -9.88 -34.24
N LYS A 34 -8.82 -9.65 -34.92
CA LYS A 34 -8.81 -8.72 -36.04
C LYS A 34 -9.67 -9.24 -37.18
N PHE A 35 -9.64 -10.55 -37.43
CA PHE A 35 -10.50 -11.13 -38.45
C PHE A 35 -11.98 -10.94 -38.11
N PHE A 36 -12.35 -11.19 -36.85
CA PHE A 36 -13.72 -10.96 -36.43
C PHE A 36 -14.11 -9.49 -36.62
N SER A 37 -13.19 -8.59 -36.31
CA SER A 37 -13.50 -7.16 -36.43
C SER A 37 -13.71 -6.75 -37.88
N LYS A 38 -12.90 -7.29 -38.80
CA LYS A 38 -13.02 -6.90 -40.19
C LYS A 38 -14.15 -7.64 -40.91
N ILE A 39 -14.43 -8.87 -40.50
CA ILE A 39 -15.50 -9.61 -41.15
C ILE A 39 -16.87 -9.11 -40.72
N THR A 40 -16.99 -8.52 -39.53
CA THR A 40 -18.27 -7.99 -39.07
C THR A 40 -18.48 -6.52 -39.41
N ASN A 41 -17.41 -5.80 -39.77
CA ASN A 41 -17.52 -4.43 -40.24
C ASN A 41 -17.60 -4.33 -41.76
N ASN A 42 -17.44 -5.45 -42.48
CA ASN A 42 -17.47 -5.44 -43.93
C ASN A 42 -18.88 -5.09 -44.41
N LYS A 43 -19.04 -3.89 -44.95
CA LYS A 43 -20.34 -3.42 -45.41
C LYS A 43 -20.16 -2.68 -46.74
N CYS A 44 -21.24 -2.67 -47.52
CA CYS A 44 -21.25 -1.99 -48.81
C CYS A 44 -21.84 -0.59 -48.75
N ASP A 45 -22.82 -0.36 -47.87
CA ASP A 45 -23.46 0.93 -47.71
C ASP A 45 -22.87 1.63 -46.49
N SER A 46 -22.32 2.83 -46.70
CA SER A 46 -21.72 3.57 -45.60
C SER A 46 -22.76 4.16 -44.65
N ASN A 47 -24.02 4.20 -45.06
CA ASN A 47 -25.10 4.71 -44.22
C ASN A 47 -25.83 3.59 -43.47
N LYS A 48 -25.26 2.39 -43.43
CA LYS A 48 -25.87 1.26 -42.74
C LYS A 48 -24.84 0.63 -41.80
N LYS A 49 -25.36 -0.10 -40.81
CA LYS A 49 -24.53 -0.80 -39.84
C LYS A 49 -24.86 -2.28 -39.85
N ASN A 50 -23.93 -3.10 -39.37
CA ASN A 50 -24.12 -4.53 -39.26
C ASN A 50 -24.55 -4.90 -37.85
N ALA A 51 -25.42 -5.90 -37.73
CA ALA A 51 -25.95 -6.34 -36.46
C ALA A 51 -25.23 -7.61 -36.01
N LEU A 52 -24.79 -7.62 -34.76
CA LEU A 52 -24.08 -8.76 -34.18
C LEU A 52 -24.93 -9.37 -33.07
N ILE A 53 -25.53 -10.52 -33.36
CA ILE A 53 -26.34 -11.23 -32.37
C ILE A 53 -25.45 -12.08 -31.50
N MET A 54 -25.68 -12.04 -30.18
CA MET A 54 -24.90 -12.81 -29.24
C MET A 54 -25.73 -13.08 -27.99
N GLY A 55 -25.41 -14.17 -27.30
CA GLY A 55 -26.07 -14.49 -26.06
C GLY A 55 -25.63 -13.57 -24.93
N ARG A 56 -26.33 -13.70 -23.79
CA ARG A 56 -26.04 -12.83 -22.66
C ARG A 56 -24.67 -13.12 -22.07
N LYS A 57 -24.33 -14.41 -21.92
CA LYS A 57 -23.04 -14.75 -21.33
C LYS A 57 -21.88 -14.29 -22.21
N THR A 58 -22.06 -14.31 -23.54
CA THR A 58 -21.07 -13.72 -24.43
C THR A 58 -21.03 -12.21 -24.25
N TRP A 59 -22.19 -11.58 -24.05
CA TRP A 59 -22.26 -10.15 -23.79
C TRP A 59 -21.52 -9.79 -22.50
N ASP A 60 -21.49 -10.72 -21.53
CA ASP A 60 -20.68 -10.51 -20.33
C ASP A 60 -19.20 -10.68 -20.63
N SER A 61 -18.86 -11.54 -21.58
CA SER A 61 -17.46 -11.82 -21.89
C SER A 61 -16.75 -10.60 -22.48
N ILE A 62 -17.46 -9.76 -23.22
CA ILE A 62 -16.85 -8.59 -23.86
C ILE A 62 -17.02 -7.38 -22.96
N GLY A 63 -17.29 -7.60 -21.68
CA GLY A 63 -17.36 -6.52 -20.72
C GLY A 63 -18.60 -5.65 -20.81
N ARG A 64 -19.62 -6.09 -21.54
CA ARG A 64 -20.87 -5.33 -21.69
C ARG A 64 -20.60 -3.92 -22.22
N ARG A 65 -19.74 -3.83 -23.23
CA ARG A 65 -19.43 -2.57 -23.87
C ARG A 65 -19.61 -2.69 -25.38
N PRO A 66 -20.11 -1.65 -26.03
CA PRO A 66 -20.46 -1.77 -27.46
C PRO A 66 -19.22 -1.90 -28.33
N LEU A 67 -19.44 -2.45 -29.52
CA LEU A 67 -18.41 -2.57 -30.53
C LEU A 67 -18.59 -1.45 -31.55
N LYS A 68 -17.47 -0.83 -31.93
CA LYS A 68 -17.51 0.36 -32.78
C LYS A 68 -18.14 0.05 -34.13
N ASN A 69 -18.96 0.99 -34.62
CA ASN A 69 -19.59 0.94 -35.94
C ASN A 69 -20.53 -0.24 -36.11
N ARG A 70 -20.97 -0.86 -35.03
CA ARG A 70 -21.84 -2.02 -35.11
C ARG A 70 -22.90 -1.95 -34.02
N ILE A 71 -24.01 -2.63 -34.26
CA ILE A 71 -25.13 -2.71 -33.33
C ILE A 71 -25.16 -4.12 -32.77
N ILE A 72 -24.93 -4.23 -31.46
CA ILE A 72 -24.92 -5.53 -30.80
C ILE A 72 -26.34 -5.87 -30.38
N VAL A 73 -26.77 -7.08 -30.73
CA VAL A 73 -28.11 -7.58 -30.40
C VAL A 73 -27.92 -8.68 -29.35
N VAL A 74 -28.38 -8.42 -28.12
CA VAL A 74 -28.21 -9.35 -27.02
C VAL A 74 -29.49 -10.15 -26.85
N ILE A 75 -29.35 -11.47 -26.79
CA ILE A 75 -30.46 -12.38 -26.55
C ILE A 75 -30.44 -12.74 -25.06
N SER A 76 -31.46 -12.29 -24.34
CA SER A 76 -31.54 -12.57 -22.90
C SER A 76 -32.97 -12.39 -22.44
N SER A 77 -33.41 -13.27 -21.53
CA SER A 77 -34.74 -13.19 -20.96
C SER A 77 -34.80 -12.32 -19.71
N SER A 78 -33.65 -11.95 -19.14
CA SER A 78 -33.61 -11.19 -17.90
C SER A 78 -33.13 -9.75 -18.08
N LEU A 79 -32.28 -9.49 -19.05
CA LEU A 79 -31.74 -8.14 -19.22
C LEU A 79 -32.86 -7.16 -19.55
N PRO A 80 -32.86 -5.97 -18.94
CA PRO A 80 -33.89 -4.98 -19.27
C PRO A 80 -33.67 -4.40 -20.66
N GLN A 81 -34.75 -4.35 -21.44
CA GLN A 81 -34.71 -3.80 -22.79
C GLN A 81 -34.43 -2.30 -22.71
N ASP A 82 -33.15 -1.97 -22.49
CA ASP A 82 -32.75 -0.58 -22.32
C ASP A 82 -32.77 0.16 -23.64
N GLU A 83 -33.20 1.42 -23.60
CA GLU A 83 -33.21 2.29 -24.77
C GLU A 83 -32.17 3.39 -24.69
N ALA A 84 -31.37 3.43 -23.62
CA ALA A 84 -30.35 4.47 -23.48
C ALA A 84 -29.25 4.30 -24.53
N ASP A 85 -28.58 3.16 -24.53
CA ASP A 85 -27.52 2.90 -25.51
C ASP A 85 -28.14 2.55 -26.86
N PRO A 86 -27.93 3.37 -27.90
CA PRO A 86 -28.49 3.03 -29.21
C PRO A 86 -27.70 1.97 -29.96
N ASN A 87 -26.52 1.59 -29.48
CA ASN A 87 -25.71 0.56 -30.10
C ASN A 87 -25.93 -0.81 -29.49
N VAL A 88 -26.81 -0.93 -28.50
CA VAL A 88 -27.12 -2.20 -27.84
C VAL A 88 -28.63 -2.32 -27.73
N VAL A 89 -29.18 -3.44 -28.19
CA VAL A 89 -30.61 -3.71 -28.11
C VAL A 89 -30.78 -5.14 -27.62
N VAL A 90 -31.83 -5.36 -26.84
CA VAL A 90 -32.08 -6.65 -26.18
C VAL A 90 -33.39 -7.21 -26.70
N PHE A 91 -33.39 -8.51 -27.05
CA PHE A 91 -34.59 -9.23 -27.45
C PHE A 91 -34.77 -10.45 -26.56
N ARG A 92 -36.03 -10.88 -26.41
CA ARG A 92 -36.35 -11.95 -25.49
C ARG A 92 -36.01 -13.33 -26.06
N ASN A 93 -36.11 -13.52 -27.37
CA ASN A 93 -35.79 -14.78 -28.01
C ASN A 93 -35.09 -14.51 -29.33
N LEU A 94 -34.48 -15.56 -29.88
CA LEU A 94 -33.73 -15.42 -31.13
C LEU A 94 -34.66 -15.12 -32.30
N GLU A 95 -35.84 -15.74 -32.33
CA GLU A 95 -36.76 -15.55 -33.45
C GLU A 95 -37.17 -14.09 -33.58
N ASP A 96 -37.55 -13.46 -32.47
CA ASP A 96 -37.93 -12.05 -32.50
C ASP A 96 -36.79 -11.16 -32.96
N SER A 97 -35.54 -11.54 -32.63
CA SER A 97 -34.39 -10.74 -33.02
C SER A 97 -34.18 -10.71 -34.52
N ILE A 98 -34.74 -11.67 -35.27
CA ILE A 98 -34.61 -11.69 -36.71
C ILE A 98 -35.67 -10.79 -37.33
N GLU A 99 -36.12 -9.79 -36.56
CA GLU A 99 -36.90 -8.71 -37.12
C GLU A 99 -36.06 -7.73 -37.93
N ASN A 100 -34.73 -7.82 -37.82
CA ASN A 100 -33.85 -7.02 -38.67
C ASN A 100 -34.12 -7.26 -40.15
N LEU A 101 -34.62 -8.45 -40.51
CA LEU A 101 -35.01 -8.74 -41.88
C LEU A 101 -36.25 -7.93 -42.28
N MET A 102 -37.37 -8.22 -41.62
CA MET A 102 -38.67 -7.64 -41.99
C MET A 102 -38.60 -6.14 -42.20
N ASN A 103 -38.05 -5.41 -41.21
CA ASN A 103 -37.95 -3.97 -41.32
C ASN A 103 -36.51 -3.52 -41.05
N ASP A 104 -36.35 -2.30 -40.56
CA ASP A 104 -35.04 -1.74 -40.20
C ASP A 104 -34.05 -1.88 -41.37
N ASP A 105 -34.35 -1.13 -42.43
CA ASP A 105 -33.53 -1.14 -43.63
C ASP A 105 -32.16 -0.51 -43.43
N SER A 106 -31.87 0.04 -42.24
CA SER A 106 -30.56 0.57 -41.93
C SER A 106 -29.57 -0.52 -41.54
N ILE A 107 -30.00 -1.78 -41.48
CA ILE A 107 -29.13 -2.91 -41.20
C ILE A 107 -28.88 -3.63 -42.52
N GLU A 108 -27.60 -3.78 -42.88
CA GLU A 108 -27.23 -4.41 -44.15
C GLU A 108 -27.01 -5.91 -43.99
N ASN A 109 -26.16 -6.32 -43.05
CA ASN A 109 -25.85 -7.72 -42.83
C ASN A 109 -26.09 -8.07 -41.37
N ILE A 110 -26.28 -9.36 -41.11
CA ILE A 110 -26.52 -9.89 -39.78
C ILE A 110 -25.48 -10.96 -39.50
N PHE A 111 -24.88 -10.91 -38.32
CA PHE A 111 -23.88 -11.89 -37.92
C PHE A 111 -24.28 -12.52 -36.59
N VAL A 112 -24.13 -13.84 -36.51
CA VAL A 112 -24.49 -14.60 -35.32
C VAL A 112 -23.22 -15.10 -34.65
N CYS A 113 -22.66 -14.27 -33.75
CA CYS A 113 -21.45 -14.63 -33.03
C CYS A 113 -21.75 -14.85 -31.55
N GLY A 114 -22.69 -15.73 -31.25
CA GLY A 114 -23.10 -16.01 -29.89
C GLY A 114 -22.38 -17.21 -29.31
N GLY A 115 -23.04 -17.88 -28.37
CA GLY A 115 -22.50 -19.07 -27.75
C GLY A 115 -23.19 -20.33 -28.23
N GLU A 116 -22.89 -21.42 -27.52
CA GLU A 116 -23.49 -22.72 -27.87
C GLU A 116 -25.02 -22.64 -27.86
N SER A 117 -25.59 -21.92 -26.90
CA SER A 117 -27.04 -21.78 -26.84
C SER A 117 -27.57 -21.05 -28.07
N ILE A 118 -26.86 -20.01 -28.52
CA ILE A 118 -27.32 -19.24 -29.66
C ILE A 118 -26.97 -19.94 -30.98
N TYR A 119 -25.78 -20.54 -31.05
CA TYR A 119 -25.38 -21.25 -32.27
C TYR A 119 -26.32 -22.40 -32.57
N ARG A 120 -26.72 -23.16 -31.53
CA ARG A 120 -27.47 -24.39 -31.74
C ARG A 120 -28.84 -24.10 -32.34
N ASP A 121 -29.60 -23.19 -31.72
CA ASP A 121 -30.93 -22.87 -32.22
C ASP A 121 -30.93 -21.79 -33.30
N ALA A 122 -29.76 -21.43 -33.81
CA ALA A 122 -29.69 -20.66 -35.04
C ALA A 122 -29.53 -21.54 -36.27
N LEU A 123 -28.87 -22.69 -36.11
CA LEU A 123 -28.83 -23.69 -37.17
C LEU A 123 -30.08 -24.55 -37.17
N LYS A 124 -30.60 -24.88 -35.98
CA LYS A 124 -31.81 -25.68 -35.90
C LYS A 124 -33.01 -24.94 -36.48
N ASP A 125 -33.08 -23.63 -36.26
CA ASP A 125 -34.14 -22.80 -36.82
C ASP A 125 -33.88 -22.43 -38.27
N ASN A 126 -32.72 -22.82 -38.83
CA ASN A 126 -32.43 -22.67 -40.25
C ASN A 126 -32.43 -21.20 -40.68
N PHE A 127 -31.64 -20.39 -39.97
CA PHE A 127 -31.50 -18.97 -40.27
C PHE A 127 -30.15 -18.62 -40.91
N VAL A 128 -29.18 -19.53 -40.88
CA VAL A 128 -27.80 -19.21 -41.21
C VAL A 128 -27.53 -19.51 -42.68
N ASP A 129 -26.95 -18.54 -43.39
CA ASP A 129 -26.55 -18.68 -44.78
C ASP A 129 -25.09 -19.03 -44.94
N ARG A 130 -24.21 -18.49 -44.10
CA ARG A 130 -22.77 -18.68 -44.23
C ARG A 130 -22.17 -18.92 -42.85
N ILE A 131 -21.04 -19.61 -42.82
CA ILE A 131 -20.33 -19.90 -41.58
C ILE A 131 -18.86 -19.55 -41.78
N TYR A 132 -18.36 -18.63 -40.96
CA TYR A 132 -16.95 -18.27 -40.92
C TYR A 132 -16.31 -19.00 -39.75
N LEU A 133 -15.64 -20.11 -40.03
CA LEU A 133 -15.05 -20.96 -39.01
C LEU A 133 -13.56 -20.68 -38.90
N THR A 134 -13.07 -20.54 -37.67
CA THR A 134 -11.65 -20.38 -37.39
C THR A 134 -11.20 -21.59 -36.59
N ARG A 135 -10.69 -22.61 -37.29
CA ARG A 135 -10.24 -23.83 -36.64
C ARG A 135 -8.93 -23.57 -35.90
N VAL A 136 -8.90 -23.90 -34.61
CA VAL A 136 -7.71 -23.71 -33.77
C VAL A 136 -7.18 -25.08 -33.36
N ALA A 137 -5.86 -25.25 -33.42
CA ALA A 137 -5.22 -26.54 -33.17
C ALA A 137 -4.82 -26.69 -31.69
N LEU A 138 -5.83 -26.65 -30.83
CA LEU A 138 -5.67 -26.88 -29.40
C LEU A 138 -6.72 -27.88 -28.95
N GLU A 139 -6.29 -29.01 -28.40
CA GLU A 139 -7.24 -30.07 -28.06
C GLU A 139 -7.03 -30.68 -26.69
N ASP A 140 -5.79 -30.75 -26.24
CA ASP A 140 -5.51 -31.37 -24.93
C ASP A 140 -5.71 -30.39 -23.78
N ILE A 141 -6.69 -29.50 -23.90
CA ILE A 141 -7.06 -28.59 -22.83
C ILE A 141 -8.51 -28.87 -22.45
N GLU A 142 -9.08 -28.06 -21.57
CA GLU A 142 -10.43 -28.29 -21.05
C GLU A 142 -11.40 -27.30 -21.67
N PHE A 143 -12.54 -27.81 -22.13
CA PHE A 143 -13.62 -26.99 -22.65
C PHE A 143 -14.90 -27.26 -21.86
N ASP A 144 -15.80 -26.26 -21.89
CA ASP A 144 -17.14 -26.44 -21.36
C ASP A 144 -18.22 -25.87 -22.27
N THR A 145 -17.85 -25.32 -23.42
CA THR A 145 -18.81 -24.77 -24.37
C THR A 145 -18.29 -25.09 -25.78
N TYR A 146 -19.13 -25.74 -26.59
CA TYR A 146 -18.70 -26.24 -27.88
C TYR A 146 -19.55 -25.64 -29.00
N PHE A 147 -18.99 -25.69 -30.22
CA PHE A 147 -19.70 -25.29 -31.43
C PHE A 147 -20.44 -26.50 -32.00
N PRO A 148 -21.74 -26.39 -32.26
CA PRO A 148 -22.50 -27.56 -32.72
C PRO A 148 -22.00 -28.07 -34.06
N GLU A 149 -22.25 -29.35 -34.30
CA GLU A 149 -21.85 -29.97 -35.56
C GLU A 149 -22.52 -29.27 -36.73
N ILE A 150 -21.73 -28.97 -37.76
CA ILE A 150 -22.25 -28.28 -38.95
C ILE A 150 -23.20 -29.22 -39.68
N PRO A 151 -24.45 -28.81 -39.91
CA PRO A 151 -25.40 -29.69 -40.60
C PRO A 151 -24.97 -29.96 -42.03
N GLU A 152 -25.49 -31.07 -42.58
CA GLU A 152 -25.11 -31.50 -43.92
C GLU A 152 -25.54 -30.53 -45.01
N THR A 153 -26.42 -29.59 -44.70
CA THR A 153 -26.85 -28.60 -45.69
C THR A 153 -25.76 -27.60 -46.04
N PHE A 154 -24.68 -27.53 -45.25
CA PHE A 154 -23.57 -26.63 -45.51
C PHE A 154 -22.41 -27.38 -46.18
N LEU A 155 -21.72 -26.67 -47.08
CA LEU A 155 -20.57 -27.21 -47.78
C LEU A 155 -19.41 -26.23 -47.72
N PRO A 156 -18.19 -26.70 -47.46
CA PRO A 156 -17.05 -25.79 -47.42
C PRO A 156 -16.69 -25.27 -48.81
N VAL A 157 -16.44 -23.97 -48.88
CA VAL A 157 -16.07 -23.32 -50.14
C VAL A 157 -14.72 -22.66 -50.10
N TYR A 158 -14.05 -22.60 -48.94
CA TYR A 158 -12.76 -21.93 -48.82
C TYR A 158 -12.04 -22.46 -47.59
N MET A 159 -10.72 -22.62 -47.72
CA MET A 159 -9.87 -23.03 -46.60
C MET A 159 -8.53 -22.32 -46.73
N SER A 160 -8.27 -21.35 -45.86
CA SER A 160 -7.07 -20.54 -45.94
C SER A 160 -5.83 -21.38 -45.61
N GLN A 161 -4.67 -20.76 -45.79
CA GLN A 161 -3.42 -21.38 -45.36
C GLN A 161 -3.33 -21.41 -43.85
N THR A 162 -2.44 -22.25 -43.34
CA THR A 162 -2.23 -22.35 -41.90
C THR A 162 -1.39 -21.17 -41.41
N PHE A 163 -1.89 -20.47 -40.41
CA PHE A 163 -1.20 -19.36 -39.78
C PHE A 163 -0.70 -19.77 -38.40
N CYS A 164 0.16 -18.93 -37.83
CA CYS A 164 0.81 -19.23 -36.56
C CYS A 164 0.77 -18.01 -35.66
N THR A 165 0.41 -18.23 -34.39
CA THR A 165 0.45 -17.17 -33.38
C THR A 165 0.76 -17.84 -32.05
N LYS A 166 1.90 -17.50 -31.46
CA LYS A 166 2.36 -18.09 -30.20
C LYS A 166 2.43 -19.62 -30.30
N ASN A 167 2.96 -20.10 -31.42
CA ASN A 167 3.10 -21.53 -31.72
C ASN A 167 1.75 -22.24 -31.85
N ILE A 168 0.66 -21.50 -32.01
CA ILE A 168 -0.65 -22.08 -32.20
C ILE A 168 -1.03 -21.96 -33.68
N SER A 169 -1.36 -23.08 -34.30
CA SER A 169 -1.78 -23.11 -35.69
C SER A 169 -3.28 -22.92 -35.81
N TYR A 170 -3.71 -22.21 -36.84
CA TYR A 170 -5.14 -22.01 -37.05
C TYR A 170 -5.41 -21.72 -38.52
N ASP A 171 -6.62 -22.05 -38.95
CA ASP A 171 -7.08 -21.90 -40.32
C ASP A 171 -8.26 -20.94 -40.37
N PHE A 172 -8.73 -20.65 -41.59
CA PHE A 172 -9.95 -19.90 -41.81
C PHE A 172 -10.74 -20.61 -42.91
N MET A 173 -11.94 -21.06 -42.58
CA MET A 173 -12.79 -21.75 -43.54
C MET A 173 -14.12 -21.01 -43.69
N ILE A 174 -14.76 -21.22 -44.84
CA ILE A 174 -16.07 -20.66 -45.13
C ILE A 174 -16.98 -21.80 -45.55
N PHE A 175 -18.08 -21.99 -44.82
CA PHE A 175 -19.10 -22.95 -45.16
C PHE A 175 -20.33 -22.20 -45.68
N GLU A 176 -20.87 -22.64 -46.81
CA GLU A 176 -22.02 -22.01 -47.41
C GLU A 176 -23.15 -23.01 -47.60
N LYS A 177 -24.38 -22.52 -47.47
CA LYS A 177 -25.57 -23.35 -47.56
C LYS A 177 -25.97 -23.46 -49.03
N GLN A 178 -25.88 -24.67 -49.58
CA GLN A 178 -26.21 -24.88 -50.97
C GLN A 178 -27.73 -24.99 -51.15
N GLU A 179 -28.18 -24.84 -52.40
CA GLU A 179 -29.59 -24.91 -52.71
C GLU A 179 -29.87 -25.91 -53.83
N LEU A 193 -17.21 -17.43 -69.26
CA LEU A 193 -18.56 -17.70 -69.73
C LEU A 193 -18.59 -19.06 -70.46
N LYS A 194 -19.80 -19.52 -70.78
CA LYS A 194 -19.96 -20.83 -71.42
C LYS A 194 -19.35 -20.85 -72.82
N SER A 195 -19.25 -19.70 -73.49
CA SER A 195 -18.73 -19.67 -74.85
C SER A 195 -17.29 -20.16 -74.92
N ILE A 196 -16.49 -19.88 -73.89
CA ILE A 196 -15.10 -20.35 -73.90
C ILE A 196 -15.04 -21.84 -73.60
N ASP A 197 -15.84 -22.32 -72.64
CA ASP A 197 -15.81 -23.73 -72.27
C ASP A 197 -16.26 -24.62 -73.43
N ASP A 198 -17.26 -24.18 -74.20
CA ASP A 198 -17.75 -25.00 -75.30
C ASP A 198 -16.71 -25.11 -76.42
N THR A 199 -16.03 -24.00 -76.73
CA THR A 199 -15.03 -24.02 -77.81
C THR A 199 -13.87 -24.95 -77.45
N VAL A 200 -13.45 -24.94 -76.18
CA VAL A 200 -12.38 -25.83 -75.76
C VAL A 200 -12.82 -27.29 -75.85
N ASP A 201 -14.07 -27.57 -75.49
CA ASP A 201 -14.59 -28.93 -75.60
C ASP A 201 -14.64 -29.39 -77.06
N LEU A 202 -15.05 -28.49 -77.96
CA LEU A 202 -15.12 -28.85 -79.38
C LEU A 202 -13.73 -29.12 -79.95
N LEU A 203 -12.74 -28.30 -79.57
CA LEU A 203 -11.37 -28.56 -79.98
C LEU A 203 -10.84 -29.85 -79.38
N GLY A 204 -11.29 -30.20 -78.17
CA GLY A 204 -10.90 -31.46 -77.57
C GLY A 204 -11.51 -32.68 -78.22
N GLU A 205 -12.61 -32.51 -78.95
CA GLU A 205 -13.19 -33.61 -79.70
C GLU A 205 -12.51 -33.79 -81.04
N ILE A 206 -12.08 -32.69 -81.66
CA ILE A 206 -11.39 -32.75 -82.94
C ILE A 206 -10.02 -33.38 -82.77
N PHE A 207 -9.17 -32.75 -81.97
CA PHE A 207 -7.87 -33.30 -81.65
C PHE A 207 -8.00 -34.19 -80.42
N GLY A 208 -7.54 -35.43 -80.52
CA GLY A 208 -7.66 -36.35 -79.41
C GLY A 208 -6.64 -36.04 -78.34
N ILE A 209 -5.49 -36.70 -78.40
CA ILE A 209 -4.39 -36.40 -77.49
C ILE A 209 -3.42 -35.40 -78.13
N ARG A 210 -3.76 -34.85 -79.29
CA ARG A 210 -2.93 -33.83 -79.91
C ARG A 210 -3.05 -32.50 -79.17
N LYS A 211 -4.22 -32.23 -78.59
CA LYS A 211 -4.41 -31.06 -77.76
C LYS A 211 -3.85 -31.34 -76.36
N MET A 212 -2.85 -30.56 -75.95
CA MET A 212 -2.14 -30.83 -74.71
C MET A 212 -3.08 -30.79 -73.50
N GLY A 213 -4.18 -30.04 -73.60
CA GLY A 213 -5.15 -30.02 -72.52
C GLY A 213 -5.72 -31.39 -72.21
N ASN A 214 -5.89 -32.23 -73.24
CA ASN A 214 -6.42 -33.57 -73.02
C ASN A 214 -5.40 -34.50 -72.34
N ARG A 215 -4.11 -34.18 -72.43
CA ARG A 215 -3.10 -34.92 -71.68
C ARG A 215 -2.99 -34.45 -70.23
N HIS A 216 -3.63 -33.33 -69.89
CA HIS A 216 -3.65 -32.80 -68.53
C HIS A 216 -5.10 -32.49 -68.14
N LYS A 217 -5.92 -33.52 -68.07
CA LYS A 217 -7.33 -33.34 -67.76
C LYS A 217 -7.53 -33.01 -66.29
N PHE A 218 -8.57 -32.21 -66.02
CA PHE A 218 -8.92 -31.90 -64.65
C PHE A 218 -9.48 -33.15 -63.97
N PRO A 219 -9.10 -33.42 -62.72
CA PRO A 219 -9.57 -34.63 -62.04
C PRO A 219 -11.08 -34.63 -61.88
N LYS A 220 -11.66 -35.83 -61.95
CA LYS A 220 -13.09 -35.98 -61.73
C LYS A 220 -13.42 -35.76 -60.25
N GLU A 221 -14.71 -35.50 -60.00
CA GLU A 221 -15.15 -35.18 -58.64
C GLU A 221 -14.93 -36.35 -57.68
N GLU A 222 -15.04 -37.59 -58.17
CA GLU A 222 -14.92 -38.76 -57.31
C GLU A 222 -13.50 -39.01 -56.83
N ILE A 223 -12.52 -38.26 -57.32
CA ILE A 223 -11.13 -38.44 -56.90
C ILE A 223 -10.53 -37.09 -56.52
N TYR A 224 -11.39 -36.11 -56.25
CA TYR A 224 -10.99 -34.75 -55.92
C TYR A 224 -11.28 -34.50 -54.45
N ASN A 225 -10.23 -34.28 -53.66
CA ASN A 225 -10.39 -34.12 -52.22
C ASN A 225 -11.19 -32.85 -51.91
N THR A 226 -12.30 -33.03 -51.17
CA THR A 226 -13.21 -31.95 -50.80
C THR A 226 -13.62 -31.18 -52.05
N PRO A 227 -14.48 -31.75 -52.90
CA PRO A 227 -14.77 -31.12 -54.20
C PRO A 227 -15.49 -29.79 -54.09
N SER A 228 -16.19 -29.53 -52.99
CA SER A 228 -16.96 -28.30 -52.87
C SER A 228 -16.07 -27.06 -52.78
N ILE A 229 -14.81 -27.22 -52.38
CA ILE A 229 -13.88 -26.09 -52.31
C ILE A 229 -13.25 -25.97 -53.69
N ARG A 230 -13.85 -25.13 -54.53
CA ARG A 230 -13.41 -24.99 -55.92
C ARG A 230 -12.39 -23.86 -56.07
N PHE A 231 -12.74 -22.66 -55.63
CA PHE A 231 -11.90 -21.47 -55.83
C PHE A 231 -11.09 -21.08 -54.60
N GLY A 232 -11.21 -21.83 -53.50
CA GLY A 232 -10.51 -21.46 -52.29
C GLY A 232 -9.59 -22.54 -51.75
N ARG A 233 -8.84 -23.17 -52.64
CA ARG A 233 -7.90 -24.22 -52.25
C ARG A 233 -6.56 -23.62 -51.82
N GLU A 234 -6.64 -22.74 -50.82
CA GLU A 234 -5.47 -21.99 -50.39
C GLU A 234 -4.55 -22.83 -49.50
N HIS A 235 -5.12 -23.71 -48.67
CA HIS A 235 -4.32 -24.58 -47.82
C HIS A 235 -3.36 -25.40 -48.67
N TYR A 236 -2.07 -25.33 -48.33
CA TYR A 236 -1.03 -25.90 -49.17
C TYR A 236 -0.89 -27.41 -49.03
N GLU A 237 -1.72 -28.06 -48.22
CA GLU A 237 -1.82 -29.51 -48.32
C GLU A 237 -2.52 -29.93 -49.60
N PHE A 238 -3.34 -29.04 -50.17
CA PHE A 238 -3.96 -29.32 -51.47
C PHE A 238 -2.94 -29.41 -52.58
N GLN A 239 -1.73 -28.85 -52.39
CA GLN A 239 -0.68 -29.00 -53.39
C GLN A 239 -0.27 -30.47 -53.55
N TYR A 240 -0.46 -31.27 -52.50
CA TYR A 240 -0.20 -32.71 -52.56
C TYR A 240 -1.45 -33.52 -52.86
N LEU A 241 -2.60 -33.18 -52.26
CA LEU A 241 -3.80 -33.95 -52.48
C LEU A 241 -4.33 -33.80 -53.91
N ASP A 242 -4.06 -32.66 -54.55
CA ASP A 242 -4.48 -32.48 -55.93
C ASP A 242 -3.50 -33.11 -56.91
N LEU A 243 -2.20 -33.15 -56.56
CA LEU A 243 -1.27 -33.94 -57.36
C LEU A 243 -1.63 -35.42 -57.30
N LEU A 244 -2.13 -35.87 -56.15
CA LEU A 244 -2.65 -37.24 -56.05
C LEU A 244 -3.82 -37.44 -57.01
N SER A 245 -4.66 -36.42 -57.16
CA SER A 245 -5.82 -36.54 -58.05
C SER A 245 -5.41 -36.48 -59.51
N ARG A 246 -4.45 -35.61 -59.85
CA ARG A 246 -4.01 -35.51 -61.24
C ARG A 246 -3.39 -36.81 -61.73
N VAL A 247 -2.75 -37.57 -60.83
CA VAL A 247 -2.17 -38.84 -61.23
C VAL A 247 -3.27 -39.88 -61.47
N LEU A 248 -4.27 -39.92 -60.59
CA LEU A 248 -5.38 -40.85 -60.78
C LEU A 248 -6.16 -40.58 -62.05
N GLU A 249 -6.10 -39.35 -62.58
CA GLU A 249 -6.84 -38.98 -63.77
C GLU A 249 -6.05 -39.25 -65.06
N ASN A 250 -4.79 -38.84 -65.09
CA ASN A 250 -3.98 -38.89 -66.30
C ASN A 250 -2.88 -39.95 -66.24
N GLY A 251 -2.77 -40.70 -65.15
CA GLY A 251 -1.64 -41.59 -64.97
C GLY A 251 -1.66 -42.73 -65.96
N ALA A 252 -0.60 -42.88 -66.73
CA ALA A 252 -0.47 -43.99 -67.67
C ALA A 252 0.03 -45.23 -66.95
N TYR A 253 -0.62 -46.36 -67.18
CA TYR A 253 -0.21 -47.61 -66.55
C TYR A 253 1.10 -48.08 -67.15
N ARG A 254 2.15 -48.14 -66.33
CA ARG A 254 3.49 -48.46 -66.78
C ARG A 254 4.14 -49.44 -65.82
N GLU A 255 5.02 -50.28 -66.35
CA GLU A 255 5.84 -51.16 -65.53
C GLU A 255 7.18 -50.51 -65.24
N ASN A 256 7.85 -51.02 -64.22
CA ASN A 256 9.14 -50.47 -63.80
C ASN A 256 10.04 -51.61 -63.34
N ARG A 257 11.15 -51.25 -62.68
CA ARG A 257 12.12 -52.26 -62.25
C ARG A 257 11.54 -53.21 -61.21
N THR A 258 10.50 -52.80 -60.50
CA THR A 258 9.84 -53.68 -59.53
C THR A 258 8.66 -54.40 -60.18
N GLY A 259 8.14 -55.41 -59.48
CA GLY A 259 6.99 -56.13 -59.98
C GLY A 259 5.69 -55.38 -59.88
N ILE A 260 5.65 -54.29 -59.12
CA ILE A 260 4.43 -53.52 -58.90
C ILE A 260 4.41 -52.37 -59.90
N SER A 261 3.44 -52.39 -60.80
CA SER A 261 3.31 -51.33 -61.79
C SER A 261 2.76 -50.06 -61.14
N THR A 262 2.96 -48.93 -61.84
CA THR A 262 2.54 -47.63 -61.34
C THR A 262 1.68 -46.93 -62.38
N TYR A 263 1.01 -45.87 -61.92
CA TYR A 263 0.34 -44.92 -62.81
C TYR A 263 1.16 -43.63 -62.74
N SER A 264 1.76 -43.26 -63.87
CA SER A 264 2.81 -42.25 -63.89
C SER A 264 2.44 -41.09 -64.80
N ILE A 265 2.74 -39.87 -64.34
CA ILE A 265 2.75 -38.67 -65.15
C ILE A 265 4.10 -37.99 -64.97
N PHE A 266 4.41 -37.07 -65.87
CA PHE A 266 5.72 -36.44 -65.93
C PHE A 266 5.59 -34.92 -65.83
N GLY A 267 6.37 -34.32 -64.94
CA GLY A 267 6.42 -32.87 -64.81
C GLY A 267 5.35 -32.26 -63.92
N GLN A 268 5.62 -32.19 -62.62
CA GLN A 268 4.69 -31.61 -61.66
C GLN A 268 5.47 -30.79 -60.64
N MET A 269 4.74 -30.00 -59.85
CA MET A 269 5.37 -29.19 -58.82
C MET A 269 4.41 -29.00 -57.66
N MET A 270 4.99 -28.69 -56.49
CA MET A 270 4.23 -28.40 -55.28
C MET A 270 4.90 -27.26 -54.54
N ARG A 271 4.09 -26.35 -54.01
CA ARG A 271 4.58 -25.25 -53.18
C ARG A 271 4.14 -25.46 -51.74
N PHE A 272 4.97 -25.02 -50.80
CA PHE A 272 4.65 -25.14 -49.39
C PHE A 272 5.18 -23.92 -48.65
N ASP A 273 4.37 -23.39 -47.74
CA ASP A 273 4.80 -22.34 -46.85
C ASP A 273 5.48 -22.94 -45.63
N MET A 274 6.53 -22.28 -45.16
CA MET A 274 7.22 -22.69 -43.94
C MET A 274 7.37 -21.55 -42.94
N ARG A 275 6.90 -20.35 -43.26
CA ARG A 275 7.00 -19.23 -42.32
C ARG A 275 6.01 -19.41 -41.17
N GLU A 276 4.76 -19.73 -41.48
CA GLU A 276 3.69 -19.80 -40.49
C GLU A 276 3.23 -21.23 -40.20
N SER A 277 3.86 -22.24 -40.79
CA SER A 277 3.42 -23.62 -40.59
C SER A 277 4.56 -24.55 -41.01
N PHE A 278 4.30 -25.85 -40.88
CA PHE A 278 5.26 -26.89 -41.23
C PHE A 278 4.55 -27.89 -42.14
N PRO A 279 5.02 -28.07 -43.37
CA PRO A 279 4.28 -28.92 -44.32
C PRO A 279 4.33 -30.40 -43.98
N LEU A 280 3.69 -30.79 -42.88
CA LEU A 280 3.53 -32.18 -42.50
C LEU A 280 2.07 -32.57 -42.74
N LEU A 281 1.85 -33.55 -43.62
CA LEU A 281 0.49 -33.89 -44.03
C LEU A 281 -0.36 -34.28 -42.84
N THR A 282 -1.63 -33.84 -42.86
CA THR A 282 -2.58 -34.15 -41.80
C THR A 282 -3.59 -35.21 -42.18
N THR A 283 -3.76 -35.49 -43.48
CA THR A 283 -4.68 -36.54 -43.92
C THR A 283 -4.15 -37.94 -43.64
N LYS A 284 -2.94 -38.05 -43.08
CA LYS A 284 -2.35 -39.34 -42.71
C LYS A 284 -1.25 -39.07 -41.70
N LYS A 285 -1.24 -39.84 -40.61
CA LYS A 285 -0.20 -39.69 -39.60
C LYS A 285 1.14 -40.10 -40.18
N VAL A 286 2.07 -39.16 -40.29
CA VAL A 286 3.38 -39.39 -40.88
C VAL A 286 4.40 -39.58 -39.77
N ALA A 287 5.20 -40.63 -39.86
CA ALA A 287 6.24 -40.91 -38.87
C ALA A 287 7.32 -39.84 -38.92
N ILE A 288 7.19 -38.82 -38.06
CA ILE A 288 8.10 -37.68 -38.10
C ILE A 288 9.49 -38.06 -37.58
N ARG A 289 9.56 -38.98 -36.61
CA ARG A 289 10.85 -39.34 -36.04
C ARG A 289 11.75 -40.04 -37.06
N SER A 290 11.18 -40.96 -37.85
CA SER A 290 11.97 -41.65 -38.86
C SER A 290 12.47 -40.70 -39.93
N ILE A 291 11.71 -39.65 -40.24
CA ILE A 291 12.14 -38.67 -41.23
C ILE A 291 13.39 -37.94 -40.75
N PHE A 292 13.36 -37.47 -39.49
CA PHE A 292 14.50 -36.74 -38.94
C PHE A 292 15.73 -37.63 -38.86
N GLU A 293 15.57 -38.85 -38.34
CA GLU A 293 16.71 -39.75 -38.17
C GLU A 293 17.37 -40.07 -39.50
N GLU A 294 16.60 -40.03 -40.59
CA GLU A 294 17.19 -40.20 -41.92
C GLU A 294 17.89 -38.93 -42.39
N LEU A 295 17.35 -37.76 -42.06
CA LEU A 295 17.95 -36.51 -42.51
C LEU A 295 19.26 -36.24 -41.79
N ILE A 296 19.29 -36.43 -40.47
CA ILE A 296 20.54 -36.27 -39.74
C ILE A 296 21.53 -37.35 -40.13
N TRP A 297 21.02 -38.50 -40.58
CA TRP A 297 21.90 -39.55 -41.12
C TRP A 297 22.60 -39.08 -42.39
N PHE A 298 21.89 -38.33 -43.23
CA PHE A 298 22.50 -37.73 -44.40
C PHE A 298 23.52 -36.66 -44.01
N ILE A 299 23.12 -35.76 -43.10
CA ILE A 299 23.95 -34.61 -42.76
C ILE A 299 25.29 -35.06 -42.18
N LYS A 300 25.26 -36.04 -41.28
CA LYS A 300 26.49 -36.54 -40.66
C LYS A 300 27.43 -37.20 -41.67
N GLY A 301 26.97 -37.50 -42.87
CA GLY A 301 27.78 -38.18 -43.85
C GLY A 301 27.75 -39.68 -43.79
N ASP A 302 26.87 -40.27 -42.99
CA ASP A 302 26.87 -41.70 -42.75
C ASP A 302 26.20 -42.45 -43.89
N THR A 303 26.76 -43.62 -44.22
CA THR A 303 26.17 -44.53 -45.19
C THR A 303 25.88 -45.90 -44.61
N ASN A 304 26.14 -46.10 -43.32
CA ASN A 304 25.90 -47.39 -42.67
C ASN A 304 24.40 -47.57 -42.44
N GLY A 305 23.79 -48.50 -43.16
CA GLY A 305 22.36 -48.73 -43.03
C GLY A 305 21.93 -49.33 -41.71
N ASN A 306 22.87 -49.89 -40.94
CA ASN A 306 22.52 -50.47 -39.65
C ASN A 306 22.29 -49.40 -38.59
N HIS A 307 22.95 -48.25 -38.70
CA HIS A 307 22.76 -47.19 -37.72
C HIS A 307 21.32 -46.69 -37.69
N LEU A 308 20.61 -46.81 -38.82
CA LEU A 308 19.20 -46.47 -38.83
C LEU A 308 18.36 -47.60 -38.24
N ILE A 309 18.77 -48.85 -38.45
CA ILE A 309 18.04 -49.98 -37.86
C ILE A 309 18.26 -50.02 -36.35
N GLU A 310 19.43 -49.59 -35.89
CA GLU A 310 19.69 -49.53 -34.45
C GLU A 310 18.80 -48.47 -33.78
N LYS A 311 18.38 -47.46 -34.52
CA LYS A 311 17.47 -46.44 -34.01
C LYS A 311 16.03 -46.74 -34.37
N LYS A 312 15.71 -47.98 -34.72
CA LYS A 312 14.35 -48.42 -35.05
C LYS A 312 13.79 -47.66 -36.25
N VAL A 313 14.62 -47.48 -37.27
CA VAL A 313 14.21 -46.87 -38.53
C VAL A 313 14.48 -47.89 -39.64
N TYR A 314 13.41 -48.43 -40.23
CA TYR A 314 13.52 -49.53 -41.17
C TYR A 314 13.13 -49.13 -42.60
N ILE A 315 13.31 -47.84 -42.94
CA ILE A 315 12.94 -47.40 -44.28
C ILE A 315 13.99 -47.78 -45.32
N TRP A 316 15.23 -48.05 -44.90
CA TRP A 316 16.29 -48.46 -45.80
C TRP A 316 16.65 -49.94 -45.64
N SER A 317 15.73 -50.74 -45.11
CA SER A 317 15.97 -52.17 -44.96
C SER A 317 15.67 -52.94 -46.23
N GLY A 318 14.64 -52.51 -46.99
CA GLY A 318 14.29 -53.22 -48.22
C GLY A 318 15.38 -53.12 -49.27
N ASN A 319 15.93 -51.92 -49.47
CA ASN A 319 16.99 -51.69 -50.43
C ASN A 319 18.37 -51.99 -49.86
N GLY A 320 18.44 -52.52 -48.64
CA GLY A 320 19.71 -52.85 -48.02
C GLY A 320 19.77 -54.25 -47.45
N SER A 321 19.04 -55.17 -48.07
CA SER A 321 19.06 -56.57 -47.67
C SER A 321 20.13 -57.33 -48.44
N LYS A 322 20.39 -58.57 -48.00
CA LYS A 322 21.38 -59.39 -48.68
C LYS A 322 20.88 -59.86 -50.05
N GLU A 323 19.58 -60.14 -50.17
CA GLU A 323 19.03 -60.62 -51.42
C GLU A 323 18.89 -59.51 -52.45
N TYR A 324 18.62 -58.27 -52.01
CA TYR A 324 18.50 -57.17 -52.96
C TYR A 324 19.86 -56.75 -53.50
N LEU A 325 20.90 -56.80 -52.65
CA LEU A 325 22.23 -56.38 -53.10
C LEU A 325 22.82 -57.37 -54.09
N GLU A 326 22.61 -58.67 -53.85
CA GLU A 326 23.08 -59.67 -54.81
C GLU A 326 22.28 -59.61 -56.11
N ARG A 327 21.03 -59.14 -56.05
CA ARG A 327 20.20 -59.07 -57.24
C ARG A 327 20.62 -57.96 -58.19
N ILE A 328 21.18 -56.87 -57.64
CA ILE A 328 21.62 -55.73 -58.45
C ILE A 328 23.12 -55.77 -58.74
N GLY A 329 23.78 -56.88 -58.41
CA GLY A 329 25.19 -57.03 -58.71
C GLY A 329 26.14 -56.55 -57.63
N LEU A 330 25.69 -56.44 -56.39
CA LEU A 330 26.57 -56.02 -55.30
C LEU A 330 26.61 -57.08 -54.21
N GLY A 331 26.81 -58.34 -54.60
CA GLY A 331 26.82 -59.42 -53.63
C GLY A 331 28.00 -59.36 -52.68
N HIS A 332 29.14 -58.86 -53.16
CA HIS A 332 30.32 -58.73 -52.31
C HIS A 332 30.14 -57.67 -51.22
N ARG A 333 29.19 -56.76 -51.40
CA ARG A 333 28.95 -55.71 -50.42
C ARG A 333 28.39 -56.29 -49.13
N GLU A 334 28.68 -55.61 -48.02
CA GLU A 334 28.18 -56.05 -46.71
C GLU A 334 26.65 -55.92 -46.66
N GLU A 335 26.07 -56.44 -45.57
CA GLU A 335 24.63 -56.53 -45.40
C GLU A 335 23.91 -55.21 -45.68
N ASN A 336 24.10 -54.22 -44.82
CA ASN A 336 23.41 -52.94 -44.95
C ASN A 336 24.34 -51.82 -45.41
N ASP A 337 25.38 -52.16 -46.18
CA ASP A 337 26.28 -51.16 -46.75
C ASP A 337 25.63 -50.64 -48.03
N LEU A 338 24.84 -49.57 -47.89
CA LEU A 338 24.16 -48.99 -49.03
C LEU A 338 25.11 -48.35 -50.04
N GLY A 339 26.36 -48.09 -49.65
CA GLY A 339 27.32 -47.51 -50.55
C GLY A 339 27.26 -46.00 -50.56
N PRO A 340 27.92 -45.38 -51.54
CA PRO A 340 27.88 -43.90 -51.64
C PRO A 340 26.54 -43.38 -52.12
N ILE A 341 25.78 -42.76 -51.22
CA ILE A 341 24.43 -42.29 -51.52
C ILE A 341 24.29 -40.90 -50.93
N TYR A 342 23.05 -40.47 -50.70
CA TYR A 342 22.82 -39.24 -49.94
C TYR A 342 23.66 -39.23 -48.68
N GLY A 343 24.33 -38.10 -48.44
CA GLY A 343 25.24 -37.96 -47.33
C GLY A 343 26.66 -38.37 -47.61
N PHE A 344 26.92 -39.02 -48.74
CA PHE A 344 28.30 -39.22 -49.17
C PHE A 344 28.67 -38.34 -50.35
N GLN A 345 27.68 -38.01 -51.18
CA GLN A 345 27.87 -36.97 -52.17
C GLN A 345 27.68 -35.57 -51.57
N TRP A 346 26.97 -35.48 -50.45
CA TRP A 346 26.84 -34.20 -49.75
C TRP A 346 28.14 -33.79 -49.09
N ARG A 347 28.84 -34.74 -48.46
CA ARG A 347 30.01 -34.44 -47.66
C ARG A 347 31.33 -34.83 -48.31
N HIS A 348 31.34 -35.85 -49.18
CA HIS A 348 32.56 -36.33 -49.81
C HIS A 348 32.30 -36.62 -51.29
N TYR A 349 31.97 -35.57 -52.04
CA TYR A 349 31.65 -35.73 -53.45
C TYR A 349 32.89 -36.15 -54.23
N ASN A 350 32.70 -37.07 -55.18
CA ASN A 350 33.77 -37.65 -56.00
C ASN A 350 34.83 -38.38 -55.17
N GLY A 351 34.46 -38.85 -53.98
CA GLY A 351 35.38 -39.59 -53.14
C GLY A 351 35.34 -41.07 -53.46
N GLU A 352 36.53 -41.67 -53.57
CA GLU A 352 36.64 -43.10 -53.87
C GLU A 352 36.07 -43.90 -52.70
N TYR A 353 34.89 -44.48 -52.90
CA TYR A 353 34.22 -45.22 -51.85
C TYR A 353 34.78 -46.64 -51.74
N LYS A 354 35.00 -47.08 -50.50
CA LYS A 354 35.45 -48.44 -50.25
C LYS A 354 34.35 -49.24 -49.54
N THR A 355 34.24 -49.07 -48.22
CA THR A 355 33.18 -49.69 -47.43
C THR A 355 32.61 -48.66 -46.48
N MET A 356 31.58 -49.05 -45.74
CA MET A 356 30.93 -48.16 -44.78
C MET A 356 31.70 -48.00 -43.48
N HIS A 357 32.78 -48.75 -43.28
CA HIS A 357 33.57 -48.68 -42.06
C HIS A 357 34.79 -47.79 -42.16
N ASP A 358 35.23 -47.46 -43.37
CA ASP A 358 36.43 -46.65 -43.54
C ASP A 358 36.18 -45.21 -43.09
N ASP A 359 37.28 -44.46 -42.95
CA ASP A 359 37.23 -43.07 -42.54
C ASP A 359 37.45 -42.18 -43.76
N TYR A 360 36.43 -41.41 -44.12
CA TYR A 360 36.48 -40.54 -45.29
C TYR A 360 36.62 -39.07 -44.92
N THR A 361 37.05 -38.77 -43.70
CA THR A 361 37.20 -37.38 -43.26
C THR A 361 38.36 -36.72 -43.98
N GLY A 362 38.05 -35.80 -44.89
CA GLY A 362 39.03 -35.05 -45.65
C GLY A 362 38.95 -35.28 -47.15
N VAL A 363 38.48 -36.45 -47.58
CA VAL A 363 38.39 -36.79 -48.99
C VAL A 363 37.07 -36.28 -49.54
N GLY A 364 37.08 -35.89 -50.81
CA GLY A 364 35.88 -35.44 -51.49
C GLY A 364 35.59 -33.97 -51.25
N VAL A 365 34.63 -33.46 -52.02
CA VAL A 365 34.19 -32.08 -51.90
C VAL A 365 33.04 -32.02 -50.91
N ASP A 366 33.19 -31.19 -49.87
CA ASP A 366 32.15 -31.04 -48.85
C ASP A 366 31.19 -29.96 -49.31
N GLN A 367 30.12 -30.39 -50.00
CA GLN A 367 29.13 -29.44 -50.49
C GLN A 367 28.37 -28.78 -49.34
N LEU A 368 27.94 -29.59 -48.36
CA LEU A 368 27.13 -29.06 -47.27
C LEU A 368 27.87 -27.99 -46.50
N ALA A 369 29.18 -28.18 -46.28
CA ALA A 369 29.98 -27.16 -45.61
C ALA A 369 30.08 -25.90 -46.45
N LYS A 370 30.44 -26.06 -47.74
CA LYS A 370 30.53 -24.91 -48.62
C LYS A 370 29.16 -24.25 -48.83
N LEU A 371 28.09 -25.03 -48.76
CA LEU A 371 26.75 -24.45 -48.85
C LEU A 371 26.48 -23.51 -47.68
N ILE A 372 26.75 -23.97 -46.45
CA ILE A 372 26.53 -23.14 -45.27
C ILE A 372 27.43 -21.92 -45.30
N GLU A 373 28.70 -22.12 -45.68
CA GLU A 373 29.64 -20.99 -45.72
C GLU A 373 29.21 -19.95 -46.74
N THR A 374 28.62 -20.39 -47.86
CA THR A 374 28.19 -19.45 -48.88
C THR A 374 26.86 -18.78 -48.51
N LEU A 375 26.00 -19.47 -47.76
CA LEU A 375 24.70 -18.91 -47.44
C LEU A 375 24.78 -17.70 -46.52
N LYS A 376 25.81 -17.62 -45.67
CA LYS A 376 25.96 -16.51 -44.74
C LYS A 376 27.06 -15.54 -45.13
N ASN A 377 27.93 -15.89 -46.07
CA ASN A 377 28.95 -14.97 -46.55
C ASN A 377 28.56 -14.31 -47.87
N ASN A 378 27.66 -14.91 -48.64
CA ASN A 378 27.17 -14.32 -49.88
C ASN A 378 25.73 -14.78 -50.08
N PRO A 379 24.78 -14.14 -49.40
CA PRO A 379 23.40 -14.65 -49.44
C PRO A 379 22.75 -14.50 -50.80
N LYS A 380 22.97 -13.38 -51.49
CA LYS A 380 22.34 -13.13 -52.78
C LYS A 380 23.04 -13.87 -53.93
N ASP A 381 23.96 -14.79 -53.61
CA ASP A 381 24.54 -15.64 -54.63
C ASP A 381 23.46 -16.54 -55.23
N ARG A 382 23.62 -16.87 -56.52
CA ARG A 382 22.67 -17.67 -57.26
C ARG A 382 23.20 -19.07 -57.52
N ARG A 383 24.01 -19.61 -56.61
CA ARG A 383 24.68 -20.89 -56.81
C ARG A 383 24.57 -21.80 -55.57
N HIS A 384 23.68 -21.48 -54.64
CA HIS A 384 23.50 -22.30 -53.44
C HIS A 384 22.83 -23.61 -53.82
N ILE A 385 23.64 -24.54 -54.32
CA ILE A 385 23.14 -25.79 -54.89
C ILE A 385 23.80 -26.96 -54.17
N LEU A 386 22.98 -27.92 -53.75
CA LEU A 386 23.44 -29.19 -53.18
C LEU A 386 22.95 -30.31 -54.08
N THR A 387 23.87 -30.97 -54.76
CA THR A 387 23.55 -32.02 -55.70
C THR A 387 23.94 -33.39 -55.15
N ALA A 388 23.31 -34.43 -55.70
CA ALA A 388 23.61 -35.81 -55.33
C ALA A 388 23.79 -36.73 -56.52
N TRP A 389 23.58 -36.24 -57.74
CA TRP A 389 23.70 -37.06 -58.94
C TRP A 389 25.16 -37.10 -59.38
N ASN A 390 25.84 -38.20 -59.09
CA ASN A 390 27.22 -38.41 -59.51
C ASN A 390 27.27 -39.58 -60.48
N PRO A 391 27.40 -39.34 -61.78
CA PRO A 391 27.42 -40.45 -62.75
C PRO A 391 28.56 -41.44 -62.52
N SER A 392 29.67 -41.01 -61.92
CA SER A 392 30.79 -41.91 -61.71
C SER A 392 30.51 -42.92 -60.58
N ALA A 393 29.67 -42.54 -59.62
CA ALA A 393 29.39 -43.39 -58.47
C ALA A 393 28.02 -44.05 -58.54
N LEU A 394 27.27 -43.85 -59.63
CA LEU A 394 25.93 -44.43 -59.72
C LEU A 394 25.97 -45.95 -59.65
N SER A 395 26.96 -46.57 -60.29
CA SER A 395 27.03 -48.03 -60.34
C SER A 395 27.29 -48.64 -58.97
N GLN A 396 27.89 -47.89 -58.04
CA GLN A 396 28.16 -48.39 -56.70
C GLN A 396 26.99 -48.17 -55.74
N MET A 397 25.97 -47.42 -56.13
CA MET A 397 24.86 -47.12 -55.24
C MET A 397 23.87 -48.27 -55.19
N ALA A 398 23.34 -48.52 -53.99
CA ALA A 398 22.24 -49.48 -53.85
C ALA A 398 20.96 -48.96 -54.49
N LEU A 399 20.82 -47.65 -54.63
CA LEU A 399 19.67 -47.00 -55.24
C LEU A 399 20.06 -45.58 -55.65
N PRO A 400 19.93 -45.22 -56.92
CA PRO A 400 20.31 -43.87 -57.36
C PRO A 400 19.50 -42.80 -56.65
N PRO A 401 20.00 -41.57 -56.60
CA PRO A 401 19.31 -40.52 -55.84
C PRO A 401 17.97 -40.17 -56.46
N CYS A 402 16.94 -40.10 -55.61
CA CYS A 402 15.61 -39.67 -56.04
C CYS A 402 15.46 -38.16 -55.91
N HIS A 403 15.64 -37.63 -54.70
CA HIS A 403 15.77 -36.18 -54.53
C HIS A 403 17.18 -35.82 -55.00
N VAL A 404 17.26 -35.42 -56.26
CA VAL A 404 18.55 -35.36 -56.96
C VAL A 404 19.31 -34.10 -56.61
N LEU A 405 18.69 -32.94 -56.84
CA LEU A 405 19.38 -31.67 -56.72
C LEU A 405 18.48 -30.66 -56.02
N SER A 406 19.08 -29.82 -55.17
CA SER A 406 18.35 -28.81 -54.43
C SER A 406 19.09 -27.48 -54.51
N GLN A 407 18.33 -26.39 -54.64
CA GLN A 407 18.87 -25.04 -54.67
C GLN A 407 18.21 -24.22 -53.57
N TYR A 408 19.00 -23.31 -52.97
CA TYR A 408 18.55 -22.52 -51.85
C TYR A 408 18.70 -21.03 -52.16
N TYR A 409 17.86 -20.22 -51.51
CA TYR A 409 17.67 -18.83 -51.88
C TYR A 409 17.40 -18.01 -50.63
N VAL A 410 18.11 -16.89 -50.50
CA VAL A 410 17.94 -15.97 -49.38
C VAL A 410 17.19 -14.75 -49.89
N THR A 411 16.02 -14.50 -49.31
CA THR A 411 15.21 -13.36 -49.70
C THR A 411 15.74 -12.08 -49.06
N ASN A 412 15.15 -10.94 -49.47
CA ASN A 412 15.56 -9.65 -48.94
C ASN A 412 15.20 -9.47 -47.47
N ASP A 413 14.24 -10.23 -46.96
CA ASP A 413 13.86 -10.18 -45.55
C ASP A 413 14.46 -11.32 -44.75
N ASN A 414 15.63 -11.83 -45.18
CA ASN A 414 16.40 -12.81 -44.42
C ASN A 414 15.61 -14.09 -44.15
N CYS A 415 14.99 -14.61 -45.21
CA CYS A 415 14.33 -15.90 -45.19
C CYS A 415 15.03 -16.85 -46.17
N LEU A 416 14.98 -18.13 -45.87
CA LEU A 416 15.66 -19.16 -46.64
C LEU A 416 14.63 -20.03 -47.33
N SER A 417 14.53 -19.90 -48.65
CA SER A 417 13.67 -20.76 -49.46
C SER A 417 14.48 -21.91 -50.04
N CYS A 418 13.77 -22.91 -50.55
CA CYS A 418 14.39 -24.13 -51.06
C CYS A 418 13.62 -24.65 -52.27
N ASN A 419 14.35 -25.03 -53.31
CA ASN A 419 13.80 -25.71 -54.48
C ASN A 419 14.44 -27.09 -54.58
N LEU A 420 13.60 -28.11 -54.77
CA LEU A 420 14.07 -29.49 -54.88
C LEU A 420 13.54 -30.11 -56.17
N TYR A 421 14.44 -30.71 -56.95
CA TYR A 421 14.05 -31.50 -58.11
C TYR A 421 14.10 -32.98 -57.75
N GLN A 422 13.04 -33.70 -58.08
CA GLN A 422 12.90 -35.11 -57.75
C GLN A 422 12.61 -35.90 -59.02
N ARG A 423 13.54 -36.79 -59.39
CA ARG A 423 13.39 -37.53 -60.64
C ARG A 423 12.26 -38.55 -60.57
N SER A 424 12.09 -39.18 -59.42
CA SER A 424 11.06 -40.19 -59.22
C SER A 424 10.43 -39.99 -57.86
N CYS A 425 9.11 -40.10 -57.80
CA CYS A 425 8.37 -39.73 -56.60
C CYS A 425 7.29 -40.78 -56.33
N ASP A 426 7.50 -41.58 -55.29
CA ASP A 426 6.47 -42.48 -54.78
C ASP A 426 5.49 -41.64 -53.97
N LEU A 427 4.36 -41.28 -54.58
CA LEU A 427 3.40 -40.41 -53.92
C LEU A 427 2.74 -41.04 -52.70
N GLY A 428 2.90 -42.35 -52.49
CA GLY A 428 2.32 -42.99 -51.34
C GLY A 428 3.23 -43.00 -50.13
N LEU A 429 4.54 -43.17 -50.37
CA LEU A 429 5.51 -43.27 -49.28
C LEU A 429 6.57 -42.18 -49.35
N GLY A 430 7.32 -42.07 -50.44
CA GLY A 430 8.43 -41.15 -50.49
C GLY A 430 8.01 -39.69 -50.45
N SER A 431 6.89 -39.36 -51.09
CA SER A 431 6.49 -37.96 -51.18
C SER A 431 6.18 -37.32 -49.84
N PRO A 432 5.36 -37.91 -48.95
CA PRO A 432 5.18 -37.28 -47.64
C PRO A 432 6.47 -37.16 -46.85
N PHE A 433 7.41 -38.09 -47.03
CA PHE A 433 8.70 -37.97 -46.35
C PHE A 433 9.54 -36.86 -46.95
N ASN A 434 9.62 -36.79 -48.29
CA ASN A 434 10.46 -35.79 -48.94
C ASN A 434 9.98 -34.37 -48.63
N ILE A 435 8.66 -34.17 -48.47
CA ILE A 435 8.15 -32.84 -48.14
C ILE A 435 8.64 -32.42 -46.76
N ALA A 436 8.50 -33.31 -45.77
CA ALA A 436 8.91 -32.97 -44.41
C ALA A 436 10.44 -32.95 -44.28
N SER A 437 11.13 -33.86 -44.98
CA SER A 437 12.58 -33.96 -44.83
C SER A 437 13.27 -32.67 -45.29
N TYR A 438 12.95 -32.20 -46.48
CA TYR A 438 13.57 -30.98 -46.97
C TYR A 438 13.00 -29.72 -46.32
N ALA A 439 11.86 -29.82 -45.64
CA ALA A 439 11.40 -28.72 -44.80
C ALA A 439 12.25 -28.60 -43.55
N ILE A 440 12.56 -29.73 -42.92
CA ILE A 440 13.42 -29.73 -41.75
C ILE A 440 14.83 -29.28 -42.11
N LEU A 441 15.35 -29.77 -43.24
CA LEU A 441 16.69 -29.39 -43.68
C LEU A 441 16.80 -27.90 -43.92
N THR A 442 15.76 -27.29 -44.50
CA THR A 442 15.79 -25.85 -44.73
C THR A 442 15.77 -25.09 -43.41
N MET A 443 15.00 -25.59 -42.43
CA MET A 443 14.97 -24.95 -41.11
C MET A 443 16.31 -25.05 -40.40
N MET A 444 16.98 -26.21 -40.52
CA MET A 444 18.30 -26.38 -39.93
C MET A 444 19.30 -25.41 -40.54
N LEU A 445 19.33 -25.34 -41.88
CA LEU A 445 20.22 -24.41 -42.55
C LEU A 445 19.91 -22.96 -42.18
N ALA A 446 18.64 -22.66 -41.89
CA ALA A 446 18.28 -21.29 -41.53
C ALA A 446 18.83 -20.91 -40.17
N GLN A 447 18.79 -21.84 -39.21
CA GLN A 447 19.28 -21.54 -37.87
C GLN A 447 20.80 -21.43 -37.85
N VAL A 448 21.50 -22.31 -38.57
CA VAL A 448 22.96 -22.26 -38.60
C VAL A 448 23.44 -21.00 -39.32
N CYS A 449 22.68 -20.53 -40.32
CA CYS A 449 23.06 -19.35 -41.07
C CYS A 449 22.40 -18.07 -40.56
N GLY A 450 21.50 -18.18 -39.57
CA GLY A 450 20.88 -17.00 -39.02
C GLY A 450 19.74 -16.43 -39.83
N TYR A 451 18.93 -17.28 -40.44
CA TYR A 451 17.77 -16.86 -41.21
C TYR A 451 16.52 -17.51 -40.66
N GLU A 452 15.37 -17.10 -41.20
CA GLU A 452 14.07 -17.67 -40.92
C GLU A 452 13.63 -18.57 -42.06
N PRO A 453 12.80 -19.57 -41.80
CA PRO A 453 12.33 -20.44 -42.87
C PRO A 453 11.47 -19.67 -43.88
N GLY A 454 11.64 -20.01 -45.14
CA GLY A 454 10.91 -19.34 -46.21
C GLY A 454 9.87 -20.22 -46.88
N GLU A 455 10.09 -20.54 -48.15
CA GLU A 455 9.18 -21.39 -48.91
C GLU A 455 9.89 -22.65 -49.34
N LEU A 456 9.09 -23.67 -49.69
CA LEU A 456 9.60 -24.94 -50.18
C LEU A 456 8.85 -25.30 -51.45
N ALA A 457 9.57 -25.35 -52.56
CA ALA A 457 9.01 -25.77 -53.84
C ALA A 457 9.68 -27.06 -54.27
N ILE A 458 8.88 -28.06 -54.63
CA ILE A 458 9.37 -29.37 -55.03
C ILE A 458 8.95 -29.61 -56.47
N PHE A 459 9.94 -29.79 -57.35
CA PHE A 459 9.70 -30.07 -58.76
C PHE A 459 9.93 -31.55 -59.01
N ILE A 460 8.94 -32.20 -59.62
CA ILE A 460 8.90 -33.65 -59.72
C ILE A 460 8.98 -34.08 -61.18
N GLY A 461 9.81 -35.08 -61.45
CA GLY A 461 9.85 -35.70 -62.76
C GLY A 461 8.79 -36.77 -62.93
N ASP A 462 9.11 -38.00 -62.53
CA ASP A 462 8.18 -39.13 -62.67
C ASP A 462 7.35 -39.24 -61.40
N ALA A 463 6.21 -38.53 -61.39
CA ALA A 463 5.25 -38.63 -60.29
C ALA A 463 4.31 -39.79 -60.55
N HIS A 464 4.33 -40.78 -59.66
CA HIS A 464 3.61 -42.03 -59.90
C HIS A 464 2.96 -42.52 -58.62
N ILE A 465 2.06 -43.49 -58.78
CA ILE A 465 1.35 -44.13 -57.68
C ILE A 465 1.40 -45.63 -57.91
N TYR A 466 1.92 -46.38 -56.94
CA TYR A 466 1.96 -47.83 -57.06
C TYR A 466 0.56 -48.41 -56.95
N GLU A 467 0.28 -49.44 -57.77
CA GLU A 467 -1.07 -49.94 -57.92
C GLU A 467 -1.61 -50.61 -56.65
N ASN A 468 -0.73 -51.02 -55.74
CA ASN A 468 -1.18 -51.56 -54.46
C ASN A 468 -1.55 -50.47 -53.46
N HIS A 469 -1.31 -49.19 -53.79
CA HIS A 469 -1.66 -48.07 -52.95
C HIS A 469 -2.96 -47.41 -53.35
N LEU A 470 -3.70 -47.99 -54.30
CA LEU A 470 -4.89 -47.33 -54.83
C LEU A 470 -6.00 -47.27 -53.79
N THR A 471 -6.25 -48.39 -53.10
CA THR A 471 -7.29 -48.39 -52.06
C THR A 471 -6.92 -47.48 -50.90
N GLN A 472 -5.63 -47.39 -50.58
CA GLN A 472 -5.20 -46.55 -49.45
C GLN A 472 -5.29 -45.07 -49.81
N LEU A 473 -4.74 -44.67 -50.96
CA LEU A 473 -4.70 -43.26 -51.32
C LEU A 473 -6.09 -42.70 -51.60
N LYS A 474 -7.02 -43.53 -52.06
CA LYS A 474 -8.40 -43.09 -52.19
C LYS A 474 -9.04 -42.85 -50.83
N GLU A 475 -8.65 -43.63 -49.82
CA GLU A 475 -9.10 -43.37 -48.46
C GLU A 475 -8.53 -42.05 -47.94
N GLN A 476 -7.25 -41.79 -48.23
CA GLN A 476 -6.65 -40.54 -47.78
C GLN A 476 -7.31 -39.33 -48.44
N LEU A 477 -7.79 -39.48 -49.67
CA LEU A 477 -8.43 -38.37 -50.38
C LEU A 477 -9.83 -38.05 -49.85
N SER A 478 -10.41 -38.92 -49.02
CA SER A 478 -11.73 -38.70 -48.46
C SER A 478 -11.70 -37.89 -47.17
N ARG A 479 -10.52 -37.49 -46.72
CA ARG A 479 -10.35 -36.80 -45.44
C ARG A 479 -10.07 -35.33 -45.69
N THR A 480 -10.94 -34.47 -45.16
CA THR A 480 -10.74 -33.03 -45.31
C THR A 480 -9.51 -32.60 -44.52
N PRO A 481 -8.59 -31.85 -45.13
CA PRO A 481 -7.33 -31.53 -44.45
C PRO A 481 -7.54 -30.66 -43.21
N ARG A 482 -6.65 -30.84 -42.25
CA ARG A 482 -6.58 -30.07 -41.03
C ARG A 482 -5.36 -29.14 -41.05
N PRO A 483 -5.35 -28.09 -40.23
CA PRO A 483 -4.24 -27.13 -40.29
C PRO A 483 -2.90 -27.79 -39.98
N PHE A 484 -1.87 -27.30 -40.65
CA PHE A 484 -0.52 -27.82 -40.47
C PHE A 484 -0.06 -27.59 -39.02
N PRO A 485 0.83 -28.44 -38.51
CA PRO A 485 1.37 -28.20 -37.17
C PRO A 485 2.50 -27.17 -37.21
N GLN A 486 3.18 -26.98 -36.08
CA GLN A 486 4.36 -26.14 -36.00
C GLN A 486 5.54 -26.98 -35.56
N LEU A 487 6.72 -26.67 -36.08
CA LEU A 487 7.95 -27.35 -35.70
C LEU A 487 8.96 -26.30 -35.28
N LYS A 488 9.42 -26.40 -34.03
CA LYS A 488 10.39 -25.47 -33.47
C LYS A 488 11.55 -26.25 -32.86
N PHE A 489 12.72 -25.60 -32.84
CA PHE A 489 13.91 -26.17 -32.25
C PHE A 489 14.08 -25.68 -30.81
N LYS A 490 14.45 -26.60 -29.92
CA LYS A 490 14.55 -26.25 -28.51
C LYS A 490 15.82 -25.47 -28.18
N ARG A 491 16.90 -25.71 -28.91
CA ARG A 491 18.16 -25.01 -28.67
C ARG A 491 18.80 -24.64 -30.00
N LYS A 492 19.67 -23.63 -29.94
CA LYS A 492 20.44 -23.23 -31.12
C LYS A 492 21.78 -23.95 -31.10
N VAL A 493 22.05 -24.72 -32.14
CA VAL A 493 23.26 -25.50 -32.24
C VAL A 493 24.37 -24.65 -32.85
N GLU A 494 25.62 -25.06 -32.60
CA GLU A 494 26.76 -24.39 -33.19
C GLU A 494 27.13 -24.96 -34.55
N ASN A 495 26.96 -26.27 -34.74
CA ASN A 495 27.17 -26.92 -36.02
C ASN A 495 25.94 -27.73 -36.37
N ILE A 496 25.66 -27.84 -37.68
CA ILE A 496 24.44 -28.50 -38.14
C ILE A 496 24.41 -29.97 -37.76
N GLU A 497 25.55 -30.59 -37.50
CA GLU A 497 25.60 -32.00 -37.14
C GLU A 497 25.15 -32.28 -35.72
N ASP A 498 24.98 -31.25 -34.88
CA ASP A 498 24.69 -31.43 -33.47
C ASP A 498 23.20 -31.57 -33.17
N PHE A 499 22.35 -31.59 -34.19
CA PHE A 499 20.92 -31.72 -33.96
C PHE A 499 20.58 -33.11 -33.44
N LYS A 500 19.64 -33.16 -32.50
CA LYS A 500 19.18 -34.41 -31.92
C LYS A 500 17.65 -34.43 -31.94
N TRP A 501 17.09 -35.65 -31.82
CA TRP A 501 15.64 -35.80 -31.87
C TRP A 501 14.96 -35.13 -30.68
N GLU A 502 15.66 -35.01 -29.55
CA GLU A 502 15.09 -34.33 -28.40
C GLU A 502 14.99 -32.82 -28.62
N ASP A 503 15.73 -32.28 -29.59
CA ASP A 503 15.71 -30.85 -29.87
C ASP A 503 14.52 -30.41 -30.70
N ILE A 504 13.76 -31.33 -31.28
CA ILE A 504 12.63 -31.01 -32.15
C ILE A 504 11.35 -31.12 -31.35
N GLU A 505 10.52 -30.09 -31.42
CA GLU A 505 9.23 -30.05 -30.74
C GLU A 505 8.13 -29.85 -31.76
N LEU A 506 7.25 -30.84 -31.89
CA LEU A 506 6.14 -30.81 -32.84
C LEU A 506 4.89 -30.34 -32.11
N ILE A 507 4.37 -29.18 -32.50
CA ILE A 507 3.30 -28.49 -31.79
C ILE A 507 2.06 -28.48 -32.66
N GLY A 508 0.95 -29.00 -32.13
CA GLY A 508 -0.33 -28.91 -32.81
C GLY A 508 -0.51 -29.84 -33.99
N TYR A 509 -0.09 -31.08 -33.87
CA TYR A 509 -0.24 -32.07 -34.93
C TYR A 509 -1.36 -33.02 -34.53
N TYR A 510 -2.52 -32.86 -35.17
CA TYR A 510 -3.70 -33.69 -34.91
C TYR A 510 -4.15 -34.33 -36.22
N PRO A 511 -3.41 -35.32 -36.71
CA PRO A 511 -3.70 -35.88 -38.03
C PRO A 511 -4.78 -36.96 -37.96
N TYR A 512 -5.19 -37.42 -39.14
CA TYR A 512 -6.05 -38.58 -39.25
C TYR A 512 -5.23 -39.85 -38.98
N PRO A 513 -5.89 -40.97 -38.67
CA PRO A 513 -5.14 -42.19 -38.36
C PRO A 513 -4.24 -42.61 -39.51
N THR A 514 -3.11 -43.22 -39.14
CA THR A 514 -2.10 -43.61 -40.12
C THR A 514 -2.65 -44.67 -41.08
N ILE A 515 -2.06 -44.71 -42.27
CA ILE A 515 -2.47 -45.64 -43.33
C ILE A 515 -1.26 -46.49 -43.73
N LYS A 516 -1.45 -47.80 -43.74
CA LYS A 516 -0.37 -48.74 -44.04
C LYS A 516 -0.25 -48.95 -45.55
N MET A 517 0.98 -48.86 -46.06
CA MET A 517 1.26 -49.05 -47.47
C MET A 517 2.60 -49.74 -47.63
N ASP A 518 2.63 -50.83 -48.38
CA ASP A 518 3.83 -51.63 -48.55
C ASP A 518 4.79 -50.99 -49.53
N MET A 519 6.08 -51.07 -49.23
CA MET A 519 7.11 -50.51 -50.11
C MET A 519 7.47 -51.50 -51.21
N ALA A 520 7.62 -50.99 -52.42
CA ALA A 520 8.05 -51.79 -53.57
C ALA A 520 9.58 -51.78 -53.60
N VAL A 521 10.18 -52.95 -53.35
CA VAL A 521 11.63 -53.07 -53.33
C VAL A 521 12.18 -53.21 -54.75
N GLU B 3 -11.85 47.93 -26.91
CA GLU B 3 -12.42 46.63 -26.54
C GLU B 3 -11.49 45.87 -25.60
N LYS B 4 -11.74 45.99 -24.30
CA LYS B 4 -10.97 45.31 -23.27
C LYS B 4 -11.89 44.37 -22.49
N ASN B 5 -11.39 43.88 -21.36
CA ASN B 5 -12.09 42.83 -20.62
C ASN B 5 -12.96 43.43 -19.52
N VAL B 6 -14.14 42.84 -19.34
CA VAL B 6 -15.11 43.24 -18.33
C VAL B 6 -15.48 42.01 -17.51
N SER B 7 -15.17 42.04 -16.22
CA SER B 7 -15.38 40.90 -15.34
C SER B 7 -16.23 41.30 -14.15
N ILE B 8 -17.08 40.38 -13.69
CA ILE B 8 -17.89 40.56 -12.50
C ILE B 8 -17.18 39.92 -11.32
N VAL B 9 -17.08 40.66 -10.22
CA VAL B 9 -16.58 40.15 -8.95
C VAL B 9 -17.71 40.20 -7.94
N VAL B 10 -17.97 39.07 -7.28
CA VAL B 10 -19.11 38.98 -6.37
C VAL B 10 -18.85 37.86 -5.39
N ALA B 11 -19.42 37.99 -4.19
CA ALA B 11 -19.41 36.94 -3.17
C ALA B 11 -20.85 36.67 -2.77
N ALA B 12 -21.38 35.51 -3.18
CA ALA B 12 -22.77 35.16 -2.91
C ALA B 12 -22.83 33.86 -2.10
N SER B 13 -23.96 33.65 -1.45
CA SER B 13 -24.18 32.43 -0.70
C SER B 13 -24.33 31.25 -1.66
N VAL B 14 -24.14 30.05 -1.11
CA VAL B 14 -23.97 28.87 -1.96
C VAL B 14 -25.28 28.49 -2.66
N LEU B 15 -26.41 28.57 -1.94
CA LEU B 15 -27.69 28.12 -2.48
C LEU B 15 -28.53 29.28 -3.02
N SER B 16 -28.91 30.21 -2.16
CA SER B 16 -29.81 31.29 -2.54
C SER B 16 -29.09 32.47 -3.20
N SER B 17 -27.76 32.48 -3.20
CA SER B 17 -26.96 33.52 -3.84
C SER B 17 -27.21 34.90 -3.23
N GLY B 18 -27.34 34.95 -1.91
CA GLY B 18 -27.49 36.22 -1.21
C GLY B 18 -26.14 36.92 -1.07
N ILE B 19 -26.16 38.25 -1.20
CA ILE B 19 -24.91 39.02 -1.21
C ILE B 19 -24.93 40.15 -0.20
N GLY B 20 -26.10 40.48 0.35
CA GLY B 20 -26.18 41.62 1.25
C GLY B 20 -27.39 41.57 2.15
N ILE B 21 -27.33 42.37 3.21
CA ILE B 21 -28.42 42.50 4.18
C ILE B 21 -28.29 43.83 4.92
N ASN B 22 -29.35 44.65 4.87
CA ASN B 22 -29.40 45.93 5.57
C ASN B 22 -28.20 46.81 5.24
N GLY B 23 -27.86 46.89 3.96
CA GLY B 23 -26.80 47.77 3.51
C GLY B 23 -25.40 47.32 3.86
N GLN B 24 -25.21 46.05 4.21
CA GLN B 24 -23.89 45.53 4.50
C GLN B 24 -23.84 44.05 4.15
N LEU B 25 -22.65 43.48 4.22
CA LEU B 25 -22.45 42.08 3.90
C LEU B 25 -22.96 41.20 5.05
N PRO B 26 -23.52 40.03 4.73
CA PRO B 26 -23.97 39.11 5.77
C PRO B 26 -22.86 38.27 6.41
N TRP B 27 -21.59 38.63 6.18
CA TRP B 27 -20.47 37.89 6.73
C TRP B 27 -19.25 38.80 6.77
N SER B 28 -18.24 38.37 7.53
CA SER B 28 -16.97 39.09 7.63
C SER B 28 -15.84 38.09 7.37
N ILE B 29 -15.43 37.99 6.10
CA ILE B 29 -14.36 37.09 5.68
C ILE B 29 -13.21 37.97 5.18
N SER B 30 -12.12 37.99 5.94
CA SER B 30 -11.00 38.86 5.59
C SER B 30 -10.32 38.42 4.30
N GLU B 31 -10.14 37.11 4.12
CA GLU B 31 -9.47 36.61 2.92
C GLU B 31 -10.25 36.94 1.65
N ASP B 32 -11.58 37.05 1.76
CA ASP B 32 -12.38 37.41 0.58
C ASP B 32 -12.11 38.85 0.14
N LEU B 33 -11.97 39.76 1.10
CA LEU B 33 -11.64 41.15 0.76
C LEU B 33 -10.25 41.24 0.15
N LYS B 34 -9.31 40.41 0.63
CA LYS B 34 -7.98 40.36 0.02
C LYS B 34 -8.05 39.85 -1.41
N PHE B 35 -8.91 38.87 -1.67
CA PHE B 35 -9.09 38.39 -3.04
C PHE B 35 -9.66 39.48 -3.93
N PHE B 36 -10.67 40.21 -3.45
CA PHE B 36 -11.22 41.32 -4.21
C PHE B 36 -10.16 42.38 -4.50
N SER B 37 -9.29 42.66 -3.53
CA SER B 37 -8.27 43.69 -3.72
C SER B 37 -7.24 43.25 -4.76
N LYS B 38 -6.85 41.97 -4.74
CA LYS B 38 -5.81 41.51 -5.66
C LYS B 38 -6.36 41.25 -7.05
N ILE B 39 -7.62 40.81 -7.16
CA ILE B 39 -8.19 40.53 -8.47
C ILE B 39 -8.52 41.83 -9.21
N THR B 40 -8.79 42.92 -8.48
CA THR B 40 -9.11 44.19 -9.11
C THR B 40 -7.88 45.07 -9.31
N ASN B 41 -6.76 44.77 -8.64
CA ASN B 41 -5.51 45.48 -8.88
C ASN B 41 -4.62 44.76 -9.90
N ASN B 42 -5.01 43.58 -10.34
CA ASN B 42 -4.23 42.82 -11.31
C ASN B 42 -4.21 43.53 -12.64
N LYS B 43 -3.07 44.11 -13.00
CA LYS B 43 -2.93 44.85 -14.24
C LYS B 43 -1.59 44.51 -14.88
N CYS B 44 -1.52 44.67 -16.20
CA CYS B 44 -0.31 44.41 -16.96
C CYS B 44 0.50 45.67 -17.23
N ASP B 45 -0.16 46.81 -17.42
CA ASP B 45 0.51 48.07 -17.70
C ASP B 45 0.57 48.89 -16.42
N SER B 46 1.78 49.28 -16.00
CA SER B 46 1.93 50.05 -14.78
C SER B 46 1.47 51.50 -14.93
N ASN B 47 1.28 51.97 -16.16
CA ASN B 47 0.79 53.32 -16.41
C ASN B 47 -0.73 53.37 -16.61
N LYS B 48 -1.44 52.31 -16.25
CA LYS B 48 -2.88 52.26 -16.39
C LYS B 48 -3.51 51.84 -15.07
N LYS B 49 -4.79 52.16 -14.92
CA LYS B 49 -5.56 51.81 -13.73
C LYS B 49 -6.77 50.98 -14.14
N ASN B 50 -7.30 50.23 -13.19
CA ASN B 50 -8.50 49.43 -13.41
C ASN B 50 -9.72 50.17 -12.89
N ALA B 51 -10.84 50.01 -13.60
CA ALA B 51 -12.08 50.69 -13.25
C ALA B 51 -13.01 49.73 -12.53
N LEU B 52 -13.56 50.18 -11.40
CA LEU B 52 -14.48 49.39 -10.59
C LEU B 52 -15.85 50.07 -10.61
N ILE B 53 -16.78 49.50 -11.37
CA ILE B 53 -18.14 50.03 -11.45
C ILE B 53 -18.95 49.48 -10.28
N MET B 54 -19.72 50.36 -9.63
CA MET B 54 -20.55 49.95 -8.52
C MET B 54 -21.74 50.90 -8.38
N GLY B 55 -22.83 50.39 -7.85
CA GLY B 55 -24.00 51.21 -7.59
C GLY B 55 -23.80 52.16 -6.44
N ARG B 56 -24.78 53.05 -6.25
CA ARG B 56 -24.66 54.06 -5.20
C ARG B 56 -24.71 53.45 -3.81
N LYS B 57 -25.62 52.50 -3.59
CA LYS B 57 -25.73 51.88 -2.27
C LYS B 57 -24.47 51.09 -1.92
N THR B 58 -23.82 50.48 -2.91
CA THR B 58 -22.53 49.87 -2.66
C THR B 58 -21.48 50.93 -2.36
N TRP B 59 -21.55 52.06 -3.05
CA TRP B 59 -20.65 53.18 -2.78
C TRP B 59 -20.85 53.72 -1.36
N ASP B 60 -22.07 53.63 -0.83
CA ASP B 60 -22.30 53.99 0.56
C ASP B 60 -21.75 52.93 1.51
N SER B 61 -21.74 51.66 1.09
CA SER B 61 -21.29 50.59 1.96
C SER B 61 -19.80 50.70 2.27
N ILE B 62 -19.02 51.23 1.33
CA ILE B 62 -17.57 51.34 1.52
C ILE B 62 -17.22 52.71 2.07
N GLY B 63 -18.20 53.40 2.65
CA GLY B 63 -17.96 54.67 3.31
C GLY B 63 -17.69 55.84 2.39
N ARG B 64 -17.97 55.71 1.09
CA ARG B 64 -17.74 56.77 0.11
C ARG B 64 -16.29 57.24 0.12
N ARG B 65 -15.37 56.27 0.15
CA ARG B 65 -13.95 56.57 0.12
C ARG B 65 -13.26 55.77 -0.97
N PRO B 66 -12.29 56.37 -1.65
CA PRO B 66 -11.69 55.71 -2.82
C PRO B 66 -10.86 54.49 -2.44
N LEU B 67 -10.69 53.61 -3.42
CA LEU B 67 -9.83 52.44 -3.29
C LEU B 67 -8.48 52.71 -3.95
N LYS B 68 -7.41 52.32 -3.28
CA LYS B 68 -6.07 52.66 -3.72
C LYS B 68 -5.78 52.06 -5.09
N ASN B 69 -5.11 52.85 -5.94
CA ASN B 69 -4.64 52.43 -7.26
C ASN B 69 -5.78 52.04 -8.20
N ARG B 70 -7.00 52.45 -7.91
CA ARG B 70 -8.15 52.10 -8.74
C ARG B 70 -9.08 53.30 -8.87
N ILE B 71 -9.85 53.30 -9.95
CA ILE B 71 -10.81 54.37 -10.24
C ILE B 71 -12.20 53.78 -10.03
N ILE B 72 -12.92 54.28 -9.04
CA ILE B 72 -14.27 53.82 -8.73
C ILE B 72 -15.26 54.58 -9.59
N VAL B 73 -16.12 53.84 -10.28
CA VAL B 73 -17.16 54.41 -11.13
C VAL B 73 -18.50 54.15 -10.45
N VAL B 74 -19.16 55.21 -10.00
CA VAL B 74 -20.42 55.10 -9.27
C VAL B 74 -21.57 55.33 -10.23
N ILE B 75 -22.52 54.41 -10.24
CA ILE B 75 -23.73 54.53 -11.05
C ILE B 75 -24.82 55.11 -10.15
N SER B 76 -25.25 56.32 -10.46
CA SER B 76 -26.29 56.98 -9.66
C SER B 76 -26.92 58.08 -10.51
N SER B 77 -28.23 58.23 -10.37
CA SER B 77 -28.95 59.29 -11.06
C SER B 77 -29.02 60.58 -10.27
N SER B 78 -28.68 60.55 -8.99
CA SER B 78 -28.79 61.72 -8.12
C SER B 78 -27.45 62.31 -7.70
N LEU B 79 -26.40 61.49 -7.58
CA LEU B 79 -25.12 61.99 -7.10
C LEU B 79 -24.56 63.04 -8.05
N PRO B 80 -24.00 64.12 -7.55
CA PRO B 80 -23.43 65.15 -8.43
C PRO B 80 -22.14 64.63 -9.09
N GLN B 81 -22.06 64.83 -10.40
CA GLN B 81 -20.88 64.41 -11.17
C GLN B 81 -19.70 65.28 -10.76
N ASP B 82 -19.11 64.94 -9.62
CA ASP B 82 -18.03 65.72 -9.07
C ASP B 82 -16.74 65.48 -9.85
N GLU B 83 -15.97 66.56 -10.05
CA GLU B 83 -14.68 66.50 -10.70
C GLU B 83 -13.52 66.73 -9.74
N ALA B 84 -13.80 66.93 -8.45
CA ALA B 84 -12.74 67.15 -7.47
C ALA B 84 -11.89 65.89 -7.30
N ASP B 85 -12.52 64.80 -6.89
CA ASP B 85 -11.81 63.54 -6.69
C ASP B 85 -11.53 62.90 -8.06
N PRO B 86 -10.27 62.75 -8.47
CA PRO B 86 -9.99 62.10 -9.75
C PRO B 86 -10.10 60.59 -9.72
N ASN B 87 -10.22 59.98 -8.54
CA ASN B 87 -10.35 58.53 -8.42
C ASN B 87 -11.80 58.08 -8.36
N VAL B 88 -12.75 59.01 -8.40
CA VAL B 88 -14.18 58.68 -8.36
C VAL B 88 -14.88 59.49 -9.45
N VAL B 89 -15.65 58.79 -10.29
CA VAL B 89 -16.42 59.42 -11.35
C VAL B 89 -17.82 58.85 -11.33
N VAL B 90 -18.80 59.69 -11.65
CA VAL B 90 -20.22 59.33 -11.56
C VAL B 90 -20.83 59.37 -12.94
N PHE B 91 -21.60 58.33 -13.28
CA PHE B 91 -22.36 58.26 -14.52
C PHE B 91 -23.83 58.02 -14.20
N ARG B 92 -24.70 58.48 -15.11
CA ARG B 92 -26.14 58.42 -14.85
C ARG B 92 -26.73 57.03 -15.07
N ASN B 93 -26.18 56.27 -16.01
CA ASN B 93 -26.67 54.92 -16.28
C ASN B 93 -25.48 54.01 -16.57
N LEU B 94 -25.74 52.70 -16.55
CA LEU B 94 -24.68 51.73 -16.76
C LEU B 94 -24.14 51.79 -18.19
N GLU B 95 -25.03 51.97 -19.17
CA GLU B 95 -24.61 51.98 -20.57
C GLU B 95 -23.59 53.08 -20.84
N ASP B 96 -23.88 54.30 -20.38
CA ASP B 96 -22.95 55.41 -20.58
C ASP B 96 -21.61 55.15 -19.89
N SER B 97 -21.62 54.47 -18.75
CA SER B 97 -20.40 54.21 -18.01
C SER B 97 -19.45 53.26 -18.75
N ILE B 98 -19.95 52.47 -19.71
CA ILE B 98 -19.09 51.57 -20.46
C ILE B 98 -18.45 52.33 -21.62
N GLU B 99 -18.31 53.64 -21.45
CA GLU B 99 -17.46 54.43 -22.35
C GLU B 99 -15.98 54.22 -22.05
N ASN B 100 -15.65 53.57 -20.93
CA ASN B 100 -14.27 53.20 -20.64
C ASN B 100 -13.68 52.35 -21.75
N LEU B 101 -14.52 51.60 -22.47
CA LEU B 101 -14.07 50.83 -23.63
C LEU B 101 -13.66 51.76 -24.77
N MET B 102 -14.64 52.50 -25.30
CA MET B 102 -14.44 53.32 -26.49
C MET B 102 -13.18 54.19 -26.40
N ASN B 103 -13.04 54.93 -25.30
CA ASN B 103 -11.87 55.78 -25.13
C ASN B 103 -11.19 55.49 -23.81
N ASP B 104 -10.51 56.49 -23.25
CA ASP B 104 -9.82 56.39 -21.96
C ASP B 104 -8.89 55.17 -21.96
N ASP B 105 -7.82 55.29 -22.76
CA ASP B 105 -6.84 54.22 -22.88
C ASP B 105 -6.01 54.03 -21.62
N SER B 106 -6.20 54.87 -20.61
CA SER B 106 -5.55 54.70 -19.32
C SER B 106 -6.23 53.66 -18.45
N ILE B 107 -7.36 53.11 -18.91
CA ILE B 107 -8.06 52.04 -18.21
C ILE B 107 -7.78 50.75 -18.95
N GLU B 108 -7.24 49.76 -18.25
CA GLU B 108 -6.89 48.48 -18.86
C GLU B 108 -8.02 47.46 -18.77
N ASN B 109 -8.53 47.22 -17.56
CA ASN B 109 -9.60 46.26 -17.35
C ASN B 109 -10.74 46.93 -16.59
N ILE B 110 -11.93 46.34 -16.71
CA ILE B 110 -13.15 46.86 -16.08
C ILE B 110 -13.73 45.77 -15.20
N PHE B 111 -14.13 46.15 -13.99
CA PHE B 111 -14.74 45.22 -13.04
C PHE B 111 -16.10 45.75 -12.61
N VAL B 112 -17.07 44.83 -12.53
CA VAL B 112 -18.43 45.18 -12.14
C VAL B 112 -18.70 44.60 -10.75
N CYS B 113 -18.37 45.38 -9.72
CA CYS B 113 -18.58 44.95 -8.35
C CYS B 113 -19.66 45.77 -7.65
N GLY B 114 -20.84 45.83 -8.25
CA GLY B 114 -21.97 46.58 -7.73
C GLY B 114 -22.93 45.70 -6.95
N GLY B 115 -24.20 46.11 -6.92
CA GLY B 115 -25.23 45.37 -6.25
C GLY B 115 -26.15 44.62 -7.20
N GLU B 116 -27.25 44.13 -6.64
CA GLU B 116 -28.25 43.40 -7.43
C GLU B 116 -28.73 44.22 -8.61
N SER B 117 -28.94 45.52 -8.41
CA SER B 117 -29.39 46.38 -9.50
C SER B 117 -28.36 46.45 -10.62
N ILE B 118 -27.07 46.55 -10.25
CA ILE B 118 -26.02 46.67 -11.26
C ILE B 118 -25.70 45.31 -11.86
N TYR B 119 -25.68 44.25 -11.04
CA TYR B 119 -25.40 42.92 -11.56
C TYR B 119 -26.43 42.50 -12.59
N ARG B 120 -27.72 42.78 -12.33
CA ARG B 120 -28.78 42.26 -13.18
C ARG B 120 -28.72 42.84 -14.58
N ASP B 121 -28.65 44.17 -14.70
CA ASP B 121 -28.61 44.81 -16.00
C ASP B 121 -27.20 44.94 -16.57
N ALA B 122 -26.21 44.29 -15.95
CA ALA B 122 -24.92 44.12 -16.59
C ALA B 122 -24.85 42.80 -17.35
N LEU B 123 -25.55 41.77 -16.87
CA LEU B 123 -25.69 40.53 -17.62
C LEU B 123 -26.79 40.64 -18.67
N LYS B 124 -27.88 41.34 -18.35
CA LYS B 124 -28.96 41.52 -19.32
C LYS B 124 -28.50 42.33 -20.52
N ASP B 125 -27.66 43.34 -20.29
CA ASP B 125 -27.10 44.14 -21.38
C ASP B 125 -25.92 43.45 -22.05
N ASN B 126 -25.49 42.28 -21.56
CA ASN B 126 -24.48 41.45 -22.21
C ASN B 126 -23.14 42.19 -22.32
N PHE B 127 -22.65 42.67 -21.18
CA PHE B 127 -21.37 43.34 -21.12
C PHE B 127 -20.28 42.50 -20.45
N VAL B 128 -20.65 41.42 -19.77
CA VAL B 128 -19.74 40.70 -18.88
C VAL B 128 -19.07 39.57 -19.63
N ASP B 129 -17.74 39.49 -19.54
CA ASP B 129 -16.95 38.42 -20.13
C ASP B 129 -16.59 37.33 -19.14
N ARG B 130 -16.34 37.68 -17.88
CA ARG B 130 -15.89 36.74 -16.87
C ARG B 130 -16.61 37.00 -15.57
N ILE B 131 -16.74 35.95 -14.75
CA ILE B 131 -17.40 36.05 -13.44
C ILE B 131 -16.50 35.40 -12.40
N TYR B 132 -16.09 36.19 -11.41
CA TYR B 132 -15.33 35.70 -10.26
C TYR B 132 -16.31 35.55 -9.09
N LEU B 133 -16.76 34.33 -8.85
CA LEU B 133 -17.75 34.06 -7.80
C LEU B 133 -17.06 33.49 -6.57
N THR B 134 -17.43 34.02 -5.40
CA THR B 134 -16.94 33.53 -4.11
C THR B 134 -18.14 32.94 -3.37
N ARG B 135 -18.33 31.64 -3.52
CA ARG B 135 -19.44 30.96 -2.88
C ARG B 135 -19.20 30.82 -1.39
N VAL B 136 -20.13 31.30 -0.57
CA VAL B 136 -20.03 31.25 0.88
C VAL B 136 -21.09 30.29 1.41
N ALA B 137 -20.71 29.46 2.37
CA ALA B 137 -21.58 28.42 2.91
C ALA B 137 -22.38 28.93 4.11
N LEU B 138 -23.19 29.95 3.87
CA LEU B 138 -24.11 30.49 4.86
C LEU B 138 -25.48 30.62 4.22
N GLU B 139 -26.46 29.95 4.80
CA GLU B 139 -27.80 29.93 4.20
C GLU B 139 -28.94 30.15 5.19
N ASP B 140 -28.83 29.73 6.44
CA ASP B 140 -29.91 29.90 7.40
C ASP B 140 -29.90 31.27 8.05
N ILE B 141 -29.52 32.30 7.29
CA ILE B 141 -29.57 33.69 7.73
C ILE B 141 -30.52 34.45 6.81
N GLU B 142 -30.62 35.76 7.01
CA GLU B 142 -31.56 36.59 6.27
C GLU B 142 -30.82 37.43 5.23
N PHE B 143 -31.35 37.45 4.01
CA PHE B 143 -30.83 38.28 2.93
C PHE B 143 -31.93 39.21 2.43
N ASP B 144 -31.49 40.32 1.82
CA ASP B 144 -32.40 41.21 1.10
C ASP B 144 -31.85 41.65 -0.25
N THR B 145 -30.67 41.17 -0.64
CA THR B 145 -30.06 41.51 -1.92
C THR B 145 -29.34 40.27 -2.43
N TYR B 146 -29.68 39.84 -3.64
CA TYR B 146 -29.20 38.58 -4.18
C TYR B 146 -28.43 38.81 -5.48
N PHE B 147 -27.60 37.84 -5.83
CA PHE B 147 -26.89 37.83 -7.11
C PHE B 147 -27.73 37.11 -8.14
N PRO B 148 -27.98 37.70 -9.31
CA PRO B 148 -28.87 37.07 -10.29
C PRO B 148 -28.31 35.75 -10.78
N GLU B 149 -29.23 34.90 -11.24
CA GLU B 149 -28.84 33.60 -11.77
C GLU B 149 -27.91 33.77 -12.96
N ILE B 150 -26.81 33.01 -12.97
CA ILE B 150 -25.83 33.09 -14.04
C ILE B 150 -26.45 32.55 -15.32
N PRO B 151 -26.46 33.34 -16.40
CA PRO B 151 -27.07 32.87 -17.65
C PRO B 151 -26.30 31.69 -18.24
N GLU B 152 -27.01 30.93 -19.08
CA GLU B 152 -26.45 29.72 -19.67
C GLU B 152 -25.27 29.99 -20.60
N THR B 153 -25.06 31.24 -21.00
CA THR B 153 -23.94 31.57 -21.86
C THR B 153 -22.59 31.48 -21.16
N PHE B 154 -22.58 31.39 -19.83
CA PHE B 154 -21.36 31.25 -19.06
C PHE B 154 -21.13 29.80 -18.65
N LEU B 155 -19.86 29.40 -18.61
CA LEU B 155 -19.47 28.06 -18.20
C LEU B 155 -18.36 28.13 -17.18
N PRO B 156 -18.42 27.33 -16.13
CA PRO B 156 -17.35 27.34 -15.12
C PRO B 156 -16.06 26.75 -15.67
N VAL B 157 -14.95 27.43 -15.40
CA VAL B 157 -13.63 26.98 -15.84
C VAL B 157 -12.67 26.73 -14.69
N TYR B 158 -13.05 27.06 -13.45
CA TYR B 158 -12.15 26.87 -12.31
C TYR B 158 -12.99 26.80 -11.05
N MET B 159 -12.58 25.92 -10.13
CA MET B 159 -13.22 25.81 -8.82
C MET B 159 -12.14 25.48 -7.80
N SER B 160 -11.83 26.46 -6.93
CA SER B 160 -10.75 26.31 -5.98
C SER B 160 -11.12 25.30 -4.89
N GLN B 161 -10.13 25.00 -4.06
CA GLN B 161 -10.37 24.18 -2.88
C GLN B 161 -11.20 24.94 -1.87
N THR B 162 -11.78 24.21 -0.93
CA THR B 162 -12.58 24.84 0.12
C THR B 162 -11.67 25.45 1.17
N PHE B 163 -11.89 26.72 1.47
CA PHE B 163 -11.16 27.45 2.50
C PHE B 163 -12.05 27.66 3.72
N CYS B 164 -11.43 28.08 4.82
CA CYS B 164 -12.14 28.23 6.08
C CYS B 164 -11.75 29.54 6.75
N THR B 165 -12.74 30.27 7.24
CA THR B 165 -12.51 31.48 8.02
C THR B 165 -13.63 31.61 9.04
N LYS B 166 -13.28 31.56 10.32
CA LYS B 166 -14.26 31.61 11.41
C LYS B 166 -15.32 30.53 11.26
N ASN B 167 -14.86 29.31 10.94
CA ASN B 167 -15.71 28.13 10.74
C ASN B 167 -16.65 28.27 9.54
N ILE B 168 -16.41 29.24 8.66
CA ILE B 168 -17.21 29.44 7.45
C ILE B 168 -16.43 28.92 6.26
N SER B 169 -17.04 28.01 5.50
CA SER B 169 -16.43 27.45 4.31
C SER B 169 -16.77 28.30 3.09
N TYR B 170 -15.81 28.43 2.18
CA TYR B 170 -16.06 29.19 0.97
C TYR B 170 -15.13 28.73 -0.15
N ASP B 171 -15.58 28.93 -1.38
CA ASP B 171 -14.89 28.54 -2.60
C ASP B 171 -14.55 29.77 -3.44
N PHE B 172 -13.81 29.53 -4.51
CA PHE B 172 -13.55 30.55 -5.54
C PHE B 172 -13.74 29.90 -6.89
N MET B 173 -14.68 30.41 -7.68
CA MET B 173 -14.96 29.87 -9.00
C MET B 173 -14.78 30.97 -10.05
N ILE B 174 -14.52 30.54 -11.28
CA ILE B 174 -14.39 31.42 -12.42
C ILE B 174 -15.33 30.93 -13.52
N PHE B 175 -16.27 31.79 -13.91
CA PHE B 175 -17.17 31.51 -15.03
C PHE B 175 -16.76 32.37 -16.22
N GLU B 176 -16.67 31.75 -17.39
CA GLU B 176 -16.30 32.45 -18.60
C GLU B 176 -17.38 32.29 -19.66
N LYS B 177 -17.53 33.32 -20.48
CA LYS B 177 -18.56 33.35 -21.52
C LYS B 177 -18.06 32.64 -22.76
N GLN B 178 -18.69 31.52 -23.10
CA GLN B 178 -18.29 30.73 -24.27
C GLN B 178 -18.84 31.42 -25.50
N GLU B 179 -18.02 32.27 -26.12
CA GLU B 179 -18.43 33.05 -27.28
C GLU B 179 -17.75 32.56 -28.56
N LEU B 193 1.28 20.88 -28.06
CA LEU B 193 0.91 21.13 -29.45
C LEU B 193 0.18 19.93 -30.04
N LYS B 194 -0.40 20.11 -31.23
CA LYS B 194 -1.16 19.04 -31.87
C LYS B 194 -0.25 17.89 -32.30
N SER B 195 1.03 18.18 -32.55
CA SER B 195 1.95 17.14 -33.01
C SER B 195 2.12 16.03 -31.98
N ILE B 196 2.08 16.36 -30.69
CA ILE B 196 2.22 15.32 -29.66
C ILE B 196 0.93 14.50 -29.56
N ASP B 197 -0.23 15.17 -29.61
CA ASP B 197 -1.49 14.45 -29.48
C ASP B 197 -1.71 13.47 -30.63
N ASP B 198 -1.30 13.84 -31.85
CA ASP B 198 -1.47 12.96 -32.99
C ASP B 198 -0.58 11.73 -32.90
N THR B 199 0.69 11.92 -32.48
CA THR B 199 1.61 10.80 -32.40
C THR B 199 1.14 9.76 -31.38
N VAL B 200 0.63 10.21 -30.24
CA VAL B 200 0.11 9.29 -29.24
C VAL B 200 -1.11 8.55 -29.77
N ASP B 201 -1.97 9.25 -30.52
CA ASP B 201 -3.12 8.59 -31.12
C ASP B 201 -2.70 7.53 -32.14
N LEU B 202 -1.68 7.83 -32.94
CA LEU B 202 -1.20 6.86 -33.91
C LEU B 202 -0.58 5.65 -33.22
N LEU B 203 0.18 5.87 -32.15
CA LEU B 203 0.71 4.75 -31.38
C LEU B 203 -0.40 3.96 -30.72
N GLY B 204 -1.50 4.63 -30.35
CA GLY B 204 -2.63 3.93 -29.78
C GLY B 204 -3.39 3.08 -30.79
N GLU B 205 -3.23 3.38 -32.08
CA GLU B 205 -3.84 2.54 -33.11
C GLU B 205 -2.95 1.35 -33.43
N ILE B 206 -1.63 1.54 -33.41
CA ILE B 206 -0.70 0.46 -33.69
C ILE B 206 -0.74 -0.58 -32.57
N PHE B 207 -0.40 -0.16 -31.35
CA PHE B 207 -0.51 -1.02 -30.19
C PHE B 207 -1.91 -0.87 -29.60
N GLY B 208 -2.60 -1.98 -29.43
CA GLY B 208 -3.95 -1.92 -28.93
C GLY B 208 -3.96 -1.69 -27.44
N ILE B 209 -4.03 -2.77 -26.66
CA ILE B 209 -3.91 -2.68 -25.22
C ILE B 209 -2.47 -2.90 -24.75
N ARG B 210 -1.54 -2.98 -25.70
CA ARG B 210 -0.12 -3.07 -25.34
C ARG B 210 0.41 -1.74 -24.83
N LYS B 211 -0.12 -0.64 -25.34
CA LYS B 211 0.24 0.69 -24.85
C LYS B 211 -0.59 1.00 -23.60
N MET B 212 0.11 1.20 -22.48
CA MET B 212 -0.55 1.34 -21.19
C MET B 212 -1.54 2.50 -21.17
N GLY B 213 -1.32 3.52 -21.99
CA GLY B 213 -2.27 4.62 -22.06
C GLY B 213 -3.67 4.18 -22.45
N ASN B 214 -3.78 3.16 -23.30
CA ASN B 214 -5.10 2.67 -23.71
C ASN B 214 -5.81 1.91 -22.60
N ARG B 215 -5.07 1.40 -21.61
CA ARG B 215 -5.71 0.79 -20.44
C ARG B 215 -6.15 1.83 -19.41
N HIS B 216 -5.73 3.09 -19.57
CA HIS B 216 -6.12 4.18 -18.68
C HIS B 216 -6.59 5.37 -19.52
N LYS B 217 -7.69 5.17 -20.25
CA LYS B 217 -8.21 6.21 -21.14
C LYS B 217 -8.85 7.34 -20.35
N PHE B 218 -8.77 8.54 -20.90
CA PHE B 218 -9.42 9.69 -20.29
C PHE B 218 -10.94 9.52 -20.39
N PRO B 219 -11.69 9.83 -19.32
CA PRO B 219 -13.15 9.63 -19.39
C PRO B 219 -13.78 10.51 -20.46
N LYS B 220 -14.85 9.99 -21.06
CA LYS B 220 -15.60 10.75 -22.02
C LYS B 220 -16.37 11.89 -21.34
N GLU B 221 -16.77 12.87 -22.14
CA GLU B 221 -17.44 14.05 -21.59
C GLU B 221 -18.76 13.69 -20.92
N GLU B 222 -19.45 12.66 -21.42
CA GLU B 222 -20.77 12.29 -20.89
C GLU B 222 -20.70 11.65 -19.51
N ILE B 223 -19.50 11.39 -18.98
CA ILE B 223 -19.36 10.77 -17.66
C ILE B 223 -18.37 11.56 -16.83
N TYR B 224 -18.12 12.81 -17.23
CA TYR B 224 -17.15 13.68 -16.57
C TYR B 224 -17.90 14.79 -15.85
N ASN B 225 -17.81 14.80 -14.53
CA ASN B 225 -18.57 15.76 -13.72
C ASN B 225 -18.09 17.18 -14.00
N THR B 226 -19.04 18.04 -14.42
CA THR B 226 -18.77 19.43 -14.78
C THR B 226 -17.64 19.48 -15.80
N PRO B 227 -17.89 19.09 -17.05
CA PRO B 227 -16.79 18.95 -18.02
C PRO B 227 -16.12 20.25 -18.39
N SER B 228 -16.79 21.40 -18.23
CA SER B 228 -16.21 22.68 -18.63
C SER B 228 -15.00 23.05 -17.78
N ILE B 229 -14.89 22.50 -16.58
CA ILE B 229 -13.73 22.77 -15.71
C ILE B 229 -12.65 21.78 -16.12
N ARG B 230 -11.78 22.21 -17.04
CA ARG B 230 -10.74 21.33 -17.57
C ARG B 230 -9.45 21.45 -16.78
N PHE B 231 -8.92 22.67 -16.65
CA PHE B 231 -7.62 22.89 -16.01
C PHE B 231 -7.74 23.37 -14.57
N GLY B 232 -8.95 23.54 -14.05
CA GLY B 232 -9.11 24.08 -12.71
C GLY B 232 -9.88 23.18 -11.76
N ARG B 233 -9.59 21.88 -11.78
CA ARG B 233 -10.27 20.93 -10.91
C ARG B 233 -9.57 20.86 -9.55
N GLU B 234 -9.49 22.02 -8.90
CA GLU B 234 -8.76 22.13 -7.64
C GLU B 234 -9.56 21.60 -6.46
N HIS B 235 -10.88 21.79 -6.47
CA HIS B 235 -11.73 21.27 -5.40
C HIS B 235 -11.53 19.78 -5.26
N TYR B 236 -11.21 19.33 -4.05
CA TYR B 236 -10.79 17.95 -3.81
C TYR B 236 -11.96 16.96 -3.77
N GLU B 237 -13.19 17.41 -3.97
CA GLU B 237 -14.25 16.45 -4.25
C GLU B 237 -14.08 15.84 -5.64
N PHE B 238 -13.39 16.53 -6.55
CA PHE B 238 -13.08 15.97 -7.86
C PHE B 238 -12.16 14.76 -7.77
N GLN B 239 -11.41 14.62 -6.67
CA GLN B 239 -10.57 13.43 -6.50
C GLN B 239 -11.42 12.17 -6.44
N TYR B 240 -12.67 12.29 -6.00
CA TYR B 240 -13.62 11.18 -5.97
C TYR B 240 -14.50 11.13 -7.20
N LEU B 241 -14.98 12.28 -7.67
CA LEU B 241 -15.87 12.30 -8.84
C LEU B 241 -15.15 11.90 -10.10
N ASP B 242 -13.84 12.17 -10.19
CA ASP B 242 -13.08 11.75 -11.37
C ASP B 242 -12.66 10.29 -11.29
N LEU B 243 -12.41 9.77 -10.08
CA LEU B 243 -12.22 8.33 -9.93
C LEU B 243 -13.50 7.58 -10.32
N LEU B 244 -14.66 8.17 -10.03
CA LEU B 244 -15.92 7.60 -10.48
C LEU B 244 -15.97 7.54 -12.00
N SER B 245 -15.42 8.56 -12.66
CA SER B 245 -15.44 8.59 -14.13
C SER B 245 -14.45 7.59 -14.71
N ARG B 246 -13.26 7.48 -14.11
CA ARG B 246 -12.26 6.54 -14.61
C ARG B 246 -12.75 5.11 -14.56
N VAL B 247 -13.59 4.77 -13.58
CA VAL B 247 -14.13 3.41 -13.50
C VAL B 247 -15.17 3.18 -14.59
N LEU B 248 -16.05 4.17 -14.82
CA LEU B 248 -17.04 4.04 -15.87
C LEU B 248 -16.40 3.94 -17.26
N GLU B 249 -15.18 4.42 -17.42
CA GLU B 249 -14.50 4.41 -18.71
C GLU B 249 -13.70 3.13 -18.93
N ASN B 250 -12.91 2.72 -17.95
CA ASN B 250 -11.98 1.60 -18.09
C ASN B 250 -12.40 0.36 -17.30
N GLY B 251 -13.53 0.41 -16.60
CA GLY B 251 -13.89 -0.67 -15.70
C GLY B 251 -14.21 -1.95 -16.44
N ALA B 252 -13.50 -3.04 -16.12
CA ALA B 252 -13.78 -4.34 -16.71
C ALA B 252 -14.93 -5.02 -15.98
N TYR B 253 -15.88 -5.54 -16.75
CA TYR B 253 -17.03 -6.24 -16.16
C TYR B 253 -16.58 -7.57 -15.57
N ARG B 254 -16.69 -7.70 -14.25
CA ARG B 254 -16.19 -8.86 -13.54
C ARG B 254 -17.22 -9.33 -12.52
N GLU B 255 -17.22 -10.63 -12.26
CA GLU B 255 -18.05 -11.21 -11.20
C GLU B 255 -17.24 -11.31 -9.91
N ASN B 256 -17.95 -11.45 -8.79
CA ASN B 256 -17.31 -11.52 -7.48
C ASN B 256 -18.12 -12.47 -6.61
N ARG B 257 -17.82 -12.47 -5.31
CA ARG B 257 -18.46 -13.40 -4.39
C ARG B 257 -19.96 -13.16 -4.27
N THR B 258 -20.43 -11.95 -4.57
CA THR B 258 -21.86 -11.66 -4.54
C THR B 258 -22.45 -11.85 -5.93
N GLY B 259 -23.78 -11.87 -5.99
CA GLY B 259 -24.46 -12.01 -7.26
C GLY B 259 -24.42 -10.78 -8.14
N ILE B 260 -24.05 -9.63 -7.59
CA ILE B 260 -24.03 -8.36 -8.32
C ILE B 260 -22.61 -8.14 -8.85
N SER B 261 -22.46 -8.15 -10.17
CA SER B 261 -21.16 -7.92 -10.78
C SER B 261 -20.78 -6.45 -10.70
N THR B 262 -19.49 -6.18 -10.89
CA THR B 262 -18.94 -4.84 -10.80
C THR B 262 -18.14 -4.49 -12.05
N TYR B 263 -17.85 -3.20 -12.20
CA TYR B 263 -16.89 -2.71 -13.17
C TYR B 263 -15.66 -2.26 -12.39
N SER B 264 -14.54 -2.94 -12.60
CA SER B 264 -13.39 -2.85 -11.72
C SER B 264 -12.14 -2.38 -12.46
N ILE B 265 -11.40 -1.49 -11.80
CA ILE B 265 -10.03 -1.14 -12.19
C ILE B 265 -9.15 -1.32 -10.97
N PHE B 266 -7.84 -1.37 -11.20
CA PHE B 266 -6.88 -1.69 -10.16
C PHE B 266 -5.84 -0.58 -10.04
N GLY B 267 -5.64 -0.10 -8.80
CA GLY B 267 -4.61 0.89 -8.52
C GLY B 267 -5.02 2.33 -8.74
N GLN B 268 -5.62 2.95 -7.73
CA GLN B 268 -6.05 4.34 -7.82
C GLN B 268 -5.76 5.03 -6.49
N MET B 269 -5.85 6.36 -6.48
CA MET B 269 -5.61 7.13 -5.28
C MET B 269 -6.44 8.40 -5.29
N MET B 270 -6.66 8.94 -4.08
CA MET B 270 -7.38 10.19 -3.88
C MET B 270 -6.69 10.99 -2.79
N ARG B 271 -6.58 12.30 -3.00
CA ARG B 271 -6.05 13.21 -2.00
C ARG B 271 -7.16 14.09 -1.46
N PHE B 272 -7.05 14.46 -0.18
CA PHE B 272 -8.04 15.32 0.46
C PHE B 272 -7.36 16.23 1.46
N ASP B 273 -7.75 17.50 1.44
CA ASP B 273 -7.30 18.44 2.45
C ASP B 273 -8.17 18.34 3.68
N MET B 274 -7.54 18.48 4.86
CA MET B 274 -8.26 18.53 6.12
C MET B 274 -7.91 19.75 6.96
N ARG B 275 -7.00 20.61 6.49
CA ARG B 275 -6.66 21.81 7.25
C ARG B 275 -7.79 22.83 7.19
N GLU B 276 -8.33 23.09 6.00
CA GLU B 276 -9.33 24.13 5.80
C GLU B 276 -10.72 23.60 5.51
N SER B 277 -10.92 22.28 5.52
CA SER B 277 -12.23 21.72 5.21
C SER B 277 -12.29 20.29 5.72
N PHE B 278 -13.44 19.66 5.51
CA PHE B 278 -13.68 18.28 5.92
C PHE B 278 -14.20 17.51 4.71
N PRO B 279 -13.49 16.48 4.27
CA PRO B 279 -13.88 15.80 3.01
C PRO B 279 -15.15 14.98 3.14
N LEU B 280 -16.28 15.66 3.31
CA LEU B 280 -17.60 15.03 3.28
C LEU B 280 -18.28 15.43 1.98
N LEU B 281 -18.59 14.44 1.15
CA LEU B 281 -19.10 14.71 -0.19
C LEU B 281 -20.37 15.55 -0.15
N THR B 282 -20.47 16.49 -1.10
CA THR B 282 -21.62 17.37 -1.21
C THR B 282 -22.57 16.99 -2.33
N THR B 283 -22.12 16.20 -3.30
CA THR B 283 -23.00 15.75 -4.38
C THR B 283 -24.00 14.70 -3.92
N LYS B 284 -23.97 14.31 -2.65
CA LYS B 284 -24.92 13.36 -2.08
C LYS B 284 -24.89 13.51 -0.57
N LYS B 285 -26.07 13.57 0.05
CA LYS B 285 -26.16 13.67 1.49
C LYS B 285 -25.64 12.39 2.13
N VAL B 286 -24.54 12.50 2.89
CA VAL B 286 -23.90 11.35 3.50
C VAL B 286 -24.29 11.29 4.97
N ALA B 287 -24.74 10.11 5.40
CA ALA B 287 -25.13 9.90 6.80
C ALA B 287 -23.91 10.00 7.71
N ILE B 288 -23.68 11.19 8.26
CA ILE B 288 -22.46 11.42 9.03
C ILE B 288 -22.54 10.72 10.40
N ARG B 289 -23.73 10.60 10.99
CA ARG B 289 -23.84 10.01 12.32
C ARG B 289 -23.46 8.53 12.30
N SER B 290 -23.92 7.80 11.29
CA SER B 290 -23.60 6.37 11.21
C SER B 290 -22.11 6.15 11.00
N ILE B 291 -21.43 7.07 10.30
CA ILE B 291 -20.00 6.96 10.09
C ILE B 291 -19.26 7.06 11.42
N PHE B 292 -19.62 8.07 12.23
CA PHE B 292 -18.97 8.27 13.52
C PHE B 292 -19.23 7.09 14.45
N GLU B 293 -20.49 6.67 14.57
CA GLU B 293 -20.84 5.61 15.50
C GLU B 293 -20.13 4.31 15.15
N GLU B 294 -19.77 4.12 13.87
CA GLU B 294 -18.96 2.96 13.49
C GLU B 294 -17.50 3.16 13.86
N LEU B 295 -16.99 4.39 13.74
CA LEU B 295 -15.59 4.65 14.05
C LEU B 295 -15.31 4.54 15.54
N ILE B 296 -16.18 5.14 16.37
CA ILE B 296 -16.02 4.99 17.81
C ILE B 296 -16.26 3.55 18.22
N TRP B 297 -17.05 2.82 17.44
CA TRP B 297 -17.22 1.39 17.68
C TRP B 297 -15.91 0.64 17.46
N PHE B 298 -15.15 1.05 16.45
CA PHE B 298 -13.82 0.47 16.24
C PHE B 298 -12.87 0.85 17.37
N ILE B 299 -12.85 2.14 17.72
CA ILE B 299 -11.88 2.63 18.70
C ILE B 299 -12.07 1.93 20.04
N LYS B 300 -13.32 1.77 20.48
CA LYS B 300 -13.60 1.09 21.74
C LYS B 300 -13.18 -0.37 21.73
N GLY B 301 -12.91 -0.94 20.56
CA GLY B 301 -12.57 -2.34 20.45
C GLY B 301 -13.73 -3.29 20.31
N ASP B 302 -14.94 -2.77 20.07
CA ASP B 302 -16.14 -3.60 20.09
C ASP B 302 -16.30 -4.37 18.78
N THR B 303 -16.80 -5.60 18.90
CA THR B 303 -17.18 -6.40 17.74
C THR B 303 -18.63 -6.83 17.79
N ASN B 304 -19.38 -6.39 18.80
CA ASN B 304 -20.80 -6.73 18.92
C ASN B 304 -21.61 -5.93 17.92
N GLY B 305 -22.15 -6.61 16.90
CA GLY B 305 -22.92 -5.93 15.88
C GLY B 305 -24.24 -5.36 16.36
N ASN B 306 -24.74 -5.83 17.51
CA ASN B 306 -26.01 -5.31 18.02
C ASN B 306 -25.86 -3.92 18.63
N HIS B 307 -24.69 -3.59 19.17
CA HIS B 307 -24.49 -2.28 19.75
C HIS B 307 -24.64 -1.18 18.70
N LEU B 308 -24.37 -1.51 17.44
CA LEU B 308 -24.62 -0.56 16.36
C LEU B 308 -26.10 -0.52 15.99
N ILE B 309 -26.77 -1.67 16.04
CA ILE B 309 -28.20 -1.70 15.73
C ILE B 309 -29.01 -1.02 16.83
N GLU B 310 -28.54 -1.10 18.08
CA GLU B 310 -29.22 -0.40 19.16
C GLU B 310 -29.12 1.11 19.00
N LYS B 311 -28.09 1.59 18.32
CA LYS B 311 -27.93 3.01 18.02
C LYS B 311 -28.46 3.38 16.63
N LYS B 312 -29.31 2.52 16.06
CA LYS B 312 -29.94 2.75 14.76
C LYS B 312 -28.89 2.90 13.65
N VAL B 313 -27.88 2.04 13.67
CA VAL B 313 -26.86 1.97 12.63
C VAL B 313 -26.90 0.55 12.08
N TYR B 314 -27.36 0.39 10.84
CA TYR B 314 -27.61 -0.91 10.25
C TYR B 314 -26.65 -1.23 9.11
N ILE B 315 -25.44 -0.67 9.15
CA ILE B 315 -24.49 -0.90 8.06
C ILE B 315 -23.82 -2.27 8.19
N TRP B 316 -23.82 -2.87 9.37
CA TRP B 316 -23.25 -4.20 9.57
C TRP B 316 -24.32 -5.26 9.77
N SER B 317 -25.54 -5.01 9.32
CA SER B 317 -26.61 -6.00 9.44
C SER B 317 -26.56 -7.02 8.31
N GLY B 318 -26.16 -6.60 7.12
CA GLY B 318 -26.10 -7.54 6.00
C GLY B 318 -25.04 -8.62 6.20
N ASN B 319 -23.85 -8.23 6.64
CA ASN B 319 -22.78 -9.16 6.92
C ASN B 319 -22.86 -9.75 8.33
N GLY B 320 -23.92 -9.47 9.06
CA GLY B 320 -24.08 -10.01 10.40
C GLY B 320 -25.44 -10.64 10.65
N SER B 321 -26.03 -11.21 9.60
CA SER B 321 -27.30 -11.91 9.73
C SER B 321 -27.05 -13.40 10.00
N LYS B 322 -28.13 -14.11 10.37
CA LYS B 322 -28.00 -15.53 10.64
C LYS B 322 -27.79 -16.33 9.35
N GLU B 323 -28.41 -15.88 8.25
CA GLU B 323 -28.28 -16.60 6.99
C GLU B 323 -26.93 -16.36 6.33
N TYR B 324 -26.34 -15.17 6.51
CA TYR B 324 -25.04 -14.90 5.92
C TYR B 324 -23.92 -15.64 6.66
N LEU B 325 -24.04 -15.76 7.98
CA LEU B 325 -22.99 -16.42 8.75
C LEU B 325 -22.96 -17.91 8.48
N GLU B 326 -24.13 -18.55 8.36
CA GLU B 326 -24.17 -19.97 8.01
C GLU B 326 -23.71 -20.21 6.58
N ARG B 327 -23.85 -19.21 5.71
CA ARG B 327 -23.45 -19.38 4.31
C ARG B 327 -21.94 -19.36 4.16
N ILE B 328 -21.22 -18.65 5.02
CA ILE B 328 -19.77 -18.56 4.95
C ILE B 328 -19.09 -19.52 5.92
N GLY B 329 -19.85 -20.42 6.55
CA GLY B 329 -19.28 -21.40 7.45
C GLY B 329 -19.16 -21.00 8.89
N LEU B 330 -19.94 -20.00 9.34
CA LEU B 330 -19.90 -19.59 10.74
C LEU B 330 -21.27 -19.72 11.37
N GLY B 331 -21.90 -20.89 11.18
CA GLY B 331 -23.24 -21.10 11.72
C GLY B 331 -23.31 -21.13 13.22
N HIS B 332 -22.24 -21.63 13.87
CA HIS B 332 -22.22 -21.69 15.32
C HIS B 332 -22.13 -20.30 15.96
N ARG B 333 -21.71 -19.29 15.20
CA ARG B 333 -21.61 -17.94 15.74
C ARG B 333 -22.98 -17.35 16.02
N GLU B 334 -23.04 -16.45 16.99
CA GLU B 334 -24.28 -15.78 17.36
C GLU B 334 -24.75 -14.88 16.22
N GLU B 335 -25.97 -14.34 16.39
CA GLU B 335 -26.64 -13.54 15.37
C GLU B 335 -25.76 -12.45 14.79
N ASN B 336 -25.44 -11.44 15.58
CA ASN B 336 -24.63 -10.31 15.12
C ASN B 336 -23.23 -10.35 15.73
N ASP B 337 -22.72 -11.54 16.03
CA ASP B 337 -21.38 -11.68 16.57
C ASP B 337 -20.37 -11.70 15.43
N LEU B 338 -19.90 -10.52 15.05
CA LEU B 338 -18.87 -10.45 14.03
C LEU B 338 -17.57 -11.01 14.60
N GLY B 339 -16.72 -11.50 13.71
CA GLY B 339 -15.46 -12.07 14.14
C GLY B 339 -14.48 -11.01 14.62
N PRO B 340 -13.22 -11.41 14.79
CA PRO B 340 -12.19 -10.42 15.15
C PRO B 340 -11.88 -9.52 13.96
N ILE B 341 -12.31 -8.27 14.01
CA ILE B 341 -12.22 -7.39 12.85
C ILE B 341 -11.67 -6.05 13.31
N TYR B 342 -11.93 -4.99 12.54
CA TYR B 342 -11.61 -3.65 12.99
C TYR B 342 -12.05 -3.45 14.43
N GLY B 343 -11.13 -2.93 15.24
CA GLY B 343 -11.33 -2.76 16.66
C GLY B 343 -10.97 -3.96 17.50
N PHE B 344 -10.75 -5.11 16.90
CA PHE B 344 -10.15 -6.19 17.65
C PHE B 344 -8.71 -6.44 17.25
N GLN B 345 -8.38 -6.17 15.99
CA GLN B 345 -6.99 -6.10 15.57
C GLN B 345 -6.35 -4.76 15.93
N TRP B 346 -7.17 -3.71 16.11
CA TRP B 346 -6.64 -2.42 16.54
C TRP B 346 -6.21 -2.46 18.00
N ARG B 347 -7.01 -3.10 18.85
CA ARG B 347 -6.79 -3.07 20.29
C ARG B 347 -6.23 -4.37 20.85
N HIS B 348 -6.51 -5.52 20.23
CA HIS B 348 -6.06 -6.82 20.71
C HIS B 348 -5.56 -7.66 19.55
N TYR B 349 -4.50 -7.21 18.89
CA TYR B 349 -3.96 -7.94 17.74
C TYR B 349 -3.39 -9.27 18.18
N ASN B 350 -3.64 -10.31 17.36
CA ASN B 350 -3.24 -11.68 17.64
C ASN B 350 -3.86 -12.23 18.91
N GLY B 351 -5.00 -11.67 19.34
CA GLY B 351 -5.67 -12.14 20.53
C GLY B 351 -6.62 -13.27 20.19
N GLU B 352 -6.59 -14.31 21.01
CA GLU B 352 -7.44 -15.47 20.80
C GLU B 352 -8.91 -15.09 20.97
N TYR B 353 -9.64 -15.00 19.85
CA TYR B 353 -11.02 -14.57 19.89
C TYR B 353 -11.93 -15.73 20.25
N LYS B 354 -12.88 -15.47 21.14
CA LYS B 354 -13.88 -16.47 21.51
C LYS B 354 -15.26 -16.02 21.03
N THR B 355 -15.91 -15.15 21.80
CA THR B 355 -17.20 -14.56 21.43
C THR B 355 -17.15 -13.06 21.71
N MET B 356 -18.23 -12.37 21.34
CA MET B 356 -18.34 -10.94 21.55
C MET B 356 -18.69 -10.57 22.98
N HIS B 357 -18.96 -11.55 23.85
CA HIS B 357 -19.33 -11.28 25.23
C HIS B 357 -18.17 -11.40 26.20
N ASP B 358 -17.08 -12.04 25.79
CA ASP B 358 -15.94 -12.24 26.67
C ASP B 358 -15.21 -10.92 26.92
N ASP B 359 -14.33 -10.93 27.91
CA ASP B 359 -13.53 -9.76 28.28
C ASP B 359 -12.11 -9.95 27.77
N TYR B 360 -11.70 -9.11 26.82
CA TYR B 360 -10.39 -9.21 26.20
C TYR B 360 -9.42 -8.12 26.69
N THR B 361 -9.72 -7.50 27.82
CA THR B 361 -8.87 -6.42 28.34
C THR B 361 -7.55 -7.00 28.83
N GLY B 362 -6.48 -6.71 28.08
CA GLY B 362 -5.13 -7.15 28.43
C GLY B 362 -4.51 -8.07 27.38
N VAL B 363 -5.33 -8.82 26.65
CA VAL B 363 -4.83 -9.75 25.66
C VAL B 363 -4.63 -9.02 24.33
N GLY B 364 -3.64 -9.48 23.58
CA GLY B 364 -3.35 -8.91 22.27
C GLY B 364 -2.50 -7.65 22.35
N VAL B 365 -2.03 -7.23 21.17
CA VAL B 365 -1.22 -6.03 21.04
C VAL B 365 -2.15 -4.84 20.80
N ASP B 366 -2.03 -3.82 21.65
CA ASP B 366 -2.86 -2.61 21.53
C ASP B 366 -2.16 -1.67 20.57
N GLN B 367 -2.52 -1.76 19.29
CA GLN B 367 -1.93 -0.89 18.28
C GLN B 367 -2.32 0.56 18.49
N LEU B 368 -3.61 0.81 18.74
CA LEU B 368 -4.10 2.17 18.87
C LEU B 368 -3.44 2.90 20.02
N ALA B 369 -3.22 2.21 21.14
CA ALA B 369 -2.54 2.83 22.27
C ALA B 369 -1.08 3.12 21.93
N LYS B 370 -0.37 2.14 21.38
CA LYS B 370 1.02 2.36 21.00
C LYS B 370 1.14 3.39 19.88
N LEU B 371 0.12 3.48 19.02
CA LEU B 371 0.13 4.50 17.99
C LEU B 371 0.08 5.90 18.59
N ILE B 372 -0.86 6.11 19.51
CA ILE B 372 -0.99 7.42 20.15
C ILE B 372 0.26 7.74 20.98
N GLU B 373 0.77 6.74 21.70
CA GLU B 373 1.97 6.98 22.51
C GLU B 373 3.17 7.32 21.64
N THR B 374 3.26 6.72 20.46
CA THR B 374 4.38 6.99 19.56
C THR B 374 4.22 8.32 18.83
N LEU B 375 2.98 8.74 18.56
CA LEU B 375 2.77 9.96 17.80
C LEU B 375 3.23 11.20 18.56
N LYS B 376 3.16 11.17 19.89
CA LYS B 376 3.55 12.34 20.68
C LYS B 376 4.88 12.18 21.40
N ASN B 377 5.45 10.97 21.46
CA ASN B 377 6.78 10.78 22.02
C ASN B 377 7.87 10.71 20.97
N ASN B 378 7.52 10.36 19.74
CA ASN B 378 8.49 10.30 18.63
C ASN B 378 7.73 10.63 17.35
N PRO B 379 7.47 11.93 17.11
CA PRO B 379 6.60 12.27 15.97
C PRO B 379 7.24 11.98 14.61
N LYS B 380 8.53 12.27 14.44
CA LYS B 380 9.19 12.08 13.16
C LYS B 380 9.56 10.62 12.90
N ASP B 381 9.06 9.71 13.73
CA ASP B 381 9.21 8.28 13.46
C ASP B 381 8.48 7.92 12.17
N ARG B 382 9.02 6.94 11.45
CA ARG B 382 8.47 6.51 10.17
C ARG B 382 7.76 5.16 10.27
N ARG B 383 7.15 4.87 11.43
CA ARG B 383 6.53 3.57 11.68
C ARG B 383 5.14 3.69 12.28
N HIS B 384 4.52 4.87 12.21
CA HIS B 384 3.18 5.08 12.77
C HIS B 384 2.16 4.35 11.90
N ILE B 385 2.03 3.05 12.13
CA ILE B 385 1.23 2.18 11.28
C ILE B 385 0.17 1.47 12.11
N LEU B 386 -1.08 1.50 11.64
CA LEU B 386 -2.19 0.77 12.22
C LEU B 386 -2.70 -0.21 11.18
N THR B 387 -2.50 -1.50 11.40
CA THR B 387 -2.89 -2.54 10.46
C THR B 387 -4.09 -3.33 10.97
N ALA B 388 -4.78 -3.97 10.02
CA ALA B 388 -5.91 -4.82 10.34
C ALA B 388 -5.88 -6.17 9.63
N TRP B 389 -4.91 -6.39 8.76
CA TRP B 389 -4.80 -7.65 8.03
C TRP B 389 -4.03 -8.65 8.89
N ASN B 390 -4.75 -9.57 9.50
CA ASN B 390 -4.16 -10.63 10.31
C ASN B 390 -4.47 -11.97 9.65
N PRO B 391 -3.51 -12.59 8.96
CA PRO B 391 -3.79 -13.86 8.27
C PRO B 391 -4.25 -14.97 9.20
N SER B 392 -3.87 -14.93 10.47
CA SER B 392 -4.27 -16.01 11.38
C SER B 392 -5.73 -15.93 11.78
N ALA B 393 -6.32 -14.73 11.76
CA ALA B 393 -7.70 -14.53 12.18
C ALA B 393 -8.68 -14.33 11.03
N LEU B 394 -8.20 -14.41 9.78
CA LEU B 394 -9.07 -14.13 8.64
C LEU B 394 -10.25 -15.09 8.58
N SER B 395 -10.02 -16.37 8.88
CA SER B 395 -11.08 -17.37 8.77
C SER B 395 -12.18 -17.15 9.81
N GLN B 396 -11.89 -16.48 10.92
CA GLN B 396 -12.89 -16.22 11.94
C GLN B 396 -13.67 -14.94 11.68
N MET B 397 -13.26 -14.11 10.72
CA MET B 397 -13.94 -12.84 10.48
C MET B 397 -15.19 -13.05 9.64
N ALA B 398 -16.23 -12.28 9.96
CA ALA B 398 -17.43 -12.26 9.12
C ALA B 398 -17.16 -11.62 7.76
N LEU B 399 -16.16 -10.76 7.69
CA LEU B 399 -15.76 -10.10 6.44
C LEU B 399 -14.34 -9.58 6.61
N PRO B 400 -13.42 -9.98 5.74
CA PRO B 400 -12.02 -9.52 5.86
C PRO B 400 -11.92 -8.02 5.77
N PRO B 401 -10.85 -7.42 6.30
CA PRO B 401 -10.75 -5.96 6.33
C PRO B 401 -10.66 -5.38 4.92
N CYS B 402 -11.44 -4.33 4.67
CA CYS B 402 -11.35 -3.59 3.42
C CYS B 402 -10.35 -2.46 3.51
N HIS B 403 -10.52 -1.55 4.47
CA HIS B 403 -9.49 -0.59 4.79
C HIS B 403 -8.44 -1.33 5.62
N VAL B 404 -7.39 -1.78 4.94
CA VAL B 404 -6.50 -2.79 5.50
C VAL B 404 -5.47 -2.17 6.43
N LEU B 405 -4.69 -1.20 5.93
CA LEU B 405 -3.57 -0.65 6.67
C LEU B 405 -3.51 0.85 6.49
N SER B 406 -3.14 1.55 7.57
CA SER B 406 -3.05 3.00 7.57
C SER B 406 -1.75 3.45 8.23
N GLN B 407 -1.14 4.49 7.68
CA GLN B 407 0.08 5.08 8.21
C GLN B 407 -0.15 6.57 8.48
N TYR B 408 0.48 7.07 9.54
CA TYR B 408 0.28 8.44 9.98
C TYR B 408 1.63 9.16 10.05
N TYR B 409 1.59 10.48 9.90
CA TYR B 409 2.77 11.29 9.64
C TYR B 409 2.60 12.64 10.31
N VAL B 410 3.62 13.08 11.04
CA VAL B 410 3.62 14.37 11.70
C VAL B 410 4.52 15.31 10.91
N THR B 411 3.96 16.39 10.39
CA THR B 411 4.73 17.33 9.61
C THR B 411 5.52 18.26 10.55
N ASN B 412 6.38 19.08 9.94
CA ASN B 412 7.20 20.00 10.72
C ASN B 412 6.39 21.10 11.37
N ASP B 413 5.19 21.39 10.86
CA ASP B 413 4.31 22.39 11.44
C ASP B 413 3.21 21.78 12.30
N ASN B 414 3.47 20.61 12.89
CA ASN B 414 2.58 19.97 13.86
C ASN B 414 1.20 19.68 13.26
N CYS B 415 1.20 19.08 12.07
CA CYS B 415 -0.01 18.58 11.44
C CYS B 415 0.08 17.07 11.28
N LEU B 416 -1.07 16.41 11.31
CA LEU B 416 -1.14 14.95 11.25
C LEU B 416 -1.79 14.54 9.94
N SER B 417 -1.00 13.97 9.03
CA SER B 417 -1.50 13.40 7.79
C SER B 417 -1.74 11.91 7.95
N CYS B 418 -2.45 11.34 6.98
CA CYS B 418 -2.87 9.94 7.03
C CYS B 418 -2.84 9.36 5.63
N ASN B 419 -2.29 8.15 5.51
CA ASN B 419 -2.31 7.36 4.30
C ASN B 419 -3.06 6.06 4.57
N LEU B 420 -4.00 5.72 3.68
CA LEU B 420 -4.80 4.52 3.84
C LEU B 420 -4.71 3.66 2.57
N TYR B 421 -4.41 2.38 2.73
CA TYR B 421 -4.50 1.43 1.63
C TYR B 421 -5.80 0.65 1.77
N GLN B 422 -6.55 0.56 0.68
CA GLN B 422 -7.85 -0.09 0.67
C GLN B 422 -7.85 -1.16 -0.42
N ARG B 423 -7.97 -2.43 -0.01
CA ARG B 423 -7.87 -3.53 -0.98
C ARG B 423 -9.08 -3.56 -1.90
N SER B 424 -10.26 -3.27 -1.38
CA SER B 424 -11.50 -3.29 -2.16
C SER B 424 -12.33 -2.08 -1.77
N CYS B 425 -12.91 -1.42 -2.77
CA CYS B 425 -13.57 -0.14 -2.55
C CYS B 425 -14.89 -0.12 -3.32
N ASP B 426 -16.00 -0.20 -2.59
CA ASP B 426 -17.34 0.01 -3.14
C ASP B 426 -17.53 1.52 -3.29
N LEU B 427 -17.35 2.02 -4.52
CA LEU B 427 -17.41 3.45 -4.77
C LEU B 427 -18.80 4.04 -4.55
N GLY B 428 -19.83 3.21 -4.43
CA GLY B 428 -21.17 3.71 -4.22
C GLY B 428 -21.53 3.89 -2.76
N LEU B 429 -21.05 2.99 -1.91
CA LEU B 429 -21.37 3.02 -0.48
C LEU B 429 -20.14 3.17 0.39
N GLY B 430 -19.18 2.24 0.29
CA GLY B 430 -18.06 2.26 1.21
C GLY B 430 -17.14 3.46 1.03
N SER B 431 -16.94 3.90 -0.22
CA SER B 431 -15.98 4.97 -0.48
C SER B 431 -16.36 6.28 0.19
N PRO B 432 -17.59 6.80 0.07
CA PRO B 432 -17.91 8.04 0.80
C PRO B 432 -17.79 7.88 2.31
N PHE B 433 -18.05 6.68 2.83
CA PHE B 433 -17.88 6.44 4.26
C PHE B 433 -16.41 6.40 4.65
N ASN B 434 -15.59 5.69 3.87
CA ASN B 434 -14.17 5.57 4.21
C ASN B 434 -13.46 6.91 4.17
N ILE B 435 -13.89 7.81 3.28
CA ILE B 435 -13.27 9.14 3.23
C ILE B 435 -13.56 9.89 4.52
N ALA B 436 -14.82 9.92 4.93
CA ALA B 436 -15.19 10.65 6.14
C ALA B 436 -14.71 9.95 7.41
N SER B 437 -14.74 8.62 7.42
CA SER B 437 -14.38 7.89 8.64
C SER B 437 -12.92 8.11 9.00
N TYR B 438 -12.01 7.92 8.04
CA TYR B 438 -10.60 8.13 8.32
C TYR B 438 -10.22 9.60 8.40
N ALA B 439 -11.08 10.50 7.93
CA ALA B 439 -10.87 11.92 8.21
C ALA B 439 -11.17 12.23 9.67
N ILE B 440 -12.27 11.67 10.19
CA ILE B 440 -12.60 11.87 11.60
C ILE B 440 -11.55 11.22 12.49
N LEU B 441 -11.11 10.02 12.14
CA LEU B 441 -10.11 9.33 12.96
C LEU B 441 -8.81 10.11 13.03
N THR B 442 -8.41 10.74 11.92
CA THR B 442 -7.18 11.53 11.93
C THR B 442 -7.35 12.77 12.81
N MET B 443 -8.53 13.39 12.79
CA MET B 443 -8.78 14.54 13.66
C MET B 443 -8.77 14.14 15.12
N MET B 444 -9.33 12.97 15.45
CA MET B 444 -9.31 12.51 16.83
C MET B 444 -7.89 12.26 17.30
N LEU B 445 -7.09 11.57 16.49
CA LEU B 445 -5.69 11.35 16.86
C LEU B 445 -4.94 12.67 17.00
N ALA B 446 -5.31 13.69 16.22
CA ALA B 446 -4.61 14.97 16.28
C ALA B 446 -4.90 15.69 17.59
N GLN B 447 -6.15 15.63 18.07
CA GLN B 447 -6.49 16.32 19.30
C GLN B 447 -5.90 15.62 20.52
N VAL B 448 -5.95 14.28 20.52
CA VAL B 448 -5.39 13.53 21.65
C VAL B 448 -3.87 13.69 21.70
N CYS B 449 -3.23 13.83 20.55
CA CYS B 449 -1.79 14.00 20.48
C CYS B 449 -1.35 15.46 20.42
N GLY B 450 -2.30 16.40 20.34
CA GLY B 450 -1.96 17.81 20.34
C GLY B 450 -1.47 18.34 19.01
N TYR B 451 -2.05 17.87 17.90
CA TYR B 451 -1.70 18.34 16.57
C TYR B 451 -2.94 18.88 15.88
N GLU B 452 -2.73 19.45 14.69
CA GLU B 452 -3.77 19.90 13.80
C GLU B 452 -3.97 18.92 12.66
N PRO B 453 -5.16 18.83 12.08
CA PRO B 453 -5.37 17.91 10.96
C PRO B 453 -4.57 18.31 9.73
N GLY B 454 -4.06 17.31 9.02
CA GLY B 454 -3.24 17.54 7.85
C GLY B 454 -3.91 17.15 6.55
N GLU B 455 -3.37 16.13 5.88
CA GLU B 455 -3.91 15.65 4.61
C GLU B 455 -4.38 14.21 4.76
N LEU B 456 -5.22 13.78 3.83
CA LEU B 456 -5.73 12.42 3.79
C LEU B 456 -5.57 11.87 2.38
N ALA B 457 -4.74 10.84 2.24
CA ALA B 457 -4.55 10.14 0.97
C ALA B 457 -5.04 8.71 1.11
N ILE B 458 -5.86 8.27 0.16
CA ILE B 458 -6.43 6.93 0.16
C ILE B 458 -5.95 6.20 -1.09
N PHE B 459 -5.24 5.10 -0.89
CA PHE B 459 -4.74 4.27 -1.98
C PHE B 459 -5.62 3.04 -2.11
N ILE B 460 -6.12 2.81 -3.33
CA ILE B 460 -7.17 1.81 -3.57
C ILE B 460 -6.64 0.70 -4.46
N GLY B 461 -6.94 -0.54 -4.09
CA GLY B 461 -6.65 -1.68 -4.95
C GLY B 461 -7.74 -1.90 -5.97
N ASP B 462 -8.78 -2.66 -5.59
CA ASP B 462 -9.87 -2.99 -6.51
C ASP B 462 -10.95 -1.91 -6.37
N ALA B 463 -10.81 -0.86 -7.16
CA ALA B 463 -11.82 0.20 -7.22
C ALA B 463 -12.89 -0.21 -8.22
N HIS B 464 -14.13 -0.38 -7.74
CA HIS B 464 -15.18 -0.94 -8.56
C HIS B 464 -16.50 -0.21 -8.30
N ILE B 465 -17.45 -0.46 -9.19
CA ILE B 465 -18.81 0.09 -9.11
C ILE B 465 -19.78 -1.06 -9.36
N TYR B 466 -20.69 -1.30 -8.41
CA TYR B 466 -21.69 -2.33 -8.59
C TYR B 466 -22.69 -1.92 -9.66
N GLU B 467 -23.09 -2.88 -10.50
CA GLU B 467 -23.87 -2.58 -11.69
C GLU B 467 -25.26 -2.04 -11.36
N ASN B 468 -25.77 -2.27 -10.15
CA ASN B 468 -27.03 -1.68 -9.75
C ASN B 468 -26.90 -0.24 -9.29
N HIS B 469 -25.67 0.28 -9.19
CA HIS B 469 -25.42 1.66 -8.82
C HIS B 469 -25.17 2.56 -10.03
N LEU B 470 -25.34 2.04 -11.25
CA LEU B 470 -24.99 2.80 -12.44
C LEU B 470 -25.93 3.97 -12.65
N THR B 471 -27.24 3.74 -12.50
CA THR B 471 -28.20 4.83 -12.67
C THR B 471 -28.02 5.88 -11.57
N GLN B 472 -27.66 5.44 -10.37
CA GLN B 472 -27.49 6.37 -9.25
C GLN B 472 -26.23 7.20 -9.39
N LEU B 473 -25.09 6.54 -9.66
CA LEU B 473 -23.82 7.27 -9.72
C LEU B 473 -23.76 8.22 -10.91
N LYS B 474 -24.46 7.90 -12.01
CA LYS B 474 -24.54 8.84 -13.11
C LYS B 474 -25.35 10.08 -12.73
N GLU B 475 -26.37 9.90 -11.88
CA GLU B 475 -27.11 11.05 -11.36
C GLU B 475 -26.22 11.92 -10.47
N GLN B 476 -25.39 11.28 -9.63
CA GLN B 476 -24.50 12.04 -8.77
C GLN B 476 -23.45 12.81 -9.57
N LEU B 477 -23.04 12.28 -10.72
CA LEU B 477 -22.06 12.95 -11.57
C LEU B 477 -22.62 14.17 -12.28
N SER B 478 -23.93 14.35 -12.30
CA SER B 478 -24.55 15.50 -12.96
C SER B 478 -24.64 16.72 -12.06
N ARG B 479 -24.16 16.62 -10.82
CA ARG B 479 -24.30 17.68 -9.83
C ARG B 479 -22.95 18.36 -9.64
N THR B 480 -22.92 19.67 -9.88
CA THR B 480 -21.70 20.44 -9.68
C THR B 480 -21.39 20.52 -8.20
N PRO B 481 -20.17 20.20 -7.77
CA PRO B 481 -19.87 20.14 -6.33
C PRO B 481 -19.99 21.48 -5.64
N ARG B 482 -20.35 21.43 -4.37
CA ARG B 482 -20.42 22.56 -3.47
C ARG B 482 -19.28 22.50 -2.46
N PRO B 483 -18.93 23.61 -1.82
CA PRO B 483 -17.79 23.61 -0.90
C PRO B 483 -17.96 22.62 0.25
N PHE B 484 -16.85 22.03 0.67
CA PHE B 484 -16.86 21.09 1.77
C PHE B 484 -17.32 21.79 3.06
N PRO B 485 -17.91 21.05 3.99
CA PRO B 485 -18.26 21.65 5.28
C PRO B 485 -17.08 21.72 6.23
N GLN B 486 -17.33 22.10 7.48
CA GLN B 486 -16.33 22.08 8.54
C GLN B 486 -16.78 21.16 9.65
N LEU B 487 -15.83 20.48 10.28
CA LEU B 487 -16.11 19.61 11.42
C LEU B 487 -15.20 20.02 12.57
N LYS B 488 -15.82 20.41 13.69
CA LYS B 488 -15.09 20.83 14.88
C LYS B 488 -15.60 20.05 16.08
N PHE B 489 -14.72 19.88 17.06
CA PHE B 489 -15.05 19.19 18.31
C PHE B 489 -15.42 20.23 19.37
N LYS B 490 -16.48 19.93 20.13
CA LYS B 490 -16.96 20.87 21.12
C LYS B 490 -16.11 20.87 22.40
N ARG B 491 -15.53 19.72 22.74
CA ARG B 491 -14.70 19.63 23.94
C ARG B 491 -13.46 18.81 23.62
N LYS B 492 -12.42 19.02 24.43
CA LYS B 492 -11.20 18.25 24.32
C LYS B 492 -11.27 17.07 25.29
N VAL B 493 -11.15 15.86 24.75
CA VAL B 493 -11.25 14.65 25.55
C VAL B 493 -9.88 14.31 26.12
N GLU B 494 -9.87 13.52 27.19
CA GLU B 494 -8.64 13.04 27.79
C GLU B 494 -8.16 11.72 27.18
N ASN B 495 -9.09 10.85 26.79
CA ASN B 495 -8.77 9.62 26.09
C ASN B 495 -9.59 9.56 24.81
N ILE B 496 -9.02 8.93 23.78
CA ILE B 496 -9.67 8.91 22.47
C ILE B 496 -11.00 8.15 22.51
N GLU B 497 -11.21 7.29 23.51
CA GLU B 497 -12.45 6.54 23.62
C GLU B 497 -13.61 7.37 24.15
N ASP B 498 -13.35 8.57 24.65
CA ASP B 498 -14.37 9.38 25.31
C ASP B 498 -15.18 10.24 24.35
N PHE B 499 -14.93 10.13 23.04
CA PHE B 499 -15.68 10.94 22.08
C PHE B 499 -17.13 10.48 22.01
N LYS B 500 -18.04 11.45 21.89
CA LYS B 500 -19.47 11.18 21.76
C LYS B 500 -20.02 11.96 20.57
N TRP B 501 -21.18 11.51 20.08
CA TRP B 501 -21.79 12.16 18.93
C TRP B 501 -22.20 13.60 19.23
N GLU B 502 -22.51 13.90 20.49
CA GLU B 502 -22.86 15.27 20.86
C GLU B 502 -21.66 16.19 20.80
N ASP B 503 -20.44 15.65 20.80
CA ASP B 503 -19.22 16.45 20.74
C ASP B 503 -18.88 16.91 19.33
N ILE B 504 -19.53 16.36 18.30
CA ILE B 504 -19.22 16.68 16.91
C ILE B 504 -20.22 17.73 16.41
N GLU B 505 -19.69 18.80 15.82
CA GLU B 505 -20.51 19.87 15.26
C GLU B 505 -20.16 20.02 13.78
N LEU B 506 -21.15 19.75 12.91
CA LEU B 506 -20.96 19.85 11.47
C LEU B 506 -21.48 21.19 10.99
N ILE B 507 -20.58 22.03 10.47
CA ILE B 507 -20.88 23.43 10.16
C ILE B 507 -20.80 23.62 8.66
N GLY B 508 -21.87 24.14 8.07
CA GLY B 508 -21.87 24.51 6.68
C GLY B 508 -21.96 23.36 5.70
N TYR B 509 -22.82 22.39 5.96
CA TYR B 509 -23.02 21.24 5.08
C TYR B 509 -24.34 21.43 4.35
N TYR B 510 -24.27 21.78 3.07
CA TYR B 510 -25.45 21.99 2.23
C TYR B 510 -25.36 21.09 1.01
N PRO B 511 -25.55 19.78 1.18
CA PRO B 511 -25.36 18.84 0.07
C PRO B 511 -26.58 18.74 -0.82
N TYR B 512 -26.41 18.01 -1.91
CA TYR B 512 -27.54 17.64 -2.75
C TYR B 512 -28.34 16.54 -2.06
N PRO B 513 -29.60 16.33 -2.48
CA PRO B 513 -30.43 15.30 -1.83
C PRO B 513 -29.79 13.93 -1.90
N THR B 514 -30.06 13.12 -0.88
CA THR B 514 -29.45 11.81 -0.77
C THR B 514 -29.91 10.89 -1.90
N ILE B 515 -29.07 9.90 -2.20
CA ILE B 515 -29.33 8.92 -3.27
C ILE B 515 -29.30 7.54 -2.65
N LYS B 516 -30.35 6.75 -2.90
CA LYS B 516 -30.48 5.42 -2.32
C LYS B 516 -29.77 4.39 -3.19
N MET B 517 -28.97 3.54 -2.54
CA MET B 517 -28.22 2.50 -3.22
C MET B 517 -28.17 1.25 -2.34
N ASP B 518 -28.57 0.11 -2.90
CA ASP B 518 -28.65 -1.13 -2.14
C ASP B 518 -27.27 -1.76 -1.98
N MET B 519 -27.02 -2.33 -0.80
CA MET B 519 -25.76 -2.98 -0.52
C MET B 519 -25.77 -4.42 -1.03
N ALA B 520 -24.66 -4.83 -1.64
CA ALA B 520 -24.48 -6.20 -2.10
C ALA B 520 -23.91 -7.03 -0.95
N VAL B 521 -24.71 -7.96 -0.44
CA VAL B 521 -24.29 -8.79 0.69
C VAL B 521 -23.40 -9.94 0.21
N GLU C 3 5.55 27.59 -47.66
CA GLU C 3 6.16 27.31 -46.36
C GLU C 3 5.35 26.29 -45.57
N LYS C 4 5.73 25.02 -45.66
CA LYS C 4 5.08 23.95 -44.93
C LYS C 4 6.10 23.29 -44.00
N ASN C 5 5.72 22.15 -43.43
CA ASN C 5 6.49 21.50 -42.38
C ASN C 5 7.41 20.44 -42.97
N VAL C 6 8.63 20.35 -42.43
CA VAL C 6 9.62 19.37 -42.85
C VAL C 6 10.08 18.62 -41.62
N SER C 7 9.84 17.30 -41.58
CA SER C 7 10.15 16.47 -40.43
C SER C 7 11.03 15.31 -40.84
N ILE C 8 11.96 14.93 -39.97
CA ILE C 8 12.82 13.77 -40.16
C ILE C 8 12.20 12.59 -39.42
N VAL C 9 12.10 11.44 -40.10
CA VAL C 9 11.71 10.18 -39.48
C VAL C 9 12.88 9.23 -39.59
N VAL C 10 13.25 8.62 -38.46
CA VAL C 10 14.45 7.78 -38.42
C VAL C 10 14.31 6.80 -37.26
N ALA C 11 14.95 5.64 -37.40
CA ALA C 11 15.07 4.65 -36.34
C ALA C 11 16.55 4.34 -36.14
N ALA C 12 17.11 4.80 -35.04
CA ALA C 12 18.53 4.62 -34.74
C ALA C 12 18.71 3.86 -33.44
N SER C 13 19.89 3.28 -33.28
CA SER C 13 20.20 2.59 -32.04
C SER C 13 20.36 3.59 -30.89
N VAL C 14 20.25 3.07 -29.67
CA VAL C 14 20.11 3.95 -28.50
C VAL C 14 21.41 4.71 -28.21
N LEU C 15 22.55 4.05 -28.33
CA LEU C 15 23.84 4.66 -27.97
C LEU C 15 24.59 5.17 -29.19
N SER C 16 24.96 4.28 -30.12
CA SER C 16 25.77 4.65 -31.27
C SER C 16 24.95 5.23 -32.43
N SER C 17 23.62 5.17 -32.36
CA SER C 17 22.74 5.75 -33.37
C SER C 17 22.95 5.12 -34.74
N GLY C 18 23.14 3.80 -34.76
CA GLY C 18 23.25 3.09 -36.04
C GLY C 18 21.87 2.86 -36.65
N ILE C 19 21.80 2.98 -37.98
CA ILE C 19 20.51 2.92 -38.67
C ILE C 19 20.53 1.87 -39.78
N GLY C 20 21.71 1.39 -40.15
CA GLY C 20 21.78 0.47 -41.26
C GLY C 20 23.05 -0.37 -41.25
N ILE C 21 23.01 -1.45 -42.03
CA ILE C 21 24.16 -2.34 -42.17
C ILE C 21 24.05 -3.12 -43.48
N ASN C 22 25.08 -2.99 -44.33
CA ASN C 22 25.15 -3.71 -45.60
C ASN C 22 23.90 -3.50 -46.45
N GLY C 23 23.44 -2.26 -46.51
CA GLY C 23 22.32 -1.92 -47.36
C GLY C 23 20.97 -2.37 -46.87
N GLN C 24 20.85 -2.69 -45.59
CA GLN C 24 19.57 -3.10 -45.02
C GLN C 24 19.53 -2.71 -43.56
N LEU C 25 18.36 -2.86 -42.94
CA LEU C 25 18.19 -2.50 -41.54
C LEU C 25 18.84 -3.55 -40.64
N PRO C 26 19.43 -3.13 -39.51
CA PRO C 26 20.00 -4.09 -38.56
C PRO C 26 18.98 -4.73 -37.62
N TRP C 27 17.68 -4.58 -37.90
CA TRP C 27 16.64 -5.16 -37.06
C TRP C 27 15.37 -5.29 -37.89
N SER C 28 14.42 -6.08 -37.37
CA SER C 28 13.12 -6.28 -38.02
C SER C 28 12.04 -6.03 -36.97
N ILE C 29 11.57 -4.79 -36.90
CA ILE C 29 10.52 -4.40 -35.95
C ILE C 29 9.30 -4.00 -36.77
N SER C 30 8.25 -4.83 -36.72
CA SER C 30 7.06 -4.58 -37.53
C SER C 30 6.34 -3.30 -37.11
N GLU C 31 6.20 -3.08 -35.79
CA GLU C 31 5.47 -1.91 -35.31
C GLU C 31 6.16 -0.62 -35.72
N ASP C 32 7.48 -0.65 -35.89
CA ASP C 32 8.20 0.55 -36.32
C ASP C 32 7.85 0.93 -37.75
N LEU C 33 7.74 -0.05 -38.65
CA LEU C 33 7.34 0.24 -40.02
C LEU C 33 5.91 0.78 -40.07
N LYS C 34 5.03 0.26 -39.20
CA LYS C 34 3.68 0.78 -39.13
C LYS C 34 3.67 2.23 -38.63
N PHE C 35 4.55 2.55 -37.69
CA PHE C 35 4.69 3.94 -37.26
C PHE C 35 5.15 4.83 -38.41
N PHE C 36 6.15 4.37 -39.17
CA PHE C 36 6.60 5.13 -40.33
C PHE C 36 5.48 5.30 -41.34
N SER C 37 4.67 4.26 -41.55
CA SER C 37 3.59 4.34 -42.53
C SER C 37 2.52 5.34 -42.09
N LYS C 38 2.19 5.37 -40.79
CA LYS C 38 1.15 6.25 -40.32
C LYS C 38 1.63 7.67 -40.11
N ILE C 39 2.90 7.86 -39.74
CA ILE C 39 3.41 9.21 -39.53
C ILE C 39 3.65 9.92 -40.85
N THR C 40 3.89 9.19 -41.94
CA THR C 40 4.11 9.83 -43.24
C THR C 40 2.84 9.97 -44.06
N ASN C 41 1.78 9.25 -43.71
CA ASN C 41 0.48 9.42 -44.34
C ASN C 41 -0.41 10.39 -43.60
N ASN C 42 0.00 10.88 -42.44
CA ASN C 42 -0.81 11.80 -41.64
C ASN C 42 -0.94 13.13 -42.38
N LYS C 43 -2.13 13.40 -42.90
CA LYS C 43 -2.40 14.60 -43.67
C LYS C 43 -3.76 15.17 -43.28
N CYS C 44 -3.91 16.47 -43.45
CA CYS C 44 -5.17 17.14 -43.16
C CYS C 44 -6.06 17.33 -44.37
N ASP C 45 -5.47 17.51 -45.56
CA ASP C 45 -6.22 17.68 -46.79
C ASP C 45 -6.22 16.36 -47.55
N SER C 46 -7.41 15.84 -47.85
CA SER C 46 -7.52 14.58 -48.56
C SER C 46 -7.14 14.70 -50.03
N ASN C 47 -7.07 15.91 -50.56
CA ASN C 47 -6.68 16.14 -51.95
C ASN C 47 -5.20 16.43 -52.10
N LYS C 48 -4.39 16.16 -51.08
CA LYS C 48 -2.95 16.40 -51.12
C LYS C 48 -2.20 15.14 -50.71
N LYS C 49 -0.92 15.09 -51.10
CA LYS C 49 -0.05 13.98 -50.78
C LYS C 49 1.17 14.50 -50.02
N ASN C 50 1.81 13.59 -49.27
CA ASN C 50 3.03 13.90 -48.54
C ASN C 50 4.24 13.44 -49.34
N ALA C 51 5.32 14.22 -49.25
CA ALA C 51 6.55 13.92 -49.99
C ALA C 51 7.57 13.28 -49.06
N LEU C 52 8.16 12.18 -49.51
CA LEU C 52 9.15 11.44 -48.73
C LEU C 52 10.49 11.51 -49.46
N ILE C 53 11.40 12.33 -48.93
CA ILE C 53 12.74 12.48 -49.49
C ILE C 53 13.62 11.35 -48.98
N MET C 54 14.38 10.73 -49.88
CA MET C 54 15.28 9.66 -49.49
C MET C 54 16.43 9.57 -50.49
N GLY C 55 17.57 9.07 -50.02
CA GLY C 55 18.71 8.87 -50.88
C GLY C 55 18.53 7.69 -51.81
N ARG C 56 19.48 7.54 -52.74
CA ARG C 56 19.37 6.48 -53.73
C ARG C 56 19.56 5.11 -53.09
N LYS C 57 20.51 4.98 -52.17
CA LYS C 57 20.75 3.69 -51.54
C LYS C 57 19.56 3.26 -50.69
N THR C 58 18.87 4.22 -50.06
CA THR C 58 17.62 3.90 -49.38
C THR C 58 16.53 3.52 -50.39
N TRP C 59 16.50 4.21 -51.52
CA TRP C 59 15.56 3.87 -52.59
C TRP C 59 15.80 2.45 -53.11
N ASP C 60 17.05 1.99 -53.08
CA ASP C 60 17.33 0.60 -53.43
C ASP C 60 16.88 -0.35 -52.32
N SER C 61 16.93 0.09 -51.07
CA SER C 61 16.58 -0.77 -49.95
C SER C 61 15.10 -1.12 -49.94
N ILE C 62 14.24 -0.23 -50.44
CA ILE C 62 12.80 -0.48 -50.43
C ILE C 62 12.38 -1.10 -51.75
N GLY C 63 13.33 -1.68 -52.48
CA GLY C 63 13.04 -2.40 -53.70
C GLY C 63 12.65 -1.55 -54.89
N ARG C 64 12.88 -0.24 -54.83
CA ARG C 64 12.55 0.68 -55.93
C ARG C 64 11.08 0.58 -56.33
N ARG C 65 10.20 0.53 -55.34
CA ARG C 65 8.76 0.49 -55.58
C ARG C 65 8.06 1.57 -54.77
N PRO C 66 7.03 2.20 -55.33
CA PRO C 66 6.43 3.36 -54.67
C PRO C 66 5.68 2.96 -53.40
N LEU C 67 5.50 3.95 -52.53
CA LEU C 67 4.72 3.80 -51.31
C LEU C 67 3.33 4.39 -51.53
N LYS C 68 2.31 3.66 -51.07
CA LYS C 68 0.93 4.02 -51.36
C LYS C 68 0.60 5.40 -50.80
N ASN C 69 -0.16 6.17 -51.58
CA ASN C 69 -0.69 7.48 -51.19
C ASN C 69 0.41 8.50 -50.90
N ARG C 70 1.63 8.27 -51.36
CA ARG C 70 2.74 9.18 -51.10
C ARG C 70 3.60 9.30 -52.35
N ILE C 71 4.31 10.43 -52.43
CA ILE C 71 5.20 10.73 -53.54
C ILE C 71 6.63 10.63 -53.01
N ILE C 72 7.38 9.66 -53.53
CA ILE C 72 8.76 9.44 -53.11
C ILE C 72 9.68 10.34 -53.92
N VAL C 73 10.53 11.09 -53.23
CA VAL C 73 11.51 11.98 -53.86
C VAL C 73 12.89 11.38 -53.62
N VAL C 74 13.52 10.91 -54.69
CA VAL C 74 14.82 10.27 -54.61
C VAL C 74 15.90 11.29 -54.96
N ILE C 75 16.91 11.40 -54.10
CA ILE C 75 18.06 12.27 -54.33
C ILE C 75 19.17 11.44 -54.92
N SER C 76 19.51 11.70 -56.18
CA SER C 76 20.56 10.95 -56.85
C SER C 76 21.04 11.75 -58.05
N SER C 77 22.35 11.69 -58.30
CA SER C 77 22.95 12.38 -59.45
C SER C 77 22.99 11.52 -60.71
N SER C 78 22.72 10.21 -60.60
CA SER C 78 22.82 9.32 -61.74
C SER C 78 21.47 8.79 -62.23
N LEU C 79 20.50 8.65 -61.35
CA LEU C 79 19.21 8.10 -61.76
C LEU C 79 18.54 9.02 -62.79
N PRO C 80 17.94 8.45 -63.83
CA PRO C 80 17.27 9.29 -64.83
C PRO C 80 15.98 9.90 -64.27
N GLN C 81 15.82 11.20 -64.47
CA GLN C 81 14.61 11.91 -64.04
C GLN C 81 13.43 11.41 -64.86
N ASP C 82 12.92 10.25 -64.46
CA ASP C 82 11.83 9.61 -65.20
C ASP C 82 10.52 10.34 -64.94
N GLU C 83 9.70 10.45 -65.99
CA GLU C 83 8.38 11.05 -65.89
C GLU C 83 7.26 10.02 -66.02
N ALA C 84 7.60 8.74 -66.19
CA ALA C 84 6.58 7.69 -66.31
C ALA C 84 5.82 7.51 -65.02
N ASP C 85 6.52 7.17 -63.94
CA ASP C 85 5.89 6.97 -62.65
C ASP C 85 5.56 8.32 -62.01
N PRO C 86 4.28 8.65 -61.79
CA PRO C 86 3.95 9.93 -61.16
C PRO C 86 4.15 9.95 -59.65
N ASN C 87 4.39 8.78 -59.04
CA ASN C 87 4.61 8.69 -57.60
C ASN C 87 6.08 8.72 -57.22
N VAL C 88 6.98 8.81 -58.20
CA VAL C 88 8.42 8.87 -57.95
C VAL C 88 9.01 9.98 -58.80
N VAL C 89 9.76 10.88 -58.17
CA VAL C 89 10.42 11.98 -58.85
C VAL C 89 11.85 12.05 -58.35
N VAL C 90 12.78 12.41 -59.23
CA VAL C 90 14.21 12.39 -58.94
C VAL C 90 14.74 13.81 -59.05
N PHE C 91 15.55 14.22 -58.07
CA PHE C 91 16.25 15.50 -58.08
C PHE C 91 17.75 15.28 -57.96
N ARG C 92 18.51 16.23 -58.49
CA ARG C 92 19.97 16.08 -58.55
C ARG C 92 20.64 16.37 -57.21
N ASN C 93 20.07 17.28 -56.41
CA ASN C 93 20.62 17.61 -55.11
C ASN C 93 19.48 17.84 -54.14
N LEU C 94 19.82 17.86 -52.84
CA LEU C 94 18.81 18.02 -51.80
C LEU C 94 18.18 19.41 -51.85
N GLU C 95 18.99 20.44 -52.12
CA GLU C 95 18.47 21.80 -52.13
C GLU C 95 17.37 21.98 -53.16
N ASP C 96 17.60 21.50 -54.39
CA ASP C 96 16.59 21.61 -55.44
C ASP C 96 15.29 20.88 -55.07
N SER C 97 15.40 19.76 -54.35
CA SER C 97 14.21 19.00 -53.98
C SER C 97 13.30 19.76 -53.03
N ILE C 98 13.82 20.76 -52.33
CA ILE C 98 13.01 21.54 -51.40
C ILE C 98 12.28 22.64 -52.16
N GLU C 99 12.05 22.42 -53.47
CA GLU C 99 11.13 23.25 -54.22
C GLU C 99 9.68 22.94 -53.89
N ASN C 100 9.41 21.84 -53.19
CA ASN C 100 8.07 21.53 -52.72
C ASN C 100 7.49 22.66 -51.88
N LEU C 101 8.34 23.45 -51.23
CA LEU C 101 7.88 24.63 -50.48
C LEU C 101 7.36 25.71 -51.41
N MET C 102 8.25 26.27 -52.24
CA MET C 102 7.92 27.42 -53.08
C MET C 102 6.61 27.22 -53.84
N ASN C 103 6.49 26.10 -54.56
CA ASN C 103 5.28 25.82 -55.32
C ASN C 103 4.72 24.46 -54.97
N ASP C 104 4.04 23.83 -55.92
CA ASP C 104 3.46 22.50 -55.74
C ASP C 104 2.58 22.45 -54.48
N ASP C 105 1.46 23.18 -54.56
CA ASP C 105 0.53 23.26 -53.45
C ASP C 105 -0.22 21.96 -53.21
N SER C 106 -0.03 20.94 -54.04
CA SER C 106 -0.61 19.62 -53.81
C SER C 106 0.17 18.80 -52.79
N ILE C 107 1.29 19.32 -52.30
CA ILE C 107 2.06 18.66 -51.25
C ILE C 107 1.81 19.41 -49.95
N GLU C 108 1.34 18.68 -48.93
CA GLU C 108 1.01 19.28 -47.64
C GLU C 108 2.18 19.26 -46.68
N ASN C 109 2.78 18.09 -46.46
CA ASN C 109 3.90 17.95 -45.54
C ASN C 109 5.06 17.26 -46.25
N ILE C 110 6.26 17.46 -45.71
CA ILE C 110 7.49 16.91 -46.26
C ILE C 110 8.18 16.10 -45.16
N PHE C 111 8.63 14.90 -45.52
CA PHE C 111 9.32 14.01 -44.60
C PHE C 111 10.67 13.62 -45.18
N VAL C 112 11.70 13.64 -44.34
CA VAL C 112 13.06 13.31 -44.76
C VAL C 112 13.45 11.97 -44.14
N CYS C 113 13.12 10.89 -44.85
CA CYS C 113 13.44 9.55 -44.39
C CYS C 113 14.52 8.90 -45.26
N GLY C 114 15.66 9.57 -45.39
CA GLY C 114 16.76 9.11 -46.20
C GLY C 114 17.81 8.39 -45.38
N GLY C 115 19.05 8.44 -45.85
CA GLY C 115 20.16 7.82 -45.17
C GLY C 115 21.07 8.84 -44.49
N GLU C 116 22.23 8.35 -44.04
CA GLU C 116 23.19 9.21 -43.38
C GLU C 116 23.59 10.41 -44.25
N SER C 117 23.77 10.17 -45.55
CA SER C 117 24.13 11.27 -46.45
C SER C 117 23.04 12.32 -46.52
N ILE C 118 21.77 11.89 -46.54
CA ILE C 118 20.67 12.84 -46.64
C ILE C 118 20.38 13.47 -45.28
N TYR C 119 20.46 12.68 -44.21
CA TYR C 119 20.24 13.22 -42.87
C TYR C 119 21.24 14.32 -42.54
N ARG C 120 22.51 14.11 -42.90
CA ARG C 120 23.56 15.02 -42.47
C ARG C 120 23.40 16.40 -43.07
N ASP C 121 23.23 16.48 -44.38
CA ASP C 121 23.07 17.77 -45.05
C ASP C 121 21.63 18.25 -45.09
N ALA C 122 20.73 17.58 -44.36
CA ALA C 122 19.41 18.16 -44.11
C ALA C 122 19.38 18.92 -42.79
N LEU C 123 20.19 18.49 -41.82
CA LEU C 123 20.36 19.26 -40.59
C LEU C 123 21.37 20.38 -40.78
N LYS C 124 22.44 20.12 -41.54
CA LYS C 124 23.44 21.14 -41.80
C LYS C 124 22.86 22.30 -42.61
N ASP C 125 22.00 22.00 -43.58
CA ASP C 125 21.34 23.03 -44.37
C ASP C 125 20.17 23.67 -43.64
N ASN C 126 19.84 23.20 -42.44
CA ASN C 126 18.84 23.83 -41.57
C ASN C 126 17.45 23.85 -42.25
N PHE C 127 17.01 22.68 -42.68
CA PHE C 127 15.69 22.52 -43.29
C PHE C 127 14.70 21.81 -42.39
N VAL C 128 15.16 21.18 -41.32
CA VAL C 128 14.34 20.26 -40.55
C VAL C 128 13.70 21.00 -39.38
N ASP C 129 12.39 20.85 -39.22
CA ASP C 129 11.64 21.41 -38.10
C ASP C 129 11.40 20.41 -36.99
N ARG C 130 11.17 19.15 -37.33
CA ARG C 130 10.81 18.13 -36.35
C ARG C 130 11.56 16.85 -36.65
N ILE C 131 11.79 16.05 -35.61
CA ILE C 131 12.49 14.78 -35.73
C ILE C 131 11.68 13.71 -35.01
N TYR C 132 11.29 12.67 -35.75
CA TYR C 132 10.61 11.51 -35.18
C TYR C 132 11.66 10.40 -35.03
N LEU C 133 12.18 10.23 -33.81
CA LEU C 133 13.24 9.28 -33.54
C LEU C 133 12.67 8.03 -32.89
N THR C 134 13.09 6.86 -33.38
CA THR C 134 12.71 5.57 -32.82
C THR C 134 13.98 4.93 -32.28
N ARG C 135 14.23 5.14 -30.98
CA ARG C 135 15.42 4.58 -30.36
C ARG C 135 15.27 3.08 -30.16
N VAL C 136 16.23 2.31 -30.66
CA VAL C 136 16.22 0.86 -30.57
C VAL C 136 17.35 0.40 -29.66
N ALA C 137 17.06 -0.56 -28.79
CA ALA C 137 18.03 -1.02 -27.79
C ALA C 137 18.84 -2.20 -28.31
N LEU C 138 19.59 -1.95 -29.39
CA LEU C 138 20.52 -2.92 -29.96
C LEU C 138 21.86 -2.22 -30.17
N GLU C 139 22.91 -2.74 -29.54
CA GLU C 139 24.20 -2.07 -29.62
C GLU C 139 25.39 -2.97 -29.88
N ASP C 140 25.40 -4.21 -29.41
CA ASP C 140 26.55 -5.10 -29.62
C ASP C 140 26.51 -5.80 -30.97
N ILE C 141 26.02 -5.11 -32.00
CA ILE C 141 26.03 -5.60 -33.37
C ILE C 141 26.89 -4.66 -34.20
N GLU C 142 26.95 -4.89 -35.52
CA GLU C 142 27.80 -4.13 -36.41
C GLU C 142 26.96 -3.16 -37.23
N PHE C 143 27.41 -1.91 -37.32
CA PHE C 143 26.78 -0.89 -38.14
C PHE C 143 27.79 -0.34 -39.15
N ASP C 144 27.25 0.22 -40.24
CA ASP C 144 28.07 0.98 -41.18
C ASP C 144 27.40 2.28 -41.62
N THR C 145 26.22 2.59 -41.08
CA THR C 145 25.51 3.82 -41.41
C THR C 145 24.83 4.32 -40.16
N TYR C 146 25.11 5.58 -39.78
CA TYR C 146 24.66 6.13 -38.52
C TYR C 146 23.80 7.37 -38.74
N PHE C 147 23.00 7.70 -37.73
CA PHE C 147 22.23 8.93 -37.72
C PHE C 147 23.04 10.05 -37.08
N PRO C 148 23.20 11.20 -37.74
CA PRO C 148 24.06 12.25 -37.21
C PRO C 148 23.54 12.77 -35.87
N GLU C 149 24.46 13.33 -35.09
CA GLU C 149 24.11 13.88 -33.79
C GLU C 149 23.09 15.01 -33.95
N ILE C 150 22.05 14.99 -33.14
CA ILE C 150 20.99 15.99 -33.19
C ILE C 150 21.58 17.33 -32.75
N PRO C 151 21.49 18.37 -33.57
CA PRO C 151 22.06 19.66 -33.17
C PRO C 151 21.35 20.24 -31.96
N GLU C 152 22.06 21.13 -31.25
CA GLU C 152 21.56 21.69 -30.01
C GLU C 152 20.31 22.56 -30.22
N THR C 153 20.00 22.94 -31.45
CA THR C 153 18.81 23.74 -31.73
C THR C 153 17.52 22.96 -31.53
N PHE C 154 17.58 21.63 -31.41
CA PHE C 154 16.41 20.80 -31.19
C PHE C 154 16.27 20.43 -29.71
N LEU C 155 15.02 20.32 -29.26
CA LEU C 155 14.71 19.95 -27.90
C LEU C 155 13.66 18.85 -27.88
N PRO C 156 13.83 17.84 -27.03
CA PRO C 156 12.83 16.77 -26.94
C PRO C 156 11.56 17.27 -26.29
N VAL C 157 10.42 16.90 -26.88
CA VAL C 157 9.11 17.27 -26.36
C VAL C 157 8.24 16.08 -26.03
N TYR C 158 8.67 14.85 -26.36
CA TYR C 158 7.86 13.66 -26.11
C TYR C 158 8.76 12.44 -26.07
N MET C 159 8.46 11.51 -25.17
CA MET C 159 9.15 10.24 -25.08
C MET C 159 8.15 9.18 -24.67
N SER C 160 7.81 8.28 -25.61
CA SER C 160 6.78 7.28 -25.38
C SER C 160 7.25 6.25 -24.36
N GLN C 161 6.31 5.37 -23.98
CA GLN C 161 6.65 4.25 -23.14
C GLN C 161 7.50 3.24 -23.94
N THR C 162 8.18 2.37 -23.21
CA THR C 162 8.99 1.34 -23.84
C THR C 162 8.12 0.22 -24.35
N PHE C 163 8.28 -0.12 -25.63
CA PHE C 163 7.57 -1.22 -26.28
C PHE C 163 8.52 -2.38 -26.53
N CYS C 164 7.95 -3.53 -26.89
CA CYS C 164 8.72 -4.75 -27.07
C CYS C 164 8.30 -5.47 -28.34
N THR C 165 9.28 -5.92 -29.11
CA THR C 165 9.05 -6.75 -30.28
C THR C 165 10.22 -7.70 -30.44
N LYS C 166 9.97 -9.00 -30.34
CA LYS C 166 11.02 -10.02 -30.40
C LYS C 166 12.10 -9.77 -29.36
N ASN C 167 11.68 -9.42 -28.15
CA ASN C 167 12.55 -9.13 -27.01
C ASN C 167 13.43 -7.90 -27.23
N ILE C 168 13.11 -7.07 -28.21
CA ILE C 168 13.85 -5.83 -28.48
C ILE C 168 13.03 -4.66 -27.97
N SER C 169 13.63 -3.84 -27.13
CA SER C 169 12.98 -2.65 -26.58
C SER C 169 13.21 -1.44 -27.48
N TYR C 170 12.20 -0.60 -27.59
CA TYR C 170 12.33 0.60 -28.41
C TYR C 170 11.36 1.68 -27.93
N ASP C 171 11.74 2.93 -28.17
CA ASP C 171 10.98 4.12 -27.77
C ASP C 171 10.54 4.90 -29.00
N PHE C 172 9.75 5.94 -28.76
CA PHE C 172 9.37 6.91 -29.79
C PHE C 172 9.50 8.31 -29.20
N MET C 173 10.36 9.12 -29.78
CA MET C 173 10.58 10.48 -29.31
C MET C 173 10.30 11.49 -30.43
N ILE C 174 9.99 12.71 -30.02
CA ILE C 174 9.77 13.83 -30.92
C ILE C 174 10.68 14.97 -30.51
N PHE C 175 11.55 15.40 -31.41
CA PHE C 175 12.43 16.55 -31.20
C PHE C 175 11.92 17.71 -32.06
N GLU C 176 11.82 18.89 -31.47
CA GLU C 176 11.37 20.07 -32.19
C GLU C 176 12.40 21.18 -32.10
N LYS C 177 12.46 21.99 -33.16
CA LYS C 177 13.44 23.06 -33.29
C LYS C 177 12.90 24.30 -32.58
N GLN C 178 13.57 24.70 -31.50
CA GLN C 178 13.14 25.86 -30.73
C GLN C 178 13.61 27.14 -31.39
N GLU C 179 12.75 28.16 -31.39
CA GLU C 179 13.07 29.44 -32.00
C GLU C 179 12.99 30.57 -30.97
N LEU C 193 -6.05 28.79 -19.82
CA LEU C 193 -5.74 30.18 -20.18
C LEU C 193 -5.05 30.87 -19.01
N LYS C 194 -4.52 32.07 -19.26
CA LYS C 194 -3.79 32.81 -18.22
C LYS C 194 -4.69 33.25 -17.08
N SER C 195 -6.00 33.41 -17.34
CA SER C 195 -6.90 33.88 -16.30
C SER C 195 -6.96 32.90 -15.12
N ILE C 196 -6.86 31.60 -15.40
CA ILE C 196 -6.88 30.62 -14.33
C ILE C 196 -5.55 30.62 -13.59
N ASP C 197 -4.43 30.73 -14.32
CA ASP C 197 -3.12 30.70 -13.70
C ASP C 197 -2.92 31.88 -12.76
N ASP C 198 -3.43 33.05 -13.14
CA ASP C 198 -3.27 34.23 -12.29
C ASP C 198 -4.10 34.11 -11.02
N THR C 199 -5.33 33.61 -11.12
CA THR C 199 -6.19 33.48 -9.94
C THR C 199 -5.60 32.50 -8.94
N VAL C 200 -5.03 31.39 -9.41
CA VAL C 200 -4.41 30.43 -8.50
C VAL C 200 -3.20 31.05 -7.80
N ASP C 201 -2.41 31.84 -8.54
CA ASP C 201 -1.28 32.53 -7.92
C ASP C 201 -1.74 33.53 -6.86
N LEU C 202 -2.82 34.26 -7.13
CA LEU C 202 -3.32 35.23 -6.17
C LEU C 202 -3.83 34.56 -4.91
N LEU C 203 -4.55 33.43 -5.06
CA LEU C 203 -4.97 32.68 -3.89
C LEU C 203 -3.79 32.11 -3.13
N GLY C 204 -2.70 31.77 -3.83
CA GLY C 204 -1.50 31.29 -3.17
C GLY C 204 -0.75 32.36 -2.41
N GLU C 205 -0.98 33.64 -2.73
CA GLU C 205 -0.37 34.72 -1.97
C GLU C 205 -1.19 35.04 -0.72
N ILE C 206 -2.51 34.90 -0.81
CA ILE C 206 -3.36 35.17 0.34
C ILE C 206 -3.17 34.09 1.40
N PHE C 207 -3.45 32.85 1.05
CA PHE C 207 -3.21 31.72 1.94
C PHE C 207 -1.80 31.22 1.71
N GLY C 208 -1.03 31.10 2.78
CA GLY C 208 0.35 30.66 2.65
C GLY C 208 0.41 29.17 2.43
N ILE C 209 0.56 28.40 3.51
CA ILE C 209 0.52 26.96 3.44
C ILE C 209 -0.88 26.42 3.73
N ARG C 210 -1.86 27.33 3.85
CA ARG C 210 -3.24 26.90 4.02
C ARG C 210 -3.83 26.36 2.73
N LYS C 211 -3.37 26.88 1.59
CA LYS C 211 -3.76 26.36 0.29
C LYS C 211 -2.92 25.12 -0.01
N MET C 212 -3.59 23.97 -0.16
CA MET C 212 -2.89 22.70 -0.30
C MET C 212 -1.98 22.67 -1.52
N GLY C 213 -2.29 23.46 -2.55
CA GLY C 213 -1.42 23.52 -3.71
C GLY C 213 -0.01 23.97 -3.37
N ASN C 214 0.13 24.86 -2.39
CA ASN C 214 1.44 25.35 -1.99
C ASN C 214 2.25 24.31 -1.24
N ARG C 215 1.60 23.30 -0.65
CA ARG C 215 2.31 22.19 -0.03
C ARG C 215 2.74 21.14 -1.05
N HIS C 216 2.27 21.24 -2.29
CA HIS C 216 2.64 20.34 -3.38
C HIS C 216 3.03 21.16 -4.60
N LYS C 217 4.10 21.94 -4.47
CA LYS C 217 4.51 22.82 -5.54
C LYS C 217 5.14 22.04 -6.69
N PHE C 218 4.95 22.55 -7.91
CA PHE C 218 5.57 21.95 -9.07
C PHE C 218 7.08 22.17 -9.03
N PRO C 219 7.88 21.17 -9.36
CA PRO C 219 9.33 21.31 -9.27
C PRO C 219 9.85 22.39 -10.21
N LYS C 220 10.91 23.07 -9.78
CA LYS C 220 11.56 24.07 -10.61
C LYS C 220 12.30 23.38 -11.76
N GLU C 221 12.60 24.18 -12.79
CA GLU C 221 13.23 23.64 -13.99
C GLU C 221 14.62 23.07 -13.70
N GLU C 222 15.33 23.62 -12.72
CA GLU C 222 16.70 23.17 -12.44
C GLU C 222 16.76 21.81 -11.78
N ILE C 223 15.61 21.23 -11.41
CA ILE C 223 15.60 19.92 -10.76
C ILE C 223 14.60 19.00 -11.46
N TYR C 224 14.24 19.36 -12.69
CA TYR C 224 13.26 18.61 -13.47
C TYR C 224 13.98 17.92 -14.61
N ASN C 225 13.98 16.59 -14.60
CA ASN C 225 14.73 15.83 -15.60
C ASN C 225 14.14 16.06 -16.99
N THR C 226 15.00 16.51 -17.92
CA THR C 226 14.63 16.84 -19.29
C THR C 226 13.44 17.78 -19.28
N PRO C 227 13.64 19.05 -18.92
CA PRO C 227 12.50 19.96 -18.72
C PRO C 227 11.72 20.26 -19.98
N SER C 228 12.33 20.10 -21.16
CA SER C 228 11.65 20.44 -22.40
C SER C 228 10.48 19.50 -22.70
N ILE C 229 10.48 18.29 -22.12
CA ILE C 229 9.37 17.34 -22.31
C ILE C 229 8.32 17.70 -21.27
N ARG C 230 7.36 18.53 -21.67
CA ARG C 230 6.33 19.02 -20.77
C ARG C 230 5.08 18.14 -20.80
N PHE C 231 4.50 17.94 -21.97
CA PHE C 231 3.24 17.23 -22.12
C PHE C 231 3.40 15.78 -22.58
N GLY C 232 4.62 15.31 -22.80
CA GLY C 232 4.82 13.97 -23.30
C GLY C 232 5.70 13.10 -22.42
N ARG C 233 5.51 13.18 -21.10
CA ARG C 233 6.31 12.39 -20.16
C ARG C 233 5.72 10.99 -19.97
N GLU C 234 5.61 10.29 -21.10
CA GLU C 234 4.96 8.98 -21.12
C GLU C 234 5.87 7.88 -20.58
N HIS C 235 7.17 7.96 -20.86
CA HIS C 235 8.10 6.96 -20.34
C HIS C 235 8.00 6.87 -18.83
N TYR C 236 7.76 5.66 -18.33
CA TYR C 236 7.45 5.46 -16.93
C TYR C 236 8.66 5.52 -16.01
N GLU C 237 9.86 5.74 -16.55
CA GLU C 237 10.96 6.10 -15.66
C GLU C 237 10.76 7.50 -15.09
N PHE C 238 10.00 8.35 -15.78
CA PHE C 238 9.64 9.65 -15.23
C PHE C 238 8.78 9.54 -13.99
N GLN C 239 8.10 8.41 -13.79
CA GLN C 239 7.33 8.21 -12.56
C GLN C 239 8.24 8.20 -11.34
N TYR C 240 9.50 7.83 -11.52
CA TYR C 240 10.50 7.86 -10.45
C TYR C 240 11.31 9.15 -10.47
N LEU C 241 11.71 9.62 -11.65
CA LEU C 241 12.51 10.83 -11.72
C LEU C 241 11.72 12.07 -11.32
N ASP C 242 10.40 12.06 -11.50
CA ASP C 242 9.60 13.18 -11.07
C ASP C 242 9.27 13.13 -9.58
N LEU C 243 9.13 11.92 -9.01
CA LEU C 243 9.05 11.81 -7.56
C LEU C 243 10.33 12.28 -6.91
N LEU C 244 11.47 12.03 -7.55
CA LEU C 244 12.74 12.58 -7.07
C LEU C 244 12.71 14.10 -7.07
N SER C 245 12.08 14.69 -8.09
CA SER C 245 12.02 16.15 -8.18
C SER C 245 11.03 16.73 -7.18
N ARG C 246 9.88 16.08 -6.97
CA ARG C 246 8.91 16.58 -6.02
C ARG C 246 9.46 16.60 -4.60
N VAL C 247 10.37 15.67 -4.26
CA VAL C 247 10.97 15.68 -2.94
C VAL C 247 11.95 16.83 -2.80
N LEU C 248 12.76 17.08 -3.85
CA LEU C 248 13.70 18.19 -3.80
C LEU C 248 13.00 19.54 -3.69
N GLU C 249 11.74 19.63 -4.10
CA GLU C 249 10.99 20.88 -4.07
C GLU C 249 10.25 21.08 -2.75
N ASN C 250 9.53 20.06 -2.29
CA ASN C 250 8.67 20.18 -1.12
C ASN C 250 9.20 19.44 0.10
N GLY C 251 10.36 18.82 0.01
CA GLY C 251 10.84 17.96 1.08
C GLY C 251 11.17 18.75 2.33
N ALA C 252 10.54 18.39 3.45
CA ALA C 252 10.84 19.03 4.73
C ALA C 252 12.07 18.37 5.33
N TYR C 253 13.01 19.20 5.79
CA TYR C 253 14.24 18.69 6.41
C TYR C 253 13.89 18.12 7.78
N ARG C 254 14.06 16.80 7.94
CA ARG C 254 13.65 16.10 9.15
C ARG C 254 14.76 15.14 9.56
N GLU C 255 14.88 14.93 10.86
CA GLU C 255 15.79 13.94 11.41
C GLU C 255 15.07 12.61 11.61
N ASN C 256 15.85 11.55 11.75
CA ASN C 256 15.29 10.21 11.93
C ASN C 256 16.20 9.43 12.87
N ARG C 257 15.97 8.11 12.93
CA ARG C 257 16.73 7.26 13.84
C ARG C 257 18.21 7.22 13.51
N THR C 258 18.59 7.53 12.28
CA THR C 258 19.98 7.58 11.88
C THR C 258 20.52 9.00 12.02
N GLY C 259 21.84 9.13 11.94
CA GLY C 259 22.46 10.44 12.02
C GLY C 259 22.29 11.29 10.77
N ILE C 260 21.88 10.68 9.66
CA ILE C 260 21.74 11.37 8.38
C ILE C 260 20.30 11.81 8.23
N SER C 261 20.06 13.12 8.23
CA SER C 261 18.72 13.66 8.06
C SER C 261 18.28 13.54 6.60
N THR C 262 16.96 13.63 6.39
CA THR C 262 16.37 13.48 5.07
C THR C 262 15.50 14.69 4.75
N TYR C 263 15.13 14.79 3.47
CA TYR C 263 14.10 15.71 3.01
C TYR C 263 12.88 14.87 2.66
N SER C 264 11.79 15.06 3.40
CA SER C 264 10.68 14.12 3.41
C SER C 264 9.37 14.77 2.97
N ILE C 265 8.62 14.04 2.14
CA ILE C 265 7.23 14.35 1.85
C ILE C 265 6.42 13.07 2.12
N PHE C 266 5.11 13.25 2.23
CA PHE C 266 4.21 12.17 2.63
C PHE C 266 3.12 11.98 1.59
N GLY C 267 2.93 10.73 1.15
CA GLY C 267 1.86 10.39 0.23
C GLY C 267 2.18 10.59 -1.24
N GLN C 268 2.79 9.57 -1.86
CA GLN C 268 3.15 9.62 -3.28
C GLN C 268 2.87 8.25 -3.90
N MET C 269 2.90 8.20 -5.24
CA MET C 269 2.68 6.94 -5.93
C MET C 269 3.45 6.93 -7.25
N MET C 270 3.70 5.72 -7.74
CA MET C 270 4.38 5.49 -9.02
C MET C 270 3.72 4.33 -9.73
N ARG C 271 3.53 4.47 -11.04
CA ARG C 271 3.01 3.39 -11.88
C ARG C 271 4.11 2.90 -12.81
N PHE C 272 4.08 1.61 -13.12
CA PHE C 272 5.05 1.01 -14.03
C PHE C 272 4.37 -0.05 -14.87
N ASP C 273 4.68 -0.05 -16.17
CA ASP C 273 4.23 -1.10 -17.06
C ASP C 273 5.20 -2.28 -16.99
N MET C 274 4.64 -3.48 -17.09
CA MET C 274 5.45 -4.70 -17.16
C MET C 274 5.09 -5.58 -18.35
N ARG C 275 4.11 -5.19 -19.16
CA ARG C 275 3.74 -6.00 -20.31
C ARG C 275 4.80 -5.94 -21.40
N GLU C 276 5.26 -4.73 -21.74
CA GLU C 276 6.19 -4.53 -22.84
C GLU C 276 7.60 -4.16 -22.40
N SER C 277 7.86 -4.10 -21.10
CA SER C 277 9.19 -3.72 -20.61
C SER C 277 9.32 -4.16 -19.16
N PHE C 278 10.49 -3.85 -18.58
CA PHE C 278 10.80 -4.20 -17.20
C PHE C 278 11.29 -2.94 -16.50
N PRO C 279 10.60 -2.47 -15.44
CA PRO C 279 10.96 -1.18 -14.83
C PRO C 279 12.29 -1.20 -14.09
N LEU C 280 13.38 -1.36 -14.82
CA LEU C 280 14.72 -1.25 -14.26
C LEU C 280 15.32 0.07 -14.72
N LEU C 281 15.64 0.94 -13.76
CA LEU C 281 16.05 2.31 -14.10
C LEU C 281 17.28 2.30 -15.00
N THR C 282 17.30 3.23 -15.95
CA THR C 282 18.41 3.35 -16.89
C THR C 282 19.30 4.55 -16.58
N THR C 283 18.82 5.52 -15.80
CA THR C 283 19.64 6.67 -15.44
C THR C 283 20.74 6.33 -14.43
N LYS C 284 20.81 5.07 -14.00
CA LYS C 284 21.83 4.60 -13.07
C LYS C 284 21.92 3.09 -13.21
N LYS C 285 23.14 2.57 -13.30
CA LYS C 285 23.31 1.12 -13.39
C LYS C 285 22.88 0.48 -12.08
N VAL C 286 21.82 -0.33 -12.13
CA VAL C 286 21.24 -0.95 -10.94
C VAL C 286 21.73 -2.40 -10.87
N ALA C 287 22.23 -2.79 -9.69
CA ALA C 287 22.69 -4.15 -9.48
C ALA C 287 21.52 -5.13 -9.54
N ILE C 288 21.28 -5.72 -10.72
CA ILE C 288 20.12 -6.58 -10.91
C ILE C 288 20.31 -7.91 -10.19
N ARG C 289 21.54 -8.41 -10.10
CA ARG C 289 21.76 -9.71 -9.48
C ARG C 289 21.45 -9.67 -7.99
N SER C 290 21.87 -8.60 -7.31
CA SER C 290 21.60 -8.49 -5.88
C SER C 290 20.11 -8.38 -5.60
N ILE C 291 19.36 -7.73 -6.50
CA ILE C 291 17.91 -7.63 -6.32
C ILE C 291 17.27 -9.00 -6.34
N PHE C 292 17.63 -9.81 -7.33
CA PHE C 292 17.06 -11.16 -7.43
C PHE C 292 17.46 -12.02 -6.24
N GLU C 293 18.76 -12.02 -5.91
CA GLU C 293 19.24 -12.87 -4.82
C GLU C 293 18.60 -12.51 -3.49
N GLU C 294 18.17 -11.25 -3.33
CA GLU C 294 17.42 -10.88 -2.13
C GLU C 294 15.97 -11.34 -2.23
N LEU C 295 15.39 -11.28 -3.42
CA LEU C 295 13.99 -11.66 -3.59
C LEU C 295 13.80 -13.15 -3.40
N ILE C 296 14.67 -13.96 -4.02
CA ILE C 296 14.59 -15.41 -3.82
C ILE C 296 14.94 -15.77 -2.38
N TRP C 297 15.73 -14.92 -1.72
CA TRP C 297 16.01 -15.09 -0.30
C TRP C 297 14.74 -14.92 0.53
N PHE C 298 13.89 -13.97 0.14
CA PHE C 298 12.59 -13.82 0.78
C PHE C 298 11.70 -15.01 0.50
N ILE C 299 11.63 -15.43 -0.78
CA ILE C 299 10.72 -16.49 -1.18
C ILE C 299 11.04 -17.78 -0.44
N LYS C 300 12.32 -18.12 -0.33
CA LYS C 300 12.75 -19.33 0.35
C LYS C 300 12.40 -19.33 1.83
N GLY C 301 12.04 -18.18 2.39
CA GLY C 301 11.76 -18.07 3.81
C GLY C 301 12.97 -17.81 4.68
N ASP C 302 14.12 -17.49 4.08
CA ASP C 302 15.36 -17.39 4.83
C ASP C 302 15.48 -16.05 5.53
N THR C 303 16.05 -16.07 6.73
CA THR C 303 16.40 -14.86 7.45
C THR C 303 17.88 -14.80 7.81
N ASN C 304 18.66 -15.79 7.39
CA ASN C 304 20.09 -15.82 7.66
C ASN C 304 20.80 -14.82 6.76
N GLY C 305 21.32 -13.74 7.36
CA GLY C 305 21.99 -12.71 6.60
C GLY C 305 23.31 -13.15 5.99
N ASN C 306 23.88 -14.25 6.48
CA ASN C 306 25.15 -14.72 5.91
C ASN C 306 24.96 -15.38 4.56
N HIS C 307 23.79 -15.98 4.31
CA HIS C 307 23.54 -16.62 3.03
C HIS C 307 23.59 -15.62 1.88
N LEU C 308 23.26 -14.35 2.15
CA LEU C 308 23.40 -13.30 1.15
C LEU C 308 24.84 -12.84 1.04
N ILE C 309 25.57 -12.81 2.15
CA ILE C 309 26.98 -12.42 2.12
C ILE C 309 27.81 -13.50 1.45
N GLU C 310 27.42 -14.77 1.60
CA GLU C 310 28.12 -15.86 0.91
C GLU C 310 27.96 -15.76 -0.60
N LYS C 311 26.88 -15.15 -1.08
CA LYS C 311 26.66 -14.91 -2.50
C LYS C 311 27.10 -13.52 -2.93
N LYS C 312 27.94 -12.87 -2.12
CA LYS C 312 28.47 -11.53 -2.43
C LYS C 312 27.37 -10.50 -2.58
N VAL C 313 26.38 -10.55 -1.68
CA VAL C 313 25.31 -9.56 -1.60
C VAL C 313 25.36 -8.96 -0.20
N TYR C 314 25.76 -7.69 -0.11
CA TYR C 314 26.03 -7.07 1.18
C TYR C 314 25.03 -5.98 1.54
N ILE C 315 23.80 -6.07 1.04
CA ILE C 315 22.82 -5.03 1.33
C ILE C 315 22.23 -5.15 2.73
N TRP C 316 22.32 -6.33 3.35
CA TRP C 316 21.82 -6.53 4.71
C TRP C 316 22.94 -6.66 5.73
N SER C 317 24.14 -6.15 5.42
CA SER C 317 25.24 -6.22 6.37
C SER C 317 25.18 -5.08 7.38
N GLY C 318 24.71 -3.90 6.97
CA GLY C 318 24.65 -2.78 7.89
C GLY C 318 23.67 -3.01 9.02
N ASN C 319 22.47 -3.51 8.69
CA ASN C 319 21.46 -3.81 9.69
C ASN C 319 21.65 -5.18 10.32
N GLY C 320 22.75 -5.86 10.01
CA GLY C 320 23.01 -7.16 10.59
C GLY C 320 24.42 -7.30 11.15
N SER C 321 24.98 -6.20 11.63
CA SER C 321 26.29 -6.24 12.27
C SER C 321 26.13 -6.47 13.76
N LYS C 322 27.25 -6.77 14.43
CA LYS C 322 27.20 -6.99 15.86
C LYS C 322 26.97 -5.70 16.62
N GLU C 323 27.50 -4.58 16.11
CA GLU C 323 27.33 -3.30 16.78
C GLU C 323 25.94 -2.71 16.58
N TYR C 324 25.31 -2.98 15.43
CA TYR C 324 23.96 -2.47 15.21
C TYR C 324 22.94 -3.25 16.02
N LEU C 325 23.14 -4.55 16.17
CA LEU C 325 22.18 -5.37 16.91
C LEU C 325 22.21 -5.06 18.40
N GLU C 326 23.42 -4.84 18.96
CA GLU C 326 23.51 -4.46 20.36
C GLU C 326 22.98 -3.05 20.59
N ARG C 327 23.02 -2.20 19.55
CA ARG C 327 22.55 -0.83 19.70
C ARG C 327 21.02 -0.75 19.77
N ILE C 328 20.32 -1.68 19.11
CA ILE C 328 18.87 -1.67 19.11
C ILE C 328 18.30 -2.66 20.12
N GLY C 329 19.14 -3.23 20.99
CA GLY C 329 18.68 -4.12 22.03
C GLY C 329 18.63 -5.59 21.68
N LEU C 330 19.38 -6.02 20.66
CA LEU C 330 19.41 -7.43 20.30
C LEU C 330 20.85 -7.95 20.36
N GLY C 331 21.55 -7.67 21.46
CA GLY C 331 22.94 -8.08 21.56
C GLY C 331 23.10 -9.58 21.65
N HIS C 332 22.15 -10.27 22.28
CA HIS C 332 22.21 -11.73 22.36
C HIS C 332 22.03 -12.39 21.01
N ARG C 333 21.50 -11.67 20.03
CA ARG C 333 21.29 -12.23 18.70
C ARG C 333 22.63 -12.50 18.03
N GLU C 334 22.63 -13.51 17.15
CA GLU C 334 23.84 -13.87 16.42
C GLU C 334 24.22 -12.75 15.45
N GLU C 335 25.39 -12.90 14.84
CA GLU C 335 25.99 -11.89 13.98
C GLU C 335 25.00 -11.34 12.96
N ASN C 336 24.61 -12.16 11.98
CA ASN C 336 23.71 -11.72 10.92
C ASN C 336 22.31 -12.32 11.06
N ASP C 337 21.87 -12.61 12.28
CA ASP C 337 20.52 -13.14 12.48
C ASP C 337 19.57 -11.94 12.51
N LEU C 338 19.06 -11.60 11.34
CA LEU C 338 18.13 -10.47 11.20
C LEU C 338 16.80 -10.68 11.89
N GLY C 339 16.48 -11.91 12.30
CA GLY C 339 15.23 -12.17 12.97
C GLY C 339 14.08 -12.37 11.99
N PRO C 340 12.85 -12.38 12.51
CA PRO C 340 11.69 -12.56 11.63
C PRO C 340 11.39 -11.34 10.79
N ILE C 341 11.67 -11.41 9.49
CA ILE C 341 11.50 -10.25 8.61
C ILE C 341 10.82 -10.74 7.35
N TYR C 342 10.96 -9.99 6.25
CA TYR C 342 10.53 -10.48 4.96
C TYR C 342 11.01 -11.91 4.75
N GLY C 343 10.10 -12.76 4.30
CA GLY C 343 10.36 -14.18 4.13
C GLY C 343 10.13 -15.01 5.36
N PHE C 344 9.93 -14.41 6.52
CA PHE C 344 9.46 -15.19 7.65
C PHE C 344 8.02 -14.88 7.98
N GLN C 345 7.57 -13.66 7.68
CA GLN C 345 6.15 -13.37 7.69
C GLN C 345 5.46 -13.81 6.41
N TRP C 346 6.23 -13.95 5.31
CA TRP C 346 5.66 -14.47 4.07
C TRP C 346 5.34 -15.95 4.20
N ARG C 347 6.24 -16.72 4.81
CA ARG C 347 6.12 -18.17 4.85
C ARG C 347 5.68 -18.72 6.20
N HIS C 348 5.98 -18.03 7.30
CA HIS C 348 5.65 -18.50 8.65
C HIS C 348 5.10 -17.33 9.48
N TYR C 349 3.97 -16.78 9.07
CA TYR C 349 3.39 -15.65 9.78
C TYR C 349 2.92 -16.06 11.17
N ASN C 350 3.17 -15.18 12.15
CA ASN C 350 2.87 -15.42 13.56
C ASN C 350 3.61 -16.62 14.14
N GLY C 351 4.74 -17.00 13.54
CA GLY C 351 5.51 -18.13 14.04
C GLY C 351 6.47 -17.67 15.11
N GLU C 352 6.52 -18.42 16.21
CA GLU C 352 7.41 -18.09 17.31
C GLU C 352 8.85 -18.25 16.86
N TYR C 353 9.54 -17.13 16.65
CA TYR C 353 10.90 -17.16 16.13
C TYR C 353 11.89 -17.41 17.25
N LYS C 354 12.87 -18.28 16.97
CA LYS C 354 13.94 -18.55 17.91
C LYS C 354 15.24 -17.99 17.36
N THR C 355 15.89 -18.73 16.46
CA THR C 355 17.09 -18.28 15.77
C THR C 355 16.96 -18.60 14.29
N MET C 356 17.96 -18.16 13.52
CA MET C 356 17.98 -18.39 12.09
C MET C 356 18.40 -19.80 11.71
N HIS C 357 18.78 -20.64 12.69
CA HIS C 357 19.22 -21.99 12.41
C HIS C 357 18.13 -23.03 12.65
N ASP C 358 17.07 -22.70 13.38
CA ASP C 358 16.03 -23.66 13.70
C ASP C 358 15.21 -24.02 12.45
N ASP C 359 14.39 -25.05 12.58
CA ASP C 359 13.55 -25.54 11.51
C ASP C 359 12.12 -25.07 11.75
N TYR C 360 11.62 -24.22 10.86
CA TYR C 360 10.29 -23.65 10.98
C TYR C 360 9.31 -24.24 9.98
N THR C 361 9.64 -25.40 9.40
CA THR C 361 8.76 -26.02 8.42
C THR C 361 7.52 -26.53 9.11
N GLY C 362 6.38 -25.87 8.85
CA GLY C 362 5.09 -26.26 9.40
C GLY C 362 4.47 -25.21 10.30
N VAL C 363 5.29 -24.41 10.95
CA VAL C 363 4.81 -23.39 11.87
C VAL C 363 4.50 -22.12 11.09
N GLY C 364 3.50 -21.38 11.55
CA GLY C 364 3.13 -20.13 10.94
C GLY C 364 2.20 -20.31 9.75
N VAL C 365 1.66 -19.18 9.29
CA VAL C 365 0.79 -19.16 8.13
C VAL C 365 1.63 -18.92 6.88
N ASP C 366 1.50 -19.82 5.90
CA ASP C 366 2.24 -19.71 4.65
C ASP C 366 1.42 -18.84 3.70
N GLN C 367 1.68 -17.54 3.73
CA GLN C 367 0.94 -16.61 2.89
C GLN C 367 1.26 -16.82 1.41
N LEU C 368 2.55 -16.97 1.08
CA LEU C 368 2.95 -17.10 -0.31
C LEU C 368 2.31 -18.32 -0.97
N ALA C 369 2.22 -19.43 -0.25
CA ALA C 369 1.58 -20.61 -0.80
C ALA C 369 0.09 -20.37 -1.01
N LYS C 370 -0.60 -19.84 0.01
CA LYS C 370 -2.02 -19.54 -0.14
C LYS C 370 -2.25 -18.46 -1.19
N LEU C 371 -1.29 -17.54 -1.35
CA LEU C 371 -1.41 -16.53 -2.39
C LEU C 371 -1.40 -17.17 -3.77
N ILE C 372 -0.43 -18.05 -4.03
CA ILE C 372 -0.36 -18.73 -5.32
C ILE C 372 -1.57 -19.62 -5.52
N GLU C 373 -1.98 -20.33 -4.46
CA GLU C 373 -3.14 -21.22 -4.56
C GLU C 373 -4.41 -20.44 -4.86
N THR C 374 -4.53 -19.22 -4.31
CA THR C 374 -5.72 -18.41 -4.56
C THR C 374 -5.67 -17.73 -5.92
N LEU C 375 -4.47 -17.41 -6.42
CA LEU C 375 -4.36 -16.67 -7.66
C LEU C 375 -4.83 -17.49 -8.86
N LYS C 376 -4.67 -18.82 -8.81
CA LYS C 376 -5.05 -19.67 -9.93
C LYS C 376 -6.33 -20.46 -9.69
N ASN C 377 -6.83 -20.52 -8.46
CA ASN C 377 -8.11 -21.16 -8.18
C ASN C 377 -9.26 -20.18 -8.07
N ASN C 378 -8.97 -18.91 -7.77
CA ASN C 378 -10.01 -17.88 -7.70
C ASN C 378 -9.37 -16.55 -8.11
N PRO C 379 -9.21 -16.32 -9.40
CA PRO C 379 -8.45 -15.14 -9.84
C PRO C 379 -9.15 -13.82 -9.53
N LYS C 380 -10.46 -13.74 -9.73
CA LYS C 380 -11.20 -12.50 -9.52
C LYS C 380 -11.47 -12.21 -8.05
N ASP C 381 -10.88 -12.98 -7.14
CA ASP C 381 -10.96 -12.67 -5.72
C ASP C 381 -10.28 -11.33 -5.43
N ARG C 382 -10.78 -10.63 -4.43
CA ARG C 382 -10.29 -9.31 -4.06
C ARG C 382 -9.49 -9.35 -2.76
N ARG C 383 -8.79 -10.47 -2.50
CA ARG C 383 -8.08 -10.67 -1.24
C ARG C 383 -6.67 -11.21 -1.45
N HIS C 384 -6.13 -11.13 -2.66
CA HIS C 384 -4.78 -11.62 -2.95
C HIS C 384 -3.78 -10.66 -2.31
N ILE C 385 -3.56 -10.82 -1.01
CA ILE C 385 -2.77 -9.89 -0.22
C ILE C 385 -1.65 -10.64 0.48
N LEU C 386 -0.43 -10.11 0.35
CA LEU C 386 0.74 -10.62 1.05
C LEU C 386 1.26 -9.52 1.96
N THR C 387 1.14 -9.72 3.27
CA THR C 387 1.55 -8.71 4.25
C THR C 387 2.81 -9.16 5.00
N ALA C 388 3.50 -8.17 5.57
CA ALA C 388 4.68 -8.41 6.37
C ALA C 388 4.66 -7.65 7.68
N TRP C 389 3.64 -6.82 7.92
CA TRP C 389 3.56 -6.02 9.13
C TRP C 389 2.92 -6.88 10.23
N ASN C 390 3.75 -7.39 11.12
CA ASN C 390 3.30 -8.19 12.25
C ASN C 390 3.63 -7.44 13.54
N PRO C 391 2.66 -6.80 14.18
CA PRO C 391 2.96 -6.05 15.41
C PRO C 391 3.55 -6.90 16.52
N SER C 392 3.27 -8.20 16.55
CA SER C 392 3.79 -9.06 17.60
C SER C 392 5.27 -9.34 17.43
N ALA C 393 5.77 -9.31 16.20
CA ALA C 393 7.16 -9.64 15.91
C ALA C 393 8.02 -8.42 15.60
N LEU C 394 7.46 -7.22 15.67
CA LEU C 394 8.23 -6.02 15.30
C LEU C 394 9.46 -5.85 16.18
N SER C 395 9.33 -6.11 17.48
CA SER C 395 10.43 -5.88 18.42
C SER C 395 11.60 -6.83 18.18
N GLN C 396 11.37 -8.00 17.58
CA GLN C 396 12.43 -8.95 17.30
C GLN C 396 13.11 -8.71 15.96
N MET C 397 12.57 -7.83 15.12
CA MET C 397 13.14 -7.62 13.80
C MET C 397 14.35 -6.70 13.86
N ALA C 398 15.35 -6.99 13.03
CA ALA C 398 16.48 -6.07 12.90
C ALA C 398 16.06 -4.75 12.26
N LEU C 399 14.99 -4.76 11.48
CA LEU C 399 14.45 -3.57 10.85
C LEU C 399 13.00 -3.84 10.43
N PRO C 400 12.05 -3.04 10.89
CA PRO C 400 10.64 -3.28 10.53
C PRO C 400 10.45 -3.20 9.02
N PRO C 401 9.38 -3.82 8.51
CA PRO C 401 9.20 -3.90 7.05
C PRO C 401 8.98 -2.52 6.43
N CYS C 402 9.69 -2.26 5.34
CA CYS C 402 9.51 -1.04 4.56
C CYS C 402 8.45 -1.23 3.49
N HIS C 403 8.64 -2.21 2.61
CA HIS C 403 7.58 -2.65 1.71
C HIS C 403 6.64 -3.51 2.55
N VAL C 404 5.58 -2.88 3.06
CA VAL C 404 4.79 -3.45 4.14
C VAL C 404 3.78 -4.47 3.61
N LEU C 405 2.94 -4.04 2.66
CA LEU C 405 1.83 -4.86 2.21
C LEU C 405 1.71 -4.77 0.69
N SER C 406 1.37 -5.90 0.07
CA SER C 406 1.20 -5.96 -1.39
C SER C 406 -0.07 -6.71 -1.74
N GLN C 407 -0.77 -6.23 -2.76
CA GLN C 407 -2.00 -6.83 -3.25
C GLN C 407 -1.85 -7.16 -4.73
N TYR C 408 -2.45 -8.27 -5.16
CA TYR C 408 -2.31 -8.76 -6.53
C TYR C 408 -3.68 -8.92 -7.17
N TYR C 409 -3.71 -8.78 -8.50
CA TYR C 409 -4.95 -8.62 -9.24
C TYR C 409 -4.82 -9.30 -10.59
N VAL C 410 -5.83 -10.09 -10.95
CA VAL C 410 -5.87 -10.78 -12.23
C VAL C 410 -6.86 -10.06 -13.12
N THR C 411 -6.37 -9.55 -14.26
CA THR C 411 -7.22 -8.83 -15.19
C THR C 411 -8.03 -9.81 -16.03
N ASN C 412 -8.96 -9.25 -16.82
CA ASN C 412 -9.81 -10.09 -17.65
C ASN C 412 -9.04 -10.76 -18.79
N ASP C 413 -7.88 -10.23 -19.17
CA ASP C 413 -7.04 -10.83 -20.19
C ASP C 413 -5.87 -11.62 -19.59
N ASN C 414 -6.06 -12.16 -18.39
CA ASN C 414 -5.10 -13.07 -17.75
C ASN C 414 -3.74 -12.43 -17.57
N CYS C 415 -3.74 -11.21 -17.03
CA CYS C 415 -2.53 -10.52 -16.64
C CYS C 415 -2.55 -10.28 -15.13
N LEU C 416 -1.36 -10.23 -14.53
CA LEU C 416 -1.20 -10.10 -13.08
C LEU C 416 -0.60 -8.74 -12.75
N SER C 417 -1.41 -7.86 -12.18
CA SER C 417 -0.95 -6.57 -11.70
C SER C 417 -0.62 -6.65 -10.21
N CYS C 418 0.08 -5.63 -9.72
CA CYS C 418 0.55 -5.61 -8.34
C CYS C 418 0.48 -4.21 -7.76
N ASN C 419 -0.01 -4.11 -6.54
CA ASN C 419 0.00 -2.88 -5.75
C ASN C 419 0.82 -3.12 -4.49
N LEU C 420 1.75 -2.22 -4.21
CA LEU C 420 2.62 -2.33 -3.05
C LEU C 420 2.54 -1.03 -2.25
N TYR C 421 2.30 -1.15 -0.94
CA TYR C 421 2.38 -0.01 -0.05
C TYR C 421 3.71 -0.02 0.67
N GLN C 422 4.39 1.13 0.68
CA GLN C 422 5.72 1.26 1.25
C GLN C 422 5.70 2.40 2.27
N ARG C 423 5.92 2.08 3.54
CA ARG C 423 5.82 3.09 4.59
C ARG C 423 6.97 4.08 4.52
N SER C 424 8.18 3.62 4.18
CA SER C 424 9.36 4.45 4.10
C SER C 424 10.14 4.08 2.86
N CYS C 425 10.64 5.09 2.15
CA CYS C 425 11.26 4.88 0.85
C CYS C 425 12.51 5.73 0.74
N ASP C 426 13.67 5.07 0.78
CA ASP C 426 14.94 5.71 0.45
C ASP C 426 15.03 5.80 -1.06
N LEU C 427 14.73 6.99 -1.60
CA LEU C 427 14.69 7.17 -3.04
C LEU C 427 16.06 7.02 -3.71
N GLY C 428 17.14 6.99 -2.94
CA GLY C 428 18.46 6.83 -3.50
C GLY C 428 18.89 5.39 -3.64
N LEU C 429 18.53 4.54 -2.67
CA LEU C 429 18.95 3.15 -2.65
C LEU C 429 17.78 2.19 -2.69
N GLY C 430 16.86 2.27 -1.72
CA GLY C 430 15.80 1.26 -1.64
C GLY C 430 14.82 1.34 -2.79
N SER C 431 14.53 2.55 -3.27
CA SER C 431 13.49 2.71 -4.28
C SER C 431 13.83 2.03 -5.59
N PRO C 432 15.01 2.19 -6.19
CA PRO C 432 15.31 1.43 -7.42
C PRO C 432 15.26 -0.07 -7.21
N PHE C 433 15.60 -0.55 -6.02
CA PHE C 433 15.50 -1.98 -5.74
C PHE C 433 14.05 -2.42 -5.60
N ASN C 434 13.25 -1.67 -4.85
CA ASN C 434 11.87 -2.06 -4.61
C ASN C 434 11.06 -2.09 -5.89
N ILE C 435 11.37 -1.21 -6.84
CA ILE C 435 10.66 -1.21 -8.12
C ILE C 435 10.96 -2.50 -8.89
N ALA C 436 12.25 -2.84 -9.01
CA ALA C 436 12.62 -4.03 -9.77
C ALA C 436 12.26 -5.31 -9.02
N SER C 437 12.39 -5.30 -7.69
CA SER C 437 12.17 -6.52 -6.92
C SER C 437 10.73 -6.98 -7.03
N TYR C 438 9.77 -6.08 -6.80
CA TYR C 438 8.36 -6.48 -6.90
C TYR C 438 7.92 -6.65 -8.34
N ALA C 439 8.69 -6.14 -9.30
CA ALA C 439 8.42 -6.48 -10.69
C ALA C 439 8.81 -7.93 -10.97
N ILE C 440 9.96 -8.36 -10.47
CA ILE C 440 10.38 -9.75 -10.64
C ILE C 440 9.44 -10.68 -9.90
N LEU C 441 9.04 -10.32 -8.68
CA LEU C 441 8.14 -11.17 -7.91
C LEU C 441 6.80 -11.35 -8.62
N THR C 442 6.29 -10.29 -9.23
CA THR C 442 5.02 -10.40 -9.94
C THR C 442 5.16 -11.29 -11.18
N MET C 443 6.31 -11.20 -11.86
CA MET C 443 6.56 -12.06 -13.01
C MET C 443 6.68 -13.52 -12.59
N MET C 444 7.33 -13.78 -11.46
CA MET C 444 7.43 -15.14 -10.94
C MET C 444 6.05 -15.69 -10.60
N LEU C 445 5.25 -14.91 -9.88
CA LEU C 445 3.89 -15.33 -9.58
C LEU C 445 3.07 -15.53 -10.84
N ALA C 446 3.36 -14.77 -11.89
CA ALA C 446 2.60 -14.90 -13.13
C ALA C 446 2.90 -16.22 -13.83
N GLN C 447 4.17 -16.63 -13.84
CA GLN C 447 4.53 -17.87 -14.53
C GLN C 447 4.02 -19.09 -13.78
N VAL C 448 4.13 -19.09 -12.45
CA VAL C 448 3.66 -20.23 -11.66
C VAL C 448 2.14 -20.34 -11.73
N CYS C 449 1.43 -19.23 -11.87
CA CYS C 449 -0.02 -19.23 -11.96
C CYS C 449 -0.53 -19.23 -13.40
N GLY C 450 0.36 -19.13 -14.38
CA GLY C 450 -0.04 -19.16 -15.77
C GLY C 450 -0.62 -17.87 -16.30
N TYR C 451 -0.05 -16.74 -15.89
CA TYR C 451 -0.48 -15.44 -16.37
C TYR C 451 0.70 -14.70 -16.99
N GLU C 452 0.40 -13.56 -17.57
CA GLU C 452 1.36 -12.61 -18.10
C GLU C 452 1.53 -11.43 -17.15
N PRO C 453 2.69 -10.78 -17.15
CA PRO C 453 2.88 -9.63 -16.26
C PRO C 453 1.95 -8.48 -16.65
N GLY C 454 1.45 -7.78 -15.62
CA GLY C 454 0.53 -6.68 -15.84
C GLY C 454 1.14 -5.34 -15.52
N GLU C 455 0.64 -4.68 -14.48
CA GLU C 455 1.12 -3.37 -14.07
C GLU C 455 1.69 -3.44 -12.66
N LEU C 456 2.48 -2.43 -12.31
CA LEU C 456 3.08 -2.32 -10.98
C LEU C 456 2.83 -0.91 -10.46
N ALA C 457 2.06 -0.81 -9.37
CA ALA C 457 1.79 0.45 -8.71
C ALA C 457 2.40 0.39 -7.31
N ILE C 458 3.17 1.43 -6.95
CA ILE C 458 3.82 1.52 -5.66
C ILE C 458 3.31 2.76 -4.95
N PHE C 459 2.67 2.56 -3.80
CA PHE C 459 2.16 3.66 -2.97
C PHE C 459 3.10 3.88 -1.80
N ILE C 460 3.57 5.11 -1.64
CA ILE C 460 4.64 5.44 -0.70
C ILE C 460 4.14 6.38 0.37
N GLY C 461 4.50 6.09 1.61
CA GLY C 461 4.24 6.99 2.73
C GLY C 461 5.29 8.06 2.87
N ASP C 462 6.39 7.76 3.57
CA ASP C 462 7.47 8.71 3.79
C ASP C 462 8.49 8.57 2.68
N ALA C 463 8.28 9.31 1.59
CA ALA C 463 9.24 9.37 0.48
C ALA C 463 10.27 10.44 0.79
N HIS C 464 11.53 10.04 0.93
CA HIS C 464 12.56 10.94 1.42
C HIS C 464 13.86 10.74 0.65
N ILE C 465 14.77 11.69 0.84
CA ILE C 465 16.10 11.67 0.25
C ILE C 465 17.11 12.00 1.34
N TYR C 466 18.07 11.12 1.56
CA TYR C 466 19.11 11.39 2.55
C TYR C 466 20.03 12.49 2.05
N GLU C 467 20.44 13.37 2.97
CA GLU C 467 21.15 14.58 2.57
C GLU C 467 22.52 14.31 1.99
N ASN C 468 23.10 13.13 2.23
CA ASN C 468 24.35 12.78 1.59
C ASN C 468 24.17 12.26 0.17
N HIS C 469 22.93 12.07 -0.27
CA HIS C 469 22.63 11.62 -1.63
C HIS C 469 22.25 12.78 -2.56
N LEU C 470 22.35 14.02 -2.09
CA LEU C 470 21.87 15.15 -2.88
C LEU C 470 22.74 15.38 -4.11
N THR C 471 24.06 15.36 -3.94
CA THR C 471 24.95 15.57 -5.09
C THR C 471 24.79 14.44 -6.11
N GLN C 472 24.55 13.22 -5.63
CA GLN C 472 24.42 12.08 -6.53
C GLN C 472 23.10 12.12 -7.29
N LEU C 473 21.99 12.35 -6.56
CA LEU C 473 20.68 12.31 -7.21
C LEU C 473 20.50 13.47 -8.17
N LYS C 474 21.17 14.60 -7.93
CA LYS C 474 21.14 15.67 -8.91
C LYS C 474 21.88 15.28 -10.18
N GLU C 475 22.94 14.47 -10.05
CA GLU C 475 23.61 13.95 -11.24
C GLU C 475 22.71 13.00 -12.02
N GLN C 476 21.96 12.15 -11.30
CA GLN C 476 21.06 11.23 -11.98
C GLN C 476 19.94 11.96 -12.72
N LEU C 477 19.52 13.12 -12.19
CA LEU C 477 18.46 13.89 -12.83
C LEU C 477 18.93 14.60 -14.10
N SER C 478 20.24 14.68 -14.33
CA SER C 478 20.77 15.33 -15.52
C SER C 478 20.86 14.39 -16.71
N ARG C 479 20.45 13.13 -16.54
CA ARG C 479 20.58 12.10 -17.57
C ARG C 479 19.20 11.82 -18.17
N THR C 480 19.08 12.02 -19.49
CA THR C 480 17.84 11.72 -20.17
C THR C 480 17.60 10.22 -20.18
N PRO C 481 16.42 9.75 -19.79
CA PRO C 481 16.19 8.31 -19.68
C PRO C 481 16.29 7.59 -21.01
N ARG C 482 16.72 6.34 -20.93
CA ARG C 482 16.80 5.41 -22.05
C ARG C 482 15.73 4.33 -21.92
N PRO C 483 15.36 3.66 -23.01
CA PRO C 483 14.27 2.67 -22.94
C PRO C 483 14.57 1.55 -21.95
N PHE C 484 13.51 1.09 -21.28
CA PHE C 484 13.64 0.01 -20.31
C PHE C 484 14.14 -1.27 -20.99
N PRO C 485 14.81 -2.15 -20.26
CA PRO C 485 15.22 -3.42 -20.84
C PRO C 485 14.09 -4.44 -20.85
N GLN C 486 14.39 -5.68 -21.22
CA GLN C 486 13.46 -6.79 -21.14
C GLN C 486 14.03 -7.85 -20.21
N LEU C 487 13.14 -8.50 -19.46
CA LEU C 487 13.52 -9.58 -18.56
C LEU C 487 12.67 -10.79 -18.90
N LYS C 488 13.33 -11.89 -19.27
CA LYS C 488 12.65 -13.13 -19.61
C LYS C 488 13.25 -14.28 -18.83
N PHE C 489 12.43 -15.29 -18.57
CA PHE C 489 12.87 -16.49 -17.87
C PHE C 489 13.23 -17.57 -18.88
N LYS C 490 14.34 -18.26 -18.62
CA LYS C 490 14.84 -19.26 -19.57
C LYS C 490 14.07 -20.57 -19.48
N ARG C 491 13.55 -20.92 -18.31
CA ARG C 491 12.81 -22.16 -18.14
C ARG C 491 11.59 -21.90 -17.27
N LYS C 492 10.60 -22.77 -17.39
CA LYS C 492 9.40 -22.71 -16.56
C LYS C 492 9.61 -23.61 -15.36
N VAL C 493 9.54 -23.04 -14.16
CA VAL C 493 9.77 -23.78 -12.94
C VAL C 493 8.45 -24.41 -12.49
N GLU C 494 8.56 -25.45 -11.67
CA GLU C 494 7.37 -26.09 -11.11
C GLU C 494 6.94 -25.45 -9.79
N ASN C 495 7.89 -25.00 -8.98
CA ASN C 495 7.60 -24.28 -7.75
C ASN C 495 8.37 -22.97 -7.76
N ILE C 496 7.79 -21.94 -7.13
CA ILE C 496 8.38 -20.61 -7.18
C ILE C 496 9.75 -20.56 -6.51
N GLU C 497 10.05 -21.52 -5.62
CA GLU C 497 11.33 -21.53 -4.92
C GLU C 497 12.47 -22.01 -5.79
N ASP C 498 12.19 -22.57 -6.96
CA ASP C 498 13.20 -23.19 -7.81
C ASP C 498 13.90 -22.20 -8.73
N PHE C 499 13.59 -20.92 -8.65
CA PHE C 499 14.24 -19.93 -9.52
C PHE C 499 15.70 -19.76 -9.15
N LYS C 500 16.54 -19.62 -10.17
CA LYS C 500 17.97 -19.40 -10.01
C LYS C 500 18.39 -18.21 -10.86
N TRP C 501 19.55 -17.64 -10.53
CA TRP C 501 20.04 -16.46 -11.24
C TRP C 501 20.38 -16.79 -12.69
N GLU C 502 20.75 -18.04 -12.99
CA GLU C 502 21.05 -18.43 -14.36
C GLU C 502 19.80 -18.49 -15.22
N ASP C 503 18.62 -18.56 -14.62
CA ASP C 503 17.36 -18.62 -15.37
C ASP C 503 16.89 -17.26 -15.85
N ILE C 504 17.49 -16.17 -15.38
CA ILE C 504 17.05 -14.82 -15.73
C ILE C 504 17.94 -14.28 -16.82
N GLU C 505 17.33 -13.74 -17.88
CA GLU C 505 18.03 -13.15 -19.00
C GLU C 505 17.62 -11.69 -19.13
N LEU C 506 18.57 -10.79 -18.96
CA LEU C 506 18.33 -9.34 -19.05
C LEU C 506 18.73 -8.89 -20.45
N ILE C 507 17.75 -8.43 -21.22
CA ILE C 507 17.93 -8.15 -22.64
C ILE C 507 17.77 -6.66 -22.88
N GLY C 508 18.78 -6.03 -23.48
CA GLY C 508 18.68 -4.64 -23.89
C GLY C 508 18.78 -3.63 -22.77
N TYR C 509 19.71 -3.83 -21.85
CA TYR C 509 19.92 -2.92 -20.72
C TYR C 509 21.19 -2.13 -20.99
N TYR C 510 21.03 -0.86 -21.37
CA TYR C 510 22.15 0.04 -21.65
C TYR C 510 22.05 1.28 -20.77
N PRO C 511 22.33 1.15 -19.47
CA PRO C 511 22.12 2.26 -18.56
C PRO C 511 23.31 3.22 -18.54
N TYR C 512 23.13 4.32 -17.83
CA TYR C 512 24.20 5.24 -17.52
C TYR C 512 25.11 4.64 -16.45
N PRO C 513 26.34 5.15 -16.31
CA PRO C 513 27.26 4.58 -15.31
C PRO C 513 26.69 4.64 -13.90
N THR C 514 27.08 3.66 -13.09
CA THR C 514 26.55 3.55 -11.74
C THR C 514 26.97 4.73 -10.88
N ILE C 515 26.17 5.01 -9.86
CA ILE C 515 26.40 6.12 -8.94
C ILE C 515 26.46 5.56 -7.53
N LYS C 516 27.53 5.89 -6.80
CA LYS C 516 27.75 5.36 -5.46
C LYS C 516 27.03 6.21 -4.42
N MET C 517 26.30 5.54 -3.53
CA MET C 517 25.55 6.20 -2.47
C MET C 517 25.61 5.35 -1.21
N ASP C 518 26.04 5.96 -0.11
CA ASP C 518 26.21 5.24 1.15
C ASP C 518 24.87 5.04 1.86
N MET C 519 24.72 3.86 2.47
CA MET C 519 23.51 3.54 3.21
C MET C 519 23.59 4.10 4.62
N ALA C 520 22.46 4.64 5.10
CA ALA C 520 22.35 5.13 6.47
C ALA C 520 21.96 3.96 7.37
N VAL C 521 22.86 3.57 8.27
CA VAL C 521 22.62 2.45 9.16
C VAL C 521 21.79 2.90 10.36
N GLU D 3 30.71 50.23 7.76
CA GLU D 3 30.03 50.41 9.04
C GLU D 3 28.52 50.59 8.83
N LYS D 4 27.77 49.49 8.94
CA LYS D 4 26.33 49.52 8.79
C LYS D 4 25.68 49.05 10.10
N ASN D 5 24.37 48.81 10.04
CA ASN D 5 23.58 48.54 11.23
C ASN D 5 23.42 47.04 11.45
N VAL D 6 23.46 46.62 12.71
CA VAL D 6 23.30 45.23 13.11
C VAL D 6 22.20 45.17 14.16
N SER D 7 21.11 44.48 13.83
CA SER D 7 19.94 44.40 14.70
C SER D 7 19.59 42.94 14.98
N ILE D 8 19.12 42.69 16.20
CA ILE D 8 18.65 41.38 16.62
C ILE D 8 17.14 41.33 16.44
N VAL D 9 16.65 40.26 15.83
CA VAL D 9 15.22 39.98 15.75
C VAL D 9 14.97 38.69 16.51
N VAL D 10 14.01 38.71 17.44
CA VAL D 10 13.76 37.58 18.32
C VAL D 10 12.32 37.65 18.83
N ALA D 11 11.74 36.49 19.12
CA ALA D 11 10.45 36.38 19.77
C ALA D 11 10.62 35.50 21.00
N ALA D 12 10.53 36.10 22.18
CA ALA D 12 10.73 35.41 23.44
C ALA D 12 9.49 35.54 24.31
N SER D 13 9.36 34.62 25.27
CA SER D 13 8.25 34.69 26.21
C SER D 13 8.41 35.88 27.16
N VAL D 14 7.30 36.28 27.77
CA VAL D 14 7.24 37.57 28.46
C VAL D 14 8.10 37.57 29.73
N LEU D 15 8.08 36.46 30.49
CA LEU D 15 8.79 36.40 31.76
C LEU D 15 10.13 35.68 31.64
N SER D 16 10.11 34.40 31.27
CA SER D 16 11.32 33.58 31.22
C SER D 16 12.12 33.74 29.93
N SER D 17 11.59 34.43 28.92
CA SER D 17 12.31 34.70 27.68
C SER D 17 12.68 33.43 26.93
N GLY D 18 11.77 32.46 26.91
CA GLY D 18 11.98 31.24 26.14
C GLY D 18 11.69 31.48 24.67
N ILE D 19 12.51 30.86 23.81
CA ILE D 19 12.40 31.13 22.37
C ILE D 19 12.24 29.83 21.58
N GLY D 20 12.50 28.68 22.21
CA GLY D 20 12.45 27.44 21.47
C GLY D 20 12.26 26.24 22.36
N ILE D 21 11.87 25.13 21.72
CA ILE D 21 11.68 23.86 22.41
C ILE D 21 11.80 22.72 21.40
N ASN D 22 12.72 21.80 21.67
CA ASN D 22 12.93 20.61 20.83
C ASN D 22 13.15 20.99 19.37
N GLY D 23 13.98 22.01 19.14
CA GLY D 23 14.33 22.40 17.79
C GLY D 23 13.25 23.12 17.02
N GLN D 24 12.25 23.67 17.71
CA GLN D 24 11.20 24.43 17.05
C GLN D 24 10.68 25.49 18.01
N LEU D 25 9.81 26.36 17.47
CA LEU D 25 9.22 27.43 18.27
C LEU D 25 8.13 26.87 19.19
N PRO D 26 7.98 27.41 20.39
CA PRO D 26 6.91 26.97 21.29
C PRO D 26 5.55 27.57 21.00
N TRP D 27 5.37 28.21 19.84
CA TRP D 27 4.08 28.80 19.48
C TRP D 27 4.03 28.95 17.97
N SER D 28 2.82 29.18 17.45
CA SER D 28 2.60 29.40 16.03
C SER D 28 1.79 30.68 15.86
N ILE D 29 2.50 31.80 15.69
CA ILE D 29 1.88 33.11 15.52
C ILE D 29 2.21 33.57 14.10
N SER D 30 1.20 33.60 13.24
CA SER D 30 1.42 33.95 11.84
C SER D 30 1.88 35.39 11.68
N GLU D 31 1.25 36.32 12.42
CA GLU D 31 1.60 37.73 12.27
C GLU D 31 3.05 38.00 12.67
N ASP D 32 3.59 37.20 13.58
CA ASP D 32 5.00 37.39 13.97
C ASP D 32 5.94 37.04 12.82
N LEU D 33 5.64 35.98 12.08
CA LEU D 33 6.48 35.64 10.94
C LEU D 33 6.42 36.73 9.87
N LYS D 34 5.25 37.35 9.70
CA LYS D 34 5.14 38.47 8.77
C LYS D 34 5.99 39.65 9.23
N PHE D 35 6.00 39.91 10.54
CA PHE D 35 6.85 40.97 11.08
C PHE D 35 8.32 40.68 10.83
N PHE D 36 8.74 39.43 11.08
CA PHE D 36 10.12 39.04 10.79
C PHE D 36 10.43 39.21 9.31
N SER D 37 9.48 38.86 8.45
CA SER D 37 9.71 38.96 7.01
C SER D 37 9.84 40.41 6.57
N LYS D 38 9.02 41.30 7.14
CA LYS D 38 9.04 42.69 6.70
C LYS D 38 10.17 43.49 7.35
N ILE D 39 10.56 43.14 8.58
CA ILE D 39 11.64 43.88 9.23
C ILE D 39 12.99 43.51 8.65
N THR D 40 13.14 42.31 8.09
CA THR D 40 14.41 41.88 7.51
C THR D 40 14.52 42.19 6.03
N ASN D 41 13.41 42.47 5.36
CA ASN D 41 13.43 42.92 3.96
C ASN D 41 13.45 44.43 3.83
N ASN D 42 13.30 45.16 4.94
CA ASN D 42 13.26 46.61 4.91
C ASN D 42 14.64 47.14 4.50
N LYS D 43 14.74 47.66 3.28
CA LYS D 43 15.99 48.17 2.75
C LYS D 43 15.73 49.47 1.99
N CYS D 44 16.76 50.30 1.90
CA CYS D 44 16.69 51.57 1.19
C CYS D 44 17.21 51.48 -0.24
N ASP D 45 18.21 50.65 -0.50
CA ASP D 45 18.78 50.49 -1.83
C ASP D 45 18.22 49.21 -2.45
N SER D 46 17.59 49.34 -3.62
CA SER D 46 17.03 48.19 -4.29
C SER D 46 18.11 47.28 -4.90
N ASN D 47 19.34 47.77 -5.02
CA ASN D 47 20.44 46.97 -5.55
C ASN D 47 21.26 46.31 -4.45
N LYS D 48 20.75 46.25 -3.23
CA LYS D 48 21.43 45.63 -2.10
C LYS D 48 20.50 44.63 -1.42
N LYS D 49 21.11 43.71 -0.69
CA LYS D 49 20.38 42.70 0.07
C LYS D 49 20.75 42.80 1.54
N ASN D 50 19.87 42.27 2.40
CA ASN D 50 20.11 42.21 3.83
C ASN D 50 20.64 40.84 4.22
N ALA D 51 21.54 40.82 5.19
CA ALA D 51 22.17 39.59 5.65
C ALA D 51 21.51 39.11 6.93
N LEU D 52 21.16 37.83 6.97
CA LEU D 52 20.51 37.22 8.14
C LEU D 52 21.45 36.18 8.72
N ILE D 53 22.07 36.50 9.85
CA ILE D 53 22.96 35.59 10.55
C ILE D 53 22.13 34.67 11.43
N MET D 54 22.43 33.37 11.38
CA MET D 54 21.73 32.40 12.21
C MET D 54 22.63 31.19 12.44
N GLY D 55 22.41 30.52 13.57
CA GLY D 55 23.16 29.32 13.87
C GLY D 55 22.72 28.15 13.02
N ARG D 56 23.47 27.05 13.14
CA ARG D 56 23.17 25.89 12.29
C ARG D 56 21.84 25.24 12.68
N LYS D 57 21.59 25.10 13.98
CA LYS D 57 20.35 24.46 14.41
C LYS D 57 19.13 25.27 14.00
N THR D 58 19.23 26.60 14.01
CA THR D 58 18.16 27.43 13.46
C THR D 58 18.05 27.25 11.95
N TRP D 59 19.19 27.12 11.28
CA TRP D 59 19.19 26.83 9.84
C TRP D 59 18.51 25.49 9.55
N ASP D 60 18.60 24.54 10.48
CA ASP D 60 17.86 23.29 10.32
C ASP D 60 16.36 23.51 10.57
N SER D 61 16.02 24.46 11.44
CA SER D 61 14.61 24.69 11.79
C SER D 61 13.81 25.23 10.61
N ILE D 62 14.44 25.99 9.71
CA ILE D 62 13.74 26.57 8.58
C ILE D 62 13.88 25.66 7.36
N GLY D 63 14.22 24.39 7.60
CA GLY D 63 14.28 23.41 6.54
C GLY D 63 15.46 23.53 5.60
N ARG D 64 16.48 24.31 5.96
CA ARG D 64 17.66 24.51 5.11
C ARG D 64 17.28 24.99 3.72
N ARG D 65 16.37 25.96 3.66
CA ARG D 65 15.96 26.55 2.40
C ARG D 65 16.07 28.06 2.47
N PRO D 66 16.49 28.71 1.39
CA PRO D 66 16.79 30.15 1.46
C PRO D 66 15.53 30.98 1.63
N LEU D 67 15.73 32.19 2.15
CA LEU D 67 14.67 33.17 2.29
C LEU D 67 14.75 34.17 1.13
N LYS D 68 13.61 34.48 0.53
CA LYS D 68 13.59 35.29 -0.68
C LYS D 68 14.15 36.69 -0.43
N ASN D 69 14.92 37.17 -1.40
CA ASN D 69 15.48 38.53 -1.42
C ASN D 69 16.45 38.78 -0.27
N ARG D 70 16.96 37.73 0.37
CA ARG D 70 17.86 37.88 1.49
C ARG D 70 18.97 36.85 1.41
N ILE D 71 20.09 37.17 2.05
CA ILE D 71 21.26 36.30 2.11
C ILE D 71 21.36 35.74 3.52
N ILE D 72 21.18 34.44 3.67
CA ILE D 72 21.26 33.78 4.96
C ILE D 72 22.72 33.42 5.24
N VAL D 73 23.20 33.82 6.41
CA VAL D 73 24.56 33.53 6.85
C VAL D 73 24.47 32.51 7.97
N VAL D 74 24.96 31.30 7.73
CA VAL D 74 24.89 30.21 8.69
C VAL D 74 26.22 30.12 9.42
N ILE D 75 26.15 30.11 10.75
CA ILE D 75 27.33 29.94 11.60
C ILE D 75 27.42 28.47 11.98
N SER D 76 28.48 27.81 11.50
CA SER D 76 28.66 26.39 11.78
C SER D 76 30.12 26.03 11.56
N SER D 77 30.64 25.16 12.42
CA SER D 77 32.01 24.69 12.28
C SER D 77 32.12 23.44 11.42
N SER D 78 31.00 22.79 11.11
CA SER D 78 30.99 21.54 10.36
C SER D 78 30.43 21.65 8.96
N LEU D 79 29.48 22.56 8.72
CA LEU D 79 28.86 22.65 7.41
C LEU D 79 29.89 23.01 6.35
N PRO D 80 29.83 22.38 5.17
CA PRO D 80 30.78 22.73 4.11
C PRO D 80 30.48 24.10 3.53
N GLN D 81 31.52 24.92 3.39
CA GLN D 81 31.37 26.26 2.82
C GLN D 81 31.01 26.11 1.34
N ASP D 82 29.74 25.83 1.10
CA ASP D 82 29.26 25.58 -0.25
C ASP D 82 29.18 26.88 -1.04
N GLU D 83 29.54 26.79 -2.32
CA GLU D 83 29.46 27.93 -3.23
C GLU D 83 28.35 27.78 -4.26
N ALA D 84 27.59 26.68 -4.21
CA ALA D 84 26.51 26.48 -5.18
C ALA D 84 25.40 27.49 -4.97
N ASP D 85 24.80 27.50 -3.79
CA ASP D 85 23.72 28.44 -3.49
C ASP D 85 24.30 29.82 -3.20
N PRO D 86 24.01 30.83 -4.02
CA PRO D 86 24.52 32.18 -3.75
C PRO D 86 23.76 32.92 -2.67
N ASN D 87 22.62 32.39 -2.22
CA ASN D 87 21.82 33.02 -1.17
C ASN D 87 22.13 32.47 0.22
N VAL D 88 23.05 31.51 0.32
CA VAL D 88 23.44 30.92 1.60
C VAL D 88 24.96 30.84 1.65
N VAL D 89 25.55 31.38 2.72
CA VAL D 89 26.98 31.37 2.92
C VAL D 89 27.26 30.95 4.35
N VAL D 90 28.36 30.22 4.55
CA VAL D 90 28.70 29.61 5.84
C VAL D 90 30.01 30.22 6.33
N PHE D 91 30.03 30.59 7.62
CA PHE D 91 31.23 31.06 8.29
C PHE D 91 31.50 30.20 9.51
N ARG D 92 32.77 30.12 9.89
CA ARG D 92 33.17 29.22 10.98
C ARG D 92 32.85 29.78 12.35
N ASN D 93 32.91 31.10 12.51
CA ASN D 93 32.59 31.73 13.78
C ASN D 93 31.85 33.03 13.51
N LEU D 94 31.23 33.57 14.57
CA LEU D 94 30.44 34.78 14.43
C LEU D 94 31.30 35.99 14.07
N GLU D 95 32.49 36.09 14.65
CA GLU D 95 33.36 37.23 14.40
C GLU D 95 33.72 37.34 12.92
N ASP D 96 34.13 36.24 12.31
CA ASP D 96 34.47 36.24 10.89
C ASP D 96 33.28 36.64 10.03
N SER D 97 32.07 36.26 10.43
CA SER D 97 30.88 36.58 9.66
C SER D 97 30.57 38.07 9.65
N ILE D 98 31.10 38.84 10.60
CA ILE D 98 30.86 40.28 10.64
C ILE D 98 31.86 40.96 9.71
N GLU D 99 32.32 40.24 8.70
CA GLU D 99 33.03 40.86 7.58
C GLU D 99 32.08 41.58 6.64
N ASN D 100 30.76 41.39 6.80
CA ASN D 100 29.79 42.16 6.04
C ASN D 100 29.98 43.65 6.26
N LEU D 101 30.49 44.05 7.42
CA LEU D 101 30.81 45.46 7.69
C LEU D 101 32.00 45.92 6.85
N MET D 102 33.17 45.35 7.12
CA MET D 102 34.42 45.79 6.51
C MET D 102 34.30 45.93 4.99
N ASN D 103 33.82 44.89 4.33
CA ASN D 103 33.68 44.92 2.87
C ASN D 103 32.26 44.54 2.48
N ASP D 104 32.11 43.96 1.29
CA ASP D 104 30.82 43.52 0.77
C ASP D 104 29.77 44.63 0.86
N ASP D 105 30.00 45.65 0.02
CA ASP D 105 29.12 46.81 -0.04
C ASP D 105 27.75 46.49 -0.62
N SER D 106 27.51 45.27 -1.08
CA SER D 106 26.20 44.86 -1.56
C SER D 106 25.25 44.49 -0.43
N ILE D 107 25.72 44.48 0.81
CA ILE D 107 24.88 44.22 1.97
C ILE D 107 24.61 45.55 2.66
N GLU D 108 23.32 45.88 2.83
CA GLU D 108 22.95 47.15 3.43
C GLU D 108 22.80 47.05 4.96
N ASN D 109 21.99 46.10 5.43
CA ASN D 109 21.76 45.93 6.86
C ASN D 109 22.05 44.49 7.25
N ILE D 110 22.30 44.29 8.54
CA ILE D 110 22.64 42.98 9.09
C ILE D 110 21.64 42.67 10.19
N PHE D 111 21.12 41.45 10.17
CA PHE D 111 20.17 40.98 11.17
C PHE D 111 20.68 39.70 11.81
N VAL D 112 20.53 39.61 13.13
CA VAL D 112 20.97 38.46 13.90
C VAL D 112 19.75 37.67 14.36
N CYS D 113 19.29 36.76 13.51
CA CYS D 113 18.13 35.94 13.83
C CYS D 113 18.52 34.49 14.05
N GLY D 114 19.47 34.26 14.96
CA GLY D 114 19.95 32.94 15.29
C GLY D 114 19.29 32.38 16.52
N GLY D 115 20.01 31.48 17.21
CA GLY D 115 19.53 30.89 18.43
C GLY D 115 20.23 31.45 19.65
N GLU D 116 20.01 30.76 20.79
CA GLU D 116 20.64 31.18 22.03
C GLU D 116 22.16 31.28 21.91
N SER D 117 22.77 30.33 21.19
CA SER D 117 24.22 30.36 21.03
C SER D 117 24.66 31.61 20.28
N ILE D 118 23.90 32.02 19.26
CA ILE D 118 24.27 33.19 18.48
C ILE D 118 23.87 34.47 19.19
N TYR D 119 22.70 34.48 19.84
CA TYR D 119 22.27 35.68 20.57
C TYR D 119 23.24 36.03 21.68
N ARG D 120 23.72 35.04 22.43
CA ARG D 120 24.51 35.31 23.62
C ARG D 120 25.85 35.95 23.27
N ASP D 121 26.60 35.33 22.36
CA ASP D 121 27.91 35.87 22.01
C ASP D 121 27.84 36.92 20.91
N ALA D 122 26.64 37.39 20.56
CA ALA D 122 26.52 38.60 19.76
C ALA D 122 26.34 39.82 20.65
N LEU D 123 25.73 39.64 21.82
CA LEU D 123 25.67 40.72 22.81
C LEU D 123 26.96 40.80 23.61
N LYS D 124 27.56 39.65 23.95
CA LYS D 124 28.81 39.65 24.69
C LYS D 124 29.95 40.25 23.87
N ASP D 125 29.97 39.98 22.56
CA ASP D 125 30.98 40.55 21.68
C ASP D 125 30.65 41.98 21.27
N ASN D 126 29.51 42.51 21.69
CA ASN D 126 29.14 43.91 21.51
C ASN D 126 29.06 44.28 20.03
N PHE D 127 28.26 43.51 19.28
CA PHE D 127 28.02 43.77 17.87
C PHE D 127 26.64 44.32 17.59
N VAL D 128 25.71 44.27 18.54
CA VAL D 128 24.31 44.54 18.30
C VAL D 128 24.01 46.00 18.62
N ASP D 129 23.36 46.68 17.67
CA ASP D 129 22.91 48.06 17.84
C ASP D 129 21.44 48.16 18.24
N ARG D 130 20.59 47.28 17.73
CA ARG D 130 19.16 47.37 17.94
C ARG D 130 18.61 45.97 18.22
N ILE D 131 17.50 45.90 18.94
CA ILE D 131 16.84 44.65 19.27
C ILE D 131 15.35 44.79 18.97
N TYR D 132 14.85 43.94 18.07
CA TYR D 132 13.42 43.86 17.77
C TYR D 132 12.86 42.68 18.54
N LEU D 133 12.21 42.95 19.67
CA LEU D 133 11.70 41.93 20.56
C LEU D 133 10.20 41.77 20.38
N THR D 134 9.75 40.52 20.28
CA THR D 134 8.33 40.18 20.21
C THR D 134 7.99 39.40 21.48
N ARG D 135 7.52 40.10 22.50
CA ARG D 135 7.16 39.46 23.76
C ARG D 135 5.88 38.66 23.60
N VAL D 136 5.94 37.37 23.94
CA VAL D 136 4.79 36.47 23.83
C VAL D 136 4.34 36.06 25.23
N ALA D 137 3.03 36.04 25.44
CA ALA D 137 2.45 35.77 26.75
C ALA D 137 2.15 34.28 26.94
N LEU D 138 3.21 33.48 26.89
CA LEU D 138 3.12 32.05 27.16
C LEU D 138 4.23 31.68 28.13
N GLU D 139 3.86 31.16 29.30
CA GLU D 139 4.85 30.90 30.33
C GLU D 139 4.74 29.54 31.00
N ASP D 140 3.55 28.99 31.17
CA ASP D 140 3.40 27.69 31.83
C ASP D 140 3.59 26.53 30.87
N ILE D 141 4.50 26.69 29.91
CA ILE D 141 4.87 25.63 28.98
C ILE D 141 6.35 25.32 29.18
N GLU D 142 6.91 24.44 28.35
CA GLU D 142 8.28 23.98 28.51
C GLU D 142 9.19 24.62 27.47
N PHE D 143 10.34 25.13 27.93
CA PHE D 143 11.36 25.67 27.05
C PHE D 143 12.68 24.93 27.28
N ASP D 144 13.54 24.97 26.27
CA ASP D 144 14.91 24.50 26.41
C ASP D 144 15.93 25.44 25.78
N THR D 145 15.49 26.58 25.23
CA THR D 145 16.37 27.55 24.62
C THR D 145 15.81 28.94 24.93
N TYR D 146 16.65 29.80 25.50
CA TYR D 146 16.21 31.10 26.00
C TYR D 146 16.97 32.23 25.32
N PHE D 147 16.36 33.42 25.36
CA PHE D 147 17.00 34.65 24.90
C PHE D 147 17.75 35.29 26.07
N PRO D 148 19.03 35.62 25.90
CA PRO D 148 19.81 36.14 27.04
C PRO D 148 19.24 37.46 27.54
N GLU D 149 19.49 37.75 28.82
CA GLU D 149 19.03 39.00 29.40
C GLU D 149 19.64 40.19 28.67
N ILE D 150 18.81 41.17 28.35
CA ILE D 150 19.26 42.35 27.63
C ILE D 150 20.20 43.16 28.50
N PRO D 151 21.42 43.42 28.06
CA PRO D 151 22.37 44.19 28.88
C PRO D 151 21.89 45.62 29.08
N GLU D 152 22.41 46.25 30.15
CA GLU D 152 21.98 47.59 30.52
C GLU D 152 22.34 48.65 29.50
N THR D 153 23.21 48.33 28.53
CA THR D 153 23.56 49.29 27.50
C THR D 153 22.40 49.57 26.55
N PHE D 154 21.36 48.75 26.56
CA PHE D 154 20.19 48.93 25.71
C PHE D 154 19.07 49.59 26.49
N LEU D 155 18.29 50.42 25.79
CA LEU D 155 17.13 51.09 26.36
C LEU D 155 15.94 50.94 25.43
N PRO D 156 14.75 50.66 25.98
CA PRO D 156 13.56 50.55 25.15
C PRO D 156 13.13 51.91 24.62
N VAL D 157 12.81 51.96 23.34
CA VAL D 157 12.36 53.19 22.70
C VAL D 157 10.96 53.06 22.10
N TYR D 158 10.38 51.87 22.09
CA TYR D 158 9.05 51.66 21.50
C TYR D 158 8.43 50.41 22.09
N MET D 159 7.13 50.47 22.34
CA MET D 159 6.35 49.32 22.82
C MET D 159 4.98 49.40 22.19
N SER D 160 4.70 48.48 21.27
CA SER D 160 3.46 48.50 20.51
C SER D 160 2.27 48.14 21.40
N GLN D 161 1.08 48.26 20.83
CA GLN D 161 -0.13 47.80 21.50
C GLN D 161 -0.13 46.27 21.57
N THR D 162 -0.97 45.75 22.45
CA THR D 162 -1.10 44.31 22.59
C THR D 162 -1.95 43.75 21.46
N PHE D 163 -1.42 42.75 20.77
CA PHE D 163 -2.10 42.05 19.69
C PHE D 163 -2.53 40.67 20.17
N CYS D 164 -3.38 40.03 19.36
CA CYS D 164 -3.95 38.73 19.73
C CYS D 164 -3.92 37.79 18.54
N THR D 165 -3.50 36.56 18.78
CA THR D 165 -3.54 35.50 17.77
C THR D 165 -3.78 34.18 18.47
N LYS D 166 -4.91 33.54 18.17
CA LYS D 166 -5.30 32.27 18.80
C LYS D 166 -5.33 32.41 20.32
N ASN D 167 -5.91 33.51 20.80
CA ASN D 167 -6.02 33.83 22.23
C ASN D 167 -4.67 34.05 22.89
N ILE D 168 -3.60 34.24 22.11
CA ILE D 168 -2.27 34.52 22.64
C ILE D 168 -1.96 35.99 22.46
N SER D 169 -1.60 36.66 23.55
CA SER D 169 -1.25 38.07 23.51
C SER D 169 0.25 38.24 23.25
N TYR D 170 0.60 39.28 22.49
CA TYR D 170 2.00 39.53 22.21
C TYR D 170 2.22 41.00 21.89
N ASP D 171 3.45 41.47 22.13
CA ASP D 171 3.87 42.85 21.92
C ASP D 171 4.96 42.90 20.86
N PHE D 172 5.33 44.13 20.51
CA PHE D 172 6.49 44.40 19.66
C PHE D 172 7.25 45.56 20.28
N MET D 173 8.51 45.31 20.66
CA MET D 173 9.34 46.33 21.28
C MET D 173 10.60 46.54 20.46
N ILE D 174 11.19 47.73 20.63
CA ILE D 174 12.45 48.09 19.99
C ILE D 174 13.40 48.57 21.07
N PHE D 175 14.54 47.89 21.21
CA PHE D 175 15.61 48.31 22.11
C PHE D 175 16.76 48.86 21.30
N GLU D 176 17.28 50.02 21.71
CA GLU D 176 18.41 50.64 21.05
C GLU D 176 19.53 50.85 22.05
N LYS D 177 20.77 50.76 21.56
CA LYS D 177 21.93 50.87 22.43
C LYS D 177 22.25 52.34 22.65
N GLN D 178 22.02 52.81 23.87
CA GLN D 178 22.25 54.21 24.22
C GLN D 178 23.73 54.39 24.52
N GLU D 179 24.49 54.83 23.53
CA GLU D 179 25.92 55.03 23.69
C GLU D 179 26.27 56.51 23.82
N LEU D 193 11.99 71.93 16.67
CA LEU D 193 13.32 72.50 16.64
C LEU D 193 13.56 73.30 17.92
N LYS D 194 14.82 73.69 18.17
CA LYS D 194 15.14 74.39 19.41
C LYS D 194 14.51 75.78 19.48
N SER D 195 14.27 76.41 18.34
CA SER D 195 13.71 77.76 18.34
C SER D 195 12.32 77.78 18.96
N ILE D 196 11.53 76.73 18.75
CA ILE D 196 10.18 76.68 19.32
C ILE D 196 10.25 76.40 20.81
N ASP D 197 11.12 75.49 21.22
CA ASP D 197 11.22 75.14 22.64
C ASP D 197 11.67 76.34 23.47
N ASP D 198 12.58 77.15 22.94
CA ASP D 198 13.05 78.31 23.69
C ASP D 198 11.95 79.35 23.82
N THR D 199 11.18 79.58 22.75
CA THR D 199 10.13 80.59 22.82
C THR D 199 9.05 80.20 23.82
N VAL D 200 8.67 78.92 23.86
CA VAL D 200 7.67 78.47 24.81
C VAL D 200 8.19 78.60 26.24
N ASP D 201 9.46 78.29 26.46
CA ASP D 201 10.03 78.45 27.80
C ASP D 201 10.04 79.91 28.22
N LEU D 202 10.38 80.81 27.30
CA LEU D 202 10.39 82.24 27.61
C LEU D 202 8.99 82.76 27.91
N LEU D 203 7.99 82.31 27.15
CA LEU D 203 6.62 82.69 27.44
C LEU D 203 6.16 82.14 28.79
N GLY D 204 6.66 80.97 29.19
CA GLY D 204 6.34 80.42 30.49
C GLY D 204 6.98 81.17 31.64
N GLU D 205 8.04 81.93 31.38
CA GLU D 205 8.66 82.73 32.41
C GLU D 205 7.93 84.06 32.58
N ILE D 206 7.45 84.63 31.48
CA ILE D 206 6.70 85.89 31.54
C ILE D 206 5.36 85.68 32.22
N PHE D 207 4.51 84.83 31.64
CA PHE D 207 3.23 84.48 32.24
C PHE D 207 3.43 83.28 33.17
N GLY D 208 2.97 83.41 34.40
CA GLY D 208 3.18 82.34 35.36
C GLY D 208 2.22 81.20 35.12
N ILE D 209 1.11 81.22 35.85
CA ILE D 209 0.04 80.24 35.66
C ILE D 209 -0.97 80.83 34.69
N ARG D 210 -0.64 82.00 34.12
CA ARG D 210 -1.52 82.58 33.11
C ARG D 210 -1.43 81.80 31.80
N LYS D 211 -0.27 81.25 31.48
CA LYS D 211 -0.12 80.39 30.32
C LYS D 211 -0.58 78.98 30.66
N MET D 212 -1.60 78.49 29.95
CA MET D 212 -2.22 77.22 30.30
C MET D 212 -1.22 76.07 30.26
N GLY D 213 -0.16 76.19 29.46
CA GLY D 213 0.86 75.15 29.45
C GLY D 213 1.50 74.92 30.81
N ASN D 214 1.64 75.97 31.61
CA ASN D 214 2.24 75.83 32.94
C ASN D 214 1.31 75.13 33.92
N ARG D 215 0.00 75.13 33.66
CA ARG D 215 -0.92 74.36 34.48
C ARG D 215 -0.99 72.89 34.06
N HIS D 216 -0.38 72.54 32.92
CA HIS D 216 -0.32 71.18 32.43
C HIS D 216 1.13 70.84 32.05
N LYS D 217 2.01 70.85 33.04
CA LYS D 217 3.42 70.60 32.78
C LYS D 217 3.67 69.13 32.46
N PHE D 218 4.64 68.89 31.59
CA PHE D 218 5.02 67.53 31.27
C PHE D 218 5.70 66.87 32.48
N PRO D 219 5.38 65.62 32.78
CA PRO D 219 5.95 64.98 33.97
C PRO D 219 7.47 64.88 33.90
N LYS D 220 8.10 65.01 35.05
CA LYS D 220 9.55 64.85 35.14
C LYS D 220 9.95 63.40 34.92
N GLU D 221 11.22 63.20 34.57
CA GLU D 221 11.70 61.86 34.26
C GLU D 221 11.60 60.92 35.46
N GLU D 222 11.73 61.45 36.67
CA GLU D 222 11.71 60.60 37.86
C GLU D 222 10.32 60.07 38.18
N ILE D 223 9.29 60.50 37.46
CA ILE D 223 7.92 60.02 37.72
C ILE D 223 7.28 59.57 36.41
N TYR D 224 8.10 59.32 35.40
CA TYR D 224 7.63 58.93 34.07
C TYR D 224 7.99 57.47 33.86
N ASN D 225 6.98 56.61 33.73
CA ASN D 225 7.21 55.18 33.61
C ASN D 225 7.96 54.86 32.32
N THR D 226 9.10 54.18 32.46
CA THR D 226 9.99 53.82 31.35
C THR D 226 10.30 55.06 30.52
N PRO D 227 11.12 55.98 31.04
CA PRO D 227 11.30 57.28 30.37
C PRO D 227 11.96 57.18 29.00
N SER D 228 12.72 56.11 28.74
CA SER D 228 13.41 56.00 27.47
C SER D 228 12.46 55.82 26.29
N ILE D 229 11.23 55.36 26.55
CA ILE D 229 10.23 55.23 25.49
C ILE D 229 9.54 56.60 25.39
N ARG D 230 10.07 57.43 24.49
CA ARG D 230 9.57 58.79 24.32
C ARG D 230 8.49 58.87 23.25
N PHE D 231 8.81 58.40 22.04
CA PHE D 231 7.93 58.54 20.89
C PHE D 231 7.14 57.27 20.57
N GLY D 232 7.34 56.20 21.35
CA GLY D 232 6.67 54.94 21.05
C GLY D 232 5.84 54.41 22.20
N ARG D 233 5.10 55.27 22.88
CA ARG D 233 4.26 54.86 24.00
C ARG D 233 2.90 54.35 23.50
N GLU D 234 2.95 53.35 22.63
CA GLU D 234 1.75 52.86 21.97
C GLU D 234 0.92 51.97 22.89
N HIS D 235 1.57 51.17 23.73
CA HIS D 235 0.85 50.31 24.66
C HIS D 235 -0.10 51.15 25.51
N TYR D 236 -1.38 50.78 25.49
CA TYR D 236 -2.42 51.60 26.09
C TYR D 236 -2.48 51.51 27.60
N GLU D 237 -1.60 50.72 28.23
CA GLU D 237 -1.45 50.86 29.67
C GLU D 237 -0.77 52.18 30.01
N PHE D 238 -0.01 52.76 29.07
CA PHE D 238 0.56 54.08 29.26
C PHE D 238 -0.51 55.16 29.35
N GLN D 239 -1.72 54.91 28.85
CA GLN D 239 -2.80 55.87 29.02
C GLN D 239 -3.15 56.05 30.48
N TYR D 240 -2.90 55.03 31.30
CA TYR D 240 -3.11 55.09 32.74
C TYR D 240 -1.85 55.50 33.49
N LEU D 241 -0.69 54.94 33.10
CA LEU D 241 0.55 55.24 33.81
C LEU D 241 0.97 56.69 33.59
N ASP D 242 0.62 57.29 32.46
CA ASP D 242 0.96 58.68 32.23
C ASP D 242 -0.02 59.62 32.92
N LEU D 243 -1.29 59.22 33.05
CA LEU D 243 -2.22 59.97 33.88
C LEU D 243 -1.78 59.96 35.34
N LEU D 244 -1.20 58.85 35.79
CA LEU D 244 -0.61 58.80 37.12
C LEU D 244 0.53 59.79 37.26
N SER D 245 1.32 59.97 36.19
CA SER D 245 2.44 60.89 36.24
C SER D 245 1.98 62.34 36.17
N ARG D 246 0.98 62.62 35.33
CA ARG D 246 0.49 63.99 35.23
C ARG D 246 -0.09 64.48 36.55
N VAL D 247 -0.65 63.58 37.36
CA VAL D 247 -1.17 63.97 38.66
C VAL D 247 -0.01 64.25 39.63
N LEU D 248 1.02 63.40 39.61
CA LEU D 248 2.17 63.64 40.47
C LEU D 248 2.89 64.94 40.13
N GLU D 249 2.74 65.44 38.91
CA GLU D 249 3.41 66.66 38.47
C GLU D 249 2.58 67.90 38.75
N ASN D 250 1.30 67.88 38.37
CA ASN D 250 0.44 69.05 38.44
C ASN D 250 -0.62 68.97 39.52
N GLY D 251 -0.65 67.88 40.31
CA GLY D 251 -1.73 67.67 41.24
C GLY D 251 -1.72 68.68 42.36
N ALA D 252 -2.82 69.41 42.53
CA ALA D 252 -2.95 70.36 43.62
C ALA D 252 -3.35 69.65 44.90
N TYR D 253 -2.66 69.95 46.00
CA TYR D 253 -2.96 69.35 47.28
C TYR D 253 -4.27 69.92 47.82
N ARG D 254 -5.28 69.05 47.93
CA ARG D 254 -6.62 69.49 48.31
C ARG D 254 -7.19 68.53 49.34
N GLU D 255 -8.05 69.06 50.21
CA GLU D 255 -8.78 68.25 51.17
C GLU D 255 -10.14 67.87 50.58
N ASN D 256 -10.74 66.84 51.16
CA ASN D 256 -12.04 66.35 50.70
C ASN D 256 -12.83 65.87 51.91
N ARG D 257 -13.95 65.17 51.64
CA ARG D 257 -14.84 64.71 52.70
C ARG D 257 -14.17 63.72 53.65
N THR D 258 -13.12 63.05 53.21
CA THR D 258 -12.39 62.14 54.07
C THR D 258 -11.21 62.86 54.72
N GLY D 259 -10.62 62.21 55.72
CA GLY D 259 -9.45 62.78 56.37
C GLY D 259 -8.18 62.72 55.55
N ILE D 260 -8.16 61.92 54.48
CA ILE D 260 -6.98 61.73 53.65
C ILE D 260 -7.07 62.69 52.47
N SER D 261 -6.15 63.65 52.41
CA SER D 261 -6.11 64.61 51.32
C SER D 261 -5.57 63.97 50.05
N THR D 262 -5.84 64.61 48.92
CA THR D 262 -5.43 64.12 47.61
C THR D 262 -4.66 65.18 46.85
N TYR D 263 -4.01 64.75 45.78
CA TYR D 263 -3.42 65.64 44.78
C TYR D 263 -4.29 65.53 43.54
N SER D 264 -4.95 66.62 43.18
CA SER D 264 -6.05 66.59 42.22
C SER D 264 -5.79 67.47 41.01
N ILE D 265 -6.12 66.95 39.83
CA ILE D 265 -6.23 67.73 38.60
C ILE D 265 -7.60 67.46 38.00
N PHE D 266 -8.01 68.33 37.07
CA PHE D 266 -9.35 68.30 36.52
C PHE D 266 -9.30 68.17 35.00
N GLY D 267 -10.07 67.21 34.47
CA GLY D 267 -10.19 67.03 33.04
C GLY D 267 -9.11 66.19 32.40
N GLN D 268 -9.28 64.87 32.39
CA GLN D 268 -8.33 63.95 31.78
C GLN D 268 -9.10 62.85 31.06
N MET D 269 -8.39 62.08 30.24
CA MET D 269 -9.03 60.98 29.51
C MET D 269 -8.02 59.86 29.27
N MET D 270 -8.56 58.67 29.04
CA MET D 270 -7.78 57.48 28.73
C MET D 270 -8.49 56.69 27.65
N ARG D 271 -7.72 56.17 26.69
CA ARG D 271 -8.25 55.31 25.65
C ARG D 271 -7.73 53.89 25.85
N PHE D 272 -8.56 52.91 25.48
CA PHE D 272 -8.19 51.52 25.60
C PHE D 272 -8.75 50.73 24.44
N ASP D 273 -7.92 49.86 23.88
CA ASP D 273 -8.36 48.92 22.87
C ASP D 273 -8.97 47.70 23.53
N MET D 274 -10.03 47.17 22.91
CA MET D 274 -10.63 45.92 23.36
C MET D 274 -10.77 44.89 22.25
N ARG D 275 -10.35 45.21 21.03
CA ARG D 275 -10.44 44.24 19.94
C ARG D 275 -9.41 43.13 20.09
N GLU D 276 -8.16 43.50 20.35
CA GLU D 276 -7.06 42.55 20.40
C GLU D 276 -6.53 42.27 21.80
N SER D 277 -7.12 42.87 22.84
CA SER D 277 -6.65 42.69 24.20
C SER D 277 -7.75 43.11 25.17
N PHE D 278 -7.43 43.01 26.47
CA PHE D 278 -8.35 43.37 27.54
C PHE D 278 -7.62 44.31 28.49
N PRO D 279 -8.09 45.55 28.66
CA PRO D 279 -7.33 46.52 29.46
C PRO D 279 -7.30 46.23 30.95
N LEU D 280 -6.62 45.14 31.33
CA LEU D 280 -6.37 44.81 32.73
C LEU D 280 -4.90 45.10 33.02
N LEU D 281 -4.66 46.03 33.93
CA LEU D 281 -3.30 46.52 34.18
C LEU D 281 -2.37 45.37 34.56
N THR D 282 -1.13 45.45 34.05
CA THR D 282 -0.13 44.45 34.34
C THR D 282 0.91 44.90 35.36
N THR D 283 1.04 46.21 35.58
CA THR D 283 1.97 46.74 36.57
C THR D 283 1.53 46.49 37.99
N LYS D 284 0.36 45.86 38.19
CA LYS D 284 -0.14 45.52 39.51
C LYS D 284 -1.16 44.41 39.35
N LYS D 285 -1.07 43.38 40.18
CA LYS D 285 -2.03 42.29 40.13
C LYS D 285 -3.40 42.81 40.56
N VAL D 286 -4.36 42.80 39.63
CA VAL D 286 -5.69 43.34 39.88
C VAL D 286 -6.64 42.19 40.16
N ALA D 287 -7.42 42.31 41.25
CA ALA D 287 -8.40 41.30 41.61
C ALA D 287 -9.52 41.26 40.57
N ILE D 288 -9.39 40.37 39.58
CA ILE D 288 -10.35 40.36 38.48
C ILE D 288 -11.69 39.81 38.93
N ARG D 289 -11.69 38.85 39.88
CA ARG D 289 -12.95 38.25 40.29
C ARG D 289 -13.85 39.25 41.00
N SER D 290 -13.26 40.07 41.87
CA SER D 290 -14.07 41.06 42.60
C SER D 290 -14.68 42.09 41.66
N ILE D 291 -13.97 42.43 40.57
CA ILE D 291 -14.51 43.38 39.60
C ILE D 291 -15.76 42.80 38.94
N PHE D 292 -15.68 41.54 38.51
CA PHE D 292 -16.81 40.90 37.85
C PHE D 292 -17.99 40.76 38.81
N GLU D 293 -17.71 40.25 40.02
CA GLU D 293 -18.79 40.03 40.98
C GLU D 293 -19.50 41.32 41.35
N GLU D 294 -18.81 42.45 41.27
CA GLU D 294 -19.45 43.74 41.48
C GLU D 294 -20.25 44.16 40.25
N LEU D 295 -19.73 43.85 39.05
CA LEU D 295 -20.42 44.24 37.82
C LEU D 295 -21.71 43.48 37.63
N ILE D 296 -21.67 42.16 37.85
CA ILE D 296 -22.89 41.37 37.76
C ILE D 296 -23.83 41.76 38.89
N TRP D 297 -23.29 42.27 40.00
CA TRP D 297 -24.11 42.81 41.07
C TRP D 297 -24.86 44.05 40.61
N PHE D 298 -24.23 44.89 39.81
CA PHE D 298 -24.92 46.04 39.23
C PHE D 298 -25.98 45.59 38.23
N ILE D 299 -25.61 44.67 37.33
CA ILE D 299 -26.52 44.26 36.26
C ILE D 299 -27.80 43.66 36.84
N LYS D 300 -27.65 42.80 37.86
CA LYS D 300 -28.81 42.19 38.50
C LYS D 300 -29.71 43.21 39.18
N GLY D 301 -29.25 44.43 39.36
CA GLY D 301 -30.01 45.45 40.05
C GLY D 301 -29.88 45.46 41.55
N ASP D 302 -28.94 44.71 42.10
CA ASP D 302 -28.86 44.51 43.54
C ASP D 302 -28.18 45.68 44.22
N THR D 303 -28.67 46.03 45.41
CA THR D 303 -28.04 47.03 46.26
C THR D 303 -27.69 46.47 47.64
N ASN D 304 -27.94 45.18 47.88
CA ASN D 304 -27.61 44.55 49.15
C ASN D 304 -26.12 44.29 49.20
N GLY D 305 -25.42 45.04 50.06
CA GLY D 305 -23.98 44.90 50.17
C GLY D 305 -23.52 43.58 50.75
N ASN D 306 -24.43 42.83 51.40
CA ASN D 306 -24.03 41.56 51.99
C ASN D 306 -23.84 40.50 50.91
N HIS D 307 -24.56 40.60 49.79
CA HIS D 307 -24.40 39.62 48.73
C HIS D 307 -22.98 39.64 48.16
N LEU D 308 -22.30 40.78 48.23
CA LEU D 308 -20.90 40.84 47.83
C LEU D 308 -19.99 40.30 48.93
N ILE D 309 -20.33 40.55 50.20
CA ILE D 309 -19.52 40.03 51.30
C ILE D 309 -19.67 38.52 51.42
N GLU D 310 -20.85 37.98 51.09
CA GLU D 310 -21.03 36.53 51.11
C GLU D 310 -20.19 35.85 50.04
N LYS D 311 -19.88 36.57 48.96
CA LYS D 311 -19.00 36.07 47.91
C LYS D 311 -17.55 36.51 48.11
N LYS D 312 -17.21 36.93 49.33
CA LYS D 312 -15.84 37.35 49.69
C LYS D 312 -15.36 38.52 48.83
N VAL D 313 -16.24 39.51 48.64
CA VAL D 313 -15.89 40.76 47.97
C VAL D 313 -16.21 41.88 48.96
N TYR D 314 -15.17 42.54 49.46
CA TYR D 314 -15.29 43.50 50.54
C TYR D 314 -15.02 44.94 50.10
N ILE D 315 -15.24 45.25 48.82
CA ILE D 315 -14.94 46.60 48.34
C ILE D 315 -16.00 47.61 48.75
N TRP D 316 -17.20 47.17 49.10
CA TRP D 316 -18.27 48.05 49.53
C TRP D 316 -18.55 47.94 51.03
N SER D 317 -17.57 47.47 51.82
CA SER D 317 -17.78 47.36 53.26
C SER D 317 -17.53 48.68 53.97
N GLY D 318 -16.57 49.47 53.48
CA GLY D 318 -16.26 50.73 54.13
C GLY D 318 -17.41 51.72 54.05
N ASN D 319 -18.03 51.85 52.88
CA ASN D 319 -19.16 52.74 52.69
C ASN D 319 -20.49 52.12 53.10
N GLY D 320 -20.46 50.92 53.69
CA GLY D 320 -21.67 50.26 54.13
C GLY D 320 -21.57 49.74 55.55
N SER D 321 -20.81 50.41 56.40
CA SER D 321 -20.71 50.04 57.80
C SER D 321 -21.77 50.79 58.61
N LYS D 322 -21.95 50.35 59.86
CA LYS D 322 -22.94 51.01 60.70
C LYS D 322 -22.48 52.41 61.10
N GLU D 323 -21.18 52.60 61.32
CA GLU D 323 -20.66 53.90 61.72
C GLU D 323 -20.61 54.89 60.56
N TYR D 324 -20.37 54.41 59.34
CA TYR D 324 -20.33 55.32 58.19
C TYR D 324 -21.74 55.81 57.83
N LEU D 325 -22.74 54.94 57.96
CA LEU D 325 -24.09 55.33 57.60
C LEU D 325 -24.66 56.34 58.60
N GLU D 326 -24.37 56.16 59.89
CA GLU D 326 -24.82 57.14 60.88
C GLU D 326 -24.07 58.46 60.73
N ARG D 327 -22.85 58.41 60.18
CA ARG D 327 -22.06 59.63 60.03
C ARG D 327 -22.59 60.51 58.90
N ILE D 328 -23.18 59.90 57.86
CA ILE D 328 -23.72 60.65 56.73
C ILE D 328 -25.22 60.86 56.84
N GLY D 329 -25.82 60.52 57.98
CA GLY D 329 -27.23 60.75 58.19
C GLY D 329 -28.15 59.63 57.79
N LEU D 330 -27.65 58.40 57.70
CA LEU D 330 -28.48 57.25 57.37
C LEU D 330 -28.42 56.21 58.48
N GLY D 331 -28.58 56.64 59.72
CA GLY D 331 -28.48 55.72 60.84
C GLY D 331 -29.59 54.69 60.89
N HIS D 332 -30.80 55.08 60.46
CA HIS D 332 -31.91 54.15 60.43
C HIS D 332 -31.73 53.06 59.38
N ARG D 333 -30.83 53.28 58.42
CA ARG D 333 -30.59 52.29 57.39
C ARG D 333 -29.95 51.04 57.98
N GLU D 334 -30.22 49.89 57.35
CA GLU D 334 -29.68 48.62 57.82
C GLU D 334 -28.16 48.60 57.64
N GLU D 335 -27.52 47.56 58.18
CA GLU D 335 -26.07 47.43 58.23
C GLU D 335 -25.42 47.72 56.89
N ASN D 336 -25.61 46.85 55.91
CA ASN D 336 -25.00 47.01 54.59
C ASN D 336 -26.04 47.41 53.54
N ASP D 337 -27.09 48.13 53.95
CA ASP D 337 -28.11 48.57 53.03
C ASP D 337 -27.67 49.85 52.34
N LEU D 338 -26.98 49.70 51.22
CA LEU D 338 -26.62 50.86 50.43
C LEU D 338 -27.88 51.48 49.84
N GLY D 339 -27.80 52.74 49.45
CA GLY D 339 -28.95 53.40 48.90
C GLY D 339 -29.24 52.97 47.48
N PRO D 340 -30.11 53.71 46.79
CA PRO D 340 -30.35 53.43 45.37
C PRO D 340 -29.14 53.89 44.56
N ILE D 341 -28.34 52.95 44.06
CA ILE D 341 -27.06 53.30 43.45
C ILE D 341 -26.96 52.56 42.13
N TYR D 342 -25.73 52.38 41.64
CA TYR D 342 -25.51 51.55 40.47
C TYR D 342 -26.30 50.26 40.59
N GLY D 343 -27.03 49.92 39.53
CA GLY D 343 -27.91 48.79 39.51
C GLY D 343 -29.30 49.05 40.03
N PHE D 344 -29.52 50.19 40.69
CA PHE D 344 -30.90 50.56 40.97
C PHE D 344 -31.34 51.71 40.10
N GLN D 345 -30.40 52.57 39.69
CA GLN D 345 -30.67 53.53 38.63
C GLN D 345 -30.54 52.88 37.25
N TRP D 346 -29.78 51.78 37.14
CA TRP D 346 -29.68 51.06 35.87
C TRP D 346 -30.98 50.34 35.56
N ARG D 347 -31.59 49.71 36.55
CA ARG D 347 -32.76 48.87 36.35
C ARG D 347 -34.07 49.50 36.80
N HIS D 348 -34.04 50.40 37.79
CA HIS D 348 -35.26 51.01 38.32
C HIS D 348 -35.03 52.51 38.54
N TYR D 349 -34.80 53.25 37.45
CA TYR D 349 -34.54 54.67 37.57
C TYR D 349 -35.80 55.40 38.03
N ASN D 350 -35.61 56.38 38.92
CA ASN D 350 -36.68 57.16 39.53
C ASN D 350 -37.63 56.29 40.36
N GLY D 351 -37.18 55.13 40.82
CA GLY D 351 -38.01 54.25 41.61
C GLY D 351 -37.93 54.61 43.08
N GLU D 352 -39.09 54.66 43.73
CA GLU D 352 -39.14 54.99 45.16
C GLU D 352 -38.48 53.88 45.96
N TYR D 353 -37.28 54.15 46.48
CA TYR D 353 -36.52 53.15 47.22
C TYR D 353 -37.01 53.06 48.66
N LYS D 354 -37.15 51.83 49.14
CA LYS D 354 -37.49 51.59 50.54
C LYS D 354 -36.31 50.95 51.27
N THR D 355 -36.15 49.64 51.13
CA THR D 355 -35.01 48.92 51.68
C THR D 355 -34.47 47.97 50.62
N MET D 356 -33.37 47.30 50.97
CA MET D 356 -32.73 46.35 50.06
C MET D 356 -33.44 45.01 50.00
N HIS D 357 -34.47 44.80 50.83
CA HIS D 357 -35.19 43.54 50.85
C HIS D 357 -36.48 43.57 50.05
N ASP D 358 -36.99 44.75 49.72
CA ASP D 358 -38.25 44.86 49.01
C ASP D 358 -38.11 44.39 47.57
N ASP D 359 -39.25 44.24 46.91
CA ASP D 359 -39.32 43.78 45.53
C ASP D 359 -39.59 44.98 44.62
N TYR D 360 -38.62 45.30 43.76
CA TYR D 360 -38.73 46.43 42.85
C TYR D 360 -38.97 46.01 41.41
N THR D 361 -39.41 44.77 41.19
CA THR D 361 -39.65 44.28 39.83
C THR D 361 -40.87 45.00 39.26
N GLY D 362 -40.64 45.89 38.29
CA GLY D 362 -41.70 46.62 37.61
C GLY D 362 -41.63 48.12 37.82
N VAL D 363 -41.07 48.57 38.94
CA VAL D 363 -40.98 49.98 39.24
C VAL D 363 -39.72 50.55 38.63
N GLY D 364 -39.79 51.81 38.21
CA GLY D 364 -38.65 52.50 37.66
C GLY D 364 -38.45 52.21 36.18
N VAL D 365 -37.56 52.99 35.58
CA VAL D 365 -37.21 52.85 34.17
C VAL D 365 -36.03 51.89 34.05
N ASP D 366 -36.19 50.84 33.25
CA ASP D 366 -35.13 49.84 33.06
C ASP D 366 -34.26 50.33 31.92
N GLN D 367 -33.20 51.08 32.27
CA GLN D 367 -32.30 51.61 31.25
C GLN D 367 -31.51 50.50 30.57
N LEU D 368 -30.99 49.56 31.36
CA LEU D 368 -30.15 48.50 30.79
C LEU D 368 -30.92 47.68 29.76
N ALA D 369 -32.20 47.39 30.03
CA ALA D 369 -33.01 46.65 29.07
C ALA D 369 -33.24 47.47 27.81
N LYS D 370 -33.65 48.74 27.96
CA LYS D 370 -33.85 49.59 26.79
C LYS D 370 -32.55 49.82 26.05
N LEU D 371 -31.42 49.81 26.76
CA LEU D 371 -30.13 49.93 26.10
C LEU D 371 -29.87 48.73 25.19
N ILE D 372 -30.08 47.53 25.71
CA ILE D 372 -29.86 46.32 24.90
C ILE D 372 -30.85 46.28 23.74
N GLU D 373 -32.11 46.63 24.00
CA GLU D 373 -33.11 46.62 22.93
C GLU D 373 -32.77 47.65 21.85
N THR D 374 -32.22 48.80 22.24
CA THR D 374 -31.86 49.82 21.27
C THR D 374 -30.58 49.49 20.51
N LEU D 375 -29.65 48.78 21.16
CA LEU D 375 -28.36 48.50 20.51
C LEU D 375 -28.51 47.57 19.32
N LYS D 376 -29.49 46.67 19.34
CA LYS D 376 -29.67 45.71 18.25
C LYS D 376 -30.84 46.02 17.35
N ASN D 377 -31.74 46.92 17.73
CA ASN D 377 -32.82 47.34 16.86
C ASN D 377 -32.55 48.66 16.14
N ASN D 378 -31.65 49.49 16.68
CA ASN D 378 -31.25 50.74 16.04
C ASN D 378 -29.81 51.03 16.41
N PRO D 379 -28.86 50.37 15.74
CA PRO D 379 -27.46 50.49 16.16
C PRO D 379 -26.87 51.88 15.95
N LYS D 380 -27.16 52.52 14.82
CA LYS D 380 -26.59 53.83 14.52
C LYS D 380 -27.30 54.97 15.26
N ASP D 381 -28.16 54.65 16.21
CA ASP D 381 -28.73 55.66 17.09
C ASP D 381 -27.63 56.31 17.92
N ARG D 382 -27.82 57.59 18.23
CA ARG D 382 -26.85 58.37 18.99
C ARG D 382 -27.33 58.64 20.42
N ARG D 383 -28.08 57.71 21.00
CA ARG D 383 -28.69 57.90 22.30
C ARG D 383 -28.50 56.71 23.24
N HIS D 384 -27.58 55.80 22.91
CA HIS D 384 -27.33 54.62 23.74
C HIS D 384 -26.63 55.05 25.02
N ILE D 385 -27.41 55.55 25.97
CA ILE D 385 -26.87 56.18 27.18
C ILE D 385 -27.43 55.49 28.42
N LEU D 386 -26.54 55.12 29.33
CA LEU D 386 -26.89 54.56 30.64
C LEU D 386 -26.37 55.51 31.70
N THR D 387 -27.28 56.17 32.42
CA THR D 387 -26.93 57.14 33.43
C THR D 387 -27.21 56.59 34.83
N ALA D 388 -26.53 57.20 35.81
CA ALA D 388 -26.72 56.85 37.21
C ALA D 388 -26.88 58.09 38.09
N TRP D 389 -26.76 59.29 37.53
CA TRP D 389 -26.87 60.52 38.30
C TRP D 389 -28.34 60.89 38.40
N ASN D 390 -28.95 60.60 39.55
CA ASN D 390 -30.33 60.94 39.84
C ASN D 390 -30.36 61.96 40.98
N PRO D 391 -30.57 63.25 40.68
CA PRO D 391 -30.57 64.25 41.76
C PRO D 391 -31.62 63.98 42.84
N SER D 392 -32.73 63.31 42.50
CA SER D 392 -33.77 63.06 43.48
C SER D 392 -33.37 61.98 44.48
N ALA D 393 -32.49 61.06 44.06
CA ALA D 393 -32.08 59.94 44.91
C ALA D 393 -30.69 60.11 45.49
N LEU D 394 -30.02 61.23 45.24
CA LEU D 394 -28.64 61.40 45.72
C LEU D 394 -28.58 61.34 47.25
N SER D 395 -29.54 61.97 47.93
CA SER D 395 -29.52 62.04 49.38
C SER D 395 -29.71 60.67 50.03
N GLN D 396 -30.34 59.73 49.35
CA GLN D 396 -30.55 58.39 49.90
C GLN D 396 -29.39 57.45 49.63
N MET D 397 -28.44 57.82 48.77
CA MET D 397 -27.35 56.92 48.41
C MET D 397 -26.27 56.93 49.49
N ALA D 398 -25.68 55.75 49.73
CA ALA D 398 -24.53 55.69 50.62
C ALA D 398 -23.32 56.40 50.04
N LEU D 399 -23.26 56.53 48.71
CA LEU D 399 -22.19 57.23 48.03
C LEU D 399 -22.66 57.58 46.63
N PRO D 400 -22.63 58.86 46.25
CA PRO D 400 -23.09 59.25 44.91
C PRO D 400 -22.28 58.57 43.83
N PRO D 401 -22.83 58.44 42.62
CA PRO D 401 -22.14 57.69 41.56
C PRO D 401 -20.84 58.35 41.15
N CYS D 402 -19.78 57.54 41.05
CA CYS D 402 -18.50 58.01 40.54
C CYS D 402 -18.42 57.86 39.03
N HIS D 403 -18.59 56.64 38.53
CA HIS D 403 -18.79 56.44 37.09
C HIS D 403 -20.23 56.83 36.79
N VAL D 404 -20.41 58.08 36.34
CA VAL D 404 -21.72 58.70 36.32
C VAL D 404 -22.52 58.27 35.10
N LEU D 405 -21.96 58.49 33.91
CA LEU D 405 -22.71 58.30 32.67
C LEU D 405 -21.85 57.60 31.64
N SER D 406 -22.47 56.70 30.86
CA SER D 406 -21.79 55.94 29.83
C SER D 406 -22.62 55.94 28.55
N GLN D 407 -21.93 56.06 27.41
CA GLN D 407 -22.56 56.03 26.09
C GLN D 407 -21.92 54.94 25.24
N TYR D 408 -22.73 54.29 24.41
CA TYR D 408 -22.28 53.16 23.61
C TYR D 408 -22.54 53.41 22.13
N TYR D 409 -21.72 52.79 21.29
CA TYR D 409 -21.62 53.14 19.88
C TYR D 409 -21.34 51.90 19.06
N VAL D 410 -22.08 51.72 17.98
CA VAL D 410 -21.91 50.57 17.08
C VAL D 410 -21.21 51.07 15.81
N THR D 411 -20.04 50.53 15.54
CA THR D 411 -19.28 50.93 14.36
C THR D 411 -19.85 50.24 13.12
N ASN D 412 -19.33 50.65 11.95
CA ASN D 412 -19.81 50.09 10.70
C ASN D 412 -19.40 48.63 10.52
N ASP D 413 -18.38 48.16 11.22
CA ASP D 413 -17.96 46.76 11.17
C ASP D 413 -18.46 45.98 12.39
N ASN D 414 -19.60 46.38 12.96
CA ASN D 414 -20.28 45.64 14.01
C ASN D 414 -19.41 45.45 15.26
N CYS D 415 -18.80 46.55 15.70
CA CYS D 415 -18.06 46.58 16.96
C CYS D 415 -18.73 47.57 17.91
N LEU D 416 -18.61 47.30 19.20
CA LEU D 416 -19.27 48.08 20.24
C LEU D 416 -18.23 48.84 21.05
N SER D 417 -18.18 50.15 20.88
CA SER D 417 -17.31 51.01 21.67
C SER D 417 -18.08 51.60 22.85
N CYS D 418 -17.34 52.17 23.80
CA CYS D 418 -17.90 52.67 25.04
C CYS D 418 -17.19 53.94 25.48
N ASN D 419 -17.99 54.94 25.88
CA ASN D 419 -17.49 56.17 26.49
C ASN D 419 -18.06 56.28 27.89
N LEU D 420 -17.20 56.56 28.87
CA LEU D 420 -17.61 56.67 30.26
C LEU D 420 -17.12 58.00 30.83
N TYR D 421 -18.02 58.75 31.46
CA TYR D 421 -17.63 59.94 32.20
C TYR D 421 -17.59 59.62 33.69
N GLN D 422 -16.49 59.99 34.34
CA GLN D 422 -16.25 59.70 35.74
C GLN D 422 -15.95 60.99 36.47
N ARG D 423 -16.82 61.37 37.39
CA ARG D 423 -16.68 62.67 38.07
C ARG D 423 -15.49 62.68 39.02
N SER D 424 -15.22 61.57 39.68
CA SER D 424 -14.14 61.46 40.65
C SER D 424 -13.44 60.12 40.45
N CYS D 425 -12.12 60.13 40.50
CA CYS D 425 -11.33 58.96 40.13
C CYS D 425 -10.21 58.76 41.13
N ASP D 426 -10.33 57.73 41.97
CA ASP D 426 -9.24 57.27 42.82
C ASP D 426 -8.27 56.47 41.95
N LEU D 427 -7.18 57.12 41.54
CA LEU D 427 -6.23 56.48 40.62
C LEU D 427 -5.52 55.28 41.23
N GLY D 428 -5.59 55.10 42.55
CA GLY D 428 -4.92 53.98 43.18
C GLY D 428 -5.78 52.74 43.26
N LEU D 429 -7.08 52.90 43.51
CA LEU D 429 -7.98 51.78 43.69
C LEU D 429 -9.10 51.77 42.67
N GLY D 430 -9.91 52.84 42.59
CA GLY D 430 -11.08 52.81 41.72
C GLY D 430 -10.75 52.77 40.25
N SER D 431 -9.68 53.46 39.84
CA SER D 431 -9.38 53.56 38.42
C SER D 431 -9.05 52.23 37.76
N PRO D 432 -8.16 51.38 38.30
CA PRO D 432 -7.96 50.06 37.68
C PRO D 432 -9.22 49.22 37.64
N PHE D 433 -10.11 49.38 38.61
CA PHE D 433 -11.38 48.65 38.60
C PHE D 433 -12.30 49.19 37.52
N ASN D 434 -12.44 50.51 37.42
CA ASN D 434 -13.36 51.10 36.45
C ASN D 434 -12.95 50.78 35.02
N ILE D 435 -11.64 50.68 34.76
CA ILE D 435 -11.18 50.32 33.41
C ILE D 435 -11.62 48.91 33.06
N ALA D 436 -11.38 47.96 33.96
CA ALA D 436 -11.74 46.58 33.68
C ALA D 436 -13.25 46.37 33.76
N SER D 437 -13.92 47.05 34.68
CA SER D 437 -15.35 46.82 34.88
C SER D 437 -16.14 47.21 33.64
N TYR D 438 -15.90 48.42 33.12
CA TYR D 438 -16.63 48.85 31.92
C TYR D 438 -16.11 48.19 30.65
N ALA D 439 -14.93 47.57 30.71
CA ALA D 439 -14.50 46.73 29.59
C ALA D 439 -15.30 45.44 29.56
N ILE D 440 -15.50 44.81 30.73
CA ILE D 440 -16.31 43.60 30.79
C ILE D 440 -17.75 43.89 30.44
N LEU D 441 -18.29 45.01 30.94
CA LEU D 441 -19.68 45.36 30.64
C LEU D 441 -19.89 45.57 29.16
N THR D 442 -18.93 46.19 28.47
CA THR D 442 -19.05 46.39 27.04
C THR D 442 -18.99 45.06 26.30
N MET D 443 -18.15 44.14 26.76
CA MET D 443 -18.09 42.81 26.15
C MET D 443 -19.38 42.03 26.36
N MET D 444 -19.98 42.14 27.54
CA MET D 444 -21.25 41.48 27.80
C MET D 444 -22.35 42.03 26.89
N LEU D 445 -22.43 43.36 26.80
CA LEU D 445 -23.41 43.97 25.90
C LEU D 445 -23.16 43.57 24.45
N ALA D 446 -21.89 43.33 24.09
CA ALA D 446 -21.58 42.95 22.71
C ALA D 446 -22.09 41.55 22.39
N GLN D 447 -21.94 40.61 23.33
CA GLN D 447 -22.38 39.25 23.06
C GLN D 447 -23.91 39.15 23.04
N VAL D 448 -24.58 39.83 23.96
CA VAL D 448 -26.04 39.78 23.99
C VAL D 448 -26.62 40.45 22.74
N CYS D 449 -25.95 41.46 22.20
CA CYS D 449 -26.41 42.15 21.01
C CYS D 449 -25.79 41.62 19.73
N GLY D 450 -24.84 40.69 19.83
CA GLY D 450 -24.23 40.10 18.65
C GLY D 450 -23.18 40.95 17.98
N TYR D 451 -22.36 41.66 18.75
CA TYR D 451 -21.27 42.46 18.21
C TYR D 451 -19.95 42.01 18.81
N GLU D 452 -18.88 42.59 18.30
CA GLU D 452 -17.54 42.37 18.83
C GLU D 452 -17.12 43.57 19.68
N PRO D 453 -16.23 43.38 20.66
CA PRO D 453 -15.79 44.51 21.47
C PRO D 453 -15.02 45.53 20.64
N GLY D 454 -15.24 46.81 20.95
CA GLY D 454 -14.58 47.88 20.22
C GLY D 454 -13.53 48.60 21.03
N GLU D 455 -13.78 49.87 21.34
CA GLU D 455 -12.84 50.68 22.11
C GLU D 455 -13.49 51.14 23.40
N LEU D 456 -12.65 51.56 24.34
CA LEU D 456 -13.09 52.05 25.64
C LEU D 456 -12.40 53.38 25.91
N ALA D 457 -13.19 54.46 26.00
CA ALA D 457 -12.69 55.78 26.33
C ALA D 457 -13.29 56.21 27.67
N ILE D 458 -12.43 56.67 28.57
CA ILE D 458 -12.84 57.10 29.91
C ILE D 458 -12.48 58.57 30.06
N PHE D 459 -13.49 59.40 30.28
CA PHE D 459 -13.31 60.84 30.50
C PHE D 459 -13.47 61.13 31.99
N ILE D 460 -12.47 61.77 32.58
CA ILE D 460 -12.38 61.92 34.03
C ILE D 460 -12.45 63.39 34.40
N GLY D 461 -13.24 63.68 35.44
CA GLY D 461 -13.26 65.01 36.02
C GLY D 461 -12.16 65.21 37.05
N ASP D 462 -12.41 64.83 38.30
CA ASP D 462 -11.45 65.00 39.39
C ASP D 462 -10.58 63.75 39.47
N ALA D 463 -9.48 63.74 38.71
CA ALA D 463 -8.49 62.68 38.77
C ALA D 463 -7.51 63.01 39.88
N HIS D 464 -7.43 62.16 40.89
CA HIS D 464 -6.67 62.47 42.09
C HIS D 464 -5.92 61.23 42.59
N ILE D 465 -4.99 61.48 43.51
CA ILE D 465 -4.19 60.45 44.16
C ILE D 465 -4.21 60.72 45.65
N TYR D 466 -4.65 59.76 46.44
CA TYR D 466 -4.64 59.91 47.89
C TYR D 466 -3.21 59.88 48.41
N GLU D 467 -2.92 60.75 49.40
CA GLU D 467 -1.54 60.95 49.82
C GLU D 467 -0.93 59.72 50.48
N ASN D 468 -1.75 58.78 50.95
CA ASN D 468 -1.23 57.52 51.48
C ASN D 468 -0.90 56.51 50.40
N HIS D 469 -1.22 56.80 49.14
CA HIS D 469 -0.89 55.94 48.02
C HIS D 469 0.37 56.39 47.27
N LEU D 470 1.07 57.39 47.78
CA LEU D 470 2.20 57.97 47.04
C LEU D 470 3.37 57.01 46.97
N THR D 471 3.72 56.37 48.09
CA THR D 471 4.82 55.41 48.06
C THR D 471 4.49 54.21 47.18
N GLN D 472 3.23 53.80 47.16
CA GLN D 472 2.82 52.64 46.37
C GLN D 472 2.81 52.98 44.88
N LEU D 473 2.17 54.09 44.51
CA LEU D 473 2.02 54.42 43.09
C LEU D 473 3.36 54.75 42.44
N LYS D 474 4.31 55.28 43.22
CA LYS D 474 5.66 55.46 42.68
C LYS D 474 6.34 54.13 42.44
N GLU D 475 6.04 53.12 43.26
CA GLU D 475 6.55 51.77 43.01
C GLU D 475 5.94 51.19 41.74
N GLN D 476 4.64 51.39 41.53
CA GLN D 476 4.00 50.88 40.33
C GLN D 476 4.56 51.54 39.07
N LEU D 477 4.98 52.80 39.17
CA LEU D 477 5.54 53.49 38.02
C LEU D 477 6.94 53.00 37.66
N SER D 478 7.58 52.23 38.54
CA SER D 478 8.91 51.69 38.29
C SER D 478 8.89 50.38 37.51
N ARG D 479 7.71 49.87 37.17
CA ARG D 479 7.56 48.58 36.51
C ARG D 479 7.20 48.80 35.05
N THR D 480 8.04 48.30 34.14
CA THR D 480 7.75 48.40 32.72
C THR D 480 6.56 47.52 32.38
N PRO D 481 5.56 48.04 31.67
CA PRO D 481 4.33 47.26 31.44
C PRO D 481 4.58 46.04 30.57
N ARG D 482 3.76 45.02 30.79
CA ARG D 482 3.73 43.78 30.04
C ARG D 482 2.46 43.72 29.19
N PRO D 483 2.43 42.87 28.15
CA PRO D 483 1.27 42.86 27.26
C PRO D 483 -0.02 42.52 28.00
N PHE D 484 -1.10 43.15 27.56
CA PHE D 484 -2.41 42.93 28.17
C PHE D 484 -2.83 41.47 28.02
N PRO D 485 -3.66 40.97 28.93
CA PRO D 485 -4.17 39.60 28.77
C PRO D 485 -5.33 39.54 27.80
N GLN D 486 -5.97 38.38 27.71
CA GLN D 486 -7.18 38.19 26.93
C GLN D 486 -8.30 37.74 27.87
N LEU D 487 -9.52 38.19 27.58
CA LEU D 487 -10.70 37.78 28.33
C LEU D 487 -11.72 37.25 27.34
N LYS D 488 -12.10 35.97 27.50
CA LYS D 488 -13.07 35.33 26.62
C LYS D 488 -14.17 34.69 27.45
N PHE D 489 -15.35 34.60 26.86
CA PHE D 489 -16.50 33.96 27.50
C PHE D 489 -16.62 32.52 27.02
N LYS D 490 -16.90 31.61 27.96
CA LYS D 490 -16.94 30.20 27.64
C LYS D 490 -18.24 29.79 26.96
N ARG D 491 -19.35 30.47 27.28
CA ARG D 491 -20.64 30.14 26.70
C ARG D 491 -21.37 31.42 26.34
N LYS D 492 -22.32 31.29 25.42
CA LYS D 492 -23.17 32.41 25.03
C LYS D 492 -24.45 32.38 25.88
N VAL D 493 -24.68 33.44 26.63
CA VAL D 493 -25.84 33.51 27.51
C VAL D 493 -27.05 34.01 26.74
N GLU D 494 -28.23 33.72 27.28
CA GLU D 494 -29.46 34.21 26.66
C GLU D 494 -29.86 35.59 27.18
N ASN D 495 -29.61 35.86 28.46
CA ASN D 495 -29.83 37.17 29.04
C ASN D 495 -28.57 37.61 29.76
N ILE D 496 -28.33 38.93 29.76
CA ILE D 496 -27.10 39.48 30.32
C ILE D 496 -26.95 39.17 31.80
N GLU D 497 -28.06 38.89 32.50
CA GLU D 497 -28.01 38.59 33.92
C GLU D 497 -27.50 37.20 34.23
N ASP D 498 -27.38 36.33 33.23
CA ASP D 498 -27.02 34.93 33.43
C ASP D 498 -25.52 34.68 33.48
N PHE D 499 -24.69 35.71 33.37
CA PHE D 499 -23.25 35.51 33.40
C PHE D 499 -22.78 35.06 34.78
N LYS D 500 -21.83 34.14 34.79
CA LYS D 500 -21.25 33.61 36.03
C LYS D 500 -19.73 33.69 35.94
N TRP D 501 -19.09 33.63 37.11
CA TRP D 501 -17.63 33.75 37.15
C TRP D 501 -16.96 32.56 36.47
N GLU D 502 -17.61 31.40 36.45
CA GLU D 502 -17.05 30.24 35.78
C GLU D 502 -17.06 30.40 34.27
N ASP D 503 -17.87 31.33 33.74
CA ASP D 503 -17.97 31.57 32.31
C ASP D 503 -16.84 32.43 31.76
N ILE D 504 -16.07 33.09 32.63
CA ILE D 504 -15.01 34.00 32.20
C ILE D 504 -13.67 33.27 32.24
N GLU D 505 -12.91 33.37 31.16
CA GLU D 505 -11.59 32.77 31.05
C GLU D 505 -10.57 33.86 30.79
N LEU D 506 -9.64 34.05 31.73
CA LEU D 506 -8.58 35.05 31.62
C LEU D 506 -7.32 34.36 31.11
N ILE D 507 -6.88 34.75 29.93
CA ILE D 507 -5.80 34.06 29.22
C ILE D 507 -4.60 34.98 29.12
N GLY D 508 -3.45 34.50 29.60
CA GLY D 508 -2.20 35.22 29.42
C GLY D 508 -2.01 36.44 30.29
N TYR D 509 -2.37 36.34 31.57
CA TYR D 509 -2.23 37.45 32.51
C TYR D 509 -1.03 37.15 33.41
N TYR D 510 0.08 37.85 33.17
CA TYR D 510 1.31 37.69 33.94
C TYR D 510 1.72 39.03 34.52
N PRO D 511 1.00 39.50 35.54
CA PRO D 511 1.26 40.84 36.08
C PRO D 511 2.40 40.83 37.09
N TYR D 512 2.77 42.04 37.52
CA TYR D 512 3.68 42.25 38.62
C TYR D 512 2.96 41.97 39.94
N PRO D 513 3.70 41.75 41.03
CA PRO D 513 3.04 41.46 42.31
C PRO D 513 2.11 42.58 42.75
N THR D 514 1.04 42.19 43.43
CA THR D 514 0.02 43.13 43.84
C THR D 514 0.57 44.13 44.84
N ILE D 515 -0.06 45.30 44.89
CA ILE D 515 0.34 46.40 45.76
C ILE D 515 -0.84 46.77 46.65
N LYS D 516 -0.61 46.81 47.97
CA LYS D 516 -1.67 47.09 48.93
C LYS D 516 -1.83 48.59 49.11
N MET D 517 -3.08 49.05 49.04
CA MET D 517 -3.41 50.46 49.19
C MET D 517 -4.73 50.59 49.94
N ASP D 518 -4.71 51.38 51.02
CA ASP D 518 -5.89 51.49 51.88
C ASP D 518 -6.91 52.45 51.27
N MET D 519 -8.19 52.09 51.41
CA MET D 519 -9.27 52.91 50.91
C MET D 519 -9.63 54.00 51.91
N ALA D 520 -9.89 55.20 51.40
CA ALA D 520 -10.33 56.32 52.22
C ALA D 520 -11.85 56.25 52.36
N VAL D 521 -12.32 56.00 53.57
CA VAL D 521 -13.74 55.87 53.83
C VAL D 521 -14.38 57.24 53.97
N GLU E 3 44.40 -36.71 23.75
CA GLU E 3 43.04 -37.08 23.38
C GLU E 3 42.22 -37.46 24.61
N LYS E 4 41.48 -36.49 25.15
CA LYS E 4 40.63 -36.72 26.30
C LYS E 4 39.17 -36.43 25.92
N ASN E 5 38.31 -36.39 26.94
CA ASN E 5 36.87 -36.30 26.73
C ASN E 5 36.40 -34.86 26.81
N VAL E 6 35.43 -34.52 25.95
CA VAL E 6 34.83 -33.19 25.90
C VAL E 6 33.33 -33.35 26.02
N SER E 7 32.75 -32.78 27.08
CA SER E 7 31.34 -32.92 27.37
C SER E 7 30.70 -31.54 27.50
N ILE E 8 29.46 -31.43 27.04
CA ILE E 8 28.67 -30.21 27.18
C ILE E 8 27.77 -30.34 28.40
N VAL E 9 27.76 -29.31 29.24
CA VAL E 9 26.83 -29.21 30.35
C VAL E 9 25.93 -28.03 30.09
N VAL E 10 24.61 -28.24 30.18
CA VAL E 10 23.65 -27.20 29.83
C VAL E 10 22.34 -27.50 30.55
N ALA E 11 21.58 -26.45 30.84
CA ALA E 11 20.22 -26.55 31.37
C ALA E 11 19.31 -25.75 30.45
N ALA E 12 18.47 -26.45 29.69
CA ALA E 12 17.57 -25.83 28.73
C ALA E 12 16.13 -26.17 29.06
N SER E 13 15.22 -25.34 28.55
CA SER E 13 13.79 -25.60 28.72
C SER E 13 13.38 -26.81 27.90
N VAL E 14 12.22 -27.38 28.28
CA VAL E 14 11.83 -28.70 27.79
C VAL E 14 11.48 -28.66 26.30
N LEU E 15 10.78 -27.61 25.86
CA LEU E 15 10.30 -27.54 24.48
C LEU E 15 11.19 -26.67 23.60
N SER E 16 11.29 -25.38 23.92
CA SER E 16 12.02 -24.44 23.08
C SER E 16 13.52 -24.42 23.32
N SER E 17 14.01 -25.12 24.35
CA SER E 17 15.44 -25.22 24.65
C SER E 17 16.05 -23.86 24.97
N GLY E 18 15.31 -23.03 25.70
CA GLY E 18 15.85 -21.75 26.14
C GLY E 18 16.75 -21.92 27.35
N ILE E 19 17.83 -21.14 27.38
CA ILE E 19 18.84 -21.30 28.42
C ILE E 19 19.14 -20.00 29.15
N GLY E 20 18.69 -18.87 28.60
CA GLY E 20 19.04 -17.60 29.19
C GLY E 20 18.09 -16.49 28.81
N ILE E 21 18.14 -15.41 29.59
CA ILE E 21 17.34 -14.21 29.33
C ILE E 21 18.00 -13.02 30.01
N ASN E 22 18.31 -11.98 29.21
CA ASN E 22 18.89 -10.75 29.73
C ASN E 22 20.17 -11.01 30.54
N GLY E 23 21.02 -11.88 30.02
CA GLY E 23 22.30 -12.14 30.66
C GLY E 23 22.25 -12.94 31.93
N GLN E 24 21.16 -13.66 32.17
CA GLN E 24 21.07 -14.51 33.35
C GLN E 24 20.14 -15.68 33.04
N LEU E 25 20.09 -16.63 33.97
CA LEU E 25 19.25 -17.80 33.79
C LEU E 25 17.78 -17.44 34.02
N PRO E 26 16.87 -18.06 33.28
CA PRO E 26 15.43 -17.83 33.50
C PRO E 26 14.84 -18.60 34.67
N TRP E 27 15.66 -19.17 35.54
CA TRP E 27 15.18 -19.93 36.69
C TRP E 27 16.29 -19.97 37.73
N SER E 28 15.91 -20.34 38.96
CA SER E 28 16.84 -20.48 40.08
C SER E 28 16.60 -21.85 40.70
N ILE E 29 17.34 -22.85 40.23
CA ILE E 29 17.24 -24.21 40.72
C ILE E 29 18.56 -24.55 41.40
N SER E 30 18.52 -24.69 42.74
CA SER E 30 19.74 -24.91 43.49
C SER E 30 20.36 -26.27 43.18
N GLU E 31 19.54 -27.31 43.08
CA GLU E 31 20.06 -28.65 42.84
C GLU E 31 20.76 -28.74 41.48
N ASP E 32 20.33 -27.92 40.52
CA ASP E 32 20.98 -27.92 39.21
C ASP E 32 22.40 -27.37 39.29
N LEU E 33 22.62 -26.32 40.08
CA LEU E 33 23.97 -25.81 40.26
C LEU E 33 24.85 -26.84 40.96
N LYS E 34 24.28 -27.59 41.90
CA LYS E 34 25.05 -28.65 42.55
C LYS E 34 25.42 -29.74 41.56
N PHE E 35 24.52 -30.07 40.64
CA PHE E 35 24.84 -31.04 39.60
C PHE E 35 25.97 -30.54 38.71
N PHE E 36 25.90 -29.26 38.30
CA PHE E 36 26.97 -28.68 37.50
C PHE E 36 28.29 -28.72 38.26
N SER E 37 28.26 -28.44 39.56
CA SER E 37 29.48 -28.42 40.35
C SER E 37 30.09 -29.82 40.48
N LYS E 38 29.24 -30.84 40.65
CA LYS E 38 29.75 -32.19 40.86
C LYS E 38 30.11 -32.86 39.54
N ILE E 39 29.42 -32.54 38.45
CA ILE E 39 29.73 -33.16 37.17
C ILE E 39 31.01 -32.59 36.58
N THR E 40 31.36 -31.35 36.92
CA THR E 40 32.58 -30.72 36.40
C THR E 40 33.78 -30.94 37.31
N ASN E 41 33.56 -31.35 38.56
CA ASN E 41 34.65 -31.71 39.46
C ASN E 41 34.98 -33.21 39.42
N ASN E 42 34.17 -34.00 38.71
CA ASN E 42 34.38 -35.44 38.63
C ASN E 42 35.67 -35.73 37.86
N LYS E 43 36.70 -36.16 38.58
CA LYS E 43 37.99 -36.45 37.99
C LYS E 43 38.55 -37.71 38.61
N CYS E 44 39.42 -38.39 37.86
CA CYS E 44 40.07 -39.61 38.32
C CYS E 44 41.44 -39.39 38.91
N ASP E 45 42.19 -38.41 38.41
CA ASP E 45 43.53 -38.10 38.90
C ASP E 45 43.47 -36.88 39.81
N SER E 46 43.93 -37.03 41.05
CA SER E 46 43.91 -35.92 42.00
C SER E 46 44.94 -34.85 41.66
N ASN E 47 45.92 -35.17 40.81
CA ASN E 47 46.93 -34.21 40.40
C ASN E 47 46.55 -33.50 39.09
N LYS E 48 45.31 -33.59 38.66
CA LYS E 48 44.84 -32.95 37.44
C LYS E 48 43.60 -32.14 37.74
N LYS E 49 43.31 -31.18 36.87
CA LYS E 49 42.14 -30.32 36.97
C LYS E 49 41.30 -30.45 35.71
N ASN E 50 40.02 -30.10 35.83
CA ASN E 50 39.11 -30.10 34.69
C ASN E 50 38.98 -28.69 34.14
N ALA E 51 38.87 -28.58 32.81
CA ALA E 51 38.78 -27.30 32.13
C ALA E 51 37.33 -27.00 31.78
N LEU E 52 36.88 -25.79 32.09
CA LEU E 52 35.52 -25.35 31.81
C LEU E 52 35.60 -24.21 30.79
N ILE E 53 35.26 -24.52 29.54
CA ILE E 53 35.24 -23.52 28.48
C ILE E 53 33.91 -22.78 28.52
N MET E 54 33.96 -21.45 28.40
CA MET E 54 32.75 -20.64 28.41
C MET E 54 33.00 -19.34 27.66
N GLY E 55 31.94 -18.79 27.10
CA GLY E 55 32.04 -17.51 26.42
C GLY E 55 32.21 -16.35 27.39
N ARG E 56 32.47 -15.17 26.82
CA ARG E 56 32.73 -14.01 27.66
C ARG E 56 31.48 -13.58 28.41
N LYS E 57 30.33 -13.56 27.74
CA LYS E 57 29.12 -13.11 28.41
C LYS E 57 28.72 -14.05 29.54
N THR E 58 28.96 -15.35 29.38
CA THR E 58 28.76 -16.28 30.50
C THR E 58 29.77 -16.03 31.60
N TRP E 59 31.01 -15.71 31.23
CA TRP E 59 32.04 -15.35 32.20
C TRP E 59 31.65 -14.10 32.98
N ASP E 60 30.91 -13.19 32.36
CA ASP E 60 30.38 -12.04 33.09
C ASP E 60 29.23 -12.45 34.01
N SER E 61 28.47 -13.48 33.62
CA SER E 61 27.32 -13.90 34.41
C SER E 61 27.73 -14.48 35.76
N ILE E 62 28.90 -15.11 35.85
CA ILE E 62 29.34 -15.73 37.08
C ILE E 62 30.23 -14.76 37.87
N GLY E 63 30.11 -13.47 37.55
CA GLY E 63 30.81 -12.44 38.29
C GLY E 63 32.29 -12.35 38.06
N ARG E 64 32.81 -13.00 37.02
CA ARG E 64 34.24 -12.98 36.70
C ARG E 64 35.08 -13.41 37.90
N ARG E 65 34.64 -14.49 38.55
CA ARG E 65 35.35 -15.06 39.67
C ARG E 65 35.58 -16.55 39.43
N PRO E 66 36.73 -17.07 39.82
CA PRO E 66 37.06 -18.46 39.47
C PRO E 66 36.20 -19.46 40.22
N LEU E 67 36.11 -20.66 39.64
CA LEU E 67 35.43 -21.78 40.26
C LEU E 67 36.44 -22.70 40.91
N LYS E 68 36.13 -23.14 42.13
CA LYS E 68 37.08 -23.88 42.94
C LYS E 68 37.48 -25.19 42.25
N ASN E 69 38.77 -25.51 42.33
CA ASN E 69 39.36 -26.76 41.85
C ASN E 69 39.21 -26.94 40.34
N ARG E 70 38.95 -25.87 39.60
CA ARG E 70 38.76 -25.96 38.16
C ARG E 70 39.43 -24.77 37.48
N ILE E 71 39.77 -24.96 36.21
CA ILE E 71 40.40 -23.95 35.39
C ILE E 71 39.35 -23.47 34.38
N ILE E 72 38.95 -22.21 34.49
CA ILE E 72 37.97 -21.63 33.59
C ILE E 72 38.67 -21.09 32.36
N VAL E 73 38.21 -21.50 31.19
CA VAL E 73 38.75 -21.06 29.91
C VAL E 73 37.72 -20.14 29.27
N VAL E 74 38.05 -18.86 29.17
CA VAL E 74 37.14 -17.86 28.62
C VAL E 74 37.47 -17.64 27.16
N ILE E 75 36.45 -17.73 26.31
CA ILE E 75 36.58 -17.48 24.88
C ILE E 75 36.17 -16.04 24.64
N SER E 76 37.11 -15.21 24.23
CA SER E 76 36.82 -13.80 23.98
C SER E 76 37.90 -13.22 23.09
N SER E 77 37.49 -12.35 22.18
CA SER E 77 38.42 -11.67 21.28
C SER E 77 38.94 -10.37 21.87
N SER E 78 38.34 -9.86 22.94
CA SER E 78 38.73 -8.58 23.52
C SER E 78 39.41 -8.69 24.88
N LEU E 79 39.08 -9.70 25.68
CA LEU E 79 39.64 -9.79 27.02
C LEU E 79 41.16 -9.92 26.96
N PRO E 80 41.88 -9.24 27.85
CA PRO E 80 43.34 -9.36 27.85
C PRO E 80 43.76 -10.73 28.35
N GLN E 81 44.66 -11.39 27.61
CA GLN E 81 45.17 -12.69 27.99
C GLN E 81 46.00 -12.54 29.26
N ASP E 82 45.29 -12.43 30.38
CA ASP E 82 45.94 -12.18 31.65
C ASP E 82 46.64 -13.44 32.16
N GLU E 83 47.82 -13.25 32.74
CA GLU E 83 48.58 -14.34 33.34
C GLU E 83 48.61 -14.26 34.86
N ALA E 84 47.96 -13.27 35.46
CA ALA E 84 47.94 -13.13 36.91
C ALA E 84 47.16 -14.28 37.55
N ASP E 85 45.90 -14.44 37.18
CA ASP E 85 45.08 -15.51 37.72
C ASP E 85 45.44 -16.82 37.04
N PRO E 86 45.98 -17.81 37.78
CA PRO E 86 46.30 -19.10 37.15
C PRO E 86 45.10 -20.00 36.95
N ASN E 87 43.94 -19.66 37.51
CA ASN E 87 42.72 -20.43 37.35
C ASN E 87 41.84 -19.92 36.22
N VAL E 88 42.25 -18.85 35.53
CA VAL E 88 41.49 -18.29 34.41
C VAL E 88 42.46 -18.03 33.27
N VAL E 89 42.12 -18.54 32.09
CA VAL E 89 42.92 -18.36 30.88
C VAL E 89 41.99 -17.98 29.73
N VAL E 90 42.48 -17.12 28.84
CA VAL E 90 41.68 -16.55 27.76
C VAL E 90 42.26 -17.00 26.43
N PHE E 91 41.39 -17.44 25.53
CA PHE E 91 41.75 -17.78 24.16
C PHE E 91 40.89 -16.99 23.18
N ARG E 92 41.45 -16.74 21.99
CA ARG E 92 40.79 -15.88 21.02
C ARG E 92 39.66 -16.58 20.29
N ASN E 93 39.77 -17.89 20.08
CA ASN E 93 38.72 -18.64 19.41
C ASN E 93 38.58 -20.00 20.08
N LEU E 94 37.48 -20.68 19.77
CA LEU E 94 37.22 -21.98 20.39
C LEU E 94 38.21 -23.02 19.92
N GLU E 95 38.59 -22.99 18.64
CA GLU E 95 39.50 -23.99 18.10
C GLU E 95 40.84 -23.97 18.83
N ASP E 96 41.41 -22.77 19.01
CA ASP E 96 42.68 -22.66 19.73
C ASP E 96 42.57 -23.17 21.16
N SER E 97 41.41 -22.98 21.79
CA SER E 97 41.23 -23.42 23.17
C SER E 97 41.27 -24.93 23.32
N ILE E 98 41.03 -25.69 22.25
CA ILE E 98 41.07 -27.14 22.31
C ILE E 98 42.53 -27.59 22.16
N GLU E 99 43.45 -26.72 22.54
CA GLU E 99 44.84 -27.11 22.73
C GLU E 99 45.03 -27.90 24.03
N ASN E 100 44.02 -27.91 24.90
CA ASN E 100 44.06 -28.76 26.09
C ASN E 100 44.30 -30.23 25.73
N LEU E 101 43.87 -30.64 24.54
CA LEU E 101 44.13 -31.98 24.04
C LEU E 101 45.59 -32.19 23.73
N MET E 102 46.10 -31.46 22.73
CA MET E 102 47.45 -31.67 22.20
C MET E 102 48.50 -31.75 23.30
N ASN E 103 48.51 -30.77 24.20
CA ASN E 103 49.47 -30.78 25.29
C ASN E 103 48.73 -30.60 26.62
N ASP E 104 49.41 -30.01 27.60
CA ASP E 104 48.83 -29.74 28.91
C ASP E 104 48.21 -31.01 29.51
N ASP E 105 49.10 -31.93 29.87
CA ASP E 105 48.69 -33.20 30.46
C ASP E 105 48.13 -33.04 31.86
N SER E 106 48.14 -31.84 32.42
CA SER E 106 47.53 -31.58 33.72
C SER E 106 46.02 -31.40 33.65
N ILE E 107 45.45 -31.40 32.45
CA ILE E 107 44.00 -31.31 32.26
C ILE E 107 43.48 -32.71 31.91
N GLU E 108 42.54 -33.21 32.70
CA GLU E 108 42.01 -34.55 32.48
C GLU E 108 40.77 -34.54 31.59
N ASN E 109 39.77 -33.73 31.93
CA ASN E 109 38.53 -33.65 31.18
C ASN E 109 38.25 -32.21 30.78
N ILE E 110 37.44 -32.07 29.74
CA ILE E 110 37.08 -30.76 29.19
C ILE E 110 35.57 -30.65 29.19
N PHE E 111 35.06 -29.51 29.66
CA PHE E 111 33.63 -29.25 29.69
C PHE E 111 33.33 -27.95 28.95
N VAL E 112 32.24 -27.98 28.18
CA VAL E 112 31.81 -26.82 27.40
C VAL E 112 30.54 -26.28 28.04
N CYS E 113 30.71 -25.40 29.02
CA CYS E 113 29.58 -24.80 29.70
C CYS E 113 29.48 -23.31 29.39
N GLY E 114 29.45 -22.98 28.11
CA GLY E 114 29.37 -21.61 27.63
C GLY E 114 27.95 -21.21 27.30
N GLY E 115 27.81 -20.26 26.38
CA GLY E 115 26.51 -19.80 25.94
C GLY E 115 26.15 -20.33 24.57
N GLU E 116 25.09 -19.75 24.01
CA GLU E 116 24.63 -20.16 22.68
C GLU E 116 25.74 -20.05 21.65
N SER E 117 26.55 -19.00 21.73
CA SER E 117 27.63 -18.83 20.77
C SER E 117 28.65 -19.96 20.88
N ILE E 118 28.94 -20.39 22.11
CA ILE E 118 29.93 -21.44 22.31
C ILE E 118 29.32 -22.81 22.04
N TYR E 119 28.06 -23.03 22.45
CA TYR E 119 27.40 -24.30 22.20
C TYR E 119 27.30 -24.60 20.70
N ARG E 120 26.93 -23.59 19.91
CA ARG E 120 26.62 -23.81 18.51
C ARG E 120 27.86 -24.24 17.73
N ASP E 121 28.95 -23.48 17.84
CA ASP E 121 30.16 -23.79 17.10
C ASP E 121 31.06 -24.79 17.82
N ALA E 122 30.58 -25.41 18.89
CA ALA E 122 31.24 -26.58 19.45
C ALA E 122 30.65 -27.86 18.89
N LEU E 123 29.35 -27.85 18.56
CA LEU E 123 28.75 -28.97 17.86
C LEU E 123 29.02 -28.91 16.36
N LYS E 124 29.01 -27.70 15.79
CA LYS E 124 29.29 -27.56 14.36
C LYS E 124 30.73 -27.97 14.05
N ASP E 125 31.68 -27.62 14.92
CA ASP E 125 33.06 -28.02 14.75
C ASP E 125 33.32 -29.46 15.17
N ASN E 126 32.31 -30.15 15.71
CA ASN E 126 32.37 -31.58 16.01
C ASN E 126 33.45 -31.89 17.06
N PHE E 127 33.37 -31.19 18.20
CA PHE E 127 34.29 -31.40 19.30
C PHE E 127 33.65 -32.13 20.48
N VAL E 128 32.33 -32.24 20.53
CA VAL E 128 31.63 -32.68 21.73
C VAL E 128 31.37 -34.17 21.64
N ASP E 129 31.73 -34.89 22.71
CA ASP E 129 31.52 -36.32 22.84
C ASP E 129 30.26 -36.66 23.62
N ARG E 130 29.93 -35.87 24.65
CA ARG E 130 28.82 -36.17 25.54
C ARG E 130 28.06 -34.88 25.83
N ILE E 131 26.76 -35.02 26.14
CA ILE E 131 25.92 -33.88 26.47
C ILE E 131 25.17 -34.19 27.77
N TYR E 132 25.38 -33.35 28.78
CA TYR E 132 24.64 -33.42 30.05
C TYR E 132 23.55 -32.37 30.01
N LEU E 133 22.33 -32.79 29.69
CA LEU E 133 21.19 -31.88 29.53
C LEU E 133 20.31 -31.94 30.76
N THR E 134 19.91 -30.76 31.25
CA THR E 134 18.98 -30.64 32.36
C THR E 134 17.72 -29.97 31.83
N ARG E 135 16.75 -30.79 31.43
CA ARG E 135 15.51 -30.27 30.89
C ARG E 135 14.66 -29.65 31.99
N VAL E 136 14.26 -28.40 31.81
CA VAL E 136 13.45 -27.67 32.79
C VAL E 136 12.07 -27.43 32.20
N ALA E 137 11.04 -27.62 33.02
CA ALA E 137 9.66 -27.53 32.56
C ALA E 137 9.10 -26.11 32.75
N LEU E 138 9.74 -25.17 32.05
CA LEU E 138 9.30 -23.78 32.01
C LEU E 138 9.27 -23.33 30.56
N GLU E 139 8.11 -22.91 30.08
CA GLU E 139 7.97 -22.56 28.68
C GLU E 139 7.21 -21.27 28.41
N ASP E 140 6.23 -20.90 29.24
CA ASP E 140 5.47 -19.67 28.99
C ASP E 140 6.15 -18.43 29.55
N ILE E 141 7.49 -18.40 29.50
CA ILE E 141 8.26 -17.22 29.88
C ILE E 141 9.04 -16.75 28.66
N GLU E 142 9.90 -15.75 28.84
CA GLU E 142 10.63 -15.14 27.73
C GLU E 142 12.08 -15.60 27.74
N PHE E 143 12.58 -15.99 26.57
CA PHE E 143 13.97 -16.35 26.38
C PHE E 143 14.57 -15.47 25.30
N ASP E 144 15.90 -15.32 25.35
CA ASP E 144 16.64 -14.68 24.27
C ASP E 144 17.91 -15.42 23.91
N THR E 145 18.19 -16.56 24.55
CA THR E 145 19.37 -17.36 24.27
C THR E 145 18.97 -18.82 24.37
N TYR E 146 19.23 -19.59 23.32
CA TYR E 146 18.73 -20.96 23.23
C TYR E 146 19.88 -21.94 23.07
N PHE E 147 19.60 -23.19 23.42
CA PHE E 147 20.54 -24.29 23.18
C PHE E 147 20.27 -24.89 21.81
N PRO E 148 21.28 -25.01 20.95
CA PRO E 148 21.03 -25.49 19.58
C PRO E 148 20.47 -26.91 19.57
N GLU E 149 19.77 -27.24 18.49
CA GLU E 149 19.20 -28.56 18.34
C GLU E 149 20.33 -29.60 18.34
N ILE E 150 20.14 -30.66 19.11
CA ILE E 150 21.13 -31.72 19.21
C ILE E 150 21.22 -32.46 17.88
N PRO E 151 22.39 -32.52 17.25
CA PRO E 151 22.51 -33.20 15.95
C PRO E 151 22.22 -34.69 16.07
N GLU E 152 21.86 -35.29 14.93
CA GLU E 152 21.47 -36.69 14.89
C GLU E 152 22.62 -37.63 15.27
N THR E 153 23.86 -37.14 15.30
CA THR E 153 25.00 -37.97 15.68
C THR E 153 24.97 -38.35 17.16
N PHE E 154 24.16 -37.69 17.97
CA PHE E 154 24.02 -37.99 19.39
C PHE E 154 22.78 -38.84 19.64
N LEU E 155 22.90 -39.75 20.61
CA LEU E 155 21.79 -40.61 21.02
C LEU E 155 21.64 -40.57 22.53
N PRO E 156 20.41 -40.49 23.04
CA PRO E 156 20.21 -40.47 24.48
C PRO E 156 20.52 -41.83 25.10
N VAL E 157 21.27 -41.82 26.21
CA VAL E 157 21.62 -43.04 26.91
C VAL E 157 21.13 -43.08 28.34
N TYR E 158 20.57 -41.99 28.85
CA TYR E 158 20.10 -41.95 30.24
C TYR E 158 19.07 -40.83 30.38
N MET E 159 18.03 -41.10 31.17
CA MET E 159 17.00 -40.11 31.48
C MET E 159 16.55 -40.34 32.91
N SER E 160 16.92 -39.43 33.80
CA SER E 160 16.64 -39.58 35.22
C SER E 160 15.15 -39.42 35.51
N GLN E 161 14.78 -39.66 36.75
CA GLN E 161 13.42 -39.39 37.21
C GLN E 161 13.18 -37.90 37.27
N THR E 162 11.90 -37.52 37.34
CA THR E 162 11.53 -36.11 37.43
C THR E 162 11.73 -35.63 38.85
N PHE E 163 12.46 -34.52 39.00
CA PHE E 163 12.70 -33.87 40.28
C PHE E 163 11.87 -32.59 40.38
N CYS E 164 11.82 -32.03 41.58
CA CYS E 164 10.99 -30.86 41.85
C CYS E 164 11.76 -29.85 42.69
N THR E 165 11.69 -28.58 42.29
CA THR E 165 12.26 -27.49 43.07
C THR E 165 11.40 -26.26 42.85
N LYS E 166 10.79 -25.76 43.92
CA LYS E 166 9.88 -24.61 43.85
C LYS E 166 8.76 -24.85 42.84
N ASN E 167 8.19 -26.04 42.86
CA ASN E 167 7.12 -26.49 41.97
C ASN E 167 7.55 -26.55 40.51
N ILE E 168 8.85 -26.53 40.24
CA ILE E 168 9.38 -26.64 38.87
C ILE E 168 9.92 -28.05 38.68
N SER E 169 9.46 -28.71 37.63
CA SER E 169 9.91 -30.06 37.30
C SER E 169 11.12 -30.00 36.38
N TYR E 170 12.05 -30.93 36.59
CA TYR E 170 13.24 -30.99 35.73
C TYR E 170 13.81 -32.40 35.71
N ASP E 171 14.52 -32.72 34.62
CA ASP E 171 15.13 -34.01 34.36
C ASP E 171 16.64 -33.89 34.29
N PHE E 172 17.30 -35.03 34.14
CA PHE E 172 18.73 -35.10 33.84
C PHE E 172 18.94 -36.15 32.77
N MET E 173 19.46 -35.75 31.62
CA MET E 173 19.68 -36.66 30.52
C MET E 173 21.15 -36.67 30.12
N ILE E 174 21.57 -37.76 29.51
CA ILE E 174 22.92 -37.91 28.98
C ILE E 174 22.81 -38.30 27.51
N PHE E 175 23.37 -37.49 26.63
CA PHE E 175 23.45 -37.79 25.21
C PHE E 175 24.89 -38.15 24.87
N GLU E 176 25.06 -39.25 24.14
CA GLU E 176 26.38 -39.69 23.74
C GLU E 176 26.44 -39.84 22.22
N LYS E 177 27.62 -39.56 21.67
CA LYS E 177 27.80 -39.55 20.22
C LYS E 177 28.09 -40.97 19.74
N GLN E 178 27.13 -41.55 19.01
CA GLN E 178 27.26 -42.91 18.52
C GLN E 178 28.10 -42.97 17.25
N LEU E 193 29.03 -61.51 30.20
CA LEU E 193 29.91 -61.90 29.11
C LEU E 193 29.08 -62.65 28.05
N LYS E 194 29.69 -62.90 26.89
CA LYS E 194 28.97 -63.55 25.80
C LYS E 194 28.61 -64.99 26.13
N SER E 195 29.39 -65.65 27.00
CA SER E 195 29.15 -67.05 27.31
C SER E 195 27.78 -67.26 27.94
N ILE E 196 27.30 -66.31 28.74
CA ILE E 196 25.99 -66.46 29.35
C ILE E 196 24.88 -66.24 28.33
N ASP E 197 25.04 -65.24 27.46
CA ASP E 197 24.01 -64.95 26.47
C ASP E 197 23.85 -66.11 25.49
N ASP E 198 24.95 -66.75 25.11
CA ASP E 198 24.87 -67.87 24.18
C ASP E 198 24.19 -69.08 24.82
N THR E 199 24.52 -69.36 26.08
CA THR E 199 23.91 -70.50 26.76
C THR E 199 22.40 -70.34 26.92
N VAL E 200 21.95 -69.13 27.25
CA VAL E 200 20.51 -68.89 27.37
C VAL E 200 19.83 -69.04 26.03
N ASP E 201 20.46 -68.57 24.96
CA ASP E 201 19.88 -68.73 23.63
C ASP E 201 19.78 -70.20 23.23
N LEU E 202 20.81 -70.98 23.55
CA LEU E 202 20.78 -72.41 23.23
C LEU E 202 19.72 -73.13 24.03
N LEU E 203 19.56 -72.78 25.32
CA LEU E 203 18.50 -73.36 26.11
C LEU E 203 17.12 -72.96 25.58
N GLY E 204 17.00 -71.75 25.03
CA GLY E 204 15.75 -71.32 24.43
C GLY E 204 15.41 -72.03 23.14
N GLU E 205 16.41 -72.61 22.47
CA GLU E 205 16.16 -73.38 21.26
C GLU E 205 15.72 -74.80 21.60
N ILE E 206 16.30 -75.37 22.65
CA ILE E 206 15.94 -76.72 23.07
C ILE E 206 14.52 -76.76 23.62
N PHE E 207 14.27 -76.00 24.69
CA PHE E 207 12.93 -75.88 25.26
C PHE E 207 12.21 -74.73 24.56
N GLY E 208 11.02 -74.99 24.06
CA GLY E 208 10.32 -73.95 23.34
C GLY E 208 9.70 -72.93 24.26
N ILE E 209 8.44 -73.14 24.60
CA ILE E 209 7.76 -72.29 25.57
C ILE E 209 7.88 -72.95 26.93
N ARG E 210 8.66 -74.03 27.01
CA ARG E 210 8.91 -74.66 28.31
C ARG E 210 9.84 -73.81 29.17
N LYS E 211 10.78 -73.10 28.55
CA LYS E 211 11.62 -72.16 29.28
C LYS E 211 10.86 -70.85 29.46
N MET E 212 10.64 -70.47 30.72
CA MET E 212 9.78 -69.32 31.02
C MET E 212 10.28 -68.04 30.37
N GLY E 213 11.59 -67.94 30.10
CA GLY E 213 12.10 -66.77 29.43
C GLY E 213 11.47 -66.54 28.06
N ASN E 214 11.15 -67.62 27.35
CA ASN E 214 10.53 -67.48 26.04
C ASN E 214 9.09 -67.00 26.12
N ARG E 215 8.43 -67.18 27.25
CA ARG E 215 7.09 -66.61 27.46
C ARG E 215 7.15 -65.15 27.89
N HIS E 216 8.33 -64.64 28.23
CA HIS E 216 8.53 -63.24 28.60
C HIS E 216 9.71 -62.69 27.81
N LYS E 217 9.54 -62.64 26.49
CA LYS E 217 10.64 -62.19 25.63
C LYS E 217 10.83 -60.69 25.75
N PHE E 218 12.08 -60.27 25.62
CA PHE E 218 12.38 -58.85 25.63
C PHE E 218 11.83 -58.20 24.37
N PRO E 219 11.22 -57.02 24.48
CA PRO E 219 10.62 -56.39 23.30
C PRO E 219 11.66 -56.07 22.23
N LYS E 220 11.24 -56.18 20.97
CA LYS E 220 12.11 -55.83 19.87
C LYS E 220 12.31 -54.32 19.82
N GLU E 221 13.37 -53.90 19.11
CA GLU E 221 13.73 -52.49 19.07
C GLU E 221 12.64 -51.65 18.41
N GLU E 222 11.90 -52.21 17.47
CA GLU E 222 10.88 -51.46 16.74
C GLU E 222 9.67 -51.14 17.58
N ILE E 223 9.58 -51.65 18.80
CA ILE E 223 8.43 -51.38 19.67
C ILE E 223 8.91 -50.96 21.04
N TYR E 224 10.17 -50.53 21.14
CA TYR E 224 10.80 -50.13 22.39
C TYR E 224 11.01 -48.62 22.37
N ASN E 225 10.31 -47.91 23.26
CA ASN E 225 10.37 -46.45 23.26
C ASN E 225 11.78 -45.96 23.60
N THR E 226 12.34 -45.14 22.71
CA THR E 226 13.69 -44.61 22.82
C THR E 226 14.67 -45.74 23.07
N PRO E 227 14.97 -46.55 22.05
CA PRO E 227 15.77 -47.77 22.28
C PRO E 227 17.21 -47.49 22.70
N SER E 228 17.75 -46.31 22.39
CA SER E 228 19.14 -46.02 22.74
C SER E 228 19.36 -45.92 24.25
N ILE E 229 18.31 -45.66 25.03
CA ILE E 229 18.43 -45.60 26.48
C ILE E 229 18.25 -47.04 26.97
N ARG E 230 19.37 -47.74 27.13
CA ARG E 230 19.36 -49.14 27.54
C ARG E 230 19.45 -49.31 29.05
N PHE E 231 20.49 -48.72 29.66
CA PHE E 231 20.76 -48.91 31.08
C PHE E 231 20.30 -47.74 31.94
N GLY E 232 19.70 -46.71 31.35
CA GLY E 232 19.31 -45.55 32.12
C GLY E 232 17.84 -45.19 32.01
N ARG E 233 16.97 -46.19 32.05
CA ARG E 233 15.53 -45.97 31.96
C ARG E 233 14.94 -45.64 33.34
N GLU E 234 15.48 -44.57 33.92
CA GLU E 234 15.11 -44.19 35.28
C GLU E 234 13.77 -43.48 35.34
N HIS E 235 13.45 -42.67 34.33
CA HIS E 235 12.17 -41.98 34.29
C HIS E 235 11.03 -42.97 34.38
N TYR E 236 10.13 -42.76 35.34
CA TYR E 236 9.11 -43.73 35.66
C TYR E 236 7.93 -43.73 34.69
N GLU E 237 7.94 -42.89 33.65
CA GLU E 237 7.00 -43.10 32.57
C GLU E 237 7.36 -44.35 31.76
N PHE E 238 8.63 -44.76 31.79
CA PHE E 238 9.04 -46.01 31.15
C PHE E 238 8.40 -47.22 31.82
N GLN E 239 7.93 -47.10 33.06
CA GLN E 239 7.22 -48.20 33.69
C GLN E 239 5.92 -48.51 32.96
N TYR E 240 5.36 -47.50 32.27
CA TYR E 240 4.17 -47.70 31.45
C TYR E 240 4.52 -47.98 30.00
N LEU E 241 5.49 -47.25 29.44
CA LEU E 241 5.84 -47.44 28.04
C LEU E 241 6.49 -48.79 27.79
N ASP E 242 7.17 -49.35 28.78
CA ASP E 242 7.77 -50.66 28.60
C ASP E 242 6.76 -51.79 28.83
N LEU E 243 5.78 -51.57 29.70
CA LEU E 243 4.67 -52.51 29.80
C LEU E 243 3.88 -52.54 28.50
N LEU E 244 3.76 -51.38 27.84
CA LEU E 244 3.15 -51.34 26.51
C LEU E 244 3.94 -52.17 25.53
N SER E 245 5.27 -52.16 25.64
CA SER E 245 6.11 -52.92 24.72
C SER E 245 6.05 -54.40 25.01
N ARG E 246 6.03 -54.78 26.29
CA ARG E 246 5.97 -56.20 26.62
C ARG E 246 4.68 -56.85 26.11
N VAL E 247 3.59 -56.10 26.05
CA VAL E 247 2.34 -56.65 25.54
C VAL E 247 2.42 -56.82 24.02
N LEU E 248 2.99 -55.84 23.32
CA LEU E 248 3.15 -55.96 21.87
C LEU E 248 4.05 -57.12 21.49
N GLU E 249 4.93 -57.55 22.39
CA GLU E 249 5.87 -58.63 22.10
C GLU E 249 5.29 -60.01 22.45
N ASN E 250 4.72 -60.14 23.65
CA ASN E 250 4.27 -61.43 24.16
C ASN E 250 2.75 -61.57 24.22
N GLY E 251 2.00 -60.56 23.80
CA GLY E 251 0.57 -60.56 24.00
C GLY E 251 -0.12 -61.64 23.19
N ALA E 252 -0.87 -62.51 23.86
CA ALA E 252 -1.62 -63.55 23.17
C ALA E 252 -2.94 -62.97 22.64
N TYR E 253 -3.24 -63.25 21.38
CA TYR E 253 -4.48 -62.78 20.77
C TYR E 253 -5.66 -63.54 21.36
N ARG E 254 -6.54 -62.83 22.07
CA ARG E 254 -7.65 -63.46 22.77
C ARG E 254 -8.91 -62.64 22.55
N GLU E 255 -10.04 -63.33 22.55
CA GLU E 255 -11.34 -62.68 22.50
C GLU E 255 -11.87 -62.49 23.93
N ASN E 256 -12.84 -61.60 24.07
CA ASN E 256 -13.42 -61.30 25.37
C ASN E 256 -14.91 -61.00 25.18
N ARG E 257 -15.54 -60.45 26.22
CA ARG E 257 -16.97 -60.18 26.19
C ARG E 257 -17.35 -59.15 25.13
N THR E 258 -16.41 -58.31 24.70
CA THR E 258 -16.68 -57.35 23.65
C THR E 258 -16.28 -57.92 22.29
N GLY E 259 -16.72 -57.22 21.23
CA GLY E 259 -16.37 -57.65 19.88
C GLY E 259 -14.94 -57.36 19.49
N ILE E 260 -14.24 -56.52 20.24
CA ILE E 260 -12.87 -56.12 19.92
C ILE E 260 -11.93 -57.02 20.71
N SER E 261 -11.16 -57.84 19.99
CA SER E 261 -10.21 -58.73 20.63
C SER E 261 -8.99 -57.95 21.12
N THR E 262 -8.24 -58.56 22.03
CA THR E 262 -7.09 -57.92 22.66
C THR E 262 -5.86 -58.82 22.52
N TYR E 263 -4.70 -58.21 22.80
CA TYR E 263 -3.44 -58.93 22.99
C TYR E 263 -3.12 -58.86 24.47
N SER E 264 -3.12 -60.00 25.14
CA SER E 264 -3.14 -60.06 26.60
C SER E 264 -1.95 -60.82 27.16
N ILE E 265 -1.37 -60.29 28.24
CA ILE E 265 -0.44 -61.01 29.10
C ILE E 265 -0.94 -60.91 30.52
N PHE E 266 -0.41 -61.76 31.39
CA PHE E 266 -0.89 -61.90 32.76
C PHE E 266 0.24 -61.67 33.74
N GLY E 267 0.00 -60.79 34.72
CA GLY E 267 0.96 -60.55 35.79
C GLY E 267 2.03 -59.52 35.45
N GLN E 268 1.74 -58.25 35.68
CA GLN E 268 2.69 -57.17 35.44
C GLN E 268 2.56 -56.15 36.56
N MET E 269 3.53 -55.24 36.63
CA MET E 269 3.51 -54.21 37.66
C MET E 269 4.18 -52.94 37.15
N MET E 270 3.84 -51.82 37.78
CA MET E 270 4.41 -50.52 37.49
C MET E 270 4.64 -49.77 38.79
N ARG E 271 5.79 -49.09 38.89
CA ARG E 271 6.09 -48.24 40.02
C ARG E 271 6.08 -46.78 39.59
N PHE E 272 5.70 -45.90 40.51
CA PHE E 272 5.67 -44.48 40.23
C PHE E 272 6.06 -43.70 41.48
N ASP E 273 6.89 -42.68 41.30
CA ASP E 273 7.21 -41.75 42.37
C ASP E 273 6.14 -40.67 42.44
N MET E 274 5.83 -40.25 43.66
CA MET E 274 4.93 -39.13 43.88
C MET E 274 5.52 -38.07 44.79
N ARG E 275 6.73 -38.26 45.31
CA ARG E 275 7.34 -37.26 46.17
C ARG E 275 7.77 -36.03 45.37
N GLU E 276 8.45 -36.24 44.25
CA GLU E 276 9.03 -35.15 43.47
C GLU E 276 8.30 -34.90 42.16
N SER E 277 7.23 -35.63 41.86
CA SER E 277 6.51 -35.45 40.60
C SER E 277 5.12 -36.09 40.72
N PHE E 278 4.37 -36.02 39.63
CA PHE E 278 3.01 -36.57 39.57
C PHE E 278 2.91 -37.46 38.34
N PRO E 279 2.62 -38.75 38.50
CA PRO E 279 2.66 -39.67 37.35
C PRO E 279 1.55 -39.46 36.34
N LEU E 280 1.57 -38.33 35.64
CA LEU E 280 0.66 -38.06 34.53
C LEU E 280 1.46 -38.15 33.24
N LEU E 281 1.07 -39.09 32.37
CA LEU E 281 1.85 -39.39 31.18
C LEU E 281 2.04 -38.14 30.32
N THR E 282 3.24 -38.01 29.75
CA THR E 282 3.57 -36.89 28.87
C THR E 282 3.57 -37.26 27.39
N THR E 283 3.67 -38.55 27.06
CA THR E 283 3.63 -38.97 25.67
C THR E 283 2.24 -38.88 25.06
N LYS E 284 1.25 -38.46 25.84
CA LYS E 284 -0.12 -38.25 25.36
C LYS E 284 -0.82 -37.33 26.35
N LYS E 285 -1.51 -36.33 25.82
CA LYS E 285 -2.27 -35.41 26.68
C LYS E 285 -3.42 -36.15 27.33
N VAL E 286 -3.38 -36.27 28.66
CA VAL E 286 -4.38 -37.03 29.42
C VAL E 286 -5.39 -36.05 30.02
N ALA E 287 -6.67 -36.32 29.82
CA ALA E 287 -7.73 -35.48 30.37
C ALA E 287 -7.76 -35.55 31.89
N ILE E 288 -7.08 -34.62 32.55
CA ILE E 288 -6.94 -34.66 34.00
C ILE E 288 -8.25 -34.32 34.69
N ARG E 289 -9.06 -33.44 34.10
CA ARG E 289 -10.29 -33.00 34.77
C ARG E 289 -11.28 -34.14 34.92
N SER E 290 -11.45 -34.95 33.87
CA SER E 290 -12.39 -36.07 33.94
C SER E 290 -11.95 -37.11 34.98
N ILE E 291 -10.64 -37.29 35.14
CA ILE E 291 -10.14 -38.25 36.12
C ILE E 291 -10.53 -37.81 37.53
N PHE E 292 -10.32 -36.54 37.85
CA PHE E 292 -10.64 -36.03 39.18
C PHE E 292 -12.13 -36.12 39.46
N GLU E 293 -12.96 -35.65 38.51
CA GLU E 293 -14.39 -35.63 38.74
C GLU E 293 -14.96 -37.02 38.93
N GLU E 294 -14.30 -38.05 38.37
CA GLU E 294 -14.69 -39.42 38.64
C GLU E 294 -14.22 -39.86 40.02
N LEU E 295 -13.03 -39.42 40.44
CA LEU E 295 -12.50 -39.85 41.73
C LEU E 295 -13.29 -39.25 42.89
N ILE E 296 -13.61 -37.96 42.81
CA ILE E 296 -14.45 -37.36 43.84
C ILE E 296 -15.86 -37.94 43.77
N TRP E 297 -16.26 -38.41 42.58
CA TRP E 297 -17.53 -39.11 42.46
C TRP E 297 -17.54 -40.41 43.26
N PHE E 298 -16.40 -41.12 43.25
CA PHE E 298 -16.27 -42.31 44.09
C PHE E 298 -16.26 -41.93 45.57
N ILE E 299 -15.48 -40.91 45.93
CA ILE E 299 -15.32 -40.55 47.34
C ILE E 299 -16.65 -40.16 47.96
N LYS E 300 -17.45 -39.37 47.24
CA LYS E 300 -18.76 -38.95 47.74
C LYS E 300 -19.73 -40.10 47.92
N GLY E 301 -19.43 -41.27 47.38
CA GLY E 301 -20.33 -42.40 47.46
C GLY E 301 -21.36 -42.47 46.36
N ASP E 302 -21.26 -41.63 45.34
CA ASP E 302 -22.31 -41.52 44.34
C ASP E 302 -22.21 -42.64 43.31
N THR E 303 -23.37 -43.12 42.87
CA THR E 303 -23.46 -44.08 41.78
C THR E 303 -24.32 -43.57 40.63
N ASN E 304 -24.84 -42.35 40.72
CA ASN E 304 -25.65 -41.77 39.67
C ASN E 304 -24.77 -41.36 38.50
N GLY E 305 -24.89 -42.08 37.38
CA GLY E 305 -24.07 -41.80 36.21
C GLY E 305 -24.38 -40.48 35.54
N ASN E 306 -25.54 -39.88 35.83
CA ASN E 306 -25.87 -38.60 35.22
C ASN E 306 -25.10 -37.45 35.83
N HIS E 307 -24.71 -37.56 37.10
CA HIS E 307 -23.95 -36.50 37.75
C HIS E 307 -22.61 -36.28 37.07
N LEU E 308 -22.05 -37.33 36.44
CA LEU E 308 -20.82 -37.15 35.67
C LEU E 308 -21.10 -36.54 34.31
N ILE E 309 -22.25 -36.90 33.70
CA ILE E 309 -22.60 -36.32 32.40
C ILE E 309 -22.97 -34.85 32.55
N GLU E 310 -23.57 -34.48 33.68
CA GLU E 310 -23.89 -33.07 33.93
C GLU E 310 -22.63 -32.23 34.06
N LYS E 311 -21.51 -32.84 34.46
CA LYS E 311 -20.23 -32.17 34.54
C LYS E 311 -19.39 -32.41 33.28
N LYS E 312 -20.01 -32.83 32.19
CA LYS E 312 -19.34 -33.06 30.90
C LYS E 312 -18.24 -34.12 31.03
N VAL E 313 -18.54 -35.20 31.74
CA VAL E 313 -17.66 -36.35 31.87
C VAL E 313 -18.43 -37.56 31.36
N TYR E 314 -18.01 -38.09 30.21
CA TYR E 314 -18.75 -39.14 29.51
C TYR E 314 -18.03 -40.48 29.51
N ILE E 315 -17.20 -40.74 30.52
CA ILE E 315 -16.46 -41.99 30.55
C ILE E 315 -17.33 -43.17 31.00
N TRP E 316 -18.44 -42.91 31.69
CA TRP E 316 -19.35 -43.97 32.11
C TRP E 316 -20.65 -43.96 31.31
N SER E 317 -20.63 -43.40 30.09
CA SER E 317 -21.82 -43.41 29.25
C SER E 317 -21.95 -44.70 28.47
N GLY E 318 -20.83 -45.30 28.05
CA GLY E 318 -20.90 -46.53 27.29
C GLY E 318 -21.46 -47.68 28.11
N ASN E 319 -20.97 -47.83 29.35
CA ASN E 319 -21.46 -48.88 30.24
C ASN E 319 -22.72 -48.47 31.00
N GLY E 320 -23.30 -47.31 30.69
CA GLY E 320 -24.50 -46.86 31.35
C GLY E 320 -25.59 -46.41 30.41
N SER E 321 -25.64 -47.02 29.22
CA SER E 321 -26.70 -46.73 28.27
C SER E 321 -27.88 -47.69 28.48
N LYS E 322 -28.99 -47.37 27.82
CA LYS E 322 -30.17 -48.23 27.94
C LYS E 322 -29.98 -49.55 27.21
N GLU E 323 -29.25 -49.54 26.09
CA GLU E 323 -29.04 -50.76 25.32
C GLU E 323 -28.02 -51.68 25.98
N TYR E 324 -27.03 -51.12 26.68
CA TYR E 324 -26.04 -51.95 27.35
C TYR E 324 -26.62 -52.61 28.61
N LEU E 325 -27.49 -51.89 29.33
CA LEU E 325 -28.05 -52.45 30.55
C LEU E 325 -29.03 -53.58 30.24
N GLU E 326 -29.84 -53.43 29.20
CA GLU E 326 -30.75 -54.51 28.82
C GLU E 326 -29.99 -55.71 28.25
N ARG E 327 -28.79 -55.48 27.70
CA ARG E 327 -28.03 -56.57 27.13
C ARG E 327 -27.40 -57.46 28.20
N ILE E 328 -27.08 -56.89 29.36
CA ILE E 328 -26.48 -57.65 30.45
C ILE E 328 -27.50 -58.09 31.50
N GLY E 329 -28.79 -57.91 31.21
CA GLY E 329 -29.83 -58.38 32.10
C GLY E 329 -30.28 -57.38 33.15
N LEU E 330 -30.06 -56.08 32.93
CA LEU E 330 -30.50 -55.07 33.89
C LEU E 330 -31.46 -54.08 33.22
N GLY E 331 -32.46 -54.61 32.52
CA GLY E 331 -33.39 -53.75 31.82
C GLY E 331 -34.27 -52.92 32.73
N HIS E 332 -34.61 -53.45 33.91
CA HIS E 332 -35.42 -52.70 34.87
C HIS E 332 -34.68 -51.51 35.44
N ARG E 333 -33.35 -51.51 35.37
CA ARG E 333 -32.55 -50.42 35.91
C ARG E 333 -32.75 -49.14 35.09
N GLU E 334 -32.61 -47.99 35.77
CA GLU E 334 -32.74 -46.70 35.13
C GLU E 334 -31.60 -46.49 34.13
N GLU E 335 -31.70 -45.39 33.38
CA GLU E 335 -30.77 -45.07 32.28
C GLU E 335 -29.30 -45.19 32.71
N ASN E 336 -28.83 -44.29 33.56
CA ASN E 336 -27.44 -44.27 33.98
C ASN E 336 -27.26 -44.73 35.43
N ASP E 337 -28.14 -45.61 35.91
CA ASP E 337 -28.02 -46.17 37.26
C ASP E 337 -27.04 -47.33 37.16
N LEU E 338 -25.76 -47.04 37.37
CA LEU E 338 -24.74 -48.07 37.28
C LEU E 338 -24.85 -49.11 38.38
N GLY E 339 -25.51 -48.80 39.49
CA GLY E 339 -25.66 -49.75 40.57
C GLY E 339 -24.54 -49.64 41.59
N PRO E 340 -24.45 -50.63 42.49
CA PRO E 340 -23.38 -50.59 43.50
C PRO E 340 -22.02 -50.90 42.92
N ILE E 341 -21.17 -49.88 42.81
CA ILE E 341 -19.86 -50.01 42.18
C ILE E 341 -18.86 -49.26 43.05
N TYR E 342 -17.73 -48.88 42.46
CA TYR E 342 -16.83 -47.96 43.14
C TYR E 342 -17.61 -46.80 43.74
N GLY E 343 -17.34 -46.50 44.99
CA GLY E 343 -18.06 -45.49 45.73
C GLY E 343 -19.31 -45.96 46.43
N PHE E 344 -19.77 -47.18 46.16
CA PHE E 344 -20.79 -47.75 47.02
C PHE E 344 -20.26 -48.87 47.88
N GLN E 345 -19.24 -49.57 47.40
CA GLN E 345 -18.50 -50.49 48.25
C GLN E 345 -17.48 -49.76 49.10
N TRP E 346 -17.04 -48.56 48.69
CA TRP E 346 -16.13 -47.76 49.51
C TRP E 346 -16.83 -47.22 50.75
N ARG E 347 -18.05 -46.73 50.59
CA ARG E 347 -18.76 -46.04 51.67
C ARG E 347 -19.87 -46.87 52.31
N HIS E 348 -20.48 -47.80 51.57
CA HIS E 348 -21.58 -48.60 52.08
C HIS E 348 -21.41 -50.06 51.67
N TYR E 349 -20.33 -50.70 52.16
CA TYR E 349 -20.05 -52.08 51.81
C TYR E 349 -21.11 -53.01 52.39
N ASN E 350 -21.51 -54.01 51.59
CA ASN E 350 -22.56 -54.96 51.94
C ASN E 350 -23.91 -54.29 52.18
N GLY E 351 -24.11 -53.10 51.62
CA GLY E 351 -25.36 -52.38 51.78
C GLY E 351 -26.36 -52.80 50.71
N GLU E 352 -27.59 -53.05 51.14
CA GLU E 352 -28.65 -53.46 50.22
C GLU E 352 -28.95 -52.31 49.26
N TYR E 353 -28.53 -52.47 48.01
CA TYR E 353 -28.71 -51.42 47.01
C TYR E 353 -30.12 -51.49 46.43
N LYS E 354 -30.74 -50.33 46.28
CA LYS E 354 -32.05 -50.24 45.65
C LYS E 354 -31.94 -49.51 44.30
N THR E 355 -31.90 -48.18 44.34
CA THR E 355 -31.70 -47.36 43.16
C THR E 355 -30.69 -46.27 43.48
N MET E 356 -30.34 -45.48 42.46
CA MET E 356 -29.37 -44.40 42.63
C MET E 356 -29.97 -43.16 43.28
N HIS E 357 -31.28 -43.14 43.53
CA HIS E 357 -31.93 -41.99 44.14
C HIS E 357 -32.16 -42.15 45.64
N ASP E 358 -32.08 -43.38 46.16
CA ASP E 358 -32.36 -43.61 47.56
C ASP E 358 -31.25 -43.02 48.44
N ASP E 359 -31.53 -42.97 49.74
CA ASP E 359 -30.60 -42.44 50.72
C ASP E 359 -29.97 -43.59 51.50
N TYR E 360 -28.66 -43.76 51.34
CA TYR E 360 -27.93 -44.86 51.98
C TYR E 360 -27.07 -44.39 53.14
N THR E 361 -27.34 -43.20 53.69
CA THR E 361 -26.54 -42.66 54.78
C THR E 361 -26.80 -43.48 56.05
N GLY E 362 -25.80 -44.27 56.46
CA GLY E 362 -25.86 -45.09 57.66
C GLY E 362 -25.74 -46.58 57.39
N VAL E 363 -26.15 -47.03 56.22
CA VAL E 363 -26.12 -48.45 55.88
C VAL E 363 -24.76 -48.81 55.30
N GLY E 364 -24.32 -50.04 55.56
CA GLY E 364 -23.09 -50.54 55.03
C GLY E 364 -21.88 -50.15 55.87
N VAL E 365 -20.75 -50.77 55.54
CA VAL E 365 -19.49 -50.48 56.22
C VAL E 365 -18.77 -49.38 55.45
N ASP E 366 -18.43 -48.30 56.13
CA ASP E 366 -17.75 -47.16 55.52
C ASP E 366 -16.25 -47.41 55.58
N GLN E 367 -15.72 -48.02 54.51
CA GLN E 367 -14.30 -48.33 54.46
C GLN E 367 -13.45 -47.07 54.39
N LEU E 368 -13.83 -46.13 53.52
CA LEU E 368 -13.03 -44.93 53.32
C LEU E 368 -12.88 -44.14 54.61
N ALA E 369 -13.95 -44.05 55.40
CA ALA E 369 -13.87 -43.37 56.69
C ALA E 369 -12.97 -44.13 57.65
N LYS E 370 -13.17 -45.44 57.78
CA LYS E 370 -12.31 -46.23 58.65
C LYS E 370 -10.87 -46.25 58.17
N LEU E 371 -10.67 -46.13 56.86
CA LEU E 371 -9.31 -46.04 56.33
C LEU E 371 -8.62 -44.77 56.82
N ILE E 372 -9.30 -43.63 56.68
CA ILE E 372 -8.72 -42.37 57.12
C ILE E 372 -8.50 -42.37 58.62
N GLU E 373 -9.47 -42.91 59.37
CA GLU E 373 -9.33 -42.95 60.83
C GLU E 373 -8.16 -43.85 61.24
N THR E 374 -7.91 -44.92 60.50
CA THR E 374 -6.82 -45.82 60.83
C THR E 374 -5.47 -45.27 60.39
N LEU E 375 -5.44 -44.49 59.30
CA LEU E 375 -4.15 -44.01 58.79
C LEU E 375 -3.49 -43.02 59.74
N LYS E 376 -4.27 -42.28 60.53
CA LYS E 376 -3.69 -41.30 61.44
C LYS E 376 -3.75 -41.71 62.90
N ASN E 377 -4.50 -42.75 63.26
CA ASN E 377 -4.49 -43.25 64.63
C ASN E 377 -3.61 -44.48 64.82
N ASN E 378 -3.32 -45.21 63.75
CA ASN E 378 -2.42 -46.36 63.81
C ASN E 378 -1.72 -46.48 62.45
N PRO E 379 -0.68 -45.67 62.22
CA PRO E 379 -0.09 -45.63 60.88
C PRO E 379 0.64 -46.91 60.50
N LYS E 380 1.40 -47.50 61.42
CA LYS E 380 2.18 -48.70 61.11
C LYS E 380 1.33 -49.96 61.09
N ASP E 381 0.02 -49.83 61.14
CA ASP E 381 -0.87 -50.97 60.95
C ASP E 381 -0.68 -51.52 59.55
N ARG E 382 -0.84 -52.84 59.41
CA ARG E 382 -0.64 -53.51 58.13
C ARG E 382 -1.96 -53.96 57.51
N ARG E 383 -3.04 -53.19 57.74
CA ARG E 383 -4.38 -53.55 57.29
C ARG E 383 -5.10 -52.40 56.61
N HIS E 384 -4.38 -51.35 56.20
CA HIS E 384 -5.00 -50.20 55.53
C HIS E 384 -5.44 -50.63 54.14
N ILE E 385 -6.60 -51.28 54.07
CA ILE E 385 -7.07 -51.91 52.83
C ILE E 385 -8.44 -51.35 52.48
N LEU E 386 -8.58 -50.93 51.23
CA LEU E 386 -9.86 -50.49 50.66
C LEU E 386 -10.19 -51.43 49.51
N THR E 387 -11.24 -52.24 49.68
CA THR E 387 -11.62 -53.23 48.69
C THR E 387 -12.91 -52.81 47.99
N ALA E 388 -13.12 -53.36 46.79
CA ALA E 388 -14.32 -53.14 46.02
C ALA E 388 -14.92 -54.43 45.46
N TRP E 389 -14.26 -55.57 45.66
CA TRP E 389 -14.75 -56.84 45.14
C TRP E 389 -15.72 -57.42 46.16
N ASN E 390 -17.02 -57.28 45.88
CA ASN E 390 -18.07 -57.84 46.73
C ASN E 390 -18.82 -58.90 45.94
N PRO E 391 -18.57 -60.19 46.21
CA PRO E 391 -19.26 -61.25 45.43
C PRO E 391 -20.78 -61.19 45.53
N SER E 392 -21.32 -60.65 46.62
CA SER E 392 -22.77 -60.62 46.78
C SER E 392 -23.42 -59.57 45.87
N ALA E 393 -22.70 -58.51 45.52
CA ALA E 393 -23.24 -57.44 44.72
C ALA E 393 -22.74 -57.44 43.28
N LEU E 394 -21.93 -58.43 42.89
CA LEU E 394 -21.37 -58.44 41.54
C LEU E 394 -22.46 -58.50 40.48
N SER E 395 -23.50 -59.30 40.72
CA SER E 395 -24.55 -59.49 39.72
C SER E 395 -25.37 -58.23 39.49
N GLN E 396 -25.42 -57.32 40.46
CA GLN E 396 -26.15 -56.07 40.30
C GLN E 396 -25.33 -54.96 39.66
N MET E 397 -24.03 -55.16 39.49
CA MET E 397 -23.18 -54.10 38.95
C MET E 397 -23.28 -54.04 37.43
N ALA E 398 -23.25 -52.82 36.89
CA ALA E 398 -23.15 -52.64 35.45
C ALA E 398 -21.81 -53.10 34.91
N LEU E 399 -20.78 -53.11 35.74
CA LEU E 399 -19.44 -53.57 35.37
C LEU E 399 -18.67 -53.88 36.64
N PRO E 400 -18.16 -55.11 36.80
CA PRO E 400 -17.42 -55.46 38.01
C PRO E 400 -16.20 -54.59 38.18
N PRO E 401 -15.69 -54.45 39.40
CA PRO E 401 -14.57 -53.53 39.64
C PRO E 401 -13.31 -54.00 38.93
N CYS E 402 -12.64 -53.06 38.25
CA CYS E 402 -11.36 -53.34 37.62
C CYS E 402 -10.20 -53.07 38.58
N HIS E 403 -10.11 -51.86 39.11
CA HIS E 403 -9.19 -51.59 40.22
C HIS E 403 -9.84 -52.17 41.46
N VAL E 404 -9.45 -53.40 41.80
CA VAL E 404 -10.21 -54.22 42.74
C VAL E 404 -9.89 -53.86 44.18
N LEU E 405 -8.60 -53.90 44.53
CA LEU E 405 -8.19 -53.74 45.92
C LEU E 405 -6.96 -52.86 46.01
N SER E 406 -6.90 -52.03 47.05
CA SER E 406 -5.78 -51.12 47.27
C SER E 406 -5.36 -51.16 48.73
N GLN E 407 -4.05 -51.09 48.96
CA GLN E 407 -3.48 -51.07 50.30
C GLN E 407 -2.58 -49.84 50.44
N TYR E 408 -2.57 -49.26 51.64
CA TYR E 408 -1.84 -48.03 51.91
C TYR E 408 -0.86 -48.23 53.07
N TYR E 409 0.20 -47.44 53.05
CA TYR E 409 1.37 -47.68 53.89
C TYR E 409 1.96 -46.35 54.31
N VAL E 410 2.25 -46.20 55.60
CA VAL E 410 2.85 -44.98 56.14
C VAL E 410 4.30 -45.28 56.45
N THR E 411 5.22 -44.56 55.80
CA THR E 411 6.63 -44.76 56.01
C THR E 411 7.09 -44.08 57.30
N ASN E 412 8.35 -44.32 57.67
CA ASN E 412 8.88 -43.74 58.89
C ASN E 412 9.07 -42.23 58.78
N ASP E 413 9.15 -41.68 57.57
CA ASP E 413 9.25 -40.24 57.37
C ASP E 413 7.91 -39.62 56.98
N ASN E 414 6.81 -40.23 57.43
CA ASN E 414 5.47 -39.66 57.29
C ASN E 414 5.10 -39.43 55.82
N CYS E 415 5.33 -40.45 54.99
CA CYS E 415 4.88 -40.45 53.61
C CYS E 415 3.89 -41.59 53.42
N LEU E 416 2.97 -41.39 52.48
CA LEU E 416 1.88 -42.34 52.23
C LEU E 416 2.08 -42.98 50.87
N SER E 417 2.43 -44.26 50.86
CA SER E 417 2.53 -45.04 49.63
C SER E 417 1.23 -45.79 49.39
N CYS E 418 1.07 -46.30 48.17
CA CYS E 418 -0.15 -46.96 47.75
C CYS E 418 0.15 -48.13 46.84
N ASN E 419 -0.52 -49.25 47.10
CA ASN E 419 -0.48 -50.43 46.24
C ASN E 419 -1.88 -50.72 45.73
N LEU E 420 -2.01 -50.94 44.42
CA LEU E 420 -3.29 -51.23 43.79
C LEU E 420 -3.18 -52.51 42.98
N TYR E 421 -4.13 -53.43 43.17
CA TYR E 421 -4.25 -54.59 42.30
C TYR E 421 -5.38 -54.35 41.31
N GLN E 422 -5.10 -54.58 40.03
CA GLN E 422 -6.04 -54.32 38.95
C GLN E 422 -6.21 -55.62 38.17
N ARG E 423 -7.43 -56.17 38.19
CA ARG E 423 -7.67 -57.48 37.56
C ARG E 423 -7.62 -57.38 36.04
N SER E 424 -8.10 -56.28 35.48
CA SER E 424 -8.12 -56.08 34.04
C SER E 424 -7.70 -54.65 33.75
N CYS E 425 -6.85 -54.47 32.74
CA CYS E 425 -6.22 -53.18 32.48
C CYS E 425 -6.21 -52.90 30.99
N ASP E 426 -7.06 -51.98 30.55
CA ASP E 426 -7.02 -51.44 29.19
C ASP E 426 -5.85 -50.45 29.12
N LEU E 427 -4.73 -50.91 28.58
CA LEU E 427 -3.51 -50.10 28.53
C LEU E 427 -3.65 -48.86 27.64
N GLY E 428 -4.69 -48.79 26.82
CA GLY E 428 -4.87 -47.65 25.95
C GLY E 428 -5.67 -46.53 26.60
N LEU E 429 -6.68 -46.89 27.38
CA LEU E 429 -7.57 -45.91 27.99
C LEU E 429 -7.56 -45.98 29.50
N GLY E 430 -7.89 -47.12 30.10
CA GLY E 430 -8.04 -47.18 31.55
C GLY E 430 -6.74 -46.99 32.29
N SER E 431 -5.64 -47.51 31.76
CA SER E 431 -4.37 -47.48 32.48
C SER E 431 -3.88 -46.07 32.74
N PRO E 432 -3.81 -45.15 31.77
CA PRO E 432 -3.39 -43.78 32.10
C PRO E 432 -4.30 -43.12 33.12
N PHE E 433 -5.59 -43.47 33.11
CA PHE E 433 -6.50 -42.93 34.10
C PHE E 433 -6.24 -43.52 35.48
N ASN E 434 -6.07 -44.84 35.55
CA ASN E 434 -5.85 -45.49 36.84
C ASN E 434 -4.57 -45.02 37.51
N ILE E 435 -3.53 -44.71 36.71
CA ILE E 435 -2.28 -44.20 37.28
C ILE E 435 -2.51 -42.85 37.94
N ALA E 436 -3.17 -41.94 37.21
CA ALA E 436 -3.41 -40.61 37.76
C ALA E 436 -4.48 -40.63 38.84
N SER E 437 -5.50 -41.48 38.68
CA SER E 437 -6.62 -41.49 39.63
C SER E 437 -6.16 -41.89 41.02
N TYR E 438 -5.43 -43.01 41.12
CA TYR E 438 -4.95 -43.44 42.44
C TYR E 438 -3.78 -42.62 42.94
N ALA E 439 -3.14 -41.85 42.05
CA ALA E 439 -2.15 -40.88 42.53
C ALA E 439 -2.84 -39.71 43.22
N ILE E 440 -3.92 -39.22 42.65
CA ILE E 440 -4.68 -38.14 43.28
C ILE E 440 -5.30 -38.61 44.58
N LEU E 441 -5.85 -39.83 44.59
CA LEU E 441 -6.48 -40.35 45.80
C LEU E 441 -5.47 -40.48 46.94
N THR E 442 -4.24 -40.90 46.62
CA THR E 442 -3.22 -41.02 47.66
C THR E 442 -2.84 -39.65 48.21
N MET E 443 -2.79 -38.64 47.34
CA MET E 443 -2.48 -37.28 47.79
C MET E 443 -3.60 -36.73 48.66
N MET E 444 -4.85 -37.01 48.31
CA MET E 444 -5.96 -36.58 49.13
C MET E 444 -5.91 -37.23 50.51
N LEU E 445 -5.70 -38.55 50.55
CA LEU E 445 -5.56 -39.24 51.82
C LEU E 445 -4.37 -38.71 52.60
N ALA E 446 -3.31 -38.27 51.91
CA ALA E 446 -2.13 -37.77 52.60
C ALA E 446 -2.41 -36.44 53.29
N GLN E 447 -3.14 -35.54 52.64
CA GLN E 447 -3.40 -34.24 53.23
C GLN E 447 -4.40 -34.34 54.38
N VAL E 448 -5.45 -35.16 54.23
CA VAL E 448 -6.44 -35.31 55.29
C VAL E 448 -5.82 -35.98 56.51
N CYS E 449 -4.84 -36.86 56.30
CA CYS E 449 -4.19 -37.56 57.39
C CYS E 449 -2.90 -36.87 57.85
N GLY E 450 -2.48 -35.81 57.17
CA GLY E 450 -1.31 -35.09 57.59
C GLY E 450 0.01 -35.72 57.19
N TYR E 451 0.08 -36.32 56.02
CA TYR E 451 1.30 -36.93 55.50
C TYR E 451 1.66 -36.30 54.16
N GLU E 452 2.81 -36.71 53.64
CA GLU E 452 3.27 -36.36 52.31
C GLU E 452 3.07 -37.53 51.35
N PRO E 453 2.89 -37.26 50.06
CA PRO E 453 2.73 -38.37 49.10
C PRO E 453 3.99 -39.23 49.00
N GLY E 454 3.79 -40.53 48.85
CA GLY E 454 4.91 -41.46 48.79
C GLY E 454 5.12 -42.06 47.41
N GLU E 455 4.92 -43.38 47.30
CA GLU E 455 5.08 -44.10 46.05
C GLU E 455 3.76 -44.72 45.63
N LEU E 456 3.66 -45.07 44.35
CA LEU E 456 2.48 -45.72 43.79
C LEU E 456 2.91 -46.94 43.00
N ALA E 457 2.49 -48.12 43.45
CA ALA E 457 2.75 -49.37 42.75
C ALA E 457 1.43 -49.97 42.29
N ILE E 458 1.35 -50.35 41.03
CA ILE E 458 0.14 -50.91 40.44
C ILE E 458 0.44 -52.32 39.97
N PHE E 459 -0.26 -53.30 40.54
CA PHE E 459 -0.12 -54.71 40.17
C PHE E 459 -1.29 -55.11 39.27
N ILE E 460 -0.97 -55.66 38.11
CA ILE E 460 -1.96 -55.87 37.06
C ILE E 460 -2.10 -57.36 36.78
N GLY E 461 -3.34 -57.81 36.64
CA GLY E 461 -3.61 -59.16 36.21
C GLY E 461 -3.61 -59.28 34.69
N ASP E 462 -4.76 -59.03 34.06
CA ASP E 462 -4.89 -59.16 32.61
C ASP E 462 -4.56 -57.81 31.98
N ALA E 463 -3.28 -57.61 31.68
CA ALA E 463 -2.82 -56.43 30.97
C ALA E 463 -2.94 -56.68 29.47
N HIS E 464 -3.77 -55.87 28.79
CA HIS E 464 -4.10 -56.14 27.40
C HIS E 464 -4.15 -54.84 26.60
N ILE E 465 -4.18 -55.01 25.28
CA ILE E 465 -4.28 -53.90 24.33
C ILE E 465 -5.34 -54.27 23.30
N TYR E 466 -6.34 -53.42 23.16
CA TYR E 466 -7.38 -53.65 22.15
C TYR E 466 -6.82 -53.45 20.75
N GLU E 467 -7.24 -54.31 19.81
CA GLU E 467 -6.61 -54.35 18.50
C GLU E 467 -6.86 -53.09 17.68
N ASN E 468 -7.88 -52.30 18.02
CA ASN E 468 -8.09 -51.03 17.35
C ASN E 468 -7.20 -49.92 17.90
N HIS E 469 -6.45 -50.17 18.97
CA HIS E 469 -5.52 -49.20 19.54
C HIS E 469 -4.09 -49.43 19.09
N LEU E 470 -3.85 -50.35 18.16
CA LEU E 470 -2.48 -50.72 17.80
C LEU E 470 -1.79 -49.59 17.06
N THR E 471 -2.46 -48.98 16.08
CA THR E 471 -1.85 -47.87 15.35
C THR E 471 -1.60 -46.68 16.27
N GLN E 472 -2.50 -46.45 17.23
CA GLN E 472 -2.35 -45.31 18.14
C GLN E 472 -1.23 -45.55 19.14
N LEU E 473 -1.22 -46.72 19.79
CA LEU E 473 -0.23 -46.97 20.83
C LEU E 473 1.18 -47.09 20.25
N LYS E 474 1.32 -47.54 19.01
CA LYS E 474 2.64 -47.51 18.37
C LYS E 474 3.09 -46.09 18.09
N GLU E 475 2.14 -45.18 17.81
CA GLU E 475 2.48 -43.77 17.67
C GLU E 475 2.95 -43.20 19.01
N GLN E 476 2.28 -43.57 20.11
CA GLN E 476 2.68 -43.09 21.42
C GLN E 476 4.07 -43.59 21.80
N LEU E 477 4.45 -44.77 21.33
CA LEU E 477 5.77 -45.31 21.65
C LEU E 477 6.90 -44.62 20.90
N SER E 478 6.58 -43.83 19.89
CA SER E 478 7.60 -43.12 19.12
C SER E 478 7.98 -41.77 19.73
N ARG E 479 7.38 -41.40 20.86
CA ARG E 479 7.58 -40.10 21.49
C ARG E 479 8.45 -40.26 22.72
N THR E 480 9.60 -39.59 22.73
CA THR E 480 10.47 -39.63 23.89
C THR E 480 9.81 -38.89 25.05
N PRO E 481 9.74 -39.49 26.24
CA PRO E 481 9.00 -38.87 27.35
C PRO E 481 9.62 -37.56 27.82
N ARG E 482 8.76 -36.69 28.32
CA ARG E 482 9.11 -35.42 28.94
C ARG E 482 8.90 -35.48 30.45
N PRO E 483 9.53 -34.60 31.22
CA PRO E 483 9.41 -34.69 32.68
C PRO E 483 7.98 -34.57 33.16
N PHE E 484 7.68 -35.30 34.24
CA PHE E 484 6.34 -35.29 34.81
C PHE E 484 5.98 -33.89 35.30
N PRO E 485 4.70 -33.56 35.34
CA PRO E 485 4.29 -32.26 35.90
C PRO E 485 4.24 -32.31 37.41
N GLN E 486 3.73 -31.25 38.02
CA GLN E 486 3.48 -31.19 39.45
C GLN E 486 2.00 -30.97 39.69
N LEU E 487 1.48 -31.58 40.76
CA LEU E 487 0.09 -31.40 41.16
C LEU E 487 0.07 -30.97 42.62
N LYS E 488 -0.49 -29.79 42.88
CA LYS E 488 -0.57 -29.24 44.22
C LYS E 488 -2.01 -28.82 44.51
N PHE E 489 -2.36 -28.85 45.79
CA PHE E 489 -3.68 -28.42 46.24
C PHE E 489 -3.62 -26.98 46.71
N LYS E 490 -4.64 -26.20 46.35
CA LYS E 490 -4.65 -24.78 46.68
C LYS E 490 -5.05 -24.53 48.12
N ARG E 491 -5.90 -25.38 48.70
CA ARG E 491 -6.35 -25.21 50.07
C ARG E 491 -6.37 -26.57 50.77
N LYS E 492 -6.32 -26.52 52.11
CA LYS E 492 -6.42 -27.72 52.92
C LYS E 492 -7.88 -27.92 53.32
N VAL E 493 -8.45 -29.06 52.95
CA VAL E 493 -9.85 -29.34 53.23
C VAL E 493 -9.97 -29.96 54.61
N GLU E 494 -11.17 -29.89 55.18
CA GLU E 494 -11.44 -30.49 56.48
C GLU E 494 -11.89 -31.94 56.36
N ASN E 495 -12.63 -32.26 55.30
CA ASN E 495 -13.03 -33.63 54.99
C ASN E 495 -12.67 -33.93 53.55
N ILE E 496 -12.35 -35.20 53.28
CA ILE E 496 -11.89 -35.59 51.95
C ILE E 496 -12.95 -35.35 50.88
N GLU E 497 -14.22 -35.26 51.26
CA GLU E 497 -15.29 -35.05 50.31
C GLU E 497 -15.38 -33.62 49.81
N ASP E 498 -14.67 -32.68 50.44
CA ASP E 498 -14.79 -31.26 50.13
C ASP E 498 -13.89 -30.81 49.00
N PHE E 499 -13.14 -31.71 48.37
CA PHE E 499 -12.26 -31.33 47.28
C PHE E 499 -13.07 -30.89 46.06
N LYS E 500 -12.57 -29.86 45.39
CA LYS E 500 -13.20 -29.35 44.17
C LYS E 500 -12.13 -29.21 43.09
N TRP E 501 -12.58 -29.16 41.84
CA TRP E 501 -11.65 -29.08 40.72
C TRP E 501 -10.85 -27.80 40.73
N GLU E 502 -11.41 -26.72 41.29
CA GLU E 502 -10.69 -25.46 41.38
C GLU E 502 -9.54 -25.52 42.38
N ASP E 503 -9.55 -26.50 43.28
CA ASP E 503 -8.50 -26.65 44.28
C ASP E 503 -7.24 -27.31 43.73
N ILE E 504 -7.30 -27.88 42.53
CA ILE E 504 -6.17 -28.60 41.94
C ILE E 504 -5.44 -27.67 40.99
N GLU E 505 -4.12 -27.59 41.14
CA GLU E 505 -3.26 -26.77 40.30
C GLU E 505 -2.24 -27.69 39.63
N LEU E 506 -2.31 -27.80 38.31
CA LEU E 506 -1.40 -28.63 37.53
C LEU E 506 -0.29 -27.76 36.97
N ILE E 507 0.94 -28.00 37.42
CA ILE E 507 2.07 -27.11 37.14
C ILE E 507 3.07 -27.85 36.26
N GLY E 508 3.40 -27.26 35.11
CA GLY E 508 4.47 -27.78 34.28
C GLY E 508 4.12 -29.02 33.48
N TYR E 509 2.93 -29.05 32.89
CA TYR E 509 2.49 -30.17 32.07
C TYR E 509 2.58 -29.79 30.61
N TYR E 510 3.59 -30.31 29.92
CA TYR E 510 3.82 -30.04 28.50
C TYR E 510 3.82 -31.35 27.72
N PRO E 511 2.66 -31.97 27.54
CA PRO E 511 2.60 -33.29 26.91
C PRO E 511 2.61 -33.19 25.39
N TYR E 512 2.70 -34.37 24.76
CA TYR E 512 2.51 -34.48 23.34
C TYR E 512 1.03 -34.37 22.99
N PRO E 513 0.68 -34.08 21.73
CA PRO E 513 -0.73 -33.96 21.37
C PRO E 513 -1.52 -35.22 21.66
N THR E 514 -2.79 -35.03 22.00
CA THR E 514 -3.63 -36.13 22.42
C THR E 514 -3.85 -37.12 21.27
N ILE E 515 -4.14 -38.37 21.65
CA ILE E 515 -4.36 -39.46 20.72
C ILE E 515 -5.75 -40.03 20.99
N LYS E 516 -6.56 -40.14 19.93
CA LYS E 516 -7.94 -40.60 20.04
C LYS E 516 -7.99 -42.11 19.97
N MET E 517 -8.72 -42.71 20.92
CA MET E 517 -8.88 -44.17 20.98
C MET E 517 -10.30 -44.49 21.42
N ASP E 518 -10.98 -45.33 20.65
CA ASP E 518 -12.37 -45.66 20.93
C ASP E 518 -12.46 -46.71 22.04
N MET E 519 -13.46 -46.55 22.91
CA MET E 519 -13.66 -47.49 24.01
C MET E 519 -14.48 -48.69 23.53
N ALA E 520 -14.08 -49.88 23.99
CA ALA E 520 -14.81 -51.10 23.70
C ALA E 520 -15.89 -51.28 24.77
N VAL E 521 -17.15 -51.19 24.36
CA VAL E 521 -18.27 -51.31 25.29
C VAL E 521 -18.59 -52.79 25.54
PA NDP F . -24.30 -17.74 -24.52
O1A NDP F . -24.74 -18.68 -25.63
O2A NDP F . -23.30 -16.76 -25.08
O5B NDP F . -25.52 -16.97 -24.01
C5B NDP F . -26.37 -17.53 -23.05
C4B NDP F . -27.51 -16.71 -22.62
O4B NDP F . -28.30 -16.36 -23.74
C3B NDP F . -28.43 -17.43 -21.73
O3B NDP F . -28.01 -17.40 -20.42
C2B NDP F . -29.67 -16.70 -21.92
O2B NDP F . -29.64 -15.49 -21.20
C1B NDP F . -29.67 -16.38 -23.33
N9A NDP F . -30.40 -17.36 -24.06
C8A NDP F . -29.92 -18.48 -24.63
N7A NDP F . -30.92 -19.16 -25.23
C5A NDP F . -32.08 -18.45 -25.03
C6A NDP F . -33.43 -18.65 -25.42
N6A NDP F . -33.81 -19.86 -26.20
N1A NDP F . -34.38 -17.74 -25.05
C2A NDP F . -34.02 -16.65 -24.34
N3A NDP F . -32.76 -16.42 -23.95
C4A NDP F . -31.76 -17.32 -24.29
O3 NDP F . -23.63 -18.58 -23.34
PN NDP F . -22.48 -19.64 -23.60
O1N NDP F . -21.96 -20.22 -22.28
O2N NDP F . -23.03 -20.78 -24.45
O5D NDP F . -21.24 -18.94 -24.38
C5D NDP F . -20.22 -18.32 -23.63
C4D NDP F . -18.87 -18.83 -23.78
O4D NDP F . -18.57 -19.05 -25.15
C3D NDP F . -17.87 -17.86 -23.29
O3D NDP F . -16.76 -18.53 -22.79
C2D NDP F . -17.49 -17.15 -24.46
O2D NDP F . -16.21 -16.60 -24.29
C1D NDP F . -17.50 -18.23 -25.48
N1N NDP F . -17.64 -17.68 -26.80
C2N NDP F . -16.80 -18.10 -27.76
C3N NDP F . -16.89 -17.61 -29.07
C7N NDP F . -15.92 -18.11 -30.11
O7N NDP F . -16.07 -17.76 -31.30
N7N NDP F . -14.83 -18.98 -29.76
C4N NDP F . -17.88 -16.65 -29.39
C5N NDP F . -18.74 -16.24 -28.36
C6N NDP F . -18.61 -16.76 -27.08
P2B NDP F . -30.51 -15.30 -19.92
O1X NDP F . -30.25 -16.48 -18.96
O2X NDP F . -30.15 -14.03 -19.27
O3X NDP F . -31.97 -15.25 -20.28
N1 UFP G . 11.55 -42.79 -53.60
C2 UFP G . 11.10 -41.53 -53.36
N3 UFP G . 11.80 -40.70 -52.56
C4 UFP G . 12.95 -41.08 -51.98
C5 UFP G . 13.42 -42.39 -52.22
C6 UFP G . 12.71 -43.21 -53.02
O2 UFP G . 10.06 -41.08 -53.83
O4 UFP G . 13.57 -40.32 -51.27
F5 UFP G . 14.58 -42.82 -51.66
C1' UFP G . 10.88 -43.81 -54.45
C2' UFP G . 10.45 -43.32 -55.84
C3' UFP G . 10.34 -44.64 -56.61
C4' UFP G . 11.57 -45.40 -56.08
O3' UFP G . 9.15 -45.34 -56.28
O4' UFP G . 11.83 -44.87 -54.74
C5' UFP G . 12.77 -45.18 -57.00
O5' UFP G . 12.34 -45.17 -58.36
P UFP G . 13.46 -45.94 -59.23
O1P UFP G . 12.86 -46.46 -60.47
O2P UFP G . 14.07 -47.14 -58.36
O3P UFP G . 14.63 -44.92 -59.62
N1 OF7 H . 12.03 -47.33 -52.63
C1 OF7 H . 12.48 -46.56 -51.56
O1 OF7 H . 9.58 -44.66 -50.72
N2 OF7 H . 9.94 -46.21 -52.31
C2 OF7 H . 11.74 -45.65 -50.85
O2 OF7 H . 7.68 -47.13 -45.24
N3 OF7 H . 13.74 -46.59 -51.02
C3 OF7 H . 10.34 -45.45 -51.27
O3 OF7 H . 6.87 -45.58 -39.92
C10 OF7 H . 9.12 -44.04 -46.56
C11 OF7 H . 8.95 -45.42 -46.29
C12 OF7 H . 9.87 -46.34 -46.85
C13 OF7 H . 10.92 -45.89 -47.65
C14 OF7 H . 7.81 -45.92 -45.44
C15 OF7 H . 5.83 -45.07 -44.12
C16 OF7 H . 5.86 -45.70 -42.84
C17 OF7 H . 4.66 -45.77 -42.09
C18 OF7 H . 3.46 -45.22 -42.57
C19 OF7 H . 3.43 -44.61 -43.83
C20 OF7 H . 4.61 -44.52 -44.59
C21 OF7 H . 7.12 -46.32 -42.22
C22 OF7 H . 7.55 -45.59 -40.95
C4 OF7 H . 10.79 -47.12 -52.96
C5 OF7 H . 12.59 -45.09 -49.84
C6 OF7 H . 13.81 -45.70 -49.97
C7 OF7 H . 12.24 -44.05 -48.80
C8 OF7 H . 11.09 -44.52 -47.93
C9 OF7 H . 10.17 -43.59 -47.37
N4 OF7 H . 10.15 -47.78 -53.99
N5 OF7 H . 7.00 -44.97 -44.94
O4 OF7 H . 8.76 -45.00 -41.08
N1 MTX I . -13.31 -15.41 -32.85
C2 MTX I . -13.94 -15.74 -34.00
NA2 MTX I . -13.16 -16.24 -35.09
N3 MTX I . -15.26 -15.61 -34.15
C4 MTX I . -16.04 -15.15 -33.14
NA4 MTX I . -17.45 -15.02 -33.29
C4A MTX I . -15.43 -14.79 -31.92
N5 MTX I . -16.16 -14.32 -30.87
C6 MTX I . -15.53 -14.00 -29.72
C7 MTX I . -14.15 -14.13 -29.57
N8 MTX I . -13.43 -14.60 -30.62
C8A MTX I . -14.05 -14.94 -31.80
C9 MTX I . -16.36 -13.47 -28.57
N10 MTX I . -15.65 -12.54 -27.71
CM MTX I . -15.44 -12.86 -26.31
C11 MTX I . -14.08 -8.91 -29.25
C12 MTX I . -13.45 -9.57 -28.20
C13 MTX I . -13.98 -10.77 -27.71
C14 MTX I . -15.13 -11.30 -28.25
C15 MTX I . -15.77 -10.63 -29.30
C16 MTX I . -15.24 -9.44 -29.80
C MTX I . -13.50 -7.62 -29.77
O MTX I . -12.89 -6.89 -29.00
N MTX I . -13.61 -7.23 -31.15
CA MTX I . -13.03 -5.99 -31.61
CT MTX I . -13.87 -5.45 -32.69
O1 MTX I . -14.93 -6.05 -33.00
O2 MTX I . -13.53 -4.39 -33.31
CB MTX I . -11.68 -6.29 -32.17
CG MTX I . -10.45 -5.97 -31.37
CD MTX I . -9.16 -5.93 -32.14
OE1 MTX I . -9.15 -5.45 -33.30
OE2 MTX I . -8.20 -6.65 -31.77
S SO4 J . -0.99 -29.98 -64.89
O1 SO4 J . -0.78 -29.09 -66.02
O2 SO4 J . -1.49 -31.27 -65.38
O3 SO4 J . 0.26 -30.17 -64.18
O4 SO4 J . -1.99 -29.39 -64.00
PA NDP K . -26.70 49.01 -5.46
O1A NDP K . -26.79 48.03 -6.62
O2A NDP K . -25.34 48.91 -4.83
O5B NDP K . -26.88 50.43 -6.00
C5B NDP K . -28.16 50.98 -6.19
C4B NDP K . -28.19 52.36 -6.72
O4B NDP K . -27.51 52.44 -7.95
C3B NDP K . -29.54 52.83 -7.02
O3B NDP K . -30.21 53.29 -5.90
C2B NDP K . -29.28 53.88 -7.98
O2B NDP K . -28.77 55.02 -7.37
C1B NDP K . -28.24 53.31 -8.80
N9A NDP K . -28.79 52.63 -9.92
C8A NDP K . -29.01 51.30 -10.01
N7A NDP K . -29.54 51.02 -11.22
C5A NDP K . -29.66 52.20 -11.92
C6A NDP K . -30.13 52.55 -13.21
N6A NDP K . -30.65 51.49 -14.11
N1A NDP K . -30.11 53.85 -13.62
C2A NDP K . -29.63 54.81 -12.78
N3A NDP K . -29.17 54.52 -11.56
C4A NDP K . -29.18 53.22 -11.09
O3 NDP K . -27.81 48.67 -4.37
PN NDP K . -28.04 47.18 -3.83
O1N NDP K . -29.09 47.16 -2.72
O2N NDP K . -28.52 46.32 -4.98
O5D NDP K . -26.63 46.61 -3.25
C5D NDP K . -26.29 46.84 -1.90
C4D NDP K . -26.09 45.69 -1.04
O4D NDP K . -25.37 44.68 -1.74
C3D NDP K . -25.29 46.05 0.14
O3D NDP K . -25.70 45.30 1.24
C2D NDP K . -23.97 45.65 -0.21
O2D NDP K . -23.21 45.39 0.94
C1D NDP K . -24.20 44.44 -1.02
N1N NDP K . -23.09 44.17 -1.89
C2N NDP K . -22.58 42.93 -1.90
C3N NDP K . -21.49 42.62 -2.74
C7N NDP K . -20.93 41.21 -2.72
O7N NDP K . -20.07 40.88 -3.55
N7N NDP K . -21.40 40.24 -1.76
C4N NDP K . -20.94 43.61 -3.57
C5N NDP K . -21.50 44.89 -3.53
C6N NDP K . -22.58 45.16 -2.69
P2B NDP K . -29.63 56.31 -7.18
O1X NDP K . -30.96 55.92 -6.51
O2X NDP K . -28.89 57.25 -6.33
O3X NDP K . -29.89 56.96 -8.50
N1 UFP L . -16.46 -2.15 1.60
C2 UFP L . -15.82 -0.94 1.56
N3 UFP L . -15.47 -0.32 2.70
C4 UFP L . -15.72 -0.86 3.90
C5 UFP L . -16.39 -2.12 3.97
C6 UFP L . -16.73 -2.71 2.81
O2 UFP L . -15.54 -0.37 0.51
O4 UFP L . -15.39 -0.29 4.92
F5 UFP L . -16.67 -2.69 5.15
C1' UFP L . -16.90 -2.93 0.42
C2' UFP L . -15.83 -3.13 -0.68
C3' UFP L . -16.45 -4.32 -1.44
C4' UFP L . -16.95 -5.20 -0.27
O3' UFP L . -17.56 -3.91 -2.24
O4' UFP L . -17.21 -4.29 0.83
C5' UFP L . -15.88 -6.24 0.11
O5' UFP L . -15.24 -6.72 -1.07
P UFP L . -14.94 -8.28 -0.84
O1P UFP L . -14.82 -8.98 -2.14
O2P UFP L . -16.13 -8.94 0.01
O3P UFP L . -13.57 -8.46 -0.03
N1 OF7 M . -20.11 -4.80 2.25
C1 OF7 M . -20.01 -3.90 3.30
O1 OF7 M . -20.21 -0.75 1.63
N2 OF7 M . -20.27 -2.86 0.85
C2 OF7 M . -20.04 -2.53 3.21
O2 OF7 M . -25.90 1.59 3.48
N3 OF7 M . -19.88 -4.23 4.63
C3 OF7 M . -20.18 -1.96 1.85
O3 OF7 M . -27.96 5.80 6.56
C10 OF7 M . -22.35 2.23 3.97
C11 OF7 M . -23.57 1.54 3.91
C12 OF7 M . -23.58 0.15 4.21
C13 OF7 M . -22.39 -0.52 4.54
C14 OF7 M . -24.86 2.23 3.56
C15 OF7 M . -25.75 4.54 3.02
C16 OF7 M . -26.89 4.76 3.83
C17 OF7 M . -27.83 5.74 3.44
C18 OF7 M . -27.66 6.49 2.26
C19 OF7 M . -26.53 6.28 1.46
C20 OF7 M . -25.59 5.31 1.84
C21 OF7 M . -27.18 3.99 5.13
C22 OF7 M . -27.15 4.89 6.37
C4 OF7 M . -20.24 -4.25 1.07
C5 OF7 M . -19.91 -2.00 4.52
C6 OF7 M . -19.81 -3.08 5.38
C7 OF7 M . -19.88 -0.56 4.95
C8 OF7 M . -21.17 0.18 4.58
C9 OF7 M . -21.15 1.56 4.29
N4 OF7 M . -20.35 -4.94 -0.10
N5 OF7 M . -24.75 3.56 3.36
O4 OF7 M . -26.15 4.54 7.23
N1 MTX N . -16.48 40.11 -2.26
C2 MTX N . -16.27 39.62 -3.50
NA2 MTX N . -15.79 38.28 -3.64
N3 MTX N . -16.52 40.34 -4.59
C4 MTX N . -16.99 41.60 -4.50
NA4 MTX N . -17.25 42.39 -5.65
C4A MTX N . -17.21 42.16 -3.22
N5 MTX N . -17.67 43.44 -3.09
C6 MTX N . -17.88 43.93 -1.85
C7 MTX N . -17.62 43.17 -0.70
N8 MTX N . -17.16 41.90 -0.85
C8A MTX N . -16.95 41.39 -2.11
C9 MTX N . -18.39 45.34 -1.70
N10 MTX N . -17.97 46.03 -0.52
CM MTX N . -18.94 46.48 0.45
C11 MTX N . -13.83 46.70 0.21
C12 MTX N . -14.73 46.53 1.26
C13 MTX N . -16.07 46.32 1.02
C14 MTX N . -16.54 46.26 -0.28
C15 MTX N . -15.66 46.43 -1.35
C16 MTX N . -14.30 46.64 -1.10
C MTX N . -12.37 46.93 0.51
O MTX N . -12.07 47.54 1.53
N MTX N . -11.31 46.45 -0.35
CA MTX N . -9.93 46.70 0.00
CT MTX N . -9.17 46.95 -1.23
O1 MTX N . -9.77 46.96 -2.34
O2 MTX N . -7.92 47.14 -1.19
CB MTX N . -9.37 45.48 0.64
CG MTX N . -9.15 45.44 2.13
CD MTX N . -8.24 44.36 2.63
OE1 MTX N . -7.23 44.05 1.97
OE2 MTX N . -8.61 43.61 3.56
S SO4 O . -5.05 6.69 -14.13
O1 SO4 O . -4.53 7.46 -15.27
O2 SO4 O . -5.74 5.51 -14.63
O3 SO4 O . -3.94 6.28 -13.27
O4 SO4 O . -6.00 7.51 -13.39
PA NDP P . 21.64 7.12 -48.70
O1A NDP P . 21.82 8.31 -47.80
O2A NDP P . 20.28 6.51 -48.48
O5B NDP P . 21.71 7.59 -50.16
C5B NDP P . 22.95 7.74 -50.81
C4B NDP P . 22.93 8.19 -52.21
O4B NDP P . 22.18 9.38 -52.34
C3B NDP P . 24.26 8.55 -52.72
O3B NDP P . 24.96 7.43 -53.13
C2B NDP P . 23.92 9.40 -53.83
O2B NDP P . 23.45 8.67 -54.92
C1B NDP P . 22.82 10.19 -53.32
N9A NDP P . 23.28 11.40 -52.75
C8A NDP P . 23.64 11.60 -51.45
N7A NDP P . 24.04 12.88 -51.29
C5A NDP P . 23.93 13.52 -52.49
C6A NDP P . 24.21 14.84 -52.95
N6A NDP P . 24.71 15.86 -51.99
N1A NDP P . 24.00 15.17 -54.25
C2A NDP P . 23.54 14.23 -55.10
N3A NDP P . 23.27 12.97 -54.73
C4A NDP P . 23.46 12.59 -53.42
O3 NDP P . 22.77 6.02 -48.42
PN NDP P . 23.08 5.47 -46.95
O1N NDP P . 24.15 4.36 -47.02
O2N NDP P . 23.58 6.59 -46.08
O5D NDP P . 21.73 4.81 -46.33
C5D NDP P . 21.48 3.44 -46.52
C4D NDP P . 21.37 2.59 -45.34
O4D NDP P . 20.67 3.27 -44.30
C3D NDP P . 20.61 1.38 -45.64
O3D NDP P . 21.09 0.32 -44.86
C2D NDP P . 19.28 1.70 -45.20
O2D NDP P . 18.58 0.54 -44.92
C1D NDP P . 19.55 2.51 -44.00
N1N NDP P . 18.42 3.33 -43.67
C2N NDP P . 17.98 3.33 -42.40
C3N NDP P . 16.88 4.12 -42.02
C7N NDP P . 16.41 4.09 -40.57
O7N NDP P . 15.54 4.88 -40.20
N7N NDP P . 16.97 3.15 -39.64
C4N NDP P . 16.23 4.91 -42.98
C5N NDP P . 16.72 4.88 -44.29
C6N NDP P . 17.82 4.09 -44.63
P2B NDP P . 24.21 8.65 -56.28
O1X NDP P . 25.69 8.30 -56.04
O2X NDP P . 23.61 7.62 -57.15
O3X NDP P . 24.10 9.97 -56.98
N1 UFP Q . 14.45 1.16 2.92
C2 UFP Q . 13.67 1.11 1.80
N3 UFP Q . 13.31 -0.07 1.26
C4 UFP Q . 13.70 -1.24 1.81
C5 UFP Q . 14.50 -1.21 2.97
C6 UFP Q . 14.85 -0.03 3.49
O2 UFP Q . 13.26 2.11 1.23
O4 UFP Q . 13.36 -2.29 1.31
F5 UFP Q . 14.92 -2.36 3.56
C1' UFP Q . 14.91 2.37 3.61
C2' UFP Q . 13.84 3.44 3.91
C3' UFP Q . 14.49 4.22 5.07
C4' UFP Q . 15.07 3.05 5.89
O3' UFP Q . 15.57 5.03 4.59
O4' UFP Q . 15.39 2.00 4.94
C5' UFP Q . 14.02 2.57 6.90
O5' UFP Q . 13.30 3.71 7.38
P UFP Q . 13.16 3.53 8.96
O1P UFP Q . 11.90 2.59 9.29
O2P UFP Q . 14.50 2.83 9.52
O3P UFP Q . 12.97 4.84 9.60
N1 OF7 R . 18.35 0.96 5.38
C1 OF7 R . 18.23 -0.20 4.64
O1 OF7 R . 17.98 1.03 1.30
N2 OF7 R . 18.21 2.10 3.27
C2 OF7 R . 18.10 -0.29 3.28
O2 OF7 R . 23.51 -0.50 -1.29
N3 OF7 R . 18.21 -1.48 5.15
C3 OF7 R . 18.08 0.98 2.52
O3 OF7 R . 25.49 -3.44 -5.63
C10 OF7 R . 19.96 -1.35 -1.54
C11 OF7 R . 21.23 -1.13 -0.96
C12 OF7 R . 21.40 -1.27 0.43
C13 OF7 R . 20.30 -1.65 1.24
C14 OF7 R . 22.40 -0.71 -1.81
C15 OF7 R . 22.94 -0.19 -4.24
C16 OF7 R . 24.16 -0.85 -4.57
C17 OF7 R . 24.92 -0.40 -5.67
C18 OF7 R . 24.49 0.69 -6.45
C19 OF7 R . 23.30 1.35 -6.13
C20 OF7 R . 22.54 0.91 -5.03
C21 OF7 R . 24.71 -2.04 -3.78
C22 OF7 R . 24.77 -3.32 -4.64
C4 OF7 R . 18.33 2.06 4.67
C5 OF7 R . 18.01 -1.68 2.93
C6 OF7 R . 18.08 -2.39 4.11
C7 OF7 R . 17.86 -2.28 1.55
C8 OF7 R . 19.03 -1.87 0.67
C9 OF7 R . 18.87 -1.72 -0.72
N4 OF7 R . 18.43 3.32 5.20
N5 OF7 R . 22.14 -0.59 -3.13
O4 OF7 R . 23.93 -4.29 -4.15
N1 MTX S . 12.04 3.46 -39.37
C2 MTX S . 11.79 4.71 -38.92
NA2 MTX S . 11.34 4.89 -37.57
N3 MTX S . 11.94 5.79 -39.72
C4 MTX S . 12.37 5.65 -40.99
NA4 MTX S . 12.53 6.78 -41.84
C4A MTX S . 12.64 4.35 -41.50
N5 MTX S . 13.06 4.18 -42.77
C6 MTX S . 13.30 2.93 -43.22
C7 MTX S . 13.14 1.81 -42.38
N8 MTX S . 12.72 2.01 -41.12
C8A MTX S . 12.46 3.27 -40.66
C9 MTX S . 13.77 2.73 -44.63
N10 MTX S . 13.35 1.49 -45.24
CM MTX S . 14.33 0.53 -45.67
C11 MTX S . 9.22 0.61 -45.71
C12 MTX S . 10.14 -0.40 -45.52
C13 MTX S . 11.49 -0.11 -45.37
C14 MTX S . 11.93 1.20 -45.41
C15 MTX S . 11.01 2.24 -45.60
C16 MTX S . 9.65 1.93 -45.75
C MTX S . 7.75 0.27 -45.87
O MTX S . 7.44 -0.79 -46.41
N MTX S . 6.70 1.15 -45.41
CA MTX S . 5.32 0.80 -45.58
CT MTX S . 4.54 2.04 -45.77
O1 MTX S . 5.14 3.14 -45.79
O2 MTX S . 3.27 1.99 -45.89
CB MTX S . 4.81 0.15 -44.33
CG MTX S . 4.75 -1.35 -44.22
CD MTX S . 3.88 -1.88 -43.11
OE1 MTX S . 2.81 -1.29 -42.86
OE2 MTX S . 4.41 -2.58 -42.21
S SO4 T . 1.75 15.80 -5.93
O1 SO4 T . 2.18 16.91 -6.77
O2 SO4 T . 1.50 14.62 -6.74
O3 SO4 T . 2.80 15.51 -4.96
O4 SO4 T . 0.53 16.16 -5.22
PA NDP U . 21.50 27.63 17.36
O1A NDP U . 21.94 28.88 18.10
O2A NDP U . 20.40 28.00 16.41
O5B NDP U . 22.70 27.12 16.54
C5B NDP U . 23.66 26.28 17.11
C4B NDP U . 24.74 25.85 16.22
O4B NDP U . 25.39 26.99 15.69
C3B NDP U . 25.80 25.10 16.90
O3B NDP U . 25.48 23.76 17.00
C2B NDP U . 26.92 25.31 16.01
O2B NDP U . 26.78 24.49 14.87
C1B NDP U . 26.77 26.69 15.61
N9A NDP U . 27.51 27.53 16.49
C8A NDP U . 27.02 28.18 17.58
N7A NDP U . 28.02 28.87 18.16
C5A NDP U . 29.16 28.68 17.43
C6A NDP U . 30.50 29.14 17.54
N6A NDP U . 30.87 30.04 18.65
N1A NDP U . 31.42 28.75 16.62
C2A NDP U . 31.06 27.92 15.61
N3A NDP U . 29.82 27.46 15.47
C4A NDP U . 28.84 27.82 16.37
O3 NDP U . 21.00 26.53 18.38
PN NDP U . 20.02 26.86 19.60
O1N NDP U . 19.61 25.59 20.34
O2N NDP U . 20.75 27.77 20.57
O5D NDP U . 18.71 27.60 19.01
C5D NDP U . 17.70 26.85 18.39
C4D NDP U . 16.37 26.90 18.98
O4D NDP U . 16.00 28.27 19.12
C3D NDP U . 15.37 26.28 18.10
O3D NDP U . 14.36 25.70 18.86
C2D NDP U . 14.84 27.38 17.36
O2D NDP U . 13.56 27.10 16.92
C1D NDP U . 14.85 28.47 18.37
N1N NDP U . 14.83 29.75 17.73
C2N NDP U . 13.97 30.67 18.17
C3N NDP U . 13.91 31.94 17.58
C7N NDP U . 12.92 32.96 18.10
O7N NDP U . 12.96 34.14 17.67
N7N NDP U . 11.92 32.61 19.07
C4N NDP U . 14.77 32.26 16.50
C5N NDP U . 15.66 31.26 16.08
C6N NDP U . 15.68 30.02 16.69
P2B NDP U . 27.79 23.34 14.59
O1X NDP U . 27.90 22.49 15.87
O2X NDP U . 27.27 22.52 13.48
O3X NDP U . 29.12 23.88 14.19
N1 UFP V . -14.35 55.75 43.43
C2 UFP V . -14.01 55.47 42.15
N3 UFP V . -14.71 54.57 41.44
C4 UFP V . -15.77 53.92 41.97
C5 UFP V . -16.14 54.20 43.31
C6 UFP V . -15.41 55.09 44.00
O2 UFP V . -13.07 55.99 41.57
O4 UFP V . -16.40 53.10 41.31
F5 UFP V . -17.19 53.57 43.89
C1' UFP V . -13.66 56.71 44.33
C2' UFP V . -13.39 58.11 43.72
C3' UFP V . -13.17 58.93 45.00
C4' UFP V . -14.27 58.37 45.92
O3' UFP V . -11.89 58.66 45.57
O4' UFP V . -14.53 57.01 45.46
C5' UFP V . -15.53 59.25 45.85
O5' UFP V . -15.13 60.62 45.79
P UFP V . -16.23 61.48 46.58
O1P UFP V . -17.45 61.82 45.60
O2P UFP V . -16.76 60.62 47.81
O3P UFP V . -15.64 62.75 47.05
N1 OF7 W . -14.59 54.99 48.03
C1 OF7 W . -14.98 53.88 47.32
O1 OF7 W . -12.10 53.16 45.34
N2 OF7 W . -12.51 54.78 46.86
C2 OF7 W . -14.23 53.19 46.40
O2 OF7 W . -9.96 47.62 47.92
N3 OF7 W . -16.21 53.26 47.41
C3 OF7 W . -12.87 53.69 46.14
O3 OF7 W . -9.11 42.29 46.48
C10 OF7 W . -11.50 48.87 44.86
C11 OF7 W . -11.30 48.64 46.24
C12 OF7 W . -12.20 49.20 47.17
C13 OF7 W . -13.28 49.98 46.73
C14 OF7 W . -10.14 47.80 46.71
C15 OF7 W . -8.19 46.49 45.75
C16 OF7 W . -8.14 45.23 46.42
C17 OF7 W . -6.94 44.48 46.40
C18 OF7 W . -5.80 44.97 45.74
C19 OF7 W . -5.84 46.20 45.08
C20 OF7 W . -7.03 46.95 45.08
C21 OF7 W . -9.33 44.62 47.16
C22 OF7 W . -9.80 43.30 46.53
C4 OF7 W . -13.37 55.40 47.78
C5 OF7 W . -15.04 52.12 45.90
C6 OF7 W . -16.24 52.19 46.56
C7 OF7 W . -14.65 51.07 44.88
C8 OF7 W . -13.47 50.22 45.36
C9 OF7 W . -12.58 49.66 44.42
N4 OF7 W . -12.77 56.48 48.38
N5 OF7 W . -9.38 47.29 45.72
O4 OF7 W . -11.08 43.40 46.05
N1 MTX X . 10.16 35.56 15.27
C2 MTX X . 10.75 36.74 15.56
NA2 MTX X . 9.94 37.81 16.08
N3 MTX X . 12.06 36.95 15.36
C4 MTX X . 12.84 35.96 14.86
NA4 MTX X . 14.24 36.16 14.65
C4A MTX X . 12.26 34.72 14.54
N5 MTX X . 13.02 33.69 14.04
C6 MTX X . 12.43 32.52 13.76
C7 MTX X . 11.05 32.32 13.96
N8 MTX X . 10.31 33.34 14.47
C8A MTX X . 10.91 34.54 14.76
C9 MTX X . 13.26 31.40 13.20
N10 MTX X . 12.51 30.50 12.33
CM MTX X . 12.38 29.10 12.70
C11 MTX X . 10.62 31.88 8.78
C12 MTX X . 10.10 30.82 9.51
C13 MTX X . 10.73 30.37 10.67
C14 MTX X . 11.89 30.99 11.11
C15 MTX X . 12.42 32.07 10.40
C16 MTX X . 11.78 32.50 9.22
C MTX X . 9.92 32.33 7.52
O MTX X . 9.32 31.51 6.85
N MTX X . 9.90 33.71 7.10
CA MTX X . 9.19 34.08 5.90
CT MTX X . 9.91 35.19 5.24
O1 MTX X . 10.96 35.64 5.78
O2 MTX X . 9.48 35.69 4.17
CB MTX X . 7.85 34.61 6.27
CG MTX X . 6.61 33.81 5.97
CD MTX X . 5.33 34.58 6.02
OE1 MTX X . 5.32 35.76 5.60
OE2 MTX X . 4.43 34.21 6.82
S SO4 Y . -2.71 67.30 29.69
O1 SO4 Y . -2.30 68.36 28.78
O2 SO4 Y . -2.99 66.08 28.94
O3 SO4 Y . -1.65 67.04 30.66
O4 SO4 Y . -3.92 67.71 30.41
PA NDP Z . 28.21 -16.29 25.36
O1A NDP Z . 28.07 -17.48 24.43
O2A NDP Z . 28.22 -16.77 26.78
O5B NDP Z . 29.55 -15.60 25.07
C5B NDP Z . 29.69 -14.65 24.05
C4B NDP Z . 31.02 -14.07 23.89
O4B NDP Z . 31.97 -15.10 23.65
C3B NDP Z . 31.14 -13.19 22.73
O3B NDP Z . 30.73 -11.90 23.03
C2B NDP Z . 32.55 -13.23 22.43
O2B NDP Z . 33.28 -12.43 23.31
C1B NDP Z . 32.89 -14.62 22.70
N9A NDP Z . 32.81 -15.37 21.50
C8A NDP Z . 31.77 -16.15 21.10
N7A NDP Z . 32.05 -16.72 19.92
C5A NDP Z . 33.31 -16.31 19.53
C6A NDP Z . 34.14 -16.56 18.42
N6A NDP Z . 33.66 -17.46 17.34
N1A NDP Z . 35.37 -15.98 18.33
C2A NDP Z . 35.79 -15.17 19.33
N3A NDP Z . 35.04 -14.90 20.41
C4A NDP Z . 33.79 -15.46 20.53
O3 NDP Z . 26.98 -15.30 25.16
PN NDP Z . 25.47 -15.82 25.07
O1N NDP Z . 24.49 -14.64 24.99
O2N NDP Z . 25.31 -16.65 23.82
O5D NDP Z . 25.15 -16.71 26.39
C5D NDP Z . 24.81 -16.08 27.60
C4D NDP Z . 23.51 -16.41 28.17
O4D NDP Z . 23.35 -17.82 28.22
C3D NDP Z . 23.40 -15.91 29.55
O3D NDP Z . 22.10 -15.49 29.80
C2D NDP Z . 23.68 -17.05 30.35
O2D NDP Z . 23.06 -16.94 31.59
C1D NDP Z . 23.13 -18.16 29.54
N1N NDP Z . 23.75 -19.39 29.91
C2N NDP Z . 22.96 -20.44 30.19
C3N NDP Z . 23.52 -21.68 30.55
C7N NDP Z . 22.58 -22.84 30.86
O7N NDP Z . 23.06 -23.97 31.06
N7N NDP Z . 21.16 -22.65 30.96
C4N NDP Z . 24.91 -21.83 30.62
C5N NDP Z . 25.70 -20.71 30.32
C6N NDP Z . 25.11 -19.50 29.96
P2B NDP Z . 33.84 -11.04 22.86
O1X NDP Z . 32.68 -10.23 22.26
O2X NDP Z . 34.39 -10.35 24.04
O3X NDP Z . 34.94 -11.21 21.87
N1 UFP AA . -10.93 -50.74 32.68
C2 UFP AA . -9.74 -50.37 33.20
N3 UFP AA . -9.70 -49.53 34.26
C4 UFP AA . -10.81 -49.03 34.81
C5 UFP AA . -12.07 -49.41 34.28
C6 UFP AA . -12.09 -50.25 33.22
O2 UFP AA . -8.66 -50.75 32.78
O4 UFP AA . -10.75 -48.27 35.77
F5 UFP AA . -13.22 -48.93 34.81
C1' UFP AA . -11.13 -51.65 31.53
C2' UFP AA . -10.35 -52.98 31.60
C3' UFP AA . -11.08 -53.79 30.50
C4' UFP AA . -12.55 -53.33 30.68
O3' UFP AA . -10.62 -53.41 29.21
O4' UFP AA . -12.50 -52.12 31.49
C5' UFP AA . -13.40 -54.43 31.35
O5' UFP AA . -12.77 -55.69 31.18
P UFP AA . -13.74 -56.82 31.80
O1P UFP AA . -13.44 -58.14 31.20
O2P UFP AA . -15.27 -56.44 31.49
O3P UFP AA . -13.53 -56.88 33.39
N1 OF7 BA . -14.47 -50.26 29.76
C1 OF7 BA . -14.45 -49.21 30.66
O1 OF7 BA . -11.23 -47.77 30.07
N2 OF7 BA . -12.27 -49.54 29.14
C2 OF7 BA . -13.42 -48.32 30.84
O2 OF7 BA . -12.58 -42.37 27.09
N3 OF7 BA . -15.46 -48.86 31.52
C3 OF7 BA . -12.22 -48.51 29.99
O3 OF7 BA . -11.62 -36.90 27.78
C10 OF7 BA . -11.19 -43.62 30.25
C11 OF7 BA . -12.10 -43.44 29.17
C12 OF7 BA . -13.28 -44.19 29.16
C13 OF7 BA . -13.58 -45.08 30.20
C14 OF7 BA . -11.79 -42.50 28.04
C15 OF7 BA . -9.97 -40.91 27.27
C16 OF7 BA . -10.59 -39.69 26.88
C17 OF7 BA . -9.89 -38.80 26.02
C18 OF7 BA . -8.60 -39.11 25.56
C19 OF7 BA . -7.98 -40.31 25.94
C20 OF7 BA . -8.67 -41.20 26.80
C21 OF7 BA . -11.99 -39.27 27.33
C22 OF7 BA . -11.99 -38.00 28.19
C4 OF7 BA . -13.39 -50.39 29.04
C5 OF7 BA . -13.82 -47.39 31.86
C6 OF7 BA . -15.08 -47.76 32.26
C7 OF7 BA . -13.01 -46.23 32.40
C8 OF7 BA . -12.68 -45.25 31.28
C9 OF7 BA . -11.49 -44.51 31.29
N4 OF7 BA . -13.20 -51.36 28.08
N5 OF7 BA . -10.61 -41.84 28.15
O4 OF7 BA . -12.45 -38.26 29.45
N1 MTX CA . 23.17 -25.53 34.68
C2 MTX CA . 23.52 -26.66 34.04
NA2 MTX CA . 22.72 -27.84 34.23
N3 MTX CA . 24.58 -26.72 33.21
C4 MTX CA . 25.34 -25.62 33.01
NA4 MTX CA . 26.48 -25.65 32.14
C4A MTX CA . 25.02 -24.42 33.67
N5 MTX CA . 25.78 -23.30 33.49
C6 MTX CA . 25.43 -22.17 34.14
C7 MTX CA . 24.33 -22.13 35.00
N8 MTX CA . 23.59 -23.24 35.16
C8A MTX CA . 23.93 -24.40 34.51
C9 MTX CA . 26.27 -20.93 33.95
N10 MTX CA . 26.29 -20.06 35.09
CM MTX CA . 25.76 -18.72 34.98
C11 MTX CA . 27.83 -21.42 38.81
C12 MTX CA . 26.83 -20.46 38.76
C13 MTX CA . 26.33 -20.02 37.53
C14 MTX CA . 26.84 -20.54 36.35
C15 MTX CA . 27.84 -21.50 36.40
C16 MTX CA . 28.34 -21.94 37.63
C MTX CA . 28.34 -21.87 40.16
O MTX CA . 28.34 -21.07 41.08
N MTX CA . 28.82 -23.22 40.39
CA MTX CA . 29.30 -23.59 41.70
CT MTX CA . 30.41 -24.55 41.54
O1 MTX CA . 30.69 -24.98 40.39
O2 MTX CA . 31.06 -24.95 42.55
CB MTX CA . 28.19 -24.31 42.41
CG MTX CA . 27.38 -23.62 43.45
CD MTX CA . 26.58 -24.50 44.36
OE1 MTX CA . 27.06 -25.60 44.72
OE2 MTX CA . 25.32 -24.35 44.42
S SO4 DA . 8.42 -59.57 32.59
O1 SO4 DA . 8.96 -58.45 31.83
O2 SO4 DA . 7.64 -60.43 31.70
O3 SO4 DA . 9.51 -60.35 33.16
O4 SO4 DA . 7.56 -59.07 33.65
#